data_2C7F
#
_entry.id   2C7F
#
_cell.length_a   173.341
_cell.length_b   173.341
_cell.length_c   272.680
_cell.angle_alpha   90.00
_cell.angle_beta   90.00
_cell.angle_gamma   90.00
#
_symmetry.space_group_name_H-M   'P 43 21 2'
#
loop_
_entity.id
_entity.type
_entity.pdbx_description
1 polymer ALPHA-L-ARABINOFURANOSIDASE
2 branched alpha-L-arabinofuranose-(1-5)-alpha-L-arabinofuranose-(1-5)-alpha-L-arabinofuranose
3 branched alpha-L-arabinofuranose-(1-5)-alpha-L-arabinofuranose
4 non-polymer 1,2-ETHANEDIOL
5 water water
#
_entity_poly.entity_id   1
_entity_poly.type   'polypeptide(L)'
_entity_poly.pdbx_seq_one_letter_code
;MGSSHHHHHHMKKARMTVDKDYKIAEIDKRIYGSFVEHLGRAVYDGLYQPGNSKSDEDGFRKDVIELVKELNVPIIRYPG
GNFVSNYFWEDGVGPVEDRPRRLDLAWKSIEPNQVGINEFAKWCKKVNAEIMMAVNLGTRGISDACNLLEYCNHPGGSKY
SDMRIKHGVKEPHNIKVWCLGNAMDGPWQVGHKTMDEYGRIAEETARAMKMIDPSIELVACGSSSKDMPTFPQWEATVLD
YAYDYVDYISLHQYYGNKENDTADFLAKSDDLDDFIRSVIATCDYIKAKKRSKKDIYLSFDEWNVWYHSNNEDANIMQNE
PWRIAPPLLEDIYTFEDALLVGLMLITLMKHADRIKIACLAQLINVIAPIVTERNGGAAWRQTIFYPFMHASKYGRGIVL
QPVINSPLHDTSKHEDVTDIESVAIYNEEKEEVTIFAVNRNIHEDIVLVSDVRGMKDYRLLEHIVLEHQDLKIRNSVNGE
EVYPKNSDKSSFDDGILTSMLRRASWNVIRIGK
;
_entity_poly.pdbx_strand_id   A,B,C,D,E,F
#
# COMPACT_ATOMS: atom_id res chain seq x y z
N LYS A 12 -5.87 47.33 -31.97
CA LYS A 12 -6.88 48.06 -32.81
C LYS A 12 -7.78 47.09 -33.59
N LYS A 13 -7.17 46.16 -34.32
CA LYS A 13 -7.92 45.25 -35.18
C LYS A 13 -7.79 43.77 -34.78
N ALA A 14 -8.94 43.09 -34.75
CA ALA A 14 -8.98 41.63 -34.59
C ALA A 14 -9.85 41.00 -35.66
N ARG A 15 -9.24 39.97 -36.23
CA ARG A 15 -9.78 39.07 -37.21
C ARG A 15 -10.22 37.75 -36.61
N MET A 16 -11.36 37.32 -37.11
CA MET A 16 -11.98 36.06 -36.77
C MET A 16 -12.80 35.60 -37.96
N THR A 17 -12.77 34.30 -38.15
CA THR A 17 -13.24 33.58 -39.31
C THR A 17 -14.29 32.57 -38.86
N VAL A 18 -15.47 32.65 -39.47
CA VAL A 18 -16.64 31.85 -39.06
C VAL A 18 -17.07 30.92 -40.19
N ASP A 19 -16.99 29.62 -39.91
CA ASP A 19 -17.14 28.58 -40.93
C ASP A 19 -18.08 27.49 -40.42
N LYS A 20 -19.19 27.29 -41.13
CA LYS A 20 -20.21 26.31 -40.73
C LYS A 20 -19.77 24.84 -40.85
N ASP A 21 -18.80 24.58 -41.71
CA ASP A 21 -18.18 23.27 -41.84
C ASP A 21 -17.26 22.99 -40.64
N TYR A 22 -17.25 23.91 -39.68
CA TYR A 22 -16.28 23.86 -38.59
C TYR A 22 -16.90 23.73 -37.21
N LYS A 23 -17.47 22.57 -36.94
CA LYS A 23 -18.16 22.33 -35.68
C LYS A 23 -17.20 21.95 -34.56
N ILE A 24 -17.54 22.33 -33.35
CA ILE A 24 -16.94 21.77 -32.15
C ILE A 24 -17.93 20.74 -31.60
N ALA A 25 -19.18 21.17 -31.41
CA ALA A 25 -20.26 20.30 -30.94
C ALA A 25 -21.63 20.98 -30.99
N GLU A 26 -22.66 20.15 -30.83
CA GLU A 26 -24.01 20.61 -30.55
C GLU A 26 -24.07 21.02 -29.08
N ILE A 27 -24.67 22.17 -28.80
CA ILE A 27 -24.87 22.61 -27.43
C ILE A 27 -25.97 21.81 -26.74
N ASP A 28 -25.65 21.28 -25.57
CA ASP A 28 -26.65 20.68 -24.70
C ASP A 28 -27.21 21.82 -23.85
N LYS A 29 -28.53 22.04 -23.95
CA LYS A 29 -29.18 23.16 -23.26
C LYS A 29 -28.95 23.17 -21.75
N ARG A 30 -28.56 22.02 -21.21
CA ARG A 30 -28.32 21.88 -19.77
C ARG A 30 -27.05 22.60 -19.28
N ILE A 31 -26.30 23.18 -20.20
CA ILE A 31 -25.15 24.01 -19.82
C ILE A 31 -25.61 25.39 -19.35
N TYR A 32 -26.89 25.67 -19.53
CA TYR A 32 -27.51 26.89 -19.03
C TYR A 32 -28.36 26.59 -17.79
N GLY A 33 -27.94 25.57 -17.04
CA GLY A 33 -28.61 25.19 -15.81
C GLY A 33 -28.20 26.09 -14.65
N SER A 34 -28.88 25.90 -13.52
CA SER A 34 -28.55 26.64 -12.31
C SER A 34 -28.65 25.71 -11.09
N PHE A 35 -28.70 26.30 -9.90
CA PHE A 35 -28.50 25.55 -8.66
C PHE A 35 -29.16 26.29 -7.49
N VAL A 36 -30.03 25.58 -6.76
CA VAL A 36 -30.66 26.12 -5.56
C VAL A 36 -30.30 25.25 -4.36
N GLU A 37 -29.65 25.86 -3.38
CA GLU A 37 -29.30 25.17 -2.15
C GLU A 37 -30.14 25.72 -1.01
N HIS A 38 -30.44 24.86 -0.03
CA HIS A 38 -31.04 25.31 1.22
C HIS A 38 -29.98 26.08 2.01
N LEU A 39 -29.78 27.33 1.59
CA LEU A 39 -28.70 28.19 2.07
C LEU A 39 -29.25 29.59 2.14
N GLY A 40 -29.04 30.25 3.28
CA GLY A 40 -29.44 31.64 3.44
C GLY A 40 -30.88 31.90 3.04
N ARG A 41 -31.07 32.87 2.15
CA ARG A 41 -32.40 33.26 1.69
C ARG A 41 -32.74 32.75 0.30
N ALA A 42 -32.11 31.66 -0.12
CA ALA A 42 -32.37 31.06 -1.43
C ALA A 42 -33.78 30.49 -1.52
N VAL A 43 -34.20 29.78 -0.46
CA VAL A 43 -35.53 29.20 -0.42
C VAL A 43 -36.46 30.08 0.42
N TYR A 44 -36.20 30.15 1.72
CA TYR A 44 -37.01 30.92 2.64
C TYR A 44 -36.64 32.39 2.55
N ASP A 45 -37.65 33.25 2.45
CA ASP A 45 -37.49 34.67 2.12
C ASP A 45 -36.77 34.82 0.77
N GLY A 46 -37.05 33.89 -0.14
CA GLY A 46 -36.50 33.90 -1.48
C GLY A 46 -37.54 33.47 -2.49
N LEU A 47 -37.39 32.25 -3.01
CA LEU A 47 -38.37 31.69 -3.94
C LEU A 47 -39.67 31.31 -3.24
N TYR A 48 -39.57 31.01 -1.95
CA TYR A 48 -40.72 30.55 -1.15
C TYR A 48 -41.06 31.52 -0.03
N GLN A 49 -42.18 32.22 -0.18
CA GLN A 49 -42.64 33.21 0.79
C GLN A 49 -44.17 33.10 0.95
N PRO A 50 -44.64 32.20 1.84
CA PRO A 50 -46.06 31.87 2.02
C PRO A 50 -47.03 33.07 2.06
N GLY A 51 -46.93 33.91 3.10
CA GLY A 51 -47.92 34.96 3.32
C GLY A 51 -47.87 36.17 2.41
N ASN A 52 -46.99 36.13 1.41
CA ASN A 52 -46.74 37.28 0.55
C ASN A 52 -47.81 37.53 -0.50
N SER A 53 -48.05 38.81 -0.78
CA SER A 53 -49.00 39.22 -1.83
C SER A 53 -48.60 38.74 -3.22
N LYS A 54 -47.29 38.69 -3.46
CA LYS A 54 -46.73 38.38 -4.77
C LYS A 54 -46.68 36.86 -5.01
N SER A 55 -47.06 36.10 -3.99
CA SER A 55 -47.03 34.64 -4.04
C SER A 55 -48.32 34.02 -4.54
N ASP A 56 -48.18 32.90 -5.24
CA ASP A 56 -49.29 31.99 -5.55
C ASP A 56 -49.74 31.19 -4.31
N GLU A 57 -50.70 30.27 -4.51
CA GLU A 57 -51.30 29.51 -3.39
C GLU A 57 -50.36 28.47 -2.78
N ASP A 58 -49.27 28.16 -3.47
CA ASP A 58 -48.27 27.24 -2.95
C ASP A 58 -47.21 27.98 -2.13
N GLY A 59 -47.26 29.30 -2.17
CA GLY A 59 -46.32 30.15 -1.43
C GLY A 59 -45.13 30.60 -2.24
N PHE A 60 -45.13 30.29 -3.54
CA PHE A 60 -44.04 30.67 -4.43
C PHE A 60 -44.23 32.09 -4.96
N ARG A 61 -43.17 32.89 -4.88
CA ARG A 61 -43.18 34.25 -5.42
C ARG A 61 -43.30 34.20 -6.95
N LYS A 62 -44.39 34.78 -7.45
CA LYS A 62 -44.72 34.74 -8.88
C LYS A 62 -43.77 35.58 -9.75
N ASP A 63 -43.31 36.70 -9.19
CA ASP A 63 -42.34 37.57 -9.86
C ASP A 63 -40.98 36.88 -10.02
N VAL A 64 -40.60 36.10 -9.01
CA VAL A 64 -39.39 35.29 -9.04
C VAL A 64 -39.49 34.23 -10.15
N ILE A 65 -40.63 33.56 -10.20
CA ILE A 65 -40.92 32.55 -11.23
C ILE A 65 -40.76 33.11 -12.63
N GLU A 66 -41.25 34.33 -12.85
CA GLU A 66 -41.15 35.00 -14.15
C GLU A 66 -39.69 35.33 -14.51
N LEU A 67 -38.90 35.70 -13.51
CA LEU A 67 -37.49 36.03 -13.72
C LEU A 67 -36.63 34.80 -14.02
N VAL A 68 -36.99 33.66 -13.44
CA VAL A 68 -36.30 32.40 -13.72
C VAL A 68 -36.63 31.93 -15.14
N LYS A 69 -37.92 31.99 -15.50
CA LYS A 69 -38.38 31.68 -16.85
C LYS A 69 -37.73 32.60 -17.88
N GLU A 70 -37.48 33.84 -17.48
CA GLU A 70 -36.81 34.84 -18.30
C GLU A 70 -35.37 34.43 -18.57
N LEU A 71 -34.68 33.95 -17.54
CA LEU A 71 -33.33 33.40 -17.69
C LEU A 71 -33.35 32.13 -18.54
N ASN A 72 -34.46 31.40 -18.48
CA ASN A 72 -34.63 30.16 -19.23
C ASN A 72 -33.60 29.13 -18.77
N VAL A 73 -33.93 28.44 -17.68
CA VAL A 73 -33.03 27.46 -17.07
C VAL A 73 -33.64 26.06 -17.16
N PRO A 74 -33.06 25.18 -18.00
CA PRO A 74 -33.62 23.85 -18.25
C PRO A 74 -33.45 22.86 -17.09
N ILE A 75 -32.41 23.05 -16.28
CA ILE A 75 -32.09 22.11 -15.19
C ILE A 75 -31.59 22.84 -13.93
N ILE A 76 -32.07 22.41 -12.77
CA ILE A 76 -31.66 23.02 -11.50
C ILE A 76 -31.13 21.99 -10.52
N ARG A 77 -29.91 22.18 -10.07
CA ARG A 77 -29.28 21.35 -9.05
C ARG A 77 -29.88 21.65 -7.67
N TYR A 78 -30.11 20.59 -6.90
CA TYR A 78 -30.85 20.68 -5.64
C TYR A 78 -30.62 19.41 -4.80
N PRO A 79 -30.58 19.54 -3.45
CA PRO A 79 -30.63 20.74 -2.63
C PRO A 79 -29.26 21.24 -2.15
N GLY A 80 -28.20 20.77 -2.80
CA GLY A 80 -26.84 21.14 -2.41
C GLY A 80 -25.76 20.49 -3.24
N GLY A 81 -24.50 20.90 -3.02
CA GLY A 81 -24.18 21.93 -2.04
C GLY A 81 -23.83 21.34 -0.69
N ASN A 82 -23.34 22.19 0.22
CA ASN A 82 -22.79 21.76 1.50
C ASN A 82 -23.68 20.91 2.40
N PHE A 83 -24.95 21.01 2.10
CA PHE A 83 -26.01 21.07 3.05
C PHE A 83 -26.61 19.74 2.81
N VAL A 84 -26.38 19.23 1.61
CA VAL A 84 -26.82 17.85 1.31
C VAL A 84 -26.02 16.78 2.06
N SER A 85 -24.79 17.11 2.46
CA SER A 85 -23.88 16.16 3.10
C SER A 85 -24.32 15.69 4.49
N ASN A 86 -25.28 16.39 5.09
CA ASN A 86 -25.87 15.98 6.36
C ASN A 86 -27.39 16.19 6.37
N TYR A 87 -27.99 16.08 5.19
CA TYR A 87 -29.43 16.25 5.02
C TYR A 87 -30.14 14.89 5.01
N PHE A 88 -31.30 14.85 5.65
CA PHE A 88 -32.12 13.65 5.68
C PHE A 88 -33.43 13.94 4.97
N TRP A 89 -33.52 13.48 3.72
CA TRP A 89 -34.63 13.84 2.81
C TRP A 89 -36.03 13.56 3.36
N GLU A 90 -36.14 12.56 4.24
CA GLU A 90 -37.41 12.23 4.89
C GLU A 90 -37.96 13.39 5.70
N ASP A 91 -37.07 14.23 6.22
CA ASP A 91 -37.46 15.40 7.01
C ASP A 91 -38.20 16.46 6.20
N GLY A 92 -38.10 16.37 4.87
CA GLY A 92 -38.74 17.34 3.98
C GLY A 92 -39.96 16.84 3.22
N VAL A 93 -40.44 15.65 3.57
CA VAL A 93 -41.64 15.09 2.94
C VAL A 93 -42.71 14.75 3.97
N GLY A 94 -43.93 14.48 3.48
CA GLY A 94 -45.05 14.12 4.34
C GLY A 94 -45.75 15.35 4.92
N PRO A 95 -46.71 15.12 5.84
CA PRO A 95 -47.42 16.21 6.51
C PRO A 95 -46.46 17.24 7.08
N VAL A 96 -46.66 18.51 6.72
CA VAL A 96 -45.78 19.60 7.10
C VAL A 96 -45.64 19.78 8.62
N GLU A 97 -46.71 19.47 9.35
CA GLU A 97 -46.71 19.58 10.82
C GLU A 97 -45.75 18.59 11.48
N ASP A 98 -45.49 17.48 10.80
CA ASP A 98 -44.66 16.40 11.33
C ASP A 98 -43.19 16.49 10.91
N ARG A 99 -42.89 17.46 10.05
CA ARG A 99 -41.52 17.70 9.60
C ARG A 99 -40.71 18.39 10.70
N PRO A 100 -39.56 17.80 11.08
CA PRO A 100 -38.75 18.36 12.16
C PRO A 100 -37.82 19.48 11.70
N ARG A 101 -37.48 20.38 12.62
CA ARG A 101 -36.45 21.38 12.38
C ARG A 101 -35.10 20.74 12.66
N ARG A 102 -34.15 20.93 11.73
CA ARG A 102 -32.84 20.30 11.84
C ARG A 102 -31.71 21.32 11.86
N LEU A 103 -30.61 20.96 12.52
CA LEU A 103 -29.40 21.76 12.47
C LEU A 103 -28.71 21.55 11.12
N ASP A 104 -28.50 22.65 10.40
CA ASP A 104 -27.67 22.61 9.20
C ASP A 104 -26.25 22.99 9.62
N LEU A 105 -25.38 21.98 9.68
CA LEU A 105 -24.01 22.17 10.17
C LEU A 105 -23.17 22.95 9.17
N ALA A 106 -23.51 22.80 7.89
CA ALA A 106 -22.80 23.46 6.80
C ALA A 106 -22.81 24.98 6.92
N TRP A 107 -23.97 25.55 7.24
CA TRP A 107 -24.15 26.99 7.26
C TRP A 107 -24.65 27.53 8.59
N LYS A 108 -24.46 26.74 9.65
CA LYS A 108 -24.84 27.12 11.02
C LYS A 108 -26.24 27.72 11.12
N SER A 109 -27.20 27.05 10.50
CA SER A 109 -28.58 27.53 10.43
C SER A 109 -29.57 26.45 10.87
N ILE A 110 -30.80 26.87 11.17
CA ILE A 110 -31.89 25.94 11.43
C ILE A 110 -32.68 25.76 10.14
N GLU A 111 -32.76 24.51 9.68
CA GLU A 111 -33.55 24.16 8.51
C GLU A 111 -34.94 23.72 8.96
N PRO A 112 -35.97 24.54 8.66
CA PRO A 112 -37.34 24.24 9.08
C PRO A 112 -38.02 23.16 8.24
N ASN A 113 -37.41 22.83 7.10
CA ASN A 113 -37.88 21.76 6.20
C ASN A 113 -39.30 21.96 5.65
N GLN A 114 -39.77 23.20 5.63
CA GLN A 114 -41.08 23.53 5.07
C GLN A 114 -41.11 23.27 3.57
N VAL A 115 -39.98 23.54 2.92
CA VAL A 115 -39.79 23.18 1.52
C VAL A 115 -38.91 21.94 1.45
N GLY A 116 -39.36 20.95 0.67
CA GLY A 116 -38.61 19.74 0.49
C GLY A 116 -39.11 18.93 -0.70
N ILE A 117 -38.23 18.76 -1.68
CA ILE A 117 -38.38 17.81 -2.79
C ILE A 117 -39.73 17.86 -3.55
N ASN A 118 -40.81 17.43 -2.90
CA ASN A 118 -42.17 17.63 -3.40
C ASN A 118 -42.52 19.10 -3.68
N GLU A 119 -42.15 19.98 -2.78
CA GLU A 119 -42.44 21.42 -2.93
C GLU A 119 -41.56 22.05 -4.00
N PHE A 120 -40.28 21.73 -3.96
CA PHE A 120 -39.33 22.13 -4.99
C PHE A 120 -39.64 21.54 -6.37
N ALA A 121 -40.22 20.34 -6.40
CA ALA A 121 -40.60 19.70 -7.66
C ALA A 121 -41.66 20.49 -8.42
N LYS A 122 -42.69 20.95 -7.72
CA LYS A 122 -43.73 21.75 -8.36
C LYS A 122 -43.32 23.19 -8.62
N TRP A 123 -42.28 23.67 -7.92
CA TRP A 123 -41.68 24.96 -8.23
C TRP A 123 -40.92 24.88 -9.55
N CYS A 124 -40.22 23.77 -9.76
CA CYS A 124 -39.49 23.53 -11.00
C CYS A 124 -40.41 23.39 -12.20
N LYS A 125 -41.59 22.80 -11.98
CA LYS A 125 -42.63 22.72 -12.99
C LYS A 125 -43.05 24.12 -13.44
N LYS A 126 -43.19 25.02 -12.47
CA LYS A 126 -43.64 26.39 -12.73
C LYS A 126 -42.58 27.25 -13.42
N VAL A 127 -41.31 26.90 -13.25
CA VAL A 127 -40.22 27.60 -13.92
C VAL A 127 -39.70 26.84 -15.16
N ASN A 128 -40.42 25.80 -15.56
CA ASN A 128 -40.09 24.96 -16.72
C ASN A 128 -38.69 24.35 -16.64
N ALA A 129 -38.34 23.84 -15.47
CA ALA A 129 -37.02 23.26 -15.23
C ALA A 129 -37.12 21.84 -14.70
N GLU A 130 -36.09 21.04 -14.96
CA GLU A 130 -36.00 19.70 -14.41
C GLU A 130 -35.02 19.66 -13.26
N ILE A 131 -35.28 18.81 -12.28
CA ILE A 131 -34.43 18.70 -11.09
C ILE A 131 -33.20 17.86 -11.38
N MET A 132 -32.05 18.32 -10.91
CA MET A 132 -30.87 17.50 -10.78
C MET A 132 -30.65 17.26 -9.29
N MET A 133 -31.01 16.06 -8.82
CA MET A 133 -31.06 15.77 -7.41
C MET A 133 -29.73 15.27 -6.84
N ALA A 134 -29.28 15.91 -5.76
CA ALA A 134 -28.11 15.45 -5.02
C ALA A 134 -28.53 14.58 -3.85
N VAL A 135 -27.80 13.49 -3.64
CA VAL A 135 -28.05 12.59 -2.51
C VAL A 135 -27.01 12.77 -1.41
N ASN A 136 -27.40 12.52 -0.17
CA ASN A 136 -26.49 12.58 0.97
C ASN A 136 -25.52 11.40 0.98
N LEU A 137 -24.26 11.66 0.63
CA LEU A 137 -23.21 10.66 0.77
C LEU A 137 -22.15 11.10 1.78
N GLY A 138 -22.49 12.07 2.61
CA GLY A 138 -21.64 12.51 3.70
C GLY A 138 -21.87 11.65 4.93
N THR A 139 -23.08 11.73 5.49
CA THR A 139 -23.45 10.97 6.68
C THR A 139 -24.37 9.78 6.37
N ARG A 140 -24.77 9.65 5.11
CA ARG A 140 -25.64 8.55 4.66
C ARG A 140 -25.00 7.79 3.49
N GLY A 141 -25.61 6.68 3.10
CA GLY A 141 -25.00 5.80 2.10
C GLY A 141 -25.93 5.24 1.04
N ILE A 142 -25.65 4.00 0.62
CA ILE A 142 -26.29 3.35 -0.53
C ILE A 142 -27.81 3.24 -0.42
N SER A 143 -28.28 2.63 0.67
CA SER A 143 -29.70 2.32 0.84
C SER A 143 -30.58 3.56 0.89
N ASP A 144 -30.05 4.65 1.45
CA ASP A 144 -30.77 5.91 1.55
C ASP A 144 -30.91 6.58 0.18
N ALA A 145 -29.87 6.46 -0.64
CA ALA A 145 -29.91 6.95 -2.01
C ALA A 145 -30.90 6.14 -2.85
N CYS A 146 -30.95 4.83 -2.58
CA CYS A 146 -31.92 3.94 -3.20
C CYS A 146 -33.36 4.30 -2.81
N ASN A 147 -33.57 4.60 -1.53
CA ASN A 147 -34.87 5.00 -1.01
C ASN A 147 -35.39 6.26 -1.70
N LEU A 148 -34.53 7.27 -1.82
CA LEU A 148 -34.90 8.54 -2.44
C LEU A 148 -35.18 8.39 -3.93
N LEU A 149 -34.39 7.57 -4.61
CA LEU A 149 -34.61 7.29 -6.02
C LEU A 149 -35.93 6.56 -6.26
N GLU A 150 -36.22 5.57 -5.42
CA GLU A 150 -37.49 4.85 -5.47
C GLU A 150 -38.65 5.80 -5.23
N TYR A 151 -38.52 6.64 -4.20
CA TYR A 151 -39.51 7.66 -3.87
C TYR A 151 -39.83 8.54 -5.07
N CYS A 152 -38.79 9.00 -5.76
CA CYS A 152 -38.93 9.95 -6.85
C CYS A 152 -39.29 9.34 -8.21
N ASN A 153 -38.72 8.18 -8.52
CA ASN A 153 -38.80 7.64 -9.88
C ASN A 153 -39.66 6.40 -10.11
N HIS A 154 -39.85 5.58 -9.07
CA HIS A 154 -40.66 4.37 -9.21
C HIS A 154 -42.17 4.72 -9.20
N PRO A 155 -42.92 4.16 -10.17
CA PRO A 155 -44.34 4.49 -10.35
C PRO A 155 -45.20 4.27 -9.10
N GLY A 156 -45.07 3.09 -8.49
CA GLY A 156 -45.88 2.74 -7.32
C GLY A 156 -45.80 1.25 -7.02
N GLY A 157 -46.43 0.85 -5.92
CA GLY A 157 -46.50 -0.56 -5.54
C GLY A 157 -45.33 -1.05 -4.70
N SER A 158 -44.60 -0.11 -4.11
CA SER A 158 -43.51 -0.43 -3.18
C SER A 158 -43.44 0.60 -2.05
N LYS A 159 -42.65 0.30 -1.02
CA LYS A 159 -42.61 1.10 0.21
C LYS A 159 -42.50 2.61 -0.01
N TYR A 160 -41.47 3.02 -0.75
CA TYR A 160 -41.16 4.44 -0.90
C TYR A 160 -41.90 5.14 -2.03
N SER A 161 -42.28 4.37 -3.04
CA SER A 161 -43.08 4.91 -4.15
C SER A 161 -44.53 5.19 -3.72
N ASP A 162 -45.10 4.26 -2.94
CA ASP A 162 -46.43 4.45 -2.35
C ASP A 162 -46.44 5.61 -1.36
N MET A 163 -45.29 5.82 -0.72
CA MET A 163 -45.11 6.91 0.24
C MET A 163 -45.26 8.27 -0.46
N ARG A 164 -44.70 8.39 -1.66
CA ARG A 164 -44.86 9.60 -2.48
C ARG A 164 -46.32 9.82 -2.89
N ILE A 165 -46.99 8.73 -3.30
CA ILE A 165 -48.41 8.77 -3.67
C ILE A 165 -49.26 9.24 -2.48
N LYS A 166 -48.96 8.71 -1.29
CA LYS A 166 -49.63 9.11 -0.06
C LYS A 166 -49.38 10.58 0.28
N HIS A 167 -48.19 11.08 -0.05
CA HIS A 167 -47.81 12.46 0.24
C HIS A 167 -48.40 13.48 -0.74
N GLY A 168 -49.15 13.01 -1.73
CA GLY A 168 -49.90 13.88 -2.64
C GLY A 168 -49.39 13.98 -4.06
N VAL A 169 -48.33 13.23 -4.38
CA VAL A 169 -47.76 13.23 -5.73
C VAL A 169 -47.97 11.85 -6.38
N LYS A 170 -48.99 11.76 -7.24
CA LYS A 170 -49.38 10.50 -7.88
C LYS A 170 -48.34 10.04 -8.89
N GLU A 171 -47.97 10.93 -9.80
CA GLU A 171 -46.98 10.64 -10.83
C GLU A 171 -45.56 10.78 -10.27
N PRO A 172 -44.65 9.85 -10.63
CA PRO A 172 -43.25 9.99 -10.23
C PRO A 172 -42.61 11.23 -10.85
N HIS A 173 -41.68 11.84 -10.11
CA HIS A 173 -40.97 13.04 -10.58
C HIS A 173 -40.09 12.77 -11.80
N ASN A 174 -39.64 11.52 -11.95
CA ASN A 174 -38.72 11.10 -13.02
C ASN A 174 -37.50 12.00 -13.16
N ILE A 175 -36.75 12.13 -12.06
CA ILE A 175 -35.51 12.88 -12.06
C ILE A 175 -34.44 12.10 -12.84
N LYS A 176 -33.91 12.74 -13.87
CA LYS A 176 -33.04 12.08 -14.83
C LYS A 176 -31.56 12.12 -14.44
N VAL A 177 -31.13 13.24 -13.84
CA VAL A 177 -29.74 13.39 -13.45
C VAL A 177 -29.62 13.47 -11.93
N TRP A 178 -28.72 12.67 -11.37
CA TRP A 178 -28.49 12.63 -9.93
C TRP A 178 -27.03 12.88 -9.58
N CYS A 179 -26.80 13.64 -8.52
CA CYS A 179 -25.46 13.92 -8.02
C CYS A 179 -25.11 13.01 -6.84
N LEU A 180 -24.04 12.25 -6.99
CA LEU A 180 -23.58 11.35 -5.94
C LEU A 180 -22.84 12.11 -4.85
N GLY A 181 -23.62 12.76 -3.99
CA GLY A 181 -23.06 13.61 -2.93
C GLY A 181 -22.62 14.97 -3.43
N ASN A 182 -21.99 15.72 -2.53
CA ASN A 182 -21.36 17.00 -2.87
C ASN A 182 -19.85 16.85 -2.66
N ALA A 183 -19.06 17.72 -3.27
CA ALA A 183 -17.60 17.70 -3.10
C ALA A 183 -17.23 17.45 -1.63
N MET A 184 -16.49 16.37 -1.39
CA MET A 184 -16.20 15.93 -0.03
C MET A 184 -14.71 15.85 0.31
N ASP A 185 -13.88 16.56 -0.45
CA ASP A 185 -12.44 16.59 -0.20
C ASP A 185 -12.03 17.70 0.78
N GLY A 186 -12.98 18.59 1.09
CA GLY A 186 -12.70 19.72 1.97
C GLY A 186 -12.78 19.41 3.45
N PRO A 187 -11.85 19.96 4.24
CA PRO A 187 -11.86 19.82 5.70
C PRO A 187 -12.96 20.63 6.40
N TRP A 188 -13.76 21.36 5.64
CA TRP A 188 -14.86 22.17 6.16
C TRP A 188 -16.20 21.45 6.05
N GLN A 189 -16.21 20.31 5.35
CA GLN A 189 -17.47 19.62 5.08
C GLN A 189 -17.67 18.39 5.94
N VAL A 190 -18.86 18.27 6.51
CA VAL A 190 -19.27 17.09 7.27
C VAL A 190 -19.34 15.88 6.34
N GLY A 191 -18.77 14.76 6.78
CA GLY A 191 -18.72 13.55 5.97
C GLY A 191 -17.62 13.62 4.93
N HIS A 192 -16.53 14.30 5.28
CA HIS A 192 -15.35 14.40 4.42
C HIS A 192 -14.79 13.00 4.12
N LYS A 193 -14.52 12.75 2.85
CA LYS A 193 -14.01 11.45 2.39
C LYS A 193 -12.64 11.62 1.74
N THR A 194 -11.85 10.55 1.77
CA THR A 194 -10.65 10.46 0.94
C THR A 194 -11.10 10.05 -0.45
N MET A 195 -10.23 10.24 -1.45
CA MET A 195 -10.55 9.90 -2.83
C MET A 195 -10.93 8.42 -3.02
N ASP A 196 -10.28 7.55 -2.26
CA ASP A 196 -10.58 6.12 -2.28
C ASP A 196 -11.89 5.79 -1.58
N GLU A 197 -12.14 6.46 -0.46
CA GLU A 197 -13.40 6.29 0.27
C GLU A 197 -14.59 6.71 -0.57
N TYR A 198 -14.51 7.91 -1.15
CA TYR A 198 -15.60 8.40 -1.99
C TYR A 198 -15.73 7.60 -3.28
N GLY A 199 -14.59 7.27 -3.90
CA GLY A 199 -14.57 6.44 -5.10
C GLY A 199 -15.39 5.16 -4.94
N ARG A 200 -15.18 4.49 -3.81
CA ARG A 200 -15.88 3.24 -3.51
C ARG A 200 -17.38 3.45 -3.25
N ILE A 201 -17.71 4.46 -2.44
CA ILE A 201 -19.12 4.72 -2.12
C ILE A 201 -19.90 5.23 -3.35
N ALA A 202 -19.23 6.01 -4.20
CA ALA A 202 -19.82 6.49 -5.45
C ALA A 202 -20.09 5.33 -6.40
N GLU A 203 -19.12 4.42 -6.51
CA GLU A 203 -19.24 3.23 -7.35
C GLU A 203 -20.44 2.37 -6.93
N GLU A 204 -20.55 2.10 -5.64
CA GLU A 204 -21.59 1.22 -5.13
C GLU A 204 -22.98 1.86 -5.14
N THR A 205 -23.04 3.15 -4.82
CA THR A 205 -24.29 3.90 -4.87
C THR A 205 -24.80 3.96 -6.30
N ALA A 206 -23.90 4.26 -7.23
CA ALA A 206 -24.22 4.32 -8.66
C ALA A 206 -24.70 2.97 -9.19
N ARG A 207 -24.00 1.91 -8.80
CA ARG A 207 -24.35 0.54 -9.20
C ARG A 207 -25.76 0.17 -8.76
N ALA A 208 -26.09 0.48 -7.52
CA ALA A 208 -27.39 0.15 -6.94
C ALA A 208 -28.52 0.99 -7.53
N MET A 209 -28.24 2.26 -7.75
CA MET A 209 -29.24 3.19 -8.29
C MET A 209 -29.68 2.82 -9.70
N LYS A 210 -28.74 2.45 -10.54
CA LYS A 210 -29.04 2.09 -11.93
C LYS A 210 -29.74 0.73 -12.05
N MET A 211 -29.81 -0.01 -10.94
CA MET A 211 -30.61 -1.23 -10.88
C MET A 211 -32.07 -0.92 -10.62
N ILE A 212 -32.33 0.20 -9.94
CA ILE A 212 -33.69 0.68 -9.71
C ILE A 212 -34.22 1.41 -10.95
N ASP A 213 -33.40 2.27 -11.51
CA ASP A 213 -33.75 3.03 -12.71
C ASP A 213 -32.56 3.13 -13.65
N PRO A 214 -32.53 2.30 -14.71
CA PRO A 214 -31.43 2.29 -15.66
C PRO A 214 -31.39 3.53 -16.57
N SER A 215 -32.48 4.29 -16.59
CA SER A 215 -32.60 5.46 -17.48
C SER A 215 -31.90 6.72 -16.94
N ILE A 216 -31.56 6.71 -15.65
CA ILE A 216 -30.95 7.88 -15.02
C ILE A 216 -29.49 8.10 -15.41
N GLU A 217 -29.03 9.34 -15.23
CA GLU A 217 -27.64 9.70 -15.42
C GLU A 217 -27.04 10.12 -14.08
N LEU A 218 -25.77 9.79 -13.87
CA LEU A 218 -25.15 10.00 -12.57
C LEU A 218 -23.88 10.85 -12.64
N VAL A 219 -23.76 11.77 -11.70
CA VAL A 219 -22.61 12.67 -11.62
C VAL A 219 -21.73 12.30 -10.43
N ALA A 220 -20.47 12.00 -10.71
CA ALA A 220 -19.48 11.77 -9.67
C ALA A 220 -18.82 13.10 -9.32
N CYS A 221 -18.59 13.32 -8.03
CA CYS A 221 -18.01 14.58 -7.56
C CYS A 221 -16.53 14.71 -7.87
N GLY A 222 -16.16 15.85 -8.44
CA GLY A 222 -14.77 16.22 -8.58
C GLY A 222 -14.30 16.94 -7.33
N SER A 223 -13.14 17.60 -7.42
CA SER A 223 -12.60 18.37 -6.32
C SER A 223 -13.46 19.60 -6.04
N SER A 224 -13.37 20.15 -4.83
CA SER A 224 -14.04 21.39 -4.46
C SER A 224 -13.57 22.51 -5.38
N SER A 225 -12.26 22.58 -5.58
CA SER A 225 -11.62 23.53 -6.46
C SER A 225 -10.36 22.90 -7.03
N LYS A 226 -9.81 23.51 -8.08
CA LYS A 226 -8.56 23.05 -8.67
C LYS A 226 -7.35 23.34 -7.78
N ASP A 227 -7.58 24.14 -6.74
CA ASP A 227 -6.51 24.52 -5.82
C ASP A 227 -6.27 23.49 -4.71
N MET A 228 -7.20 22.56 -4.55
CA MET A 228 -7.03 21.42 -3.65
C MET A 228 -5.85 20.59 -4.12
N PRO A 229 -4.93 20.24 -3.19
CA PRO A 229 -3.73 19.48 -3.56
C PRO A 229 -4.05 18.11 -4.15
N THR A 230 -5.23 17.58 -3.85
CA THR A 230 -5.66 16.27 -4.34
C THR A 230 -6.31 16.33 -5.73
N PHE A 231 -6.40 17.53 -6.31
CA PHE A 231 -6.79 17.69 -7.70
C PHE A 231 -5.56 17.47 -8.60
N PRO A 232 -5.73 16.74 -9.72
CA PRO A 232 -6.93 16.07 -10.21
C PRO A 232 -6.97 14.57 -9.95
N GLN A 233 -6.54 14.13 -8.77
CA GLN A 233 -6.25 12.73 -8.53
C GLN A 233 -7.26 11.84 -7.78
N TRP A 234 -7.99 12.44 -6.86
CA TRP A 234 -9.42 12.62 -6.96
C TRP A 234 -10.14 12.27 -8.23
N GLU A 235 -10.13 13.17 -9.22
CA GLU A 235 -10.89 12.90 -10.43
C GLU A 235 -10.52 11.54 -11.04
N ALA A 236 -9.22 11.27 -11.12
CA ALA A 236 -8.71 10.01 -11.65
C ALA A 236 -9.14 8.81 -10.81
N THR A 237 -8.94 8.90 -9.50
CA THR A 237 -9.27 7.81 -8.57
C THR A 237 -10.77 7.49 -8.58
N VAL A 238 -11.60 8.51 -8.44
CA VAL A 238 -13.05 8.35 -8.44
C VAL A 238 -13.55 7.69 -9.72
N LEU A 239 -13.09 8.18 -10.87
CA LEU A 239 -13.45 7.61 -12.16
C LEU A 239 -12.89 6.19 -12.35
N ASP A 240 -11.74 5.92 -11.76
CA ASP A 240 -11.14 4.58 -11.81
C ASP A 240 -12.04 3.55 -11.14
N TYR A 241 -12.73 3.97 -10.08
CA TYR A 241 -13.68 3.09 -9.39
C TYR A 241 -15.03 3.01 -10.11
N ALA A 242 -15.60 4.17 -10.43
CA ALA A 242 -17.01 4.26 -10.82
C ALA A 242 -17.30 4.39 -12.31
N TYR A 243 -16.26 4.31 -13.14
CA TYR A 243 -16.37 4.58 -14.59
C TYR A 243 -17.61 4.01 -15.27
N ASP A 244 -17.84 2.71 -15.10
CA ASP A 244 -18.91 2.00 -15.82
C ASP A 244 -20.32 2.37 -15.35
N TYR A 245 -20.42 3.10 -14.25
CA TYR A 245 -21.71 3.37 -13.63
C TYR A 245 -22.07 4.85 -13.54
N VAL A 246 -21.09 5.72 -13.81
CA VAL A 246 -21.32 7.16 -13.83
C VAL A 246 -21.25 7.72 -15.24
N ASP A 247 -21.79 8.92 -15.43
CA ASP A 247 -21.84 9.55 -16.74
C ASP A 247 -21.10 10.89 -16.76
N TYR A 248 -21.01 11.53 -15.60
CA TYR A 248 -20.36 12.83 -15.49
C TYR A 248 -19.38 12.93 -14.32
N ILE A 249 -18.34 13.73 -14.52
CA ILE A 249 -17.52 14.23 -13.42
C ILE A 249 -17.83 15.72 -13.27
N SER A 250 -17.81 16.23 -12.04
CA SER A 250 -18.18 17.63 -11.80
C SER A 250 -16.98 18.55 -11.58
N LEU A 251 -17.15 19.81 -11.96
CA LEU A 251 -16.14 20.84 -11.75
C LEU A 251 -16.77 22.02 -11.04
N HIS A 252 -16.01 22.62 -10.12
CA HIS A 252 -16.48 23.77 -9.37
C HIS A 252 -15.45 24.89 -9.49
N GLN A 253 -15.91 26.09 -9.80
CA GLN A 253 -15.02 27.24 -9.93
C GLN A 253 -15.67 28.57 -9.55
N TYR A 254 -15.01 29.30 -8.65
CA TYR A 254 -15.42 30.66 -8.30
C TYR A 254 -14.26 31.63 -8.48
N TYR A 255 -14.58 32.85 -8.90
CA TYR A 255 -13.58 33.90 -9.06
C TYR A 255 -13.92 35.16 -8.27
N GLY A 256 -12.88 35.89 -7.88
CA GLY A 256 -13.04 37.10 -7.08
C GLY A 256 -12.07 38.20 -7.47
N ASN A 257 -12.40 39.44 -7.10
CA ASN A 257 -11.57 40.59 -7.40
C ASN A 257 -11.20 41.40 -6.15
N LYS A 258 -10.79 40.68 -5.10
CA LYS A 258 -10.33 41.30 -3.85
C LYS A 258 -9.07 42.14 -4.06
N GLU A 259 -8.26 41.75 -5.04
CA GLU A 259 -7.04 42.47 -5.41
C GLU A 259 -7.35 43.82 -6.06
N ASN A 260 -8.58 43.96 -6.57
CA ASN A 260 -9.05 45.16 -7.23
C ASN A 260 -8.30 45.44 -8.55
N ASP A 261 -8.04 44.36 -9.28
CA ASP A 261 -7.34 44.43 -10.56
C ASP A 261 -8.24 43.90 -11.66
N THR A 262 -9.03 44.80 -12.26
CA THR A 262 -10.02 44.46 -13.28
C THR A 262 -9.40 43.72 -14.48
N ALA A 263 -8.24 44.18 -14.93
CA ALA A 263 -7.53 43.55 -16.05
C ALA A 263 -7.20 42.10 -15.77
N ASP A 264 -6.62 41.84 -14.60
CA ASP A 264 -6.24 40.49 -14.19
C ASP A 264 -7.47 39.65 -13.86
N PHE A 265 -8.52 40.31 -13.36
CA PHE A 265 -9.79 39.68 -13.03
C PHE A 265 -10.47 39.10 -14.26
N LEU A 266 -10.44 39.84 -15.36
CA LEU A 266 -11.06 39.42 -16.62
C LEU A 266 -10.22 38.39 -17.38
N ALA A 267 -8.98 38.23 -16.97
CA ALA A 267 -8.08 37.24 -17.58
C ALA A 267 -8.32 35.83 -17.02
N LYS A 268 -9.13 35.74 -15.98
CA LYS A 268 -9.32 34.48 -15.24
C LYS A 268 -10.13 33.41 -15.97
N SER A 269 -10.74 33.77 -17.10
CA SER A 269 -11.43 32.79 -17.95
C SER A 269 -10.43 31.90 -18.69
N ASP A 270 -9.19 32.36 -18.79
CA ASP A 270 -8.08 31.56 -19.32
C ASP A 270 -7.72 30.43 -18.35
N ASP A 271 -7.81 30.72 -17.05
CA ASP A 271 -7.58 29.73 -16.01
C ASP A 271 -8.70 28.69 -16.00
N LEU A 272 -9.91 29.14 -16.34
CA LEU A 272 -11.07 28.28 -16.47
C LEU A 272 -10.89 27.30 -17.62
N ASP A 273 -10.38 27.81 -18.74
CA ASP A 273 -10.10 27.01 -19.93
C ASP A 273 -9.10 25.89 -19.61
N ASP A 274 -8.02 26.25 -18.91
CA ASP A 274 -7.00 25.30 -18.48
C ASP A 274 -7.57 24.25 -17.54
N PHE A 275 -8.43 24.71 -16.62
CA PHE A 275 -9.10 23.85 -15.64
C PHE A 275 -9.96 22.79 -16.34
N ILE A 276 -10.77 23.23 -17.31
CA ILE A 276 -11.62 22.33 -18.09
C ILE A 276 -10.78 21.28 -18.84
N ARG A 277 -9.73 21.73 -19.50
CA ARG A 277 -8.83 20.85 -20.27
C ARG A 277 -8.14 19.81 -19.39
N SER A 278 -7.75 20.21 -18.19
CA SER A 278 -7.13 19.31 -17.22
C SER A 278 -8.06 18.16 -16.82
N VAL A 279 -9.33 18.49 -16.66
CA VAL A 279 -10.35 17.51 -16.28
C VAL A 279 -10.67 16.57 -17.45
N ILE A 280 -10.74 17.13 -18.66
CA ILE A 280 -10.93 16.33 -19.88
C ILE A 280 -9.77 15.35 -20.06
N ALA A 281 -8.55 15.84 -19.86
CA ALA A 281 -7.34 15.01 -19.95
C ALA A 281 -7.36 13.86 -18.93
N THR A 282 -7.80 14.18 -17.72
CA THR A 282 -7.93 13.18 -16.65
C THR A 282 -8.96 12.11 -17.03
N CYS A 283 -10.08 12.54 -17.61
CA CYS A 283 -11.13 11.62 -18.08
C CYS A 283 -10.61 10.70 -19.19
N ASP A 284 -9.91 11.28 -20.16
CA ASP A 284 -9.38 10.52 -21.29
C ASP A 284 -8.28 9.55 -20.87
N TYR A 285 -7.54 9.90 -19.83
CA TYR A 285 -6.50 9.04 -19.27
C TYR A 285 -7.11 7.76 -18.67
N ILE A 286 -8.16 7.93 -17.87
CA ILE A 286 -8.87 6.80 -17.26
C ILE A 286 -9.61 5.98 -18.33
N LYS A 287 -10.13 6.66 -19.36
CA LYS A 287 -10.76 6.00 -20.50
C LYS A 287 -9.82 4.99 -21.15
N ALA A 288 -8.57 5.40 -21.36
CA ALA A 288 -7.54 4.54 -21.93
C ALA A 288 -7.20 3.37 -21.00
N LYS A 289 -7.19 3.65 -19.71
CA LYS A 289 -6.91 2.64 -18.68
C LYS A 289 -7.97 1.55 -18.67
N LYS A 290 -9.23 1.97 -18.90
CA LYS A 290 -10.37 1.06 -18.91
C LYS A 290 -10.61 0.38 -20.25
N ARG A 291 -9.98 0.93 -21.30
CA ARG A 291 -10.26 0.53 -22.70
C ARG A 291 -11.75 0.67 -23.01
N SER A 292 -12.34 1.74 -22.51
CA SER A 292 -13.77 1.99 -22.68
C SER A 292 -14.04 2.80 -23.95
N LYS A 293 -15.20 2.56 -24.54
CA LYS A 293 -15.64 3.31 -25.71
C LYS A 293 -16.46 4.52 -25.29
N LYS A 294 -16.79 4.57 -24.00
CA LYS A 294 -17.59 5.65 -23.43
C LYS A 294 -16.72 6.82 -23.01
N ASP A 295 -17.16 8.03 -23.34
CA ASP A 295 -16.56 9.26 -22.82
C ASP A 295 -17.31 9.73 -21.59
N ILE A 296 -16.57 10.05 -20.53
CA ILE A 296 -17.14 10.73 -19.38
C ILE A 296 -17.30 12.20 -19.76
N TYR A 297 -18.50 12.74 -19.51
CA TYR A 297 -18.78 14.13 -19.81
C TYR A 297 -18.64 15.01 -18.58
N LEU A 298 -18.51 16.31 -18.79
CA LEU A 298 -18.26 17.25 -17.71
C LEU A 298 -19.54 17.95 -17.27
N SER A 299 -19.79 17.92 -15.96
CA SER A 299 -20.89 18.65 -15.36
C SER A 299 -20.32 19.79 -14.52
N PHE A 300 -20.32 20.99 -15.07
CA PHE A 300 -19.81 22.15 -14.35
C PHE A 300 -20.89 22.70 -13.42
N ASP A 301 -21.25 21.91 -12.41
CA ASP A 301 -22.44 22.18 -11.61
C ASP A 301 -22.26 23.23 -10.50
N GLU A 302 -21.16 23.98 -10.56
CA GLU A 302 -20.93 25.13 -9.70
C GLU A 302 -19.96 26.10 -10.35
N TRP A 303 -20.47 27.22 -10.84
CA TRP A 303 -19.63 28.29 -11.38
C TRP A 303 -20.28 29.66 -11.17
N ASN A 304 -19.45 30.66 -10.85
CA ASN A 304 -19.89 32.04 -10.68
C ASN A 304 -18.76 32.94 -10.16
N VAL A 305 -19.02 34.24 -10.11
CA VAL A 305 -18.20 35.18 -9.37
C VAL A 305 -18.72 35.16 -7.92
N TRP A 306 -17.80 35.16 -6.96
CA TRP A 306 -18.15 35.13 -5.54
C TRP A 306 -17.01 35.64 -4.66
N TYR A 307 -17.20 36.85 -4.10
CA TYR A 307 -16.21 37.46 -3.20
C TYR A 307 -16.72 38.64 -2.37
N HIS A 308 -17.76 39.32 -2.86
CA HIS A 308 -18.26 40.55 -2.21
C HIS A 308 -18.71 40.38 -0.76
N SER A 309 -19.48 39.32 -0.51
CA SER A 309 -20.12 39.14 0.80
C SER A 309 -19.28 38.35 1.81
N ASN A 310 -17.99 38.16 1.50
CA ASN A 310 -17.09 37.39 2.35
C ASN A 310 -17.02 37.87 3.81
N ASN A 311 -16.69 39.15 4.00
CA ASN A 311 -16.57 39.73 5.34
C ASN A 311 -17.89 39.75 6.11
N GLU A 312 -18.98 40.09 5.42
CA GLU A 312 -20.31 40.10 6.02
C GLU A 312 -20.75 38.69 6.47
N ASP A 313 -20.37 37.68 5.70
CA ASP A 313 -20.65 36.28 6.07
C ASP A 313 -19.89 35.85 7.32
N ALA A 314 -18.69 36.40 7.51
CA ALA A 314 -17.83 36.07 8.65
C ALA A 314 -18.39 36.65 9.95
N ASN A 315 -18.93 37.86 9.83
CA ASN A 315 -19.81 38.46 10.84
C ASN A 315 -20.97 37.56 11.24
N ILE A 316 -21.75 37.09 10.26
CA ILE A 316 -23.04 36.41 10.51
C ILE A 316 -22.96 35.12 11.34
N MET A 317 -21.72 34.67 11.53
CA MET A 317 -21.39 33.40 12.15
C MET A 317 -19.93 33.44 12.54
N GLN A 318 -19.63 33.12 13.80
CA GLN A 318 -20.57 33.29 14.88
C GLN A 318 -20.78 34.76 15.26
N ASN A 319 -21.87 35.03 15.95
CA ASN A 319 -22.54 36.31 15.85
C ASN A 319 -23.92 36.24 16.48
N GLU A 320 -24.48 35.05 16.51
CA GLU A 320 -25.66 34.76 15.67
C GLU A 320 -25.92 33.43 14.91
N PRO A 321 -25.54 32.31 15.53
CA PRO A 321 -25.73 30.98 14.96
C PRO A 321 -27.17 30.53 14.99
N TRP A 322 -27.44 29.46 14.25
CA TRP A 322 -28.72 28.78 14.31
C TRP A 322 -29.90 29.72 14.14
N ARG A 323 -29.75 30.65 13.21
CA ARG A 323 -30.87 31.40 12.70
C ARG A 323 -31.55 30.68 11.56
N ILE A 324 -32.77 31.10 11.29
CA ILE A 324 -33.50 30.62 10.10
C ILE A 324 -33.31 31.64 8.98
N ALA A 325 -32.91 31.14 7.81
CA ALA A 325 -32.71 31.96 6.62
C ALA A 325 -31.91 33.25 6.84
N PRO A 326 -30.66 33.13 7.33
CA PRO A 326 -29.81 34.32 7.49
C PRO A 326 -29.34 34.84 6.12
N PRO A 327 -29.08 36.15 6.02
CA PRO A 327 -28.68 36.73 4.72
C PRO A 327 -27.25 36.36 4.33
N LEU A 328 -27.03 35.09 4.00
CA LEU A 328 -25.71 34.57 3.65
C LEU A 328 -25.42 34.65 2.15
N LEU A 329 -24.15 34.84 1.81
CA LEU A 329 -23.64 34.81 0.43
C LEU A 329 -24.32 35.80 -0.52
N GLU A 330 -24.75 36.94 0.01
CA GLU A 330 -25.50 37.92 -0.76
C GLU A 330 -24.57 38.92 -1.47
N ASP A 331 -23.84 38.42 -2.46
CA ASP A 331 -23.00 39.25 -3.32
C ASP A 331 -23.85 40.21 -4.13
N ILE A 332 -23.48 41.49 -4.12
CA ILE A 332 -24.09 42.49 -4.99
C ILE A 332 -23.14 42.71 -6.15
N TYR A 333 -23.53 42.23 -7.33
CA TYR A 333 -22.62 42.18 -8.48
C TYR A 333 -22.42 43.50 -9.21
N THR A 334 -21.17 43.75 -9.59
CA THR A 334 -20.76 44.93 -10.34
C THR A 334 -20.81 44.63 -11.83
N PHE A 335 -20.55 45.66 -12.66
CA PHE A 335 -20.51 45.48 -14.11
C PHE A 335 -19.37 44.58 -14.56
N GLU A 336 -18.20 44.74 -13.94
CA GLU A 336 -17.03 43.90 -14.25
C GLU A 336 -17.28 42.42 -13.96
N ASP A 337 -18.10 42.14 -12.94
CA ASP A 337 -18.52 40.78 -12.61
C ASP A 337 -19.32 40.17 -13.76
N ALA A 338 -20.21 40.97 -14.34
CA ALA A 338 -21.04 40.54 -15.46
C ALA A 338 -20.19 40.21 -16.69
N LEU A 339 -19.08 40.93 -16.86
CA LEU A 339 -18.15 40.69 -17.95
C LEU A 339 -17.45 39.34 -17.83
N LEU A 340 -17.01 39.02 -16.61
CA LEU A 340 -16.35 37.73 -16.36
C LEU A 340 -17.31 36.56 -16.50
N VAL A 341 -18.53 36.74 -15.98
CA VAL A 341 -19.59 35.75 -16.15
C VAL A 341 -19.83 35.50 -17.64
N GLY A 342 -19.83 36.56 -18.43
CA GLY A 342 -19.91 36.47 -19.88
C GLY A 342 -18.75 35.70 -20.48
N LEU A 343 -17.54 36.00 -20.01
CA LEU A 343 -16.33 35.31 -20.45
C LEU A 343 -16.37 33.82 -20.08
N MET A 344 -16.87 33.54 -18.88
CA MET A 344 -17.01 32.16 -18.40
C MET A 344 -17.99 31.36 -19.26
N LEU A 345 -19.11 31.99 -19.63
CA LEU A 345 -20.11 31.38 -20.51
C LEU A 345 -19.53 31.08 -21.89
N ILE A 346 -18.71 32.00 -22.39
CA ILE A 346 -18.01 31.82 -23.65
C ILE A 346 -17.08 30.59 -23.58
N THR A 347 -16.34 30.48 -22.48
CA THR A 347 -15.44 29.35 -22.25
C THR A 347 -16.19 28.03 -22.17
N LEU A 348 -17.30 28.02 -21.42
CA LEU A 348 -18.16 26.84 -21.32
C LEU A 348 -18.66 26.39 -22.69
N MET A 349 -19.06 27.36 -23.52
CA MET A 349 -19.55 27.10 -24.86
C MET A 349 -18.49 26.51 -25.77
N LYS A 350 -17.24 26.94 -25.60
CA LYS A 350 -16.10 26.42 -26.36
C LYS A 350 -15.90 24.92 -26.15
N HIS A 351 -16.27 24.45 -24.96
CA HIS A 351 -16.08 23.06 -24.57
C HIS A 351 -17.40 22.30 -24.48
N ALA A 352 -18.35 22.68 -25.32
CA ALA A 352 -19.68 22.05 -25.35
C ALA A 352 -19.66 20.61 -25.83
N ASP A 353 -18.52 20.17 -26.39
CA ASP A 353 -18.35 18.79 -26.79
C ASP A 353 -18.19 17.84 -25.60
N ARG A 354 -17.65 18.37 -24.50
CA ARG A 354 -17.46 17.57 -23.29
C ARG A 354 -18.32 18.07 -22.13
N ILE A 355 -18.51 19.39 -22.02
CA ILE A 355 -19.40 19.94 -21.00
C ILE A 355 -20.84 19.88 -21.50
N LYS A 356 -21.65 19.04 -20.84
CA LYS A 356 -23.04 18.83 -21.22
C LYS A 356 -24.02 19.39 -20.20
N ILE A 357 -23.55 19.56 -18.97
CA ILE A 357 -24.31 20.21 -17.91
C ILE A 357 -23.43 21.27 -17.24
N ALA A 358 -24.03 22.41 -16.93
CA ALA A 358 -23.37 23.46 -16.14
C ALA A 358 -24.41 24.18 -15.29
N CYS A 359 -24.02 24.55 -14.08
CA CYS A 359 -24.94 25.24 -13.17
C CYS A 359 -24.34 26.51 -12.61
N LEU A 360 -24.99 27.64 -12.90
CA LEU A 360 -24.66 28.90 -12.27
C LEU A 360 -25.07 28.82 -10.81
N ALA A 361 -24.10 28.99 -9.92
CA ALA A 361 -24.34 28.95 -8.49
C ALA A 361 -24.39 30.36 -7.92
N GLN A 362 -25.56 30.81 -7.47
CA GLN A 362 -26.81 30.04 -7.44
C GLN A 362 -27.96 30.82 -8.11
N LEU A 363 -29.21 30.48 -7.85
CA LEU A 363 -30.31 31.04 -8.62
C LEU A 363 -30.91 32.42 -8.28
N ILE A 364 -30.69 32.85 -7.06
CA ILE A 364 -31.75 33.17 -6.11
C ILE A 364 -31.19 33.55 -4.76
N ASN A 365 -31.05 34.85 -4.62
CA ASN A 365 -30.45 35.53 -3.45
C ASN A 365 -28.98 35.17 -3.15
N VAL A 366 -28.70 33.87 -3.06
CA VAL A 366 -27.37 33.36 -2.76
C VAL A 366 -26.49 33.42 -4.02
N ILE A 367 -25.43 34.24 -3.96
CA ILE A 367 -24.56 34.53 -5.11
C ILE A 367 -25.29 34.40 -6.45
N ALA A 368 -26.24 35.30 -6.67
CA ALA A 368 -27.33 35.08 -7.62
C ALA A 368 -27.54 36.22 -8.63
N PRO A 369 -28.09 35.89 -9.81
CA PRO A 369 -28.58 36.90 -10.75
C PRO A 369 -29.96 37.46 -10.37
N ILE A 370 -30.67 36.76 -9.50
CA ILE A 370 -32.00 37.17 -9.04
C ILE A 370 -32.00 37.39 -7.53
N VAL A 371 -32.40 38.59 -7.12
CA VAL A 371 -32.45 38.96 -5.70
C VAL A 371 -33.83 39.49 -5.31
N THR A 372 -34.38 38.95 -4.22
CA THR A 372 -35.52 39.56 -3.54
C THR A 372 -34.96 40.33 -2.34
N GLU A 373 -35.56 41.48 -2.02
CA GLU A 373 -35.00 42.37 -1.01
C GLU A 373 -34.72 41.74 0.36
N ARG A 374 -35.77 41.65 1.17
CA ARG A 374 -35.68 41.07 2.50
C ARG A 374 -36.91 41.42 3.31
N ASN A 375 -37.33 40.50 4.16
CA ASN A 375 -38.73 40.42 4.55
C ASN A 375 -39.74 41.30 3.84
N GLY A 376 -39.80 41.26 2.52
CA GLY A 376 -40.69 40.42 1.79
C GLY A 376 -41.05 40.76 0.36
N GLY A 377 -40.16 41.56 -0.23
CA GLY A 377 -39.73 41.63 -1.61
C GLY A 377 -39.05 42.97 -1.83
N ALA A 378 -38.49 43.25 -3.00
CA ALA A 378 -39.19 43.36 -4.28
C ALA A 378 -38.90 42.20 -5.23
N ALA A 379 -37.62 41.97 -5.52
CA ALA A 379 -37.15 41.43 -6.81
C ALA A 379 -36.78 42.39 -7.96
N TRP A 380 -35.89 41.90 -8.83
CA TRP A 380 -34.68 42.59 -9.26
C TRP A 380 -33.49 41.78 -9.76
N ARG A 381 -33.01 42.15 -10.95
CA ARG A 381 -31.94 41.47 -11.67
C ARG A 381 -30.60 42.10 -11.36
N GLN A 382 -29.62 41.25 -11.07
CA GLN A 382 -28.25 41.70 -10.89
C GLN A 382 -27.59 41.89 -12.25
N THR A 383 -26.39 42.45 -12.27
CA THR A 383 -25.66 42.68 -13.51
C THR A 383 -25.41 41.38 -14.27
N ILE A 384 -25.13 40.32 -13.53
CA ILE A 384 -24.78 39.01 -14.10
C ILE A 384 -25.97 38.27 -14.73
N PHE A 385 -27.17 38.78 -14.49
CA PHE A 385 -28.41 38.23 -15.06
C PHE A 385 -28.35 38.18 -16.60
N TYR A 386 -27.96 39.30 -17.20
CA TYR A 386 -28.10 39.50 -18.64
C TYR A 386 -27.14 38.72 -19.54
N PRO A 387 -25.84 38.61 -19.18
CA PRO A 387 -24.97 37.77 -19.99
C PRO A 387 -25.46 36.33 -20.03
N PHE A 388 -25.98 35.84 -18.91
CA PHE A 388 -26.58 34.51 -18.83
C PHE A 388 -27.81 34.41 -19.71
N MET A 389 -28.72 35.38 -19.57
CA MET A 389 -29.96 35.39 -20.35
C MET A 389 -29.68 35.34 -21.85
N HIS A 390 -28.72 36.14 -22.30
CA HIS A 390 -28.32 36.17 -23.70
C HIS A 390 -27.77 34.82 -24.15
N ALA A 391 -26.89 34.24 -23.33
CA ALA A 391 -26.28 32.95 -23.62
C ALA A 391 -27.33 31.84 -23.72
N SER A 392 -28.26 31.81 -22.76
CA SER A 392 -29.30 30.80 -22.71
C SER A 392 -30.30 30.93 -23.86
N LYS A 393 -30.58 32.17 -24.26
CA LYS A 393 -31.58 32.44 -25.31
C LYS A 393 -31.03 32.22 -26.72
N TYR A 394 -29.86 32.79 -26.99
CA TYR A 394 -29.29 32.76 -28.35
C TYR A 394 -28.19 31.70 -28.53
N GLY A 395 -27.87 30.99 -27.45
CA GLY A 395 -26.82 29.98 -27.50
C GLY A 395 -27.33 28.56 -27.63
N ARG A 396 -28.37 28.37 -28.44
CA ARG A 396 -28.90 27.04 -28.74
C ARG A 396 -28.56 26.67 -30.19
N GLY A 397 -27.80 25.59 -30.36
CA GLY A 397 -27.40 25.15 -31.69
C GLY A 397 -26.04 24.47 -31.72
N ILE A 398 -25.22 24.84 -32.70
CA ILE A 398 -23.92 24.20 -32.91
C ILE A 398 -22.77 25.19 -32.73
N VAL A 399 -21.85 24.85 -31.82
CA VAL A 399 -20.66 25.66 -31.59
C VAL A 399 -19.66 25.49 -32.74
N LEU A 400 -19.17 26.62 -33.23
CA LEU A 400 -18.18 26.63 -34.30
C LEU A 400 -16.79 26.92 -33.74
N GLN A 401 -15.77 26.33 -34.36
CA GLN A 401 -14.39 26.54 -33.96
C GLN A 401 -14.01 28.02 -34.00
N PRO A 402 -13.62 28.58 -32.85
CA PRO A 402 -13.24 29.98 -32.82
C PRO A 402 -11.83 30.17 -33.36
N VAL A 403 -11.69 30.14 -34.68
CA VAL A 403 -10.40 30.55 -35.23
C VAL A 403 -10.30 32.05 -35.27
N ILE A 404 -9.20 32.49 -34.68
CA ILE A 404 -9.15 33.77 -34.03
C ILE A 404 -7.73 34.32 -34.05
N ASN A 405 -7.60 35.60 -34.36
CA ASN A 405 -6.37 36.32 -34.09
C ASN A 405 -6.66 37.70 -33.51
N SER A 406 -6.47 37.78 -32.21
CA SER A 406 -6.76 38.98 -31.44
C SER A 406 -5.46 39.55 -30.88
N PRO A 407 -5.37 40.89 -30.74
CA PRO A 407 -4.24 41.48 -30.04
C PRO A 407 -4.11 40.92 -28.62
N LEU A 408 -2.91 40.89 -28.10
CA LEU A 408 -2.70 40.36 -26.78
C LEU A 408 -2.41 41.47 -25.82
N HIS A 409 -2.51 41.15 -24.55
CA HIS A 409 -2.05 42.04 -23.47
C HIS A 409 -1.65 41.24 -22.24
N ASP A 410 -0.67 41.77 -21.50
CA ASP A 410 -0.27 41.18 -20.23
C ASP A 410 -0.98 41.88 -19.08
N THR A 411 -1.34 41.10 -18.06
CA THR A 411 -1.87 41.65 -16.82
C THR A 411 -0.86 41.38 -15.71
N SER A 412 -1.21 41.76 -14.48
CA SER A 412 -0.31 41.62 -13.33
C SER A 412 0.10 40.17 -13.05
N LYS A 413 -0.81 39.22 -13.30
CA LYS A 413 -0.55 37.81 -12.99
C LYS A 413 -0.78 36.85 -14.17
N HIS A 414 -1.04 37.42 -15.35
CA HIS A 414 -1.23 36.62 -16.57
C HIS A 414 -0.42 37.17 -17.74
N GLU A 415 -0.07 36.29 -18.67
CA GLU A 415 0.67 36.67 -19.87
C GLU A 415 -0.13 36.33 -21.13
N ASP A 416 0.08 37.13 -22.18
CA ASP A 416 -0.51 36.90 -23.50
C ASP A 416 -2.02 36.63 -23.48
N VAL A 417 -2.75 37.48 -22.76
CA VAL A 417 -4.20 37.37 -22.67
C VAL A 417 -4.83 38.03 -23.89
N THR A 418 -5.67 37.27 -24.60
CA THR A 418 -6.36 37.77 -25.79
C THR A 418 -7.27 38.94 -25.41
N ASP A 419 -7.23 40.00 -26.21
CA ASP A 419 -8.13 41.14 -26.02
C ASP A 419 -9.57 40.75 -26.31
N ILE A 420 -9.75 40.02 -27.41
CA ILE A 420 -11.06 39.49 -27.78
C ILE A 420 -11.21 38.02 -27.40
N GLU A 421 -12.32 37.72 -26.74
CA GLU A 421 -12.72 36.34 -26.49
C GLU A 421 -14.09 36.15 -27.12
N SER A 422 -14.17 35.25 -28.09
CA SER A 422 -15.35 35.12 -28.93
C SER A 422 -15.68 33.69 -29.31
N VAL A 423 -16.98 33.43 -29.48
CA VAL A 423 -17.49 32.18 -30.06
C VAL A 423 -18.72 32.46 -30.90
N ALA A 424 -18.83 31.74 -32.01
CA ALA A 424 -20.02 31.78 -32.83
C ALA A 424 -20.75 30.45 -32.73
N ILE A 425 -22.04 30.50 -32.48
CA ILE A 425 -22.87 29.30 -32.56
C ILE A 425 -23.91 29.42 -33.68
N TYR A 426 -24.04 28.35 -34.46
CA TYR A 426 -24.91 28.34 -35.62
C TYR A 426 -26.19 27.55 -35.34
N ASN A 427 -27.31 28.27 -35.34
CA ASN A 427 -28.62 27.64 -35.20
C ASN A 427 -29.23 27.39 -36.58
N GLU A 428 -29.37 26.11 -36.89
CA GLU A 428 -29.42 25.58 -38.25
C GLU A 428 -30.85 25.34 -38.72
N GLU A 429 -31.78 25.57 -37.81
CA GLU A 429 -33.18 25.22 -37.91
C GLU A 429 -33.99 26.50 -37.82
N LYS A 430 -33.26 27.62 -37.94
CA LYS A 430 -33.71 28.97 -37.69
C LYS A 430 -32.93 29.91 -38.61
N GLU A 431 -31.96 29.31 -39.29
CA GLU A 431 -30.94 30.00 -40.08
C GLU A 431 -30.40 31.27 -39.44
N GLU A 432 -29.88 31.13 -38.22
CA GLU A 432 -29.26 32.26 -37.50
C GLU A 432 -27.86 31.89 -37.03
N VAL A 433 -26.96 32.88 -37.06
CA VAL A 433 -25.65 32.75 -36.43
C VAL A 433 -25.52 33.84 -35.37
N THR A 434 -25.05 33.46 -34.18
CA THR A 434 -24.89 34.39 -33.08
C THR A 434 -23.45 34.39 -32.58
N ILE A 435 -22.83 35.57 -32.59
CA ILE A 435 -21.46 35.75 -32.11
C ILE A 435 -21.47 36.40 -30.73
N PHE A 436 -20.92 35.69 -29.75
CA PHE A 436 -20.71 36.24 -28.42
C PHE A 436 -19.27 36.71 -28.33
N ALA A 437 -19.07 37.97 -27.96
CA ALA A 437 -17.73 38.55 -27.91
C ALA A 437 -17.53 39.45 -26.69
N VAL A 438 -16.38 39.29 -26.04
CA VAL A 438 -16.00 40.15 -24.92
C VAL A 438 -14.62 40.76 -25.13
N ASN A 439 -14.48 42.00 -24.66
CA ASN A 439 -13.25 42.74 -24.73
C ASN A 439 -13.00 43.51 -23.45
N ARG A 440 -12.71 42.75 -22.41
CA ARG A 440 -11.43 42.68 -21.74
C ARG A 440 -10.27 43.47 -22.27
N ASN A 441 -10.54 44.54 -22.99
CA ASN A 441 -9.70 45.70 -22.88
C ASN A 441 -10.39 46.93 -23.42
N ILE A 442 -11.40 47.38 -22.70
CA ILE A 442 -11.21 47.85 -21.34
C ILE A 442 -10.37 49.11 -21.26
N HIS A 443 -9.88 49.57 -22.41
CA HIS A 443 -8.91 50.64 -22.44
C HIS A 443 -8.96 51.44 -23.73
N GLU A 444 -9.66 50.93 -24.72
CA GLU A 444 -9.05 50.37 -25.91
C GLU A 444 -10.17 49.65 -26.68
N ASP A 445 -11.03 50.43 -27.38
CA ASP A 445 -12.03 49.87 -28.29
C ASP A 445 -11.31 49.19 -29.43
N ILE A 446 -11.85 48.06 -29.90
CA ILE A 446 -11.27 47.36 -31.05
C ILE A 446 -12.34 46.91 -32.04
N VAL A 447 -11.98 46.93 -33.32
CA VAL A 447 -12.87 46.50 -34.39
C VAL A 447 -12.63 45.02 -34.71
N LEU A 448 -13.70 44.23 -34.59
CA LEU A 448 -13.63 42.80 -34.90
C LEU A 448 -14.15 42.52 -36.31
N VAL A 449 -13.24 42.16 -37.20
CA VAL A 449 -13.60 41.77 -38.56
C VAL A 449 -13.91 40.27 -38.59
N SER A 450 -15.20 39.95 -38.61
CA SER A 450 -15.67 38.57 -38.65
C SER A 450 -15.95 38.10 -40.07
N ASP A 451 -15.05 37.25 -40.58
CA ASP A 451 -15.18 36.67 -41.91
C ASP A 451 -16.11 35.47 -41.87
N VAL A 452 -17.41 35.74 -42.05
CA VAL A 452 -18.39 34.67 -42.17
C VAL A 452 -18.22 34.04 -43.55
N ARG A 453 -17.80 32.77 -43.57
CA ARG A 453 -17.39 32.08 -44.80
C ARG A 453 -18.49 31.15 -45.30
N GLY A 454 -19.68 31.34 -44.74
CA GLY A 454 -20.90 30.58 -45.04
C GLY A 454 -21.84 31.08 -46.13
N MET A 455 -22.72 32.02 -45.83
CA MET A 455 -22.48 33.09 -44.88
C MET A 455 -21.50 34.11 -45.45
N ARG A 459 -27.12 38.68 -43.40
CA ARG A 459 -28.06 39.75 -43.11
C ARG A 459 -28.12 40.08 -41.62
N LEU A 460 -27.42 41.14 -41.26
CA LEU A 460 -27.35 41.61 -39.89
C LEU A 460 -28.74 41.77 -39.33
N LEU A 461 -28.88 41.53 -38.04
CA LEU A 461 -30.18 41.28 -37.47
C LEU A 461 -30.37 42.16 -36.25
N GLU A 462 -29.53 41.95 -35.27
CA GLU A 462 -29.22 43.00 -34.31
C GLU A 462 -27.83 42.83 -33.74
N HIS A 463 -27.40 43.84 -33.03
CA HIS A 463 -26.18 43.81 -32.23
C HIS A 463 -26.47 44.28 -30.80
N ILE A 464 -26.69 43.33 -29.89
CA ILE A 464 -26.97 43.64 -28.50
C ILE A 464 -25.66 43.84 -27.73
N VAL A 465 -25.63 44.88 -26.90
CA VAL A 465 -24.41 45.25 -26.18
C VAL A 465 -24.67 45.42 -24.68
N LEU A 466 -23.64 45.21 -23.87
CA LEU A 466 -23.74 45.37 -22.42
C LEU A 466 -22.51 46.10 -21.88
N GLU A 467 -22.70 47.37 -21.55
CA GLU A 467 -21.58 48.25 -21.21
C GLU A 467 -21.88 49.20 -20.04
N HIS A 468 -20.81 49.81 -19.53
CA HIS A 468 -20.90 50.93 -18.59
C HIS A 468 -19.55 51.64 -18.53
N GLN A 469 -19.59 52.91 -18.13
CA GLN A 469 -18.37 53.70 -17.97
C GLN A 469 -17.71 53.40 -16.62
N ASP A 470 -18.48 52.81 -15.70
CA ASP A 470 -18.02 52.55 -14.35
C ASP A 470 -18.11 51.05 -14.04
N LEU A 471 -16.95 50.40 -14.01
CA LEU A 471 -16.84 48.95 -13.93
C LEU A 471 -17.40 48.42 -12.61
N LYS A 472 -17.41 49.30 -11.61
CA LYS A 472 -17.85 48.98 -10.26
C LYS A 472 -19.33 49.26 -10.02
N ILE A 473 -20.01 49.78 -11.04
CA ILE A 473 -21.44 50.12 -10.92
C ILE A 473 -22.28 48.85 -10.72
N ARG A 474 -23.34 48.99 -9.93
CA ARG A 474 -24.17 47.86 -9.57
C ARG A 474 -25.64 48.10 -9.86
N ASN A 475 -26.43 47.04 -9.81
CA ASN A 475 -27.89 47.14 -9.85
C ASN A 475 -28.46 47.08 -8.45
N SER A 476 -29.70 47.53 -8.30
CA SER A 476 -30.39 47.47 -7.00
C SER A 476 -31.90 47.35 -7.21
N VAL A 477 -32.64 47.45 -6.12
CA VAL A 477 -34.09 47.38 -6.14
C VAL A 477 -34.74 48.55 -6.91
N ASN A 478 -33.92 49.55 -7.19
CA ASN A 478 -34.30 50.75 -7.90
C ASN A 478 -33.60 50.93 -9.26
N GLY A 479 -33.66 49.91 -10.13
CA GLY A 479 -32.80 49.88 -11.32
C GLY A 479 -31.39 49.45 -10.92
N GLU A 480 -30.77 48.55 -11.69
CA GLU A 480 -30.81 48.50 -13.15
C GLU A 480 -30.02 49.51 -13.95
N GLU A 481 -28.75 49.62 -13.59
CA GLU A 481 -27.80 50.47 -14.27
C GLU A 481 -27.06 49.68 -15.33
N VAL A 482 -27.05 48.36 -15.16
CA VAL A 482 -26.68 47.46 -16.23
C VAL A 482 -27.90 46.80 -16.83
N TYR A 483 -28.10 47.03 -18.12
CA TYR A 483 -29.19 46.34 -18.84
C TYR A 483 -28.85 46.32 -20.34
N PRO A 484 -29.38 45.35 -21.11
CA PRO A 484 -29.01 45.24 -22.52
C PRO A 484 -29.48 46.42 -23.36
N LYS A 485 -28.51 47.17 -23.90
CA LYS A 485 -28.79 48.23 -24.86
C LYS A 485 -28.73 47.62 -26.26
N ASN A 486 -29.78 47.86 -27.03
CA ASN A 486 -29.95 47.26 -28.36
C ASN A 486 -29.45 48.22 -29.43
N SER A 487 -28.13 48.24 -29.65
CA SER A 487 -27.52 49.30 -30.48
C SER A 487 -26.57 48.97 -31.61
N ASP A 488 -25.86 50.03 -32.02
CA ASP A 488 -24.61 50.00 -32.81
C ASP A 488 -24.85 50.12 -34.34
N LYS A 489 -23.86 49.80 -35.17
CA LYS A 489 -22.44 49.94 -34.87
C LYS A 489 -21.64 48.67 -35.09
N PHE A 492 -23.29 44.37 -41.92
CA PHE A 492 -22.82 43.51 -42.99
C PHE A 492 -22.31 44.34 -44.17
N ASP A 493 -21.39 43.77 -44.94
CA ASP A 493 -21.40 43.99 -46.40
C ASP A 493 -21.64 42.70 -47.19
N ASP A 494 -20.58 42.14 -47.78
CA ASP A 494 -20.68 40.91 -48.55
C ASP A 494 -20.71 39.71 -47.60
N GLY A 495 -19.59 38.98 -47.51
CA GLY A 495 -19.45 37.89 -46.56
C GLY A 495 -18.61 38.29 -45.36
N ILE A 496 -18.61 39.58 -45.05
CA ILE A 496 -17.79 40.10 -43.95
C ILE A 496 -18.61 40.93 -42.97
N LEU A 497 -18.43 40.63 -41.67
CA LEU A 497 -19.00 41.42 -40.58
C LEU A 497 -17.90 42.19 -39.90
N THR A 498 -18.08 43.51 -39.76
CA THR A 498 -17.14 44.34 -39.02
C THR A 498 -17.82 44.93 -37.79
N SER A 499 -17.22 44.73 -36.63
CA SER A 499 -17.84 45.13 -35.36
C SER A 499 -16.90 45.89 -34.45
N MET A 500 -17.15 47.19 -34.32
CA MET A 500 -16.62 48.01 -33.25
C MET A 500 -17.13 47.53 -31.90
N LEU A 501 -16.17 47.15 -31.04
CA LEU A 501 -16.48 46.59 -29.73
C LEU A 501 -15.86 47.45 -28.63
N ARG A 502 -16.72 47.96 -27.75
CA ARG A 502 -16.35 48.96 -26.75
C ARG A 502 -15.41 48.36 -25.71
N ARG A 503 -14.55 49.22 -25.15
CA ARG A 503 -13.53 48.79 -24.19
C ARG A 503 -14.13 48.29 -22.88
N ALA A 504 -14.12 46.96 -22.79
CA ALA A 504 -14.95 46.13 -21.94
C ALA A 504 -16.42 46.30 -22.28
N SER A 505 -16.94 45.32 -23.00
CA SER A 505 -18.37 45.07 -23.05
C SER A 505 -18.67 43.65 -23.49
N TRP A 506 -19.89 43.24 -23.20
CA TRP A 506 -20.42 41.96 -23.59
C TRP A 506 -21.24 42.20 -24.86
N ASN A 507 -20.89 41.48 -25.92
CA ASN A 507 -21.50 41.71 -27.23
C ASN A 507 -22.20 40.47 -27.78
N VAL A 508 -23.43 40.68 -28.26
CA VAL A 508 -24.22 39.63 -28.90
C VAL A 508 -24.57 40.10 -30.31
N ILE A 509 -23.87 39.54 -31.30
CA ILE A 509 -24.05 39.94 -32.70
C ILE A 509 -24.80 38.84 -33.45
N ARG A 510 -25.92 39.23 -34.05
CA ARG A 510 -26.84 38.27 -34.66
C ARG A 510 -27.05 38.49 -36.16
N ILE A 511 -26.88 37.41 -36.92
CA ILE A 511 -27.04 37.42 -38.39
C ILE A 511 -28.12 36.42 -38.80
N GLY A 512 -28.87 36.75 -39.85
CA GLY A 512 -29.90 35.87 -40.39
C GLY A 512 -29.69 35.54 -41.85
N LYS B 13 -12.73 -52.43 -19.62
CA LYS B 13 -12.66 -53.04 -18.27
C LYS B 13 -11.99 -52.10 -17.27
N ALA B 14 -12.62 -51.94 -16.10
CA ALA B 14 -12.08 -51.14 -15.01
C ALA B 14 -12.16 -51.87 -13.69
N ARG B 15 -11.01 -51.79 -13.02
CA ARG B 15 -10.68 -52.27 -11.71
C ARG B 15 -10.78 -51.18 -10.67
N MET B 16 -11.37 -51.57 -9.55
CA MET B 16 -11.47 -50.77 -8.36
C MET B 16 -11.54 -51.70 -7.16
N THR B 17 -10.92 -51.22 -6.10
CA THR B 17 -10.57 -51.95 -4.90
C THR B 17 -11.20 -51.22 -3.71
N VAL B 18 -12.00 -51.94 -2.93
CA VAL B 18 -12.80 -51.37 -1.84
C VAL B 18 -12.35 -51.97 -0.50
N ASP B 19 -11.84 -51.09 0.37
CA ASP B 19 -11.18 -51.51 1.60
C ASP B 19 -11.68 -50.66 2.78
N LYS B 20 -12.26 -51.34 3.78
CA LYS B 20 -12.86 -50.66 4.93
C LYS B 20 -11.84 -50.00 5.86
N ASP B 21 -10.60 -50.49 5.84
CA ASP B 21 -9.50 -49.88 6.58
C ASP B 21 -9.05 -48.59 5.89
N TYR B 22 -9.77 -48.19 4.85
CA TYR B 22 -9.33 -47.10 4.00
C TYR B 22 -10.31 -45.93 3.96
N LYS B 23 -10.40 -45.21 5.07
CA LYS B 23 -11.33 -44.09 5.18
C LYS B 23 -10.76 -42.82 4.58
N ILE B 24 -11.65 -41.99 4.05
CA ILE B 24 -11.34 -40.59 3.76
C ILE B 24 -11.94 -39.77 4.89
N ALA B 25 -13.23 -39.99 5.16
CA ALA B 25 -13.94 -39.31 6.24
C ALA B 25 -15.35 -39.85 6.47
N GLU B 26 -15.93 -39.46 7.61
CA GLU B 26 -17.34 -39.64 7.88
C GLU B 26 -18.10 -38.55 7.10
N ILE B 27 -19.17 -38.95 6.42
CA ILE B 27 -20.02 -37.99 5.72
C ILE B 27 -20.85 -37.17 6.71
N ASP B 28 -20.80 -35.85 6.54
CA ASP B 28 -21.70 -34.95 7.23
C ASP B 28 -22.95 -34.84 6.36
N LYS B 29 -24.09 -35.22 6.92
CA LYS B 29 -25.35 -35.25 6.17
C LYS B 29 -25.71 -33.90 5.52
N ARG B 30 -25.11 -32.82 6.02
CA ARG B 30 -25.37 -31.48 5.51
C ARG B 30 -24.80 -31.22 4.12
N ILE B 31 -24.06 -32.19 3.57
CA ILE B 31 -23.58 -32.10 2.18
C ILE B 31 -24.72 -32.42 1.20
N TYR B 32 -25.84 -32.89 1.73
CA TYR B 32 -27.05 -33.13 0.95
C TYR B 32 -28.07 -32.02 1.22
N GLY B 33 -27.57 -30.83 1.52
CA GLY B 33 -28.42 -29.67 1.74
C GLY B 33 -28.88 -29.04 0.44
N SER B 34 -29.77 -28.08 0.55
CA SER B 34 -30.25 -27.32 -0.60
C SER B 34 -30.39 -25.84 -0.25
N PHE B 35 -31.10 -25.09 -1.10
CA PHE B 35 -31.07 -23.64 -1.05
C PHE B 35 -32.36 -23.06 -1.66
N VAL B 36 -33.05 -22.23 -0.89
CA VAL B 36 -34.23 -21.51 -1.38
C VAL B 36 -34.00 -20.00 -1.31
N GLU B 37 -34.06 -19.36 -2.46
CA GLU B 37 -33.94 -17.91 -2.56
C GLU B 37 -35.29 -17.30 -2.91
N HIS B 38 -35.53 -16.08 -2.43
CA HIS B 38 -36.67 -15.30 -2.88
C HIS B 38 -36.41 -14.84 -4.32
N LEU B 39 -36.59 -15.78 -5.24
CA LEU B 39 -36.22 -15.62 -6.63
C LEU B 39 -37.29 -16.31 -7.47
N GLY B 40 -37.80 -15.61 -8.47
CA GLY B 40 -38.78 -16.18 -9.38
C GLY B 40 -39.93 -16.86 -8.68
N ARG B 41 -40.17 -18.12 -9.03
CA ARG B 41 -41.28 -18.89 -8.47
C ARG B 41 -40.84 -19.90 -7.41
N ALA B 42 -39.71 -19.65 -6.76
CA ALA B 42 -39.21 -20.54 -5.72
C ALA B 42 -40.12 -20.53 -4.48
N VAL B 43 -40.56 -19.34 -4.08
CA VAL B 43 -41.44 -19.21 -2.92
C VAL B 43 -42.88 -19.03 -3.39
N TYR B 44 -43.16 -17.90 -4.04
CA TYR B 44 -44.50 -17.58 -4.51
C TYR B 44 -44.76 -18.32 -5.82
N ASP B 45 -45.94 -18.95 -5.91
CA ASP B 45 -46.27 -19.89 -6.98
C ASP B 45 -45.24 -21.04 -7.03
N GLY B 46 -44.76 -21.42 -5.85
CA GLY B 46 -43.81 -22.52 -5.69
C GLY B 46 -44.13 -23.32 -4.45
N LEU B 47 -43.32 -23.15 -3.41
CA LEU B 47 -43.55 -23.82 -2.14
C LEU B 47 -44.73 -23.23 -1.38
N TYR B 48 -45.00 -21.95 -1.65
CA TYR B 48 -46.05 -21.20 -0.95
C TYR B 48 -47.15 -20.73 -1.91
N GLN B 49 -48.32 -21.37 -1.79
CA GLN B 49 -49.48 -21.05 -2.63
C GLN B 49 -50.76 -21.08 -1.80
N PRO B 50 -51.10 -19.94 -1.15
CA PRO B 50 -52.23 -19.82 -0.21
C PRO B 50 -53.54 -20.48 -0.63
N GLY B 51 -54.18 -19.97 -1.68
CA GLY B 51 -55.52 -20.42 -2.05
C GLY B 51 -55.66 -21.79 -2.70
N ASN B 52 -54.55 -22.52 -2.79
CA ASN B 52 -54.50 -23.78 -3.53
C ASN B 52 -55.12 -24.98 -2.83
N SER B 53 -55.75 -25.86 -3.59
CA SER B 53 -56.29 -27.09 -3.05
C SER B 53 -55.23 -27.98 -2.45
N LYS B 54 -54.02 -27.88 -2.96
CA LYS B 54 -52.98 -28.83 -2.60
C LYS B 54 -52.15 -28.37 -1.41
N SER B 55 -52.57 -27.27 -0.81
CA SER B 55 -51.86 -26.70 0.33
C SER B 55 -52.68 -26.89 1.60
N ASP B 56 -52.02 -27.38 2.65
CA ASP B 56 -52.14 -26.80 4.01
C ASP B 56 -52.68 -25.43 4.40
N GLU B 57 -53.06 -25.32 5.68
CA GLU B 57 -53.66 -24.09 6.24
C GLU B 57 -52.67 -22.94 6.35
N ASP B 58 -51.37 -23.24 6.25
CA ASP B 58 -50.34 -22.22 6.26
C ASP B 58 -50.06 -21.71 4.84
N GLY B 59 -50.63 -22.39 3.85
CA GLY B 59 -50.47 -22.02 2.44
C GLY B 59 -49.36 -22.78 1.74
N PHE B 60 -48.78 -23.75 2.42
CA PHE B 60 -47.70 -24.56 1.85
C PHE B 60 -48.25 -25.72 1.04
N ARG B 61 -47.74 -25.89 -0.18
CA ARG B 61 -48.10 -27.01 -1.04
C ARG B 61 -47.63 -28.34 -0.42
N LYS B 62 -48.59 -29.20 -0.11
CA LYS B 62 -48.32 -30.45 0.60
C LYS B 62 -47.58 -31.47 -0.26
N ASP B 63 -47.87 -31.47 -1.56
CA ASP B 63 -47.17 -32.33 -2.53
C ASP B 63 -45.70 -31.95 -2.67
N VAL B 64 -45.42 -30.65 -2.62
CA VAL B 64 -44.06 -30.12 -2.63
C VAL B 64 -43.31 -30.60 -1.38
N ILE B 65 -43.97 -30.47 -0.23
CA ILE B 65 -43.42 -30.91 1.06
C ILE B 65 -43.01 -32.38 1.02
N GLU B 66 -43.85 -33.22 0.41
CA GLU B 66 -43.56 -34.66 0.28
C GLU B 66 -42.35 -34.92 -0.61
N LEU B 67 -42.21 -34.13 -1.67
CA LEU B 67 -41.10 -34.27 -2.62
C LEU B 67 -39.76 -33.84 -2.01
N VAL B 68 -39.80 -32.83 -1.14
CA VAL B 68 -38.59 -32.37 -0.44
C VAL B 68 -38.17 -33.43 0.59
N LYS B 69 -39.14 -33.93 1.36
CA LYS B 69 -38.90 -35.02 2.31
C LYS B 69 -38.35 -36.26 1.60
N GLU B 70 -38.82 -36.48 0.36
CA GLU B 70 -38.37 -37.58 -0.48
C GLU B 70 -36.89 -37.43 -0.84
N LEU B 71 -36.50 -36.20 -1.20
CA LEU B 71 -35.10 -35.88 -1.44
C LEU B 71 -34.27 -36.02 -0.16
N ASN B 72 -34.92 -35.77 0.98
CA ASN B 72 -34.27 -35.84 2.29
C ASN B 72 -33.15 -34.80 2.39
N VAL B 73 -33.53 -33.58 2.72
CA VAL B 73 -32.59 -32.45 2.79
C VAL B 73 -32.50 -31.95 4.22
N PRO B 74 -31.34 -32.17 4.88
CA PRO B 74 -31.17 -31.83 6.30
C PRO B 74 -31.03 -30.33 6.57
N ILE B 75 -30.53 -29.57 5.59
CA ILE B 75 -30.28 -28.14 5.78
C ILE B 75 -30.61 -27.34 4.52
N ILE B 76 -31.25 -26.19 4.70
CA ILE B 76 -31.63 -25.32 3.58
C ILE B 76 -31.13 -23.89 3.76
N ARG B 77 -30.34 -23.43 2.79
CA ARG B 77 -29.83 -22.07 2.75
C ARG B 77 -30.96 -21.09 2.38
N TYR B 78 -30.99 -19.95 3.06
CA TYR B 78 -32.10 -19.00 2.95
C TYR B 78 -31.68 -17.63 3.52
N PRO B 79 -32.19 -16.52 2.93
CA PRO B 79 -33.04 -16.39 1.74
C PRO B 79 -32.26 -16.02 0.47
N GLY B 80 -30.94 -16.21 0.49
CA GLY B 80 -30.11 -15.86 -0.65
C GLY B 80 -28.64 -16.14 -0.44
N GLY B 81 -27.84 -15.99 -1.50
CA GLY B 81 -28.37 -15.56 -2.80
C GLY B 81 -28.33 -14.05 -2.94
N ASN B 82 -28.54 -13.57 -4.15
CA ASN B 82 -28.21 -12.19 -4.48
C ASN B 82 -29.28 -11.30 -3.88
N PHE B 83 -30.38 -11.94 -3.50
CA PHE B 83 -31.50 -11.28 -2.87
C PHE B 83 -31.17 -10.75 -1.48
N VAL B 84 -30.31 -11.45 -0.74
CA VAL B 84 -30.04 -11.10 0.64
C VAL B 84 -29.21 -9.80 0.77
N SER B 85 -28.49 -9.44 -0.29
CA SER B 85 -27.57 -8.30 -0.26
C SER B 85 -28.25 -6.93 -0.15
N ASN B 86 -29.56 -6.89 -0.37
CA ASN B 86 -30.34 -5.67 -0.19
C ASN B 86 -31.70 -5.97 0.45
N TYR B 87 -31.73 -7.01 1.28
CA TYR B 87 -32.94 -7.44 1.97
C TYR B 87 -32.95 -6.90 3.39
N PHE B 88 -34.14 -6.49 3.83
CA PHE B 88 -34.34 -6.00 5.18
C PHE B 88 -35.30 -6.94 5.91
N TRP B 89 -34.73 -7.82 6.74
CA TRP B 89 -35.46 -8.92 7.36
C TRP B 89 -36.72 -8.49 8.13
N GLU B 90 -36.72 -7.28 8.67
CA GLU B 90 -37.88 -6.74 9.39
C GLU B 90 -39.13 -6.66 8.50
N ASP B 91 -38.91 -6.48 7.20
CA ASP B 91 -40.00 -6.41 6.22
C ASP B 91 -40.76 -7.73 6.10
N GLY B 92 -40.16 -8.83 6.56
CA GLY B 92 -40.77 -10.16 6.45
C GLY B 92 -41.31 -10.75 7.74
N VAL B 93 -41.34 -9.94 8.81
CA VAL B 93 -41.89 -10.38 10.09
C VAL B 93 -43.02 -9.46 10.57
N GLY B 94 -43.74 -9.93 11.59
CA GLY B 94 -44.85 -9.17 12.18
C GLY B 94 -46.14 -9.33 11.40
N PRO B 95 -47.18 -8.57 11.78
CA PRO B 95 -48.47 -8.61 11.09
C PRO B 95 -48.30 -8.47 9.58
N VAL B 96 -48.86 -9.44 8.85
CA VAL B 96 -48.72 -9.51 7.39
C VAL B 96 -49.23 -8.25 6.66
N GLU B 97 -50.26 -7.61 7.22
CA GLU B 97 -50.84 -6.38 6.63
C GLU B 97 -49.86 -5.21 6.66
N ASP B 98 -48.93 -5.24 7.62
CA ASP B 98 -47.99 -4.14 7.83
C ASP B 98 -46.65 -4.36 7.11
N ARG B 99 -46.50 -5.52 6.48
CA ARG B 99 -45.28 -5.84 5.73
C ARG B 99 -45.30 -5.09 4.39
N PRO B 100 -44.23 -4.33 4.10
CA PRO B 100 -44.18 -3.56 2.87
C PRO B 100 -43.70 -4.37 1.67
N ARG B 101 -44.13 -3.95 0.47
CA ARG B 101 -43.59 -4.49 -0.77
C ARG B 101 -42.29 -3.76 -1.09
N ARG B 102 -41.26 -4.52 -1.43
CA ARG B 102 -39.93 -3.94 -1.68
C ARG B 102 -39.43 -4.26 -3.08
N LEU B 103 -38.59 -3.37 -3.61
CA LEU B 103 -37.90 -3.62 -4.86
C LEU B 103 -36.75 -4.60 -4.61
N ASP B 104 -36.77 -5.71 -5.32
CA ASP B 104 -35.64 -6.62 -5.34
C ASP B 104 -34.75 -6.24 -6.52
N LEU B 105 -33.63 -5.60 -6.22
CA LEU B 105 -32.74 -5.08 -7.27
C LEU B 105 -32.00 -6.20 -7.97
N ALA B 106 -31.76 -7.28 -7.25
CA ALA B 106 -31.04 -8.44 -7.77
C ALA B 106 -31.73 -9.07 -8.97
N TRP B 107 -33.05 -9.23 -8.89
CA TRP B 107 -33.81 -9.94 -9.92
C TRP B 107 -34.93 -9.10 -10.53
N LYS B 108 -34.82 -7.78 -10.38
CA LYS B 108 -35.80 -6.82 -10.95
C LYS B 108 -37.26 -7.22 -10.70
N SER B 109 -37.56 -7.56 -9.45
CA SER B 109 -38.88 -8.04 -9.07
C SER B 109 -39.42 -7.28 -7.85
N ILE B 110 -40.72 -7.40 -7.63
CA ILE B 110 -41.34 -6.88 -6.41
C ILE B 110 -41.44 -8.01 -5.39
N GLU B 111 -40.82 -7.82 -4.24
CA GLU B 111 -40.92 -8.77 -3.14
C GLU B 111 -42.07 -8.36 -2.22
N PRO B 112 -43.15 -9.16 -2.20
CA PRO B 112 -44.33 -8.83 -1.38
C PRO B 112 -44.13 -9.14 0.11
N ASN B 113 -43.08 -9.88 0.43
CA ASN B 113 -42.70 -10.22 1.81
C ASN B 113 -43.76 -11.00 2.61
N GLN B 114 -44.67 -11.66 1.90
CA GLN B 114 -45.70 -12.49 2.54
C GLN B 114 -45.08 -13.68 3.26
N VAL B 115 -44.01 -14.22 2.68
CA VAL B 115 -43.20 -15.23 3.33
C VAL B 115 -41.92 -14.57 3.85
N GLY B 116 -41.62 -14.83 5.11
CA GLY B 116 -40.43 -14.30 5.74
C GLY B 116 -40.12 -15.01 7.03
N ILE B 117 -39.10 -15.84 7.01
CA ILE B 117 -38.41 -16.21 8.24
C ILE B 117 -39.02 -17.19 9.27
N ASN B 118 -39.75 -16.69 10.27
CA ASN B 118 -41.14 -17.11 10.55
C ASN B 118 -41.87 -18.13 9.69
N GLU B 119 -42.16 -17.76 8.47
CA GLU B 119 -42.97 -18.61 7.63
C GLU B 119 -42.32 -19.76 6.87
N PHE B 120 -41.19 -19.48 6.23
CA PHE B 120 -40.02 -20.34 6.17
C PHE B 120 -39.58 -21.26 7.31
N ALA B 121 -39.51 -20.77 8.54
CA ALA B 121 -39.09 -21.62 9.63
C ALA B 121 -40.04 -22.81 9.82
N LYS B 122 -41.34 -22.56 9.78
CA LYS B 122 -42.32 -23.64 9.93
C LYS B 122 -42.47 -24.51 8.68
N TRP B 123 -42.05 -23.99 7.52
CA TRP B 123 -41.98 -24.79 6.31
C TRP B 123 -40.83 -25.81 6.41
N CYS B 124 -39.71 -25.36 6.96
CA CYS B 124 -38.55 -26.21 7.19
C CYS B 124 -38.83 -27.31 8.21
N LYS B 125 -39.65 -26.99 9.21
CA LYS B 125 -40.13 -27.98 10.17
C LYS B 125 -40.89 -29.10 9.48
N LYS B 126 -41.73 -28.71 8.52
CA LYS B 126 -42.58 -29.65 7.79
C LYS B 126 -41.80 -30.52 6.80
N VAL B 127 -40.65 -30.02 6.34
CA VAL B 127 -39.79 -30.79 5.44
C VAL B 127 -38.59 -31.43 6.16
N ASN B 128 -38.61 -31.36 7.49
CA ASN B 128 -37.57 -31.93 8.36
C ASN B 128 -36.16 -31.38 8.07
N ALA B 129 -36.09 -30.07 7.88
CA ALA B 129 -34.84 -29.40 7.54
C ALA B 129 -34.53 -28.28 8.53
N GLU B 130 -33.24 -28.01 8.72
CA GLU B 130 -32.81 -26.85 9.49
C GLU B 130 -32.50 -25.70 8.53
N ILE B 131 -32.60 -24.48 9.04
CA ILE B 131 -32.30 -23.29 8.26
C ILE B 131 -30.80 -22.96 8.35
N MET B 132 -30.23 -22.61 7.20
CA MET B 132 -28.93 -21.94 7.16
C MET B 132 -29.20 -20.50 6.73
N MET B 133 -29.17 -19.59 7.69
CA MET B 133 -29.60 -18.21 7.46
C MET B 133 -28.48 -17.30 6.95
N ALA B 134 -28.76 -16.61 5.84
CA ALA B 134 -27.85 -15.59 5.32
C ALA B 134 -28.28 -14.21 5.81
N VAL B 135 -27.29 -13.41 6.19
CA VAL B 135 -27.54 -12.03 6.64
C VAL B 135 -27.14 -11.03 5.56
N ASN B 136 -27.81 -9.87 5.55
CA ASN B 136 -27.49 -8.80 4.62
C ASN B 136 -26.19 -8.09 5.02
N LEU B 137 -25.13 -8.34 4.26
CA LEU B 137 -23.88 -7.59 4.42
C LEU B 137 -23.54 -6.78 3.17
N GLY B 138 -24.55 -6.58 2.32
CA GLY B 138 -24.41 -5.72 1.15
C GLY B 138 -24.68 -4.28 1.51
N THR B 139 -25.93 -4.00 1.90
CA THR B 139 -26.35 -2.65 2.28
C THR B 139 -26.50 -2.47 3.80
N ARG B 140 -26.33 -3.57 4.55
CA ARG B 140 -26.43 -3.54 6.01
C ARG B 140 -25.16 -4.11 6.66
N GLY B 141 -25.07 -4.00 7.99
CA GLY B 141 -23.85 -4.36 8.69
C GLY B 141 -24.00 -5.15 9.98
N ILE B 142 -23.11 -4.87 10.92
CA ILE B 142 -22.95 -5.65 12.16
C ILE B 142 -24.21 -5.71 13.02
N SER B 143 -24.74 -4.54 13.38
CA SER B 143 -25.86 -4.45 14.32
C SER B 143 -27.13 -5.11 13.80
N ASP B 144 -27.35 -5.06 12.48
CA ASP B 144 -28.51 -5.69 11.86
C ASP B 144 -28.40 -7.21 11.89
N ALA B 145 -27.18 -7.72 11.72
CA ALA B 145 -26.92 -9.15 11.82
C ALA B 145 -27.11 -9.62 13.26
N CYS B 146 -26.71 -8.77 14.21
CA CYS B 146 -26.93 -9.03 15.63
C CYS B 146 -28.41 -9.06 15.98
N ASN B 147 -29.17 -8.12 15.42
CA ASN B 147 -30.62 -8.04 15.63
C ASN B 147 -31.33 -9.31 15.18
N LEU B 148 -30.99 -9.78 13.98
CA LEU B 148 -31.60 -10.98 13.40
C LEU B 148 -31.23 -12.24 14.17
N LEU B 149 -29.99 -12.32 14.63
CA LEU B 149 -29.53 -13.45 15.44
C LEU B 149 -30.24 -13.49 16.79
N GLU B 150 -30.38 -12.32 17.42
CA GLU B 150 -31.13 -12.19 18.68
C GLU B 150 -32.58 -12.60 18.48
N TYR B 151 -33.18 -12.09 17.41
CA TYR B 151 -34.56 -12.42 17.04
C TYR B 151 -34.76 -13.94 16.93
N CYS B 152 -33.82 -14.61 16.26
CA CYS B 152 -33.94 -16.03 15.96
C CYS B 152 -33.50 -16.96 17.09
N ASN B 153 -32.43 -16.60 17.80
CA ASN B 153 -31.77 -17.53 18.73
C ASN B 153 -31.91 -17.25 20.23
N HIS B 154 -32.09 -15.99 20.59
CA HIS B 154 -32.22 -15.64 22.01
C HIS B 154 -33.61 -16.01 22.55
N PRO B 155 -33.67 -16.69 23.71
CA PRO B 155 -34.93 -17.21 24.28
C PRO B 155 -35.99 -16.13 24.49
N GLY B 156 -35.63 -15.02 25.12
CA GLY B 156 -36.56 -13.94 25.42
C GLY B 156 -36.00 -12.96 26.43
N GLY B 157 -36.75 -11.90 26.70
CA GLY B 157 -36.37 -10.91 27.69
C GLY B 157 -35.49 -9.78 27.16
N SER B 158 -35.47 -9.62 25.84
CA SER B 158 -34.77 -8.51 25.19
C SER B 158 -35.55 -8.02 23.96
N LYS B 159 -35.16 -6.87 23.43
CA LYS B 159 -35.91 -6.18 22.37
C LYS B 159 -36.36 -7.08 21.22
N TYR B 160 -35.41 -7.77 20.60
CA TYR B 160 -35.68 -8.54 19.38
C TYR B 160 -36.16 -9.96 19.62
N SER B 161 -35.80 -10.53 20.77
CA SER B 161 -36.29 -11.85 21.16
C SER B 161 -37.76 -11.79 21.56
N ASP B 162 -38.14 -10.76 22.32
CA ASP B 162 -39.55 -10.53 22.69
C ASP B 162 -40.39 -10.22 21.47
N MET B 163 -39.76 -9.62 20.46
CA MET B 163 -40.41 -9.29 19.20
C MET B 163 -40.85 -10.55 18.46
N ARG B 164 -40.00 -11.58 18.49
CA ARG B 164 -40.32 -12.89 17.91
C ARG B 164 -41.49 -13.55 18.66
N ILE B 165 -41.45 -13.48 19.99
CA ILE B 165 -42.51 -14.01 20.85
C ILE B 165 -43.85 -13.33 20.54
N LYS B 166 -43.80 -12.00 20.37
CA LYS B 166 -44.98 -11.22 20.01
C LYS B 166 -45.51 -11.59 18.61
N HIS B 167 -44.60 -11.95 17.72
CA HIS B 167 -44.96 -12.32 16.34
C HIS B 167 -45.54 -13.72 16.21
N GLY B 168 -45.59 -14.46 17.31
CA GLY B 168 -46.25 -15.77 17.35
C GLY B 168 -45.34 -16.98 17.48
N VAL B 169 -44.05 -16.75 17.62
CA VAL B 169 -43.08 -17.84 17.78
C VAL B 169 -42.45 -17.78 19.16
N LYS B 170 -42.95 -18.62 20.07
CA LYS B 170 -42.52 -18.62 21.47
C LYS B 170 -41.09 -19.14 21.62
N GLU B 171 -40.82 -20.31 21.04
CA GLU B 171 -39.50 -20.91 21.10
C GLU B 171 -38.58 -20.31 20.03
N PRO B 172 -37.31 -20.05 20.40
CA PRO B 172 -36.34 -19.57 19.41
C PRO B 172 -36.10 -20.62 18.31
N HIS B 173 -35.83 -20.14 17.09
CA HIS B 173 -35.57 -21.03 15.95
C HIS B 173 -34.29 -21.83 16.11
N ASN B 174 -33.34 -21.30 16.87
CA ASN B 174 -32.02 -21.91 17.08
C ASN B 174 -31.32 -22.29 15.78
N ILE B 175 -31.14 -21.30 14.91
CA ILE B 175 -30.42 -21.49 13.67
C ILE B 175 -28.93 -21.63 13.97
N LYS B 176 -28.37 -22.77 13.55
CA LYS B 176 -27.02 -23.17 13.92
C LYS B 176 -25.96 -22.64 12.96
N VAL B 177 -26.28 -22.60 11.67
CA VAL B 177 -25.32 -22.13 10.66
C VAL B 177 -25.80 -20.84 10.00
N TRP B 178 -24.92 -19.85 9.97
CA TRP B 178 -25.24 -18.54 9.39
C TRP B 178 -24.24 -18.17 8.29
N CYS B 179 -24.76 -17.57 7.21
CA CYS B 179 -23.92 -17.09 6.11
C CYS B 179 -23.69 -15.59 6.23
N LEU B 180 -22.42 -15.20 6.28
CA LEU B 180 -22.05 -13.79 6.40
C LEU B 180 -22.15 -13.12 5.03
N GLY B 181 -23.38 -12.79 4.64
CA GLY B 181 -23.65 -12.20 3.34
C GLY B 181 -23.65 -13.22 2.21
N ASN B 182 -23.76 -12.72 0.99
CA ASN B 182 -23.65 -13.54 -0.22
C ASN B 182 -22.42 -13.07 -0.99
N ALA B 183 -21.90 -13.91 -1.88
CA ALA B 183 -20.73 -13.56 -2.70
C ALA B 183 -20.85 -12.12 -3.21
N MET B 184 -19.87 -11.29 -2.84
CA MET B 184 -19.94 -9.86 -3.11
C MET B 184 -18.79 -9.32 -3.96
N ASP B 185 -18.11 -10.20 -4.69
CA ASP B 185 -17.01 -9.81 -5.58
C ASP B 185 -17.48 -9.44 -6.98
N GLY B 186 -18.76 -9.71 -7.27
CA GLY B 186 -19.32 -9.48 -8.60
C GLY B 186 -19.79 -8.05 -8.82
N PRO B 187 -19.53 -7.49 -10.02
CA PRO B 187 -20.01 -6.15 -10.40
C PRO B 187 -21.52 -6.08 -10.67
N TRP B 188 -22.21 -7.22 -10.55
CA TRP B 188 -23.65 -7.29 -10.78
C TRP B 188 -24.43 -7.23 -9.46
N GLN B 189 -23.72 -7.30 -8.33
CA GLN B 189 -24.39 -7.37 -7.05
C GLN B 189 -24.35 -6.06 -6.28
N VAL B 190 -25.50 -5.68 -5.74
CA VAL B 190 -25.62 -4.50 -4.87
C VAL B 190 -24.84 -4.74 -3.58
N GLY B 191 -24.06 -3.74 -3.16
CA GLY B 191 -23.21 -3.87 -1.99
C GLY B 191 -21.95 -4.64 -2.27
N HIS B 192 -21.45 -4.52 -3.50
CA HIS B 192 -20.20 -5.15 -3.91
C HIS B 192 -19.05 -4.66 -3.02
N LYS B 193 -18.25 -5.61 -2.53
CA LYS B 193 -17.12 -5.31 -1.64
C LYS B 193 -15.81 -5.75 -2.29
N THR B 194 -14.71 -5.11 -1.90
CA THR B 194 -13.39 -5.62 -2.18
C THR B 194 -13.08 -6.70 -1.14
N MET B 195 -12.08 -7.54 -1.42
CA MET B 195 -11.70 -8.62 -0.50
C MET B 195 -11.32 -8.13 0.89
N ASP B 196 -10.71 -6.95 0.96
CA ASP B 196 -10.35 -6.33 2.24
C ASP B 196 -11.56 -5.74 2.95
N GLU B 197 -12.47 -5.13 2.18
CA GLU B 197 -13.69 -4.58 2.74
C GLU B 197 -14.56 -5.67 3.34
N TYR B 198 -14.78 -6.75 2.57
CA TYR B 198 -15.59 -7.87 3.06
C TYR B 198 -14.90 -8.62 4.19
N GLY B 199 -13.59 -8.84 4.05
CA GLY B 199 -12.80 -9.48 5.09
C GLY B 199 -13.00 -8.84 6.45
N ARG B 200 -12.95 -7.51 6.49
CA ARG B 200 -13.13 -6.75 7.71
C ARG B 200 -14.55 -6.83 8.26
N ILE B 201 -15.55 -6.66 7.39
CA ILE B 201 -16.95 -6.71 7.82
C ILE B 201 -17.37 -8.12 8.26
N ALA B 202 -16.83 -9.14 7.59
CA ALA B 202 -17.07 -10.53 7.98
C ALA B 202 -16.48 -10.83 9.34
N GLU B 203 -15.25 -10.35 9.56
CA GLU B 203 -14.55 -10.53 10.84
C GLU B 203 -15.34 -9.93 11.99
N GLU B 204 -15.79 -8.69 11.82
CA GLU B 204 -16.48 -7.97 12.89
C GLU B 204 -17.90 -8.46 13.13
N THR B 205 -18.61 -8.81 12.06
CA THR B 205 -19.93 -9.39 12.16
C THR B 205 -19.86 -10.73 12.89
N ALA B 206 -18.89 -11.57 12.48
CA ALA B 206 -18.68 -12.87 13.09
C ALA B 206 -18.32 -12.76 14.58
N ARG B 207 -17.44 -11.81 14.90
CA ARG B 207 -17.02 -11.55 16.27
C ARG B 207 -18.20 -11.19 17.17
N ALA B 208 -19.05 -10.31 16.67
CA ALA B 208 -20.21 -9.82 17.42
C ALA B 208 -21.29 -10.90 17.58
N MET B 209 -21.51 -11.67 16.52
CA MET B 209 -22.54 -12.71 16.52
C MET B 209 -22.24 -13.82 17.52
N LYS B 210 -20.98 -14.24 17.59
CA LYS B 210 -20.58 -15.30 18.52
C LYS B 210 -20.56 -14.86 19.98
N MET B 211 -20.71 -13.56 20.21
CA MET B 211 -20.89 -13.02 21.55
C MET B 211 -22.35 -13.16 22.00
N ILE B 212 -23.26 -13.14 21.04
CA ILE B 212 -24.69 -13.36 21.31
C ILE B 212 -24.98 -14.84 21.47
N ASP B 213 -24.45 -15.65 20.54
CA ASP B 213 -24.64 -17.09 20.57
C ASP B 213 -23.33 -17.79 20.17
N PRO B 214 -22.59 -18.30 21.17
CA PRO B 214 -21.32 -18.98 20.91
C PRO B 214 -21.47 -20.34 20.24
N SER B 215 -22.69 -20.89 20.24
CA SER B 215 -22.94 -22.23 19.71
C SER B 215 -23.07 -22.26 18.18
N ILE B 216 -23.24 -21.09 17.56
CA ILE B 216 -23.46 -21.02 16.12
C ILE B 216 -22.20 -21.26 15.29
N GLU B 217 -22.40 -21.62 14.03
CA GLU B 217 -21.32 -21.78 13.07
C GLU B 217 -21.48 -20.75 11.96
N LEU B 218 -20.36 -20.22 11.49
CA LEU B 218 -20.39 -19.11 10.53
C LEU B 218 -19.66 -19.42 9.23
N VAL B 219 -20.29 -19.02 8.13
CA VAL B 219 -19.73 -19.22 6.80
C VAL B 219 -19.27 -17.89 6.21
N ALA B 220 -17.99 -17.81 5.87
CA ALA B 220 -17.45 -16.67 5.15
C ALA B 220 -17.57 -16.92 3.65
N CYS B 221 -17.94 -15.87 2.91
CA CYS B 221 -18.14 -15.98 1.47
C CYS B 221 -16.85 -16.11 0.70
N GLY B 222 -16.81 -17.09 -0.19
CA GLY B 222 -15.74 -17.20 -1.17
C GLY B 222 -16.12 -16.39 -2.41
N SER B 223 -15.39 -16.63 -3.50
CA SER B 223 -15.67 -15.97 -4.77
C SER B 223 -16.99 -16.43 -5.36
N SER B 224 -17.58 -15.63 -6.25
CA SER B 224 -18.80 -16.01 -6.98
C SER B 224 -18.54 -17.27 -7.78
N SER B 225 -17.40 -17.30 -8.46
CA SER B 225 -16.95 -18.45 -9.23
C SER B 225 -15.43 -18.46 -9.21
N LYS B 226 -14.85 -19.58 -9.63
CA LYS B 226 -13.40 -19.70 -9.74
C LYS B 226 -12.82 -18.90 -10.90
N ASP B 227 -13.71 -18.41 -11.77
CA ASP B 227 -13.32 -17.65 -12.95
C ASP B 227 -13.09 -16.17 -12.66
N MET B 228 -13.54 -15.71 -11.49
CA MET B 228 -13.27 -14.36 -11.01
C MET B 228 -11.75 -14.20 -10.83
N PRO B 229 -11.18 -13.10 -11.38
CA PRO B 229 -9.73 -12.89 -11.30
C PRO B 229 -9.21 -12.80 -9.87
N THR B 230 -10.09 -12.45 -8.94
CA THR B 230 -9.73 -12.30 -7.53
C THR B 230 -9.78 -13.62 -6.75
N PHE B 231 -10.15 -14.71 -7.42
CA PHE B 231 -10.03 -16.05 -6.87
C PHE B 231 -8.59 -16.56 -7.05
N PRO B 232 -8.02 -17.20 -6.01
CA PRO B 232 -8.56 -17.47 -4.69
C PRO B 232 -8.06 -16.53 -3.59
N GLN B 233 -7.95 -15.24 -3.90
CA GLN B 233 -7.22 -14.31 -3.06
C GLN B 233 -7.98 -13.41 -2.07
N TRP B 234 -9.13 -12.85 -2.45
CA TRP B 234 -10.40 -13.38 -1.92
C TRP B 234 -10.40 -14.38 -0.76
N GLU B 235 -10.41 -15.66 -1.06
CA GLU B 235 -10.48 -16.69 -0.04
C GLU B 235 -9.38 -16.53 1.01
N ALA B 236 -8.15 -16.28 0.56
CA ALA B 236 -7.01 -16.07 1.45
C ALA B 236 -7.17 -14.82 2.32
N THR B 237 -7.51 -13.69 1.69
CA THR B 237 -7.68 -12.42 2.39
C THR B 237 -8.77 -12.49 3.45
N VAL B 238 -9.95 -12.96 3.04
CA VAL B 238 -11.11 -13.08 3.94
C VAL B 238 -10.79 -13.94 5.16
N LEU B 239 -10.18 -15.10 4.92
CA LEU B 239 -9.78 -16.01 6.00
C LEU B 239 -8.67 -15.42 6.86
N ASP B 240 -7.79 -14.62 6.26
CA ASP B 240 -6.72 -13.94 6.99
C ASP B 240 -7.29 -12.97 8.04
N TYR B 241 -8.42 -12.36 7.73
CA TYR B 241 -9.11 -11.47 8.67
C TYR B 241 -9.92 -12.25 9.70
N ALA B 242 -10.77 -13.15 9.22
CA ALA B 242 -11.86 -13.73 10.03
C ALA B 242 -11.61 -15.13 10.61
N TYR B 243 -10.40 -15.66 10.39
CA TYR B 243 -10.08 -17.06 10.74
C TYR B 243 -10.62 -17.55 12.08
N ASP B 244 -10.35 -16.82 13.14
CA ASP B 244 -10.69 -17.24 14.50
C ASP B 244 -12.18 -17.21 14.81
N TYR B 245 -12.97 -16.61 13.92
CA TYR B 245 -14.39 -16.38 14.18
C TYR B 245 -15.33 -17.06 13.20
N VAL B 246 -14.78 -17.57 12.11
CA VAL B 246 -15.56 -18.31 11.12
C VAL B 246 -15.23 -19.80 11.13
N ASP B 247 -16.12 -20.61 10.57
CA ASP B 247 -15.94 -22.06 10.54
C ASP B 247 -15.87 -22.62 9.12
N TYR B 248 -16.48 -21.91 8.18
CA TYR B 248 -16.52 -22.35 6.78
C TYR B 248 -16.15 -21.24 5.80
N ILE B 249 -15.56 -21.66 4.68
CA ILE B 249 -15.48 -20.83 3.48
C ILE B 249 -16.41 -21.46 2.45
N SER B 250 -17.05 -20.63 1.63
CA SER B 250 -18.03 -21.14 0.66
C SER B 250 -17.49 -21.22 -0.77
N LEU B 251 -18.02 -22.18 -1.52
CA LEU B 251 -17.67 -22.35 -2.93
C LEU B 251 -18.96 -22.38 -3.75
N HIS B 252 -18.91 -21.78 -4.93
CA HIS B 252 -20.05 -21.74 -5.84
C HIS B 252 -19.61 -22.22 -7.22
N GLN B 253 -20.39 -23.14 -7.80
CA GLN B 253 -20.06 -23.68 -9.11
C GLN B 253 -21.29 -24.09 -9.92
N TYR B 254 -21.37 -23.57 -11.14
CA TYR B 254 -22.41 -23.97 -12.09
C TYR B 254 -21.78 -24.43 -13.41
N TYR B 255 -22.41 -25.42 -14.04
CA TYR B 255 -21.95 -25.92 -15.32
C TYR B 255 -23.05 -25.88 -16.38
N GLY B 256 -22.62 -25.74 -17.64
CA GLY B 256 -23.54 -25.65 -18.77
C GLY B 256 -23.05 -26.38 -20.01
N ASN B 257 -23.97 -26.71 -20.91
CA ASN B 257 -23.64 -27.41 -22.15
C ASN B 257 -24.13 -26.66 -23.38
N LYS B 258 -23.87 -25.34 -23.41
CA LYS B 258 -24.20 -24.50 -24.55
C LYS B 258 -23.44 -24.92 -25.81
N GLU B 259 -22.23 -25.46 -25.60
CA GLU B 259 -21.38 -25.95 -26.69
C GLU B 259 -21.97 -27.20 -27.34
N ASN B 260 -22.85 -27.89 -26.62
CA ASN B 260 -23.51 -29.11 -27.08
C ASN B 260 -22.53 -30.27 -27.23
N ASP B 261 -21.59 -30.36 -26.30
CA ASP B 261 -20.56 -31.40 -26.29
C ASP B 261 -20.70 -32.23 -25.01
N THR B 262 -21.52 -33.28 -25.09
CA THR B 262 -21.83 -34.14 -23.94
C THR B 262 -20.58 -34.74 -23.29
N ALA B 263 -19.64 -35.19 -24.11
CA ALA B 263 -18.39 -35.77 -23.62
C ALA B 263 -17.60 -34.78 -22.77
N ASP B 264 -17.42 -33.57 -23.27
CA ASP B 264 -16.71 -32.50 -22.58
C ASP B 264 -17.50 -31.99 -21.37
N PHE B 265 -18.82 -32.02 -21.51
CA PHE B 265 -19.75 -31.61 -20.46
C PHE B 265 -19.64 -32.49 -19.22
N LEU B 266 -19.51 -33.80 -19.44
CA LEU B 266 -19.41 -34.77 -18.35
C LEU B 266 -18.00 -34.82 -17.73
N ALA B 267 -17.03 -34.22 -18.41
CA ALA B 267 -15.66 -34.14 -17.92
C ALA B 267 -15.48 -33.03 -16.88
N LYS B 268 -16.50 -32.18 -16.75
CA LYS B 268 -16.40 -30.97 -15.93
C LYS B 268 -16.37 -31.19 -14.41
N SER B 269 -16.62 -32.43 -13.98
CA SER B 269 -16.47 -32.79 -12.57
C SER B 269 -15.00 -32.87 -12.16
N ASP B 270 -14.12 -33.01 -13.14
CA ASP B 270 -12.67 -32.93 -12.93
C ASP B 270 -12.26 -31.51 -12.59
N ASP B 271 -12.91 -30.53 -13.22
CA ASP B 271 -12.69 -29.12 -12.92
C ASP B 271 -13.20 -28.78 -11.53
N LEU B 272 -14.27 -29.45 -11.11
CA LEU B 272 -14.83 -29.30 -9.77
C LEU B 272 -13.86 -29.81 -8.72
N ASP B 273 -13.24 -30.95 -9.01
CA ASP B 273 -12.24 -31.56 -8.13
C ASP B 273 -11.06 -30.62 -7.91
N ASP B 274 -10.55 -30.03 -9.01
CA ASP B 274 -9.46 -29.06 -8.95
C ASP B 274 -9.86 -27.82 -8.16
N PHE B 275 -11.09 -27.36 -8.37
CA PHE B 275 -11.65 -26.20 -7.69
C PHE B 275 -11.67 -26.42 -6.17
N ILE B 276 -12.18 -27.58 -5.75
CA ILE B 276 -12.23 -27.93 -4.33
C ILE B 276 -10.83 -27.97 -3.71
N ARG B 277 -9.90 -28.61 -4.40
CA ARG B 277 -8.51 -28.74 -3.93
C ARG B 277 -7.81 -27.39 -3.80
N SER B 278 -8.09 -26.48 -4.73
CA SER B 278 -7.54 -25.13 -4.69
C SER B 278 -7.99 -24.37 -3.44
N VAL B 279 -9.25 -24.54 -3.07
CA VAL B 279 -9.82 -23.89 -1.90
C VAL B 279 -9.27 -24.50 -0.60
N ILE B 280 -9.12 -25.82 -0.59
CA ILE B 280 -8.51 -26.53 0.55
C ILE B 280 -7.07 -26.06 0.76
N ALA B 281 -6.32 -25.94 -0.34
CA ALA B 281 -4.95 -25.46 -0.31
C ALA B 281 -4.85 -24.05 0.24
N THR B 282 -5.78 -23.18 -0.18
CA THR B 282 -5.87 -21.81 0.29
C THR B 282 -6.14 -21.77 1.80
N CYS B 283 -7.05 -22.63 2.26
CA CYS B 283 -7.37 -22.75 3.69
C CYS B 283 -6.16 -23.19 4.50
N ASP B 284 -5.47 -24.21 4.02
CA ASP B 284 -4.30 -24.76 4.70
C ASP B 284 -3.12 -23.77 4.73
N TYR B 285 -3.02 -22.94 3.69
CA TYR B 285 -2.01 -21.90 3.62
C TYR B 285 -2.20 -20.86 4.73
N ILE B 286 -3.44 -20.39 4.88
CA ILE B 286 -3.78 -19.42 5.93
C ILE B 286 -3.67 -20.05 7.33
N LYS B 287 -4.02 -21.33 7.42
CA LYS B 287 -3.86 -22.11 8.66
C LYS B 287 -2.42 -22.06 9.16
N ALA B 288 -1.47 -22.26 8.25
CA ALA B 288 -0.04 -22.20 8.57
C ALA B 288 0.40 -20.80 8.97
N LYS B 289 -0.18 -19.80 8.29
CA LYS B 289 0.10 -18.38 8.57
C LYS B 289 -0.35 -18.00 9.99
N LYS B 290 -1.47 -18.57 10.41
CA LYS B 290 -2.05 -18.29 11.73
C LYS B 290 -1.47 -19.16 12.83
N ARG B 291 -0.81 -20.25 12.44
CA ARG B 291 -0.37 -21.31 13.37
C ARG B 291 -1.55 -21.86 14.17
N SER B 292 -2.67 -22.03 13.49
CA SER B 292 -3.91 -22.49 14.11
C SER B 292 -4.01 -24.01 14.07
N LYS B 293 -4.66 -24.57 15.07
CA LYS B 293 -4.92 -26.01 15.14
C LYS B 293 -6.26 -26.33 14.50
N LYS B 294 -7.03 -25.28 14.19
CA LYS B 294 -8.35 -25.42 13.58
C LYS B 294 -8.26 -25.49 12.06
N ASP B 295 -9.01 -26.41 11.48
CA ASP B 295 -9.20 -26.47 10.04
C ASP B 295 -10.47 -25.73 9.66
N ILE B 296 -10.38 -24.88 8.64
CA ILE B 296 -11.56 -24.28 8.03
C ILE B 296 -12.16 -25.33 7.11
N TYR B 297 -13.46 -25.54 7.25
CA TYR B 297 -14.17 -26.51 6.42
C TYR B 297 -14.87 -25.83 5.25
N LEU B 298 -15.23 -26.62 4.24
CA LEU B 298 -15.80 -26.09 3.01
C LEU B 298 -17.32 -26.22 3.00
N SER B 299 -17.99 -25.12 2.71
CA SER B 299 -19.43 -25.10 2.54
C SER B 299 -19.74 -24.83 1.07
N PHE B 300 -20.03 -25.89 0.31
CA PHE B 300 -20.34 -25.74 -1.10
C PHE B 300 -21.81 -25.35 -1.26
N ASP B 301 -22.14 -24.14 -0.81
CA ASP B 301 -23.55 -23.73 -0.66
C ASP B 301 -24.23 -23.26 -1.94
N GLU B 302 -23.60 -23.51 -3.09
CA GLU B 302 -24.21 -23.30 -4.40
C GLU B 302 -23.55 -24.19 -5.45
N TRP B 303 -24.28 -25.21 -5.88
CA TRP B 303 -23.82 -26.07 -6.97
C TRP B 303 -25.01 -26.64 -7.75
N ASN B 304 -24.85 -26.73 -9.07
CA ASN B 304 -25.86 -27.30 -9.97
C ASN B 304 -25.47 -27.11 -11.43
N VAL B 305 -26.24 -27.74 -12.31
CA VAL B 305 -26.23 -27.43 -13.74
C VAL B 305 -27.18 -26.24 -13.94
N TRP B 306 -26.76 -25.28 -14.76
CA TRP B 306 -27.56 -24.09 -15.03
C TRP B 306 -27.14 -23.42 -16.34
N TYR B 307 -27.99 -23.53 -17.37
CA TYR B 307 -27.74 -22.91 -18.67
C TYR B 307 -28.96 -22.82 -19.60
N HIS B 308 -29.94 -23.71 -19.42
CA HIS B 308 -31.09 -23.81 -20.32
C HIS B 308 -31.92 -22.52 -20.44
N SER B 309 -32.23 -21.91 -19.29
CA SER B 309 -33.16 -20.78 -19.25
C SER B 309 -32.49 -19.41 -19.45
N ASN B 310 -31.24 -19.42 -19.88
CA ASN B 310 -30.47 -18.18 -20.06
C ASN B 310 -31.13 -17.14 -20.95
N ASN B 311 -31.46 -17.54 -22.19
CA ASN B 311 -32.08 -16.64 -23.16
C ASN B 311 -33.46 -16.16 -22.74
N GLU B 312 -34.26 -17.07 -22.18
CA GLU B 312 -35.60 -16.74 -21.68
C GLU B 312 -35.55 -15.74 -20.51
N ASP B 313 -34.54 -15.88 -19.66
CA ASP B 313 -34.33 -14.94 -18.56
C ASP B 313 -34.00 -13.54 -19.06
N ALA B 314 -33.46 -13.48 -20.27
CA ALA B 314 -32.96 -12.24 -20.86
C ALA B 314 -34.05 -11.33 -21.42
N ASN B 315 -34.81 -11.80 -22.41
CA ASN B 315 -36.28 -11.77 -22.27
C ASN B 315 -36.97 -11.12 -21.08
N ILE B 316 -36.92 -11.75 -19.91
CA ILE B 316 -37.84 -11.39 -18.83
C ILE B 316 -37.73 -10.03 -18.14
N MET B 317 -36.83 -9.16 -18.60
CA MET B 317 -35.66 -8.76 -17.84
C MET B 317 -34.99 -7.71 -18.73
N GLN B 318 -35.52 -6.49 -18.66
CA GLN B 318 -35.61 -5.49 -19.72
C GLN B 318 -36.78 -5.80 -20.68
N ASN B 319 -37.98 -5.92 -20.13
CA ASN B 319 -39.20 -5.84 -20.93
C ASN B 319 -40.44 -6.50 -20.40
N GLU B 320 -40.40 -6.94 -19.17
CA GLU B 320 -41.23 -6.32 -18.14
C GLU B 320 -40.68 -6.53 -16.73
N PRO B 321 -40.19 -5.46 -16.13
CA PRO B 321 -39.68 -5.51 -14.76
C PRO B 321 -40.82 -5.38 -13.75
N TRP B 322 -40.61 -5.90 -12.53
CA TRP B 322 -41.36 -5.48 -11.34
C TRP B 322 -42.78 -6.01 -11.05
N ARG B 323 -43.36 -6.86 -11.89
CA ARG B 323 -43.26 -8.33 -11.74
C ARG B 323 -43.08 -8.96 -10.35
N ILE B 324 -44.16 -9.58 -9.87
CA ILE B 324 -44.14 -10.48 -8.73
C ILE B 324 -44.00 -11.92 -9.22
N ALA B 325 -43.04 -12.63 -8.65
CA ALA B 325 -42.77 -14.04 -8.97
C ALA B 325 -42.73 -14.34 -10.48
N PRO B 326 -41.81 -13.69 -11.21
CA PRO B 326 -41.66 -14.00 -12.64
C PRO B 326 -41.00 -15.37 -12.83
N PRO B 327 -41.28 -16.07 -13.95
CA PRO B 327 -40.72 -17.39 -14.17
C PRO B 327 -39.22 -17.38 -14.52
N LEU B 328 -38.39 -17.02 -13.54
CA LEU B 328 -36.95 -16.90 -13.72
C LEU B 328 -36.20 -18.19 -13.41
N LEU B 329 -35.09 -18.40 -14.13
CA LEU B 329 -34.15 -19.51 -13.90
C LEU B 329 -34.79 -20.91 -13.98
N GLU B 330 -35.81 -21.04 -14.82
CA GLU B 330 -36.57 -22.30 -14.91
C GLU B 330 -35.96 -23.26 -15.94
N ASP B 331 -34.78 -23.78 -15.60
CA ASP B 331 -34.11 -24.81 -16.39
C ASP B 331 -34.93 -26.09 -16.40
N ILE B 332 -35.15 -26.64 -17.60
CA ILE B 332 -35.77 -27.95 -17.75
C ILE B 332 -34.65 -28.94 -18.04
N TYR B 333 -34.33 -29.78 -17.05
CA TYR B 333 -33.14 -30.62 -17.10
C TYR B 333 -33.26 -31.87 -17.98
N THR B 334 -32.17 -32.13 -18.71
CA THR B 334 -32.07 -33.30 -19.58
C THR B 334 -31.44 -34.46 -18.82
N PHE B 335 -31.34 -35.62 -19.46
CA PHE B 335 -30.72 -36.80 -18.85
C PHE B 335 -29.22 -36.60 -18.61
N GLU B 336 -28.54 -35.96 -19.57
CA GLU B 336 -27.10 -35.69 -19.43
C GLU B 336 -26.81 -34.76 -18.25
N ASP B 337 -27.74 -33.86 -17.95
CA ASP B 337 -27.65 -32.98 -16.79
C ASP B 337 -27.63 -33.79 -15.50
N ALA B 338 -28.51 -34.79 -15.44
CA ALA B 338 -28.61 -35.68 -14.28
C ALA B 338 -27.32 -36.47 -14.05
N LEU B 339 -26.64 -36.80 -15.15
CA LEU B 339 -25.36 -37.51 -15.08
C LEU B 339 -24.27 -36.66 -14.46
N LEU B 340 -24.20 -35.39 -14.85
CA LEU B 340 -23.20 -34.47 -14.31
C LEU B 340 -23.48 -34.16 -12.84
N VAL B 341 -24.75 -33.97 -12.51
CA VAL B 341 -25.18 -33.78 -11.11
C VAL B 341 -24.72 -34.99 -10.28
N GLY B 342 -24.88 -36.18 -10.84
CA GLY B 342 -24.38 -37.41 -10.22
C GLY B 342 -22.88 -37.40 -10.04
N LEU B 343 -22.17 -36.97 -11.08
CA LEU B 343 -20.71 -36.85 -11.04
C LEU B 343 -20.25 -35.82 -10.00
N MET B 344 -20.98 -34.71 -9.91
CA MET B 344 -20.70 -33.66 -8.95
C MET B 344 -20.88 -34.15 -7.51
N LEU B 345 -21.94 -34.93 -7.28
CA LEU B 345 -22.21 -35.54 -5.98
C LEU B 345 -21.09 -36.51 -5.57
N ILE B 346 -20.61 -37.28 -6.54
CA ILE B 346 -19.49 -38.19 -6.35
C ILE B 346 -18.24 -37.40 -5.92
N THR B 347 -17.96 -36.30 -6.61
CA THR B 347 -16.83 -35.44 -6.30
C THR B 347 -16.95 -34.83 -4.90
N LEU B 348 -18.14 -34.36 -4.56
CA LEU B 348 -18.40 -33.81 -3.22
C LEU B 348 -18.13 -34.84 -2.13
N MET B 349 -18.57 -36.08 -2.39
CA MET B 349 -18.39 -37.20 -1.47
C MET B 349 -16.92 -37.56 -1.26
N LYS B 350 -16.12 -37.44 -2.32
CA LYS B 350 -14.68 -37.69 -2.26
C LYS B 350 -13.97 -36.76 -1.30
N HIS B 351 -14.51 -35.55 -1.14
CA HIS B 351 -13.91 -34.54 -0.30
C HIS B 351 -14.72 -34.26 0.96
N ALA B 352 -15.38 -35.31 1.47
CA ALA B 352 -16.22 -35.21 2.66
C ALA B 352 -15.42 -34.94 3.95
N ASP B 353 -14.10 -35.05 3.87
CA ASP B 353 -13.22 -34.72 4.99
C ASP B 353 -13.13 -33.21 5.22
N ARG B 354 -13.28 -32.44 4.15
CA ARG B 354 -13.24 -30.98 4.24
C ARG B 354 -14.59 -30.32 3.93
N ILE B 355 -15.33 -30.90 2.97
CA ILE B 355 -16.68 -30.40 2.67
C ILE B 355 -17.67 -30.99 3.66
N LYS B 356 -18.23 -30.13 4.50
CA LYS B 356 -19.17 -30.56 5.55
C LYS B 356 -20.59 -30.07 5.28
N ILE B 357 -20.71 -29.02 4.48
CA ILE B 357 -22.01 -28.51 4.02
C ILE B 357 -21.96 -28.32 2.51
N ALA B 358 -23.05 -28.68 1.83
CA ALA B 358 -23.21 -28.41 0.40
C ALA B 358 -24.69 -28.16 0.11
N CYS B 359 -24.95 -27.24 -0.80
CA CYS B 359 -26.33 -26.90 -1.16
C CYS B 359 -26.57 -26.94 -2.66
N LEU B 360 -27.47 -27.83 -3.07
CA LEU B 360 -27.95 -27.84 -4.45
C LEU B 360 -28.79 -26.59 -4.67
N ALA B 361 -28.36 -25.77 -5.63
CA ALA B 361 -29.07 -24.53 -5.94
C ALA B 361 -29.92 -24.74 -7.21
N GLN B 362 -31.24 -24.72 -7.08
CA GLN B 362 -31.96 -24.50 -5.82
C GLN B 362 -33.01 -25.60 -5.59
N LEU B 363 -33.99 -25.39 -4.73
CA LEU B 363 -34.89 -26.47 -4.33
C LEU B 363 -36.05 -26.94 -5.22
N ILE B 364 -36.51 -26.07 -6.10
CA ILE B 364 -37.85 -25.53 -6.06
C ILE B 364 -38.07 -24.46 -7.11
N ASN B 365 -38.55 -24.93 -8.25
CA ASN B 365 -38.73 -24.17 -9.50
C ASN B 365 -37.47 -23.53 -10.10
N VAL B 366 -36.73 -22.79 -9.29
CA VAL B 366 -35.51 -22.11 -9.71
C VAL B 366 -34.35 -23.11 -9.79
N ILE B 367 -33.83 -23.30 -11.00
CA ILE B 367 -32.80 -24.31 -11.30
C ILE B 367 -32.87 -25.51 -10.36
N ALA B 368 -33.97 -26.26 -10.47
CA ALA B 368 -34.43 -27.13 -9.39
C ALA B 368 -34.72 -28.58 -9.81
N PRO B 369 -34.61 -29.52 -8.86
CA PRO B 369 -35.09 -30.89 -9.05
C PRO B 369 -36.61 -31.01 -8.89
N ILE B 370 -37.23 -30.02 -8.26
CA ILE B 370 -38.67 -30.01 -8.02
C ILE B 370 -39.31 -28.81 -8.71
N VAL B 371 -40.31 -29.07 -9.56
CA VAL B 371 -41.01 -28.03 -10.31
C VAL B 371 -42.52 -28.13 -10.12
N THR B 372 -43.15 -27.00 -9.78
CA THR B 372 -44.61 -26.86 -9.88
C THR B 372 -44.90 -26.12 -11.18
N GLU B 373 -45.99 -26.47 -11.86
CA GLU B 373 -46.25 -25.94 -13.20
C GLU B 373 -46.26 -24.43 -13.34
N ARG B 374 -47.37 -23.82 -12.97
CA ARG B 374 -47.57 -22.39 -13.12
C ARG B 374 -49.01 -22.04 -12.88
N ASN B 375 -49.26 -20.85 -12.36
CA ASN B 375 -50.48 -20.63 -11.61
C ASN B 375 -51.16 -21.90 -11.19
N GLY B 376 -50.42 -22.77 -10.51
CA GLY B 376 -50.61 -24.19 -10.67
C GLY B 376 -51.20 -24.83 -9.44
N GLY B 377 -51.07 -26.15 -9.37
CA GLY B 377 -49.79 -26.81 -9.53
C GLY B 377 -49.66 -27.42 -10.89
N ALA B 378 -48.73 -28.36 -11.04
CA ALA B 378 -48.94 -29.70 -10.58
C ALA B 378 -47.82 -30.19 -9.70
N ALA B 379 -46.59 -30.13 -10.18
CA ALA B 379 -45.46 -30.52 -9.36
C ALA B 379 -44.92 -31.85 -9.79
N TRP B 380 -43.62 -31.91 -9.97
CA TRP B 380 -43.02 -33.06 -10.57
C TRP B 380 -41.51 -33.05 -10.45
N ARG B 381 -40.90 -34.20 -10.69
CA ARG B 381 -39.46 -34.34 -10.48
C ARG B 381 -38.73 -34.19 -11.78
N GLN B 382 -37.66 -33.39 -11.75
CA GLN B 382 -36.77 -33.28 -12.90
C GLN B 382 -35.80 -34.45 -12.93
N THR B 383 -35.03 -34.56 -14.00
CA THR B 383 -34.06 -35.65 -14.15
C THR B 383 -33.03 -35.65 -13.01
N ILE B 384 -32.63 -34.46 -12.59
CA ILE B 384 -31.59 -34.28 -11.57
C ILE B 384 -32.05 -34.64 -10.15
N PHE B 385 -33.35 -34.86 -9.98
CA PHE B 385 -33.94 -35.24 -8.70
C PHE B 385 -33.33 -36.54 -8.17
N TYR B 386 -33.26 -37.54 -9.04
CA TYR B 386 -32.92 -38.91 -8.63
C TYR B 386 -31.47 -39.18 -8.22
N PRO B 387 -30.48 -38.64 -8.96
CA PRO B 387 -29.09 -38.82 -8.49
C PRO B 387 -28.89 -38.22 -7.10
N PHE B 388 -29.53 -37.09 -6.83
CA PHE B 388 -29.50 -36.47 -5.51
C PHE B 388 -30.17 -37.37 -4.47
N MET B 389 -31.39 -37.83 -4.78
CA MET B 389 -32.15 -38.68 -3.88
C MET B 389 -31.36 -39.91 -3.47
N HIS B 390 -30.72 -40.56 -4.44
CA HIS B 390 -29.88 -41.73 -4.20
C HIS B 390 -28.70 -41.40 -3.29
N ALA B 391 -28.03 -40.28 -3.58
CA ALA B 391 -26.88 -39.84 -2.82
C ALA B 391 -27.25 -39.53 -1.37
N SER B 392 -28.35 -38.81 -1.18
CA SER B 392 -28.84 -38.44 0.15
C SER B 392 -29.31 -39.64 0.96
N LYS B 393 -29.91 -40.62 0.29
CA LYS B 393 -30.48 -41.79 0.98
C LYS B 393 -29.42 -42.84 1.33
N TYR B 394 -28.58 -43.19 0.37
CA TYR B 394 -27.59 -44.26 0.55
C TYR B 394 -26.18 -43.77 0.84
N GLY B 395 -26.00 -42.45 0.85
CA GLY B 395 -24.69 -41.85 1.09
C GLY B 395 -24.48 -41.36 2.51
N ARG B 396 -24.97 -42.12 3.48
CA ARG B 396 -24.74 -41.81 4.89
C ARG B 396 -23.79 -42.84 5.50
N GLY B 397 -22.65 -42.37 5.98
CA GLY B 397 -21.64 -43.26 6.58
C GLY B 397 -20.22 -42.77 6.39
N ILE B 398 -19.33 -43.68 5.99
CA ILE B 398 -17.91 -43.37 5.87
C ILE B 398 -17.42 -43.54 4.42
N VAL B 399 -16.85 -42.47 3.88
CA VAL B 399 -16.28 -42.47 2.54
C VAL B 399 -14.96 -43.26 2.53
N LEU B 400 -14.83 -44.16 1.56
CA LEU B 400 -13.63 -44.96 1.39
C LEU B 400 -12.79 -44.43 0.24
N GLN B 401 -11.47 -44.54 0.37
CA GLN B 401 -10.55 -44.10 -0.69
C GLN B 401 -10.83 -44.80 -2.01
N PRO B 402 -11.15 -44.01 -3.05
CA PRO B 402 -11.44 -44.59 -4.36
C PRO B 402 -10.14 -44.97 -5.08
N VAL B 403 -9.56 -46.10 -4.68
CA VAL B 403 -8.42 -46.67 -5.37
C VAL B 403 -8.96 -47.29 -6.65
N ILE B 404 -8.43 -46.82 -7.77
CA ILE B 404 -9.14 -46.86 -9.03
C ILE B 404 -8.18 -46.97 -10.21
N ASN B 405 -8.52 -47.84 -11.16
CA ASN B 405 -7.88 -47.78 -12.47
C ASN B 405 -8.90 -47.98 -13.57
N SER B 406 -9.25 -46.87 -14.20
CA SER B 406 -10.26 -46.81 -15.23
C SER B 406 -9.61 -46.43 -16.55
N PRO B 407 -10.15 -46.94 -17.68
CA PRO B 407 -9.70 -46.45 -18.98
C PRO B 407 -9.88 -44.95 -19.10
N LEU B 408 -9.01 -44.31 -19.88
CA LEU B 408 -9.03 -42.85 -20.04
C LEU B 408 -9.49 -42.46 -21.44
N HIS B 409 -10.11 -41.29 -21.54
CA HIS B 409 -10.49 -40.72 -22.83
C HIS B 409 -10.26 -39.22 -22.85
N ASP B 410 -9.94 -38.69 -24.03
CA ASP B 410 -9.82 -37.26 -24.22
C ASP B 410 -11.12 -36.69 -24.78
N THR B 411 -11.47 -35.48 -24.34
CA THR B 411 -12.59 -34.75 -24.90
C THR B 411 -12.05 -33.51 -25.61
N SER B 412 -12.93 -32.68 -26.14
CA SER B 412 -12.54 -31.49 -26.90
C SER B 412 -11.70 -30.49 -26.10
N LYS B 413 -11.97 -30.39 -24.81
CA LYS B 413 -11.28 -29.41 -23.96
C LYS B 413 -10.65 -30.01 -22.69
N HIS B 414 -10.67 -31.33 -22.58
CA HIS B 414 -10.04 -32.02 -21.44
C HIS B 414 -9.18 -33.19 -21.90
N GLU B 415 -8.19 -33.53 -21.08
CA GLU B 415 -7.29 -34.66 -21.36
C GLU B 415 -7.36 -35.69 -20.25
N ASP B 416 -7.13 -36.96 -20.62
CA ASP B 416 -7.06 -38.08 -19.67
C ASP B 416 -8.22 -38.14 -18.67
N VAL B 417 -9.44 -38.02 -19.18
CA VAL B 417 -10.64 -38.08 -18.35
C VAL B 417 -10.99 -39.55 -18.11
N THR B 418 -11.11 -39.92 -16.83
CA THR B 418 -11.47 -41.28 -16.44
C THR B 418 -12.86 -41.64 -16.97
N ASP B 419 -12.98 -42.83 -17.55
CA ASP B 419 -14.27 -43.33 -18.03
C ASP B 419 -15.20 -43.61 -16.85
N ILE B 420 -14.66 -44.25 -15.81
CA ILE B 420 -15.39 -44.48 -14.58
C ILE B 420 -15.05 -43.46 -13.49
N GLU B 421 -16.08 -42.91 -12.88
CA GLU B 421 -15.94 -42.07 -11.69
C GLU B 421 -16.77 -42.72 -10.60
N SER B 422 -16.10 -43.15 -9.54
CA SER B 422 -16.74 -43.97 -8.52
C SER B 422 -16.28 -43.67 -7.09
N VAL B 423 -17.19 -43.87 -6.15
CA VAL B 423 -16.89 -43.85 -4.72
C VAL B 423 -17.73 -44.88 -3.99
N ALA B 424 -17.12 -45.51 -3.00
CA ALA B 424 -17.83 -46.41 -2.11
C ALA B 424 -17.92 -45.78 -0.73
N ILE B 425 -19.12 -45.77 -0.15
CA ILE B 425 -19.27 -45.38 1.24
C ILE B 425 -19.79 -46.55 2.09
N TYR B 426 -19.17 -46.72 3.25
CA TYR B 426 -19.46 -47.85 4.13
C TYR B 426 -20.32 -47.40 5.31
N ASN B 427 -21.55 -47.90 5.36
CA ASN B 427 -22.43 -47.65 6.50
C ASN B 427 -22.34 -48.82 7.49
N GLU B 428 -21.82 -48.49 8.66
CA GLU B 428 -21.14 -49.44 9.54
C GLU B 428 -22.05 -49.92 10.67
N GLU B 429 -23.26 -49.37 10.69
CA GLU B 429 -24.24 -49.54 11.74
C GLU B 429 -25.49 -50.14 11.14
N LYS B 430 -25.30 -50.67 9.93
CA LYS B 430 -26.35 -51.16 9.04
C LYS B 430 -25.74 -52.30 8.21
N GLU B 431 -24.44 -52.49 8.39
CA GLU B 431 -23.56 -53.33 7.58
C GLU B 431 -23.88 -53.32 6.08
N GLU B 432 -23.84 -52.13 5.49
CA GLU B 432 -24.05 -51.96 4.05
C GLU B 432 -22.90 -51.18 3.42
N VAL B 433 -22.56 -51.55 2.19
CA VAL B 433 -21.64 -50.77 1.37
C VAL B 433 -22.37 -50.34 0.10
N THR B 434 -22.24 -49.08 -0.26
CA THR B 434 -22.89 -48.54 -1.44
C THR B 434 -21.87 -47.91 -2.39
N ILE B 435 -21.84 -48.40 -3.63
CA ILE B 435 -20.96 -47.88 -4.65
C ILE B 435 -21.73 -47.00 -5.63
N PHE B 436 -21.32 -45.73 -5.71
CA PHE B 436 -21.86 -44.80 -6.70
C PHE B 436 -20.89 -44.76 -7.86
N ALA B 437 -21.38 -45.01 -9.07
CA ALA B 437 -20.53 -45.05 -10.25
C ALA B 437 -21.17 -44.41 -11.47
N VAL B 438 -20.37 -43.63 -12.20
CA VAL B 438 -20.82 -43.01 -13.46
C VAL B 438 -19.82 -43.27 -14.58
N ASN B 439 -20.34 -43.36 -15.81
CA ASN B 439 -19.58 -43.59 -17.04
C ASN B 439 -20.43 -42.91 -18.11
N ARG B 440 -20.28 -41.61 -18.28
CA ARG B 440 -19.19 -41.03 -19.04
C ARG B 440 -18.17 -42.06 -19.44
N ASN B 441 -18.56 -42.96 -20.33
CA ASN B 441 -17.94 -43.06 -21.63
C ASN B 441 -18.84 -42.90 -22.83
N ILE B 442 -20.14 -43.14 -22.65
CA ILE B 442 -21.12 -42.49 -23.51
C ILE B 442 -21.04 -42.95 -24.97
N HIS B 443 -20.94 -44.25 -25.19
CA HIS B 443 -20.21 -44.81 -26.31
C HIS B 443 -19.94 -46.26 -25.98
N GLU B 444 -19.07 -46.50 -25.01
CA GLU B 444 -18.78 -47.84 -24.57
C GLU B 444 -19.47 -48.17 -23.27
N ASP B 445 -20.06 -49.36 -23.19
CA ASP B 445 -20.34 -50.01 -21.91
C ASP B 445 -19.03 -50.60 -21.39
N ILE B 446 -18.84 -50.53 -20.06
CA ILE B 446 -17.66 -51.11 -19.44
C ILE B 446 -18.00 -51.90 -18.18
N VAL B 447 -17.24 -52.97 -17.95
CA VAL B 447 -17.41 -53.81 -16.77
C VAL B 447 -16.48 -53.36 -15.65
N LEU B 448 -17.08 -53.01 -14.51
CA LEU B 448 -16.32 -52.59 -13.34
C LEU B 448 -16.14 -53.74 -12.35
N VAL B 449 -14.91 -54.23 -12.26
CA VAL B 449 -14.58 -55.27 -11.29
C VAL B 449 -14.18 -54.62 -9.96
N SER B 450 -15.11 -54.67 -9.01
CA SER B 450 -14.91 -54.09 -7.69
C SER B 450 -14.44 -55.15 -6.68
N ASP B 451 -13.16 -55.05 -6.33
CA ASP B 451 -12.54 -55.95 -5.36
C ASP B 451 -12.84 -55.47 -3.95
N VAL B 452 -13.97 -55.93 -3.40
CA VAL B 452 -14.30 -55.66 -2.02
C VAL B 452 -13.40 -56.53 -1.14
N ARG B 453 -12.52 -55.88 -0.38
CA ARG B 453 -11.44 -56.55 0.36
C ARG B 453 -11.78 -56.69 1.84
N GLY B 454 -13.06 -56.47 2.15
CA GLY B 454 -13.62 -56.52 3.49
C GLY B 454 -14.26 -57.82 3.97
N MET B 455 -15.44 -58.15 3.47
CA MET B 455 -16.60 -57.31 3.67
C MET B 455 -17.84 -58.21 3.57
N ARG B 459 -22.55 -60.01 -0.40
CA ARG B 459 -23.99 -60.18 -0.50
C ARG B 459 -24.66 -59.03 -1.23
N LEU B 460 -24.98 -59.23 -2.50
CA LEU B 460 -25.50 -58.17 -3.33
C LEU B 460 -26.99 -57.90 -3.15
N LEU B 461 -27.31 -56.67 -2.74
CA LEU B 461 -28.61 -56.35 -2.18
C LEU B 461 -29.52 -55.82 -3.28
N GLU B 462 -28.91 -55.00 -4.10
CA GLU B 462 -29.50 -54.51 -5.36
C GLU B 462 -28.54 -53.62 -6.18
N HIS B 463 -28.93 -53.38 -7.43
CA HIS B 463 -28.19 -52.50 -8.33
C HIS B 463 -29.16 -51.53 -9.03
N ILE B 464 -29.27 -50.31 -8.48
CA ILE B 464 -30.13 -49.28 -9.06
C ILE B 464 -29.40 -48.54 -10.17
N VAL B 465 -30.10 -48.30 -11.28
CA VAL B 465 -29.50 -47.69 -12.45
C VAL B 465 -30.34 -46.50 -12.96
N LEU B 466 -29.68 -45.56 -13.62
CA LEU B 466 -30.34 -44.39 -14.19
C LEU B 466 -29.82 -44.10 -15.60
N GLU B 467 -30.63 -44.45 -16.60
CA GLU B 467 -30.19 -44.42 -17.99
C GLU B 467 -31.25 -43.91 -18.96
N HIS B 468 -30.80 -43.60 -20.18
CA HIS B 468 -31.67 -43.33 -21.32
C HIS B 468 -30.87 -43.45 -22.62
N GLN B 469 -31.59 -43.72 -23.71
CA GLN B 469 -31.00 -43.79 -25.05
C GLN B 469 -30.77 -42.38 -25.61
N ASP B 470 -31.49 -41.41 -25.06
CA ASP B 470 -31.48 -40.04 -25.56
C ASP B 470 -31.06 -39.08 -24.46
N LEU B 471 -29.82 -38.58 -24.59
CA LEU B 471 -29.17 -37.80 -23.55
C LEU B 471 -29.89 -36.48 -23.30
N LYS B 472 -30.63 -36.04 -24.32
CA LYS B 472 -31.34 -34.77 -24.30
C LYS B 472 -32.78 -34.90 -23.80
N ILE B 473 -33.20 -36.13 -23.50
CA ILE B 473 -34.57 -36.38 -23.03
C ILE B 473 -34.82 -35.72 -21.68
N ARG B 474 -36.04 -35.24 -21.47
CA ARG B 474 -36.40 -34.50 -20.28
C ARG B 474 -37.63 -35.08 -19.59
N ASN B 475 -37.86 -34.63 -18.37
CA ASN B 475 -39.10 -34.92 -17.65
C ASN B 475 -40.06 -33.75 -17.79
N SER B 476 -41.34 -34.00 -17.53
CA SER B 476 -42.35 -32.95 -17.56
C SER B 476 -43.49 -33.29 -16.59
N VAL B 477 -44.56 -32.48 -16.65
CA VAL B 477 -45.72 -32.67 -15.79
C VAL B 477 -46.47 -33.99 -16.08
N ASN B 478 -46.21 -34.53 -17.27
CA ASN B 478 -46.66 -35.85 -17.66
C ASN B 478 -45.52 -36.88 -17.75
N GLY B 479 -44.98 -37.28 -16.62
CA GLY B 479 -43.80 -38.18 -16.63
C GLY B 479 -42.59 -37.44 -17.20
N GLU B 480 -41.43 -37.58 -16.58
CA GLU B 480 -41.03 -38.84 -15.97
C GLU B 480 -40.56 -39.81 -17.05
N GLU B 481 -39.70 -39.35 -17.94
CA GLU B 481 -39.07 -40.25 -18.88
C GLU B 481 -37.79 -40.80 -18.31
N VAL B 482 -37.25 -40.12 -17.31
CA VAL B 482 -36.17 -40.70 -16.53
C VAL B 482 -36.43 -40.85 -15.07
N TYR B 483 -36.25 -42.06 -14.61
CA TYR B 483 -36.60 -42.51 -13.26
C TYR B 483 -35.76 -43.75 -12.91
N PRO B 484 -35.52 -44.02 -11.61
CA PRO B 484 -34.67 -45.15 -11.24
C PRO B 484 -35.24 -46.50 -11.63
N LYS B 485 -34.55 -47.19 -12.55
CA LYS B 485 -34.87 -48.57 -12.88
C LYS B 485 -34.06 -49.48 -11.96
N ASN B 486 -34.76 -50.42 -11.32
CA ASN B 486 -34.18 -51.30 -10.30
C ASN B 486 -33.76 -52.63 -10.94
N SER B 487 -32.58 -52.67 -11.56
CA SER B 487 -32.23 -53.75 -12.50
C SER B 487 -30.90 -54.49 -12.32
N ASP B 488 -30.59 -55.25 -13.38
CA ASP B 488 -29.25 -55.74 -13.74
C ASP B 488 -28.94 -57.16 -13.19
N LYS B 489 -27.74 -57.74 -13.32
CA LYS B 489 -26.61 -57.49 -14.25
C LYS B 489 -25.36 -57.04 -13.48
N SER B 490 -24.93 -57.91 -12.57
CA SER B 490 -23.98 -57.62 -11.48
C SER B 490 -24.58 -58.22 -10.21
N SER B 491 -23.96 -59.18 -9.51
CA SER B 491 -22.85 -60.09 -9.87
C SER B 491 -21.77 -60.06 -8.78
N PHE B 492 -21.88 -60.97 -7.81
CA PHE B 492 -21.07 -60.92 -6.60
C PHE B 492 -20.72 -62.30 -6.04
N ASP B 493 -19.49 -62.74 -6.32
CA ASP B 493 -18.98 -64.02 -5.85
C ASP B 493 -17.71 -63.88 -5.01
N ASP B 494 -17.57 -64.75 -4.02
CA ASP B 494 -16.41 -64.79 -3.11
C ASP B 494 -16.16 -63.44 -2.44
N GLY B 495 -15.23 -62.66 -3.00
CA GLY B 495 -14.92 -61.33 -2.51
C GLY B 495 -14.75 -60.33 -3.64
N ILE B 496 -15.49 -60.55 -4.72
CA ILE B 496 -15.42 -59.72 -5.92
C ILE B 496 -16.79 -59.37 -6.47
N LEU B 497 -16.99 -58.09 -6.77
CA LEU B 497 -18.18 -57.60 -7.44
C LEU B 497 -17.84 -57.23 -8.89
N THR B 498 -18.61 -57.75 -9.84
CA THR B 498 -18.45 -57.38 -11.26
C THR B 498 -19.73 -56.69 -11.76
N SER B 499 -19.59 -55.50 -12.33
CA SER B 499 -20.75 -54.68 -12.80
C SER B 499 -20.30 -54.12 -14.18
N MET B 500 -20.74 -54.73 -15.27
CA MET B 500 -21.77 -54.15 -16.11
C MET B 500 -22.03 -52.69 -15.75
N LEU B 501 -21.75 -51.80 -16.69
CA LEU B 501 -22.23 -50.40 -16.60
C LEU B 501 -22.30 -49.54 -17.85
N ARG B 502 -23.44 -48.92 -18.06
CA ARG B 502 -23.99 -48.83 -19.38
C ARG B 502 -23.55 -47.49 -19.88
N ARG B 503 -23.34 -47.38 -21.17
CA ARG B 503 -22.64 -46.19 -21.69
C ARG B 503 -23.39 -44.88 -21.43
N ALA B 504 -22.85 -44.17 -20.44
CA ALA B 504 -23.51 -43.14 -19.63
C ALA B 504 -24.68 -43.72 -18.87
N SER B 505 -24.45 -43.95 -17.58
CA SER B 505 -25.52 -44.06 -16.62
C SER B 505 -25.02 -43.80 -15.21
N TRP B 506 -25.98 -43.51 -14.34
CA TRP B 506 -25.76 -43.32 -12.94
C TRP B 506 -26.07 -44.64 -12.24
N ASN B 507 -25.09 -45.18 -11.52
CA ASN B 507 -25.22 -46.50 -10.91
C ASN B 507 -25.10 -46.49 -9.39
N VAL B 508 -26.04 -47.17 -8.73
CA VAL B 508 -26.03 -47.33 -7.29
C VAL B 508 -26.00 -48.83 -6.97
N ILE B 509 -24.82 -49.32 -6.57
CA ILE B 509 -24.62 -50.74 -6.31
C ILE B 509 -24.54 -50.98 -4.81
N ARG B 510 -25.41 -51.85 -4.30
CA ARG B 510 -25.57 -52.04 -2.85
C ARG B 510 -25.29 -53.46 -2.39
N ILE B 511 -24.41 -53.59 -1.39
CA ILE B 511 -24.03 -54.88 -0.82
C ILE B 511 -24.35 -54.91 0.68
N GLY B 512 -24.72 -56.09 1.18
CA GLY B 512 -24.98 -56.27 2.61
C GLY B 512 -24.37 -57.63 3.12
N ALA C 14 1.22 -53.93 15.29
CA ALA C 14 0.88 -53.01 14.19
C ALA C 14 0.77 -53.71 12.86
N ARG C 15 -0.34 -53.36 12.21
CA ARG C 15 -0.76 -53.72 10.89
C ARG C 15 -0.44 -52.65 9.87
N MET C 16 0.04 -53.13 8.74
CA MET C 16 0.31 -52.34 7.57
C MET C 16 0.15 -53.23 6.34
N THR C 17 -0.37 -52.60 5.30
CA THR C 17 -0.87 -53.20 4.09
C THR C 17 -0.11 -52.58 2.90
N VAL C 18 0.51 -53.45 2.10
CA VAL C 18 1.39 -53.04 1.01
C VAL C 18 0.81 -53.48 -0.34
N ASP C 19 0.50 -52.50 -1.17
CA ASP C 19 -0.25 -52.72 -2.41
C ASP C 19 0.42 -51.98 -3.57
N LYS C 20 0.82 -52.74 -4.59
CA LYS C 20 1.55 -52.17 -5.74
C LYS C 20 0.69 -51.27 -6.64
N ASP C 21 -0.63 -51.48 -6.61
CA ASP C 21 -1.58 -50.63 -7.31
C ASP C 21 -1.73 -49.29 -6.59
N TYR C 22 -0.93 -49.09 -5.55
CA TYR C 22 -1.11 -47.95 -4.67
C TYR C 22 0.10 -47.02 -4.61
N LYS C 23 0.34 -46.30 -5.71
CA LYS C 23 1.49 -45.42 -5.81
C LYS C 23 1.22 -44.07 -5.16
N ILE C 24 2.29 -43.47 -4.63
CA ILE C 24 2.30 -42.06 -4.30
C ILE C 24 3.04 -41.35 -5.43
N ALA C 25 4.25 -41.84 -5.72
CA ALA C 25 5.09 -41.31 -6.80
C ALA C 25 6.33 -42.14 -7.06
N GLU C 26 6.97 -41.85 -8.19
CA GLU C 26 8.32 -42.33 -8.49
C GLU C 26 9.29 -41.46 -7.70
N ILE C 27 10.27 -42.09 -7.05
CA ILE C 27 11.31 -41.37 -6.33
C ILE C 27 12.29 -40.72 -7.31
N ASP C 28 12.53 -39.43 -7.11
CA ASP C 28 13.60 -38.73 -7.80
C ASP C 28 14.85 -38.93 -6.94
N LYS C 29 15.88 -39.53 -7.55
CA LYS C 29 17.12 -39.86 -6.81
C LYS C 29 17.76 -38.64 -6.14
N ARG C 30 17.41 -37.44 -6.60
CA ARG C 30 17.97 -36.20 -6.06
C ARG C 30 17.47 -35.86 -4.66
N ILE C 31 16.55 -36.67 -4.12
CA ILE C 31 16.12 -36.51 -2.73
C ILE C 31 17.17 -37.09 -1.76
N TYR C 32 18.15 -37.79 -2.32
CA TYR C 32 19.28 -38.29 -1.56
C TYR C 32 20.52 -37.45 -1.82
N GLY C 33 20.29 -36.16 -2.08
CA GLY C 33 21.37 -35.21 -2.30
C GLY C 33 21.96 -34.73 -0.99
N SER C 34 23.06 -33.98 -1.09
CA SER C 34 23.70 -33.38 0.06
C SER C 34 24.14 -31.95 -0.25
N PHE C 35 25.02 -31.40 0.59
CA PHE C 35 25.32 -29.97 0.58
C PHE C 35 26.69 -29.72 1.19
N VAL C 36 27.56 -29.03 0.43
CA VAL C 36 28.87 -28.62 0.92
C VAL C 36 28.99 -27.10 0.89
N GLU C 37 29.19 -26.51 2.06
CA GLU C 37 29.39 -25.07 2.19
C GLU C 37 30.84 -24.78 2.55
N HIS C 38 31.35 -23.63 2.08
CA HIS C 38 32.63 -23.13 2.53
C HIS C 38 32.48 -22.66 3.98
N LEU C 39 32.47 -23.64 4.88
CA LEU C 39 32.17 -23.44 6.28
C LEU C 39 33.05 -24.37 7.08
N GLY C 40 33.72 -23.83 8.10
CA GLY C 40 34.55 -24.63 8.98
C GLY C 40 35.52 -25.53 8.23
N ARG C 41 35.48 -26.82 8.55
CA ARG C 41 36.40 -27.79 7.96
C ARG C 41 35.73 -28.66 6.88
N ALA C 42 34.67 -28.13 6.26
CA ALA C 42 33.98 -28.87 5.20
C ALA C 42 34.86 -29.02 3.96
N VAL C 43 35.54 -27.95 3.58
CA VAL C 43 36.42 -27.99 2.41
C VAL C 43 37.87 -28.14 2.85
N TYR C 44 38.40 -27.12 3.53
CA TYR C 44 39.78 -27.11 3.99
C TYR C 44 39.90 -27.93 5.29
N ASP C 45 40.90 -28.80 5.33
CA ASP C 45 41.02 -29.83 6.37
C ASP C 45 39.77 -30.73 6.40
N GLY C 46 39.20 -30.95 5.22
CA GLY C 46 38.04 -31.81 5.05
C GLY C 46 38.16 -32.63 3.79
N LEU C 47 37.40 -32.26 2.77
CA LEU C 47 37.47 -32.95 1.47
C LEU C 47 38.75 -32.59 0.71
N TYR C 48 39.30 -31.42 1.02
CA TYR C 48 40.46 -30.89 0.32
C TYR C 48 41.65 -30.71 1.27
N GLN C 49 42.65 -31.58 1.12
CA GLN C 49 43.85 -31.55 1.95
C GLN C 49 45.09 -31.83 1.09
N PRO C 50 45.66 -30.78 0.48
CA PRO C 50 46.78 -30.88 -0.48
C PRO C 50 47.92 -31.83 -0.11
N GLY C 51 48.66 -31.51 0.94
CA GLY C 51 49.89 -32.24 1.28
C GLY C 51 49.72 -33.62 1.90
N ASN C 52 48.47 -34.09 2.00
CA ASN C 52 48.16 -35.32 2.70
C ASN C 52 48.50 -36.59 1.92
N SER C 53 48.92 -37.62 2.65
CA SER C 53 49.22 -38.94 2.06
C SER C 53 48.00 -39.60 1.43
N LYS C 54 46.83 -39.35 2.01
CA LYS C 54 45.58 -39.99 1.61
C LYS C 54 44.94 -39.28 0.42
N SER C 55 45.57 -38.17 -0.01
CA SER C 55 45.06 -37.36 -1.09
C SER C 55 45.60 -37.78 -2.46
N ASP C 56 44.75 -37.60 -3.48
CA ASP C 56 45.17 -37.65 -4.89
C ASP C 56 45.96 -36.39 -5.29
N GLU C 57 46.32 -36.30 -6.58
CA GLU C 57 47.16 -35.20 -7.08
C GLU C 57 46.44 -33.85 -7.14
N ASP C 58 45.12 -33.86 -7.02
CA ASP C 58 44.34 -32.63 -6.97
C ASP C 58 44.19 -32.12 -5.55
N GLY C 59 44.63 -32.93 -4.58
CA GLY C 59 44.56 -32.57 -3.16
C GLY C 59 43.31 -33.08 -2.46
N PHE C 60 42.51 -33.88 -3.16
CA PHE C 60 41.29 -34.46 -2.59
C PHE C 60 41.59 -35.74 -1.82
N ARG C 61 41.06 -35.81 -0.60
CA ARG C 61 41.18 -37.01 0.22
C ARG C 61 40.43 -38.18 -0.41
N LYS C 62 41.18 -39.23 -0.76
CA LYS C 62 40.63 -40.38 -1.48
C LYS C 62 39.69 -41.23 -0.64
N ASP C 63 39.98 -41.32 0.66
CA ASP C 63 39.12 -42.04 1.61
C ASP C 63 37.77 -41.35 1.78
N VAL C 64 37.79 -40.01 1.76
CA VAL C 64 36.57 -39.20 1.81
C VAL C 64 35.73 -39.47 0.55
N ILE C 65 36.38 -39.45 -0.60
CA ILE C 65 35.73 -39.73 -1.89
C ILE C 65 35.01 -41.08 -1.87
N GLU C 66 35.65 -42.11 -1.31
CA GLU C 66 35.06 -43.44 -1.20
C GLU C 66 33.84 -43.46 -0.29
N LEU C 67 33.88 -42.67 0.78
CA LEU C 67 32.78 -42.60 1.74
C LEU C 67 31.56 -41.87 1.18
N VAL C 68 31.81 -40.88 0.33
CA VAL C 68 30.73 -40.15 -0.35
C VAL C 68 30.06 -41.04 -1.39
N LYS C 69 30.89 -41.73 -2.18
CA LYS C 69 30.41 -42.72 -3.16
C LYS C 69 29.61 -43.83 -2.47
N GLU C 70 30.03 -44.17 -1.25
CA GLU C 70 29.36 -45.17 -0.42
C GLU C 70 27.96 -44.70 -0.03
N LEU C 71 27.84 -43.44 0.35
CA LEU C 71 26.54 -42.81 0.62
C LEU C 71 25.70 -42.73 -0.64
N ASN C 72 26.37 -42.60 -1.79
CA ASN C 72 25.72 -42.50 -3.09
C ASN C 72 24.85 -41.24 -3.14
N VAL C 73 25.49 -40.12 -3.45
CA VAL C 73 24.82 -38.82 -3.47
C VAL C 73 24.82 -38.26 -4.90
N PRO C 74 23.64 -38.21 -5.54
CA PRO C 74 23.54 -37.80 -6.95
C PRO C 74 23.73 -36.30 -7.19
N ILE C 75 23.42 -35.48 -6.18
CA ILE C 75 23.47 -34.02 -6.32
C ILE C 75 24.00 -33.34 -5.05
N ILE C 76 24.88 -32.36 -5.21
CA ILE C 76 25.44 -31.63 -4.08
C ILE C 76 25.26 -30.11 -4.22
N ARG C 77 24.60 -29.52 -3.23
CA ARG C 77 24.41 -28.08 -3.15
C ARG C 77 25.72 -27.39 -2.78
N TYR C 78 26.00 -26.26 -3.42
CA TYR C 78 27.30 -25.58 -3.31
C TYR C 78 27.19 -24.14 -3.84
N PRO C 79 27.92 -23.19 -3.23
CA PRO C 79 28.79 -23.28 -2.06
C PRO C 79 28.13 -22.78 -0.76
N GLY C 80 26.81 -22.68 -0.77
CA GLY C 80 26.08 -22.19 0.40
C GLY C 80 24.58 -22.12 0.20
N GLY C 81 23.86 -21.82 1.28
CA GLY C 81 24.47 -21.56 2.57
C GLY C 81 24.77 -20.08 2.76
N ASN C 82 25.09 -19.71 3.99
CA ASN C 82 25.10 -18.31 4.36
C ASN C 82 26.30 -17.67 3.73
N PHE C 83 27.31 -18.47 3.51
CA PHE C 83 28.50 -18.11 2.77
C PHE C 83 28.24 -17.36 1.48
N VAL C 84 27.30 -17.83 0.67
CA VAL C 84 27.18 -17.38 -0.70
C VAL C 84 26.58 -16.01 -0.84
N SER C 85 25.91 -15.56 0.21
CA SER C 85 25.26 -14.24 0.23
C SER C 85 26.23 -13.05 0.14
N ASN C 86 27.52 -13.30 0.34
CA ASN C 86 28.55 -12.28 0.17
C ASN C 86 29.80 -12.85 -0.49
N TYR C 87 29.59 -13.85 -1.35
CA TYR C 87 30.66 -14.52 -2.06
C TYR C 87 30.79 -13.96 -3.47
N PHE C 88 32.04 -13.79 -3.92
CA PHE C 88 32.32 -13.32 -5.27
C PHE C 88 33.04 -14.43 -6.03
N TRP C 89 32.28 -15.14 -6.87
CA TRP C 89 32.75 -16.36 -7.54
C TRP C 89 34.06 -16.21 -8.32
N GLU C 90 34.32 -15.00 -8.82
CA GLU C 90 35.56 -14.71 -9.54
C GLU C 90 36.79 -14.93 -8.67
N ASP C 91 36.65 -14.75 -7.37
CA ASP C 91 37.73 -14.95 -6.41
C ASP C 91 38.19 -16.41 -6.32
N GLY C 92 37.36 -17.33 -6.81
CA GLY C 92 37.65 -18.76 -6.74
C GLY C 92 38.04 -19.42 -8.05
N VAL C 93 38.25 -18.61 -9.10
CA VAL C 93 38.67 -19.12 -10.39
C VAL C 93 39.97 -18.48 -10.88
N GLY C 94 40.55 -19.06 -11.91
CA GLY C 94 41.80 -18.54 -12.50
C GLY C 94 43.03 -19.01 -11.75
N PRO C 95 44.21 -18.48 -12.13
CA PRO C 95 45.47 -18.83 -11.46
C PRO C 95 45.34 -18.70 -9.95
N VAL C 96 45.70 -19.77 -9.24
CA VAL C 96 45.55 -19.85 -7.79
C VAL C 96 46.33 -18.75 -7.04
N GLU C 97 47.47 -18.34 -7.59
CA GLU C 97 48.31 -17.30 -6.99
C GLU C 97 47.62 -15.93 -6.98
N ASP C 98 46.70 -15.73 -7.92
CA ASP C 98 46.01 -14.45 -8.08
C ASP C 98 44.67 -14.38 -7.35
N ARG C 99 44.27 -15.50 -6.75
CA ARG C 99 43.03 -15.55 -5.98
C ARG C 99 43.21 -14.88 -4.63
N PRO C 100 42.34 -13.90 -4.30
CA PRO C 100 42.47 -13.17 -3.05
C PRO C 100 41.85 -13.90 -1.86
N ARG C 101 42.36 -13.61 -0.66
CA ARG C 101 41.73 -14.05 0.57
C ARG C 101 40.63 -13.06 0.93
N ARG C 102 39.46 -13.58 1.27
CA ARG C 102 38.29 -12.74 1.55
C ARG C 102 37.74 -12.97 2.95
N LEU C 103 37.13 -11.94 3.52
CA LEU C 103 36.40 -12.06 4.78
C LEU C 103 35.08 -12.75 4.52
N ASP C 104 34.85 -13.87 5.20
CA ASP C 104 33.55 -14.51 5.21
C ASP C 104 32.78 -13.98 6.42
N LEU C 105 31.82 -13.09 6.16
CA LEU C 105 31.09 -12.41 7.23
C LEU C 105 30.12 -13.36 7.92
N ALA C 106 29.64 -14.35 7.17
CA ALA C 106 28.69 -15.34 7.67
C ALA C 106 29.24 -16.13 8.85
N TRP C 107 30.49 -16.58 8.74
CA TRP C 107 31.08 -17.46 9.75
C TRP C 107 32.37 -16.90 10.36
N LYS C 108 32.56 -15.58 10.25
CA LYS C 108 33.72 -14.89 10.82
C LYS C 108 35.06 -15.59 10.53
N SER C 109 35.26 -15.96 9.27
CA SER C 109 36.44 -16.70 8.85
C SER C 109 37.12 -16.05 7.66
N ILE C 110 38.36 -16.43 7.40
CA ILE C 110 39.07 -16.03 6.18
C ILE C 110 38.92 -17.13 5.15
N GLU C 111 38.34 -16.78 4.00
CA GLU C 111 38.21 -17.71 2.89
C GLU C 111 39.41 -17.53 1.95
N PRO C 112 40.30 -18.54 1.89
CA PRO C 112 41.51 -18.46 1.07
C PRO C 112 41.24 -18.67 -0.42
N ASN C 113 40.04 -19.17 -0.74
CA ASN C 113 39.59 -19.37 -2.13
C ASN C 113 40.45 -20.34 -2.96
N GLN C 114 41.19 -21.21 -2.29
CA GLN C 114 42.01 -22.23 -2.96
C GLN C 114 41.13 -23.22 -3.70
N VAL C 115 39.97 -23.53 -3.11
CA VAL C 115 38.95 -24.32 -3.79
C VAL C 115 37.84 -23.39 -4.25
N GLY C 116 37.47 -23.54 -5.52
CA GLY C 116 36.40 -22.76 -6.10
C GLY C 116 35.89 -23.34 -7.41
N ILE C 117 34.62 -23.72 -7.39
CA ILE C 117 33.83 -24.06 -8.60
C ILE C 117 34.47 -25.06 -9.58
N ASN C 118 35.54 -24.65 -10.27
CA ASN C 118 36.39 -25.55 -11.04
C ASN C 118 36.96 -26.72 -10.23
N GLU C 119 37.45 -26.44 -9.03
CA GLU C 119 38.03 -27.47 -8.16
C GLU C 119 36.96 -28.38 -7.58
N PHE C 120 35.88 -27.78 -7.09
CA PHE C 120 34.69 -28.50 -6.65
C PHE C 120 34.00 -29.30 -7.76
N ALA C 121 34.07 -28.81 -8.99
CA ALA C 121 33.47 -29.51 -10.13
C ALA C 121 34.12 -30.85 -10.39
N LYS C 122 35.46 -30.91 -10.36
CA LYS C 122 36.17 -32.16 -10.57
C LYS C 122 36.14 -33.08 -9.33
N TRP C 123 35.87 -32.51 -8.16
CA TRP C 123 35.62 -33.31 -6.96
C TRP C 123 34.29 -34.03 -7.07
N CYS C 124 33.28 -33.34 -7.59
CA CYS C 124 31.96 -33.91 -7.82
C CYS C 124 31.98 -35.02 -8.87
N LYS C 125 32.84 -34.85 -9.87
CA LYS C 125 33.07 -35.90 -10.88
C LYS C 125 33.57 -37.17 -10.21
N LYS C 126 34.49 -37.01 -9.26
CA LYS C 126 35.12 -38.13 -8.56
C LYS C 126 34.18 -38.84 -7.59
N VAL C 127 33.18 -38.12 -7.10
CA VAL C 127 32.18 -38.70 -6.19
C VAL C 127 30.86 -39.04 -6.92
N ASN C 128 30.89 -38.95 -8.25
CA ASN C 128 29.74 -39.25 -9.11
C ASN C 128 28.49 -38.40 -8.79
N ALA C 129 28.71 -37.11 -8.56
CA ALA C 129 27.64 -36.21 -8.18
C ALA C 129 27.56 -35.01 -9.12
N GLU C 130 26.37 -34.45 -9.25
N GLU C 130 26.35 -34.45 -9.24
CA GLU C 130 26.17 -33.23 -10.03
CA GLU C 130 26.09 -33.24 -10.00
C GLU C 130 26.00 -32.03 -9.11
C GLU C 130 26.08 -32.04 -9.05
N ILE C 131 26.53 -30.89 -9.53
CA ILE C 131 26.49 -29.66 -8.73
C ILE C 131 25.11 -29.00 -8.78
N MET C 132 24.63 -28.56 -7.63
CA MET C 132 23.52 -27.63 -7.55
C MET C 132 24.08 -26.29 -7.08
N MET C 133 24.25 -25.37 -8.01
CA MET C 133 24.98 -24.14 -7.75
C MET C 133 24.10 -23.02 -7.20
N ALA C 134 24.54 -22.44 -6.09
CA ALA C 134 23.88 -21.26 -5.52
C ALA C 134 24.59 -19.99 -5.99
N VAL C 135 23.81 -18.98 -6.34
CA VAL C 135 24.34 -17.68 -6.75
C VAL C 135 24.18 -16.64 -5.66
N ASN C 136 25.10 -15.68 -5.61
CA ASN C 136 25.03 -14.57 -4.66
C ASN C 136 23.91 -13.59 -5.02
N LEU C 137 22.83 -13.62 -4.25
CA LEU C 137 21.77 -12.61 -4.38
C LEU C 137 21.63 -11.77 -3.11
N GLY C 138 22.66 -11.82 -2.26
CA GLY C 138 22.73 -10.99 -1.07
C GLY C 138 23.32 -9.63 -1.39
N THR C 139 24.59 -9.63 -1.80
CA THR C 139 25.29 -8.39 -2.16
C THR C 139 25.46 -8.21 -3.68
N ARG C 140 25.06 -9.22 -4.44
CA ARG C 140 25.14 -9.17 -5.91
C ARG C 140 23.78 -9.44 -6.54
N GLY C 141 23.69 -9.27 -7.87
CA GLY C 141 22.40 -9.34 -8.56
C GLY C 141 22.37 -10.10 -9.87
N ILE C 142 21.56 -9.60 -10.80
CA ILE C 142 21.21 -10.30 -12.05
C ILE C 142 22.42 -10.61 -12.94
N SER C 143 23.18 -9.58 -13.27
CA SER C 143 24.29 -9.71 -14.23
C SER C 143 25.39 -10.65 -13.74
N ASP C 144 25.61 -10.68 -12.42
CA ASP C 144 26.62 -11.56 -11.83
C ASP C 144 26.19 -13.02 -11.90
N ALA C 145 24.89 -13.26 -11.72
CA ALA C 145 24.31 -14.60 -11.86
C ALA C 145 24.40 -15.06 -13.32
N CYS C 146 24.18 -14.11 -14.23
CA CYS C 146 24.32 -14.37 -15.66
C CYS C 146 25.75 -14.72 -16.04
N ASN C 147 26.71 -13.98 -15.47
CA ASN C 147 28.13 -14.22 -15.70
C ASN C 147 28.55 -15.62 -15.29
N LEU C 148 28.12 -16.04 -14.09
CA LEU C 148 28.46 -17.35 -13.56
C LEU C 148 27.83 -18.49 -14.36
N LEU C 149 26.58 -18.29 -14.78
CA LEU C 149 25.88 -19.26 -15.62
C LEU C 149 26.56 -19.41 -16.98
N GLU C 150 26.94 -18.30 -17.58
CA GLU C 150 27.68 -18.30 -18.85
C GLU C 150 29.01 -19.02 -18.68
N TYR C 151 29.73 -18.69 -17.62
CA TYR C 151 31.00 -19.33 -17.27
C TYR C 151 30.85 -20.84 -17.20
N CYS C 152 29.80 -21.32 -16.54
CA CYS C 152 29.62 -22.74 -16.28
C CYS C 152 28.96 -23.52 -17.42
N ASN C 153 28.00 -22.91 -18.11
CA ASN C 153 27.14 -23.65 -19.04
C ASN C 153 27.32 -23.37 -20.53
N HIS C 154 27.77 -22.17 -20.87
CA HIS C 154 27.96 -21.81 -22.29
C HIS C 154 29.22 -22.46 -22.85
N PRO C 155 29.12 -23.11 -24.03
CA PRO C 155 30.23 -23.86 -24.63
C PRO C 155 31.51 -23.05 -24.83
N GLY C 156 31.38 -21.86 -25.43
CA GLY C 156 32.53 -21.01 -25.71
C GLY C 156 32.19 -19.91 -26.69
N GLY C 157 33.15 -19.04 -26.96
CA GLY C 157 32.98 -17.95 -27.92
C GLY C 157 32.39 -16.68 -27.34
N SER C 158 32.43 -16.55 -26.01
CA SER C 158 32.00 -15.33 -25.33
C SER C 158 32.87 -15.06 -24.11
N LYS C 159 32.75 -13.87 -23.54
CA LYS C 159 33.63 -13.38 -22.48
C LYS C 159 33.89 -14.39 -21.35
N TYR C 160 32.82 -14.87 -20.73
CA TYR C 160 32.92 -15.71 -19.53
C TYR C 160 33.09 -17.20 -19.83
N SER C 161 32.60 -17.64 -20.98
CA SER C 161 32.77 -19.03 -21.41
C SER C 161 34.21 -19.30 -21.83
N ASP C 162 34.80 -18.36 -22.57
CA ASP C 162 36.21 -18.42 -22.95
C ASP C 162 37.13 -18.34 -21.73
N MET C 163 36.66 -17.64 -20.71
CA MET C 163 37.37 -17.49 -19.45
C MET C 163 37.52 -18.85 -18.76
N ARG C 164 36.47 -19.66 -18.79
CA ARG C 164 36.51 -21.02 -18.26
C ARG C 164 37.50 -21.90 -19.03
N ILE C 165 37.46 -21.78 -20.37
CA ILE C 165 38.37 -22.52 -21.25
C ILE C 165 39.83 -22.15 -20.95
N LYS C 166 40.08 -20.85 -20.74
CA LYS C 166 41.40 -20.36 -20.38
C LYS C 166 41.85 -20.88 -19.00
N HIS C 167 40.88 -21.05 -18.10
CA HIS C 167 41.18 -21.52 -16.75
C HIS C 167 41.42 -23.03 -16.65
N GLY C 168 41.31 -23.73 -17.78
CA GLY C 168 41.67 -25.15 -17.86
C GLY C 168 40.51 -26.13 -18.00
N VAL C 169 39.29 -25.61 -18.11
CA VAL C 169 38.12 -26.47 -18.28
C VAL C 169 37.49 -26.22 -19.66
N LYS C 170 37.79 -27.12 -20.58
CA LYS C 170 37.36 -27.00 -21.98
C LYS C 170 35.85 -27.19 -22.12
N GLU C 171 35.33 -28.28 -21.58
CA GLU C 171 33.90 -28.58 -21.62
C GLU C 171 33.15 -27.82 -20.53
N PRO C 172 31.97 -27.28 -20.86
CA PRO C 172 31.14 -26.62 -19.84
C PRO C 172 30.68 -27.61 -18.77
N HIS C 173 30.54 -27.13 -17.53
CA HIS C 173 30.11 -27.97 -16.41
C HIS C 173 28.67 -28.47 -16.57
N ASN C 174 27.85 -27.71 -17.31
CA ASN C 174 26.44 -28.02 -17.50
C ASN C 174 25.67 -28.27 -16.20
N ILE C 175 25.73 -27.29 -15.31
CA ILE C 175 25.00 -27.35 -14.05
C ILE C 175 23.52 -27.15 -14.33
N LYS C 176 22.72 -28.14 -13.94
CA LYS C 176 21.32 -28.23 -14.29
C LYS C 176 20.40 -27.51 -13.30
N VAL C 177 20.74 -27.58 -12.02
CA VAL C 177 19.92 -26.93 -10.99
C VAL C 177 20.68 -25.79 -10.30
N TRP C 178 20.03 -24.63 -10.23
CA TRP C 178 20.64 -23.45 -9.62
C TRP C 178 19.76 -22.89 -8.50
N CYS C 179 20.40 -22.45 -7.42
CA CYS C 179 19.71 -21.83 -6.29
C CYS C 179 19.82 -20.31 -6.37
N LEU C 180 18.66 -19.65 -6.41
CA LEU C 180 18.60 -18.20 -6.47
C LEU C 180 18.86 -17.59 -5.09
N GLY C 181 20.13 -17.57 -4.71
CA GLY C 181 20.54 -17.08 -3.39
C GLY C 181 20.33 -18.10 -2.30
N ASN C 182 20.57 -17.67 -1.06
CA ASN C 182 20.29 -18.48 0.12
C ASN C 182 19.21 -17.77 0.93
N ALA C 183 18.51 -18.51 1.79
CA ALA C 183 17.47 -17.92 2.64
C ALA C 183 17.90 -16.56 3.17
N MET C 184 17.13 -15.52 2.85
CA MET C 184 17.50 -14.14 3.16
C MET C 184 16.50 -13.39 4.05
N ASP C 185 15.66 -14.13 4.76
CA ASP C 185 14.69 -13.52 5.67
C ASP C 185 15.25 -13.31 7.08
N GLY C 186 16.43 -13.87 7.35
CA GLY C 186 17.04 -13.78 8.67
C GLY C 186 17.82 -12.51 8.92
N PRO C 187 17.70 -11.94 10.13
CA PRO C 187 18.47 -10.75 10.53
C PRO C 187 19.96 -11.02 10.78
N TRP C 188 20.37 -12.27 10.63
CA TRP C 188 21.77 -12.67 10.83
C TRP C 188 22.53 -12.74 9.51
N GLN C 189 21.81 -12.62 8.39
CA GLN C 189 22.43 -12.80 7.09
C GLN C 189 22.68 -11.49 6.36
N VAL C 190 23.88 -11.36 5.80
CA VAL C 190 24.25 -10.22 4.96
C VAL C 190 23.41 -10.26 3.68
N GLY C 191 22.88 -9.10 3.30
CA GLY C 191 22.01 -8.99 2.13
C GLY C 191 20.61 -9.49 2.42
N HIS C 192 20.16 -9.28 3.66
CA HIS C 192 18.80 -9.63 4.07
C HIS C 192 17.77 -8.88 3.21
N LYS C 193 16.79 -9.62 2.71
CA LYS C 193 15.75 -9.06 1.86
C LYS C 193 14.38 -9.22 2.50
N THR C 194 13.44 -8.34 2.14
CA THR C 194 12.03 -8.56 2.44
C THR C 194 11.49 -9.50 1.38
N MET C 195 10.33 -10.11 1.65
CA MET C 195 9.71 -11.06 0.71
C MET C 195 9.45 -10.46 -0.67
N ASP C 196 9.10 -9.18 -0.70
CA ASP C 196 8.88 -8.46 -1.95
C ASP C 196 10.18 -8.13 -2.66
N GLU C 197 11.21 -7.76 -1.90
CA GLU C 197 12.53 -7.48 -2.46
C GLU C 197 13.12 -8.72 -3.10
N TYR C 198 13.10 -9.84 -2.37
CA TYR C 198 13.64 -11.09 -2.89
C TYR C 198 12.79 -11.64 -4.02
N GLY C 199 11.46 -11.57 -3.88
CA GLY C 199 10.54 -11.99 -4.91
C GLY C 199 10.87 -11.38 -6.26
N ARG C 200 11.12 -10.07 -6.26
CA ARG C 200 11.44 -9.33 -7.47
C ARG C 200 12.80 -9.71 -8.05
N ILE C 201 13.82 -9.79 -7.18
CA ILE C 201 15.18 -10.13 -7.65
C ILE C 201 15.26 -11.58 -8.13
N ALA C 202 14.52 -12.48 -7.47
CA ALA C 202 14.46 -13.87 -7.88
C ALA C 202 13.78 -14.01 -9.25
N GLU C 203 12.69 -13.27 -9.44
CA GLU C 203 11.96 -13.25 -10.70
C GLU C 203 12.85 -12.81 -11.86
N GLU C 204 13.56 -11.70 -11.67
CA GLU C 204 14.38 -11.12 -12.72
C GLU C 204 15.65 -11.91 -13.00
N THR C 205 16.28 -12.43 -11.95
CA THR C 205 17.46 -13.28 -12.09
C THR C 205 17.07 -14.57 -12.84
N ALA C 206 15.96 -15.17 -12.45
CA ALA C 206 15.45 -16.38 -13.08
C ALA C 206 15.12 -16.15 -14.56
N ARG C 207 14.46 -15.02 -14.84
CA ARG C 207 14.09 -14.64 -16.21
C ARG C 207 15.31 -14.51 -17.12
N ALA C 208 16.35 -13.86 -16.60
CA ALA C 208 17.57 -13.62 -17.37
C ALA C 208 18.39 -14.90 -17.56
N MET C 209 18.45 -15.73 -16.53
CA MET C 209 19.22 -16.97 -16.57
C MET C 209 18.68 -17.96 -17.60
N LYS C 210 17.35 -18.10 -17.64
CA LYS C 210 16.72 -19.02 -18.59
C LYS C 210 16.78 -18.54 -20.05
N MET C 211 17.21 -17.30 -20.25
CA MET C 211 17.49 -16.78 -21.58
C MET C 211 18.87 -17.21 -22.06
N ILE C 212 19.77 -17.43 -21.11
CA ILE C 212 21.12 -17.94 -21.42
C ILE C 212 21.07 -19.46 -21.61
N ASP C 213 20.39 -20.15 -20.69
CA ASP C 213 20.25 -21.60 -20.75
C ASP C 213 18.83 -22.00 -20.36
N PRO C 214 17.98 -22.30 -21.35
CA PRO C 214 16.60 -22.70 -21.09
C PRO C 214 16.45 -24.09 -20.45
N SER C 215 17.53 -24.88 -20.49
CA SER C 215 17.48 -26.26 -19.99
C SER C 215 17.62 -26.37 -18.47
N ILE C 216 18.05 -25.29 -17.82
CA ILE C 216 18.30 -25.30 -16.38
C ILE C 216 17.01 -25.28 -15.55
N GLU C 217 17.14 -25.71 -14.29
CA GLU C 217 16.06 -25.65 -13.32
C GLU C 217 16.46 -24.71 -12.20
N LEU C 218 15.49 -23.95 -11.68
CA LEU C 218 15.78 -22.91 -10.71
C LEU C 218 15.02 -23.09 -9.41
N VAL C 219 15.72 -22.87 -8.30
CA VAL C 219 15.14 -22.97 -6.96
C VAL C 219 15.00 -21.60 -6.33
N ALA C 220 13.77 -21.24 -5.98
CA ALA C 220 13.50 -20.02 -5.21
C ALA C 220 13.59 -20.33 -3.72
N CYS C 221 14.19 -19.42 -2.97
CA CYS C 221 14.37 -19.60 -1.53
C CYS C 221 13.09 -19.47 -0.75
N GLY C 222 12.85 -20.44 0.13
CA GLY C 222 11.79 -20.34 1.12
C GLY C 222 12.34 -19.67 2.37
N SER C 223 11.58 -19.77 3.46
CA SER C 223 12.01 -19.22 4.74
C SER C 223 13.21 -19.99 5.30
N SER C 224 13.96 -19.36 6.20
CA SER C 224 15.07 -20.01 6.90
C SER C 224 14.56 -21.21 7.68
N SER C 225 13.45 -20.99 8.38
CA SER C 225 12.77 -22.05 9.12
C SER C 225 11.27 -21.71 9.13
N LYS C 226 10.46 -22.69 9.53
CA LYS C 226 9.02 -22.50 9.65
C LYS C 226 8.66 -21.62 10.85
N ASP C 227 9.64 -21.36 11.71
CA ASP C 227 9.44 -20.57 12.92
C ASP C 227 9.54 -19.06 12.67
N MET C 228 10.06 -18.69 11.50
CA MET C 228 10.08 -17.29 11.06
C MET C 228 8.64 -16.80 10.91
N PRO C 229 8.33 -15.62 11.50
CA PRO C 229 6.96 -15.09 11.45
C PRO C 229 6.46 -14.85 10.02
N THR C 230 7.38 -14.67 9.08
CA THR C 230 7.06 -14.41 7.69
C THR C 230 6.81 -15.69 6.87
N PHE C 231 6.93 -16.85 7.52
CA PHE C 231 6.53 -18.12 6.93
C PHE C 231 5.01 -18.30 7.12
N PRO C 232 4.30 -18.77 6.08
CA PRO C 232 4.76 -19.12 4.74
C PRO C 232 4.46 -18.06 3.67
N GLN C 233 4.60 -16.79 4.01
CA GLN C 233 4.10 -15.70 3.19
C GLN C 233 5.06 -14.99 2.22
N TRP C 234 6.29 -14.68 2.61
CA TRP C 234 7.41 -15.46 2.05
C TRP C 234 7.18 -16.39 0.86
N GLU C 235 6.90 -17.66 1.13
CA GLU C 235 6.74 -18.65 0.08
C GLU C 235 5.70 -18.23 -0.95
N ALA C 236 4.55 -17.72 -0.47
CA ALA C 236 3.48 -17.25 -1.34
C ALA C 236 3.91 -16.05 -2.19
N THR C 237 4.49 -15.04 -1.54
CA THR C 237 4.93 -13.80 -2.21
C THR C 237 5.99 -14.09 -3.29
N VAL C 238 7.03 -14.82 -2.91
CA VAL C 238 8.12 -15.16 -3.83
C VAL C 238 7.61 -15.90 -5.06
N LEU C 239 6.76 -16.91 -4.84
CA LEU C 239 6.16 -17.66 -5.94
C LEU C 239 5.18 -16.83 -6.76
N ASP C 240 4.52 -15.87 -6.13
CA ASP C 240 3.61 -14.96 -6.82
C ASP C 240 4.37 -14.12 -7.85
N TYR C 241 5.62 -13.78 -7.55
CA TYR C 241 6.46 -13.04 -8.48
C TYR C 241 7.09 -13.94 -9.55
N ALA C 242 7.72 -15.02 -9.09
CA ALA C 242 8.63 -15.79 -9.94
C ALA C 242 8.07 -17.09 -10.55
N TYR C 243 6.79 -17.36 -10.32
CA TYR C 243 6.18 -18.64 -10.69
C TYR C 243 6.58 -19.21 -12.05
N ASP C 244 6.46 -18.39 -13.10
CA ASP C 244 6.68 -18.84 -14.47
C ASP C 244 8.14 -19.14 -14.80
N TYR C 245 9.06 -18.76 -13.91
CA TYR C 245 10.48 -18.84 -14.21
C TYR C 245 11.26 -19.73 -13.25
N VAL C 246 10.62 -20.14 -12.16
CA VAL C 246 11.23 -21.06 -11.19
C VAL C 246 10.57 -22.44 -11.24
N ASP C 247 11.27 -23.43 -10.71
CA ASP C 247 10.78 -24.81 -10.72
C ASP C 247 10.60 -25.37 -9.32
N TYR C 248 11.37 -24.83 -8.36
CA TYR C 248 11.33 -25.32 -6.98
C TYR C 248 11.22 -24.18 -5.96
N ILE C 249 10.57 -24.49 -4.85
CA ILE C 249 10.67 -23.70 -3.62
C ILE C 249 11.46 -24.54 -2.61
N SER C 250 12.27 -23.90 -1.79
CA SER C 250 13.12 -24.63 -0.85
C SER C 250 12.60 -24.63 0.58
N LEU C 251 12.91 -25.71 1.31
CA LEU C 251 12.55 -25.84 2.72
C LEU C 251 13.80 -26.16 3.52
N HIS C 252 13.90 -25.60 4.71
CA HIS C 252 15.03 -25.84 5.60
C HIS C 252 14.51 -26.25 6.98
N GLN C 253 15.07 -27.33 7.52
CA GLN C 253 14.65 -27.82 8.83
C GLN C 253 15.76 -28.51 9.61
N TYR C 254 15.96 -28.06 10.84
CA TYR C 254 16.90 -28.69 11.76
C TYR C 254 16.21 -29.05 13.07
N TYR C 255 16.60 -30.17 13.66
CA TYR C 255 16.06 -30.60 14.95
C TYR C 255 17.15 -30.82 16.00
N GLY C 256 16.78 -30.63 17.26
CA GLY C 256 17.71 -30.78 18.37
C GLY C 256 17.07 -31.41 19.60
N ASN C 257 17.92 -31.96 20.47
CA ASN C 257 17.46 -32.60 21.70
C ASN C 257 18.10 -32.01 22.95
N LYS C 258 18.13 -30.67 23.02
CA LYS C 258 18.66 -29.96 24.18
C LYS C 258 17.83 -30.23 25.43
N GLU C 259 16.54 -30.48 25.23
CA GLU C 259 15.61 -30.80 26.33
C GLU C 259 15.91 -32.17 26.94
N ASN C 260 16.63 -33.01 26.18
CA ASN C 260 17.00 -34.37 26.60
C ASN C 260 15.80 -35.29 26.74
N ASP C 261 14.84 -35.13 25.82
CA ASP C 261 13.62 -35.92 25.80
C ASP C 261 13.56 -36.73 24.50
N THR C 262 14.12 -37.94 24.55
CA THR C 262 14.22 -38.82 23.37
C THR C 262 12.87 -39.11 22.73
N ALA C 263 11.86 -39.36 23.55
CA ALA C 263 10.50 -39.64 23.07
C ALA C 263 9.94 -38.48 22.25
N ASP C 264 10.05 -37.26 22.79
CA ASP C 264 9.57 -36.05 22.12
C ASP C 264 10.44 -35.70 20.93
N PHE C 265 11.73 -36.01 21.04
CA PHE C 265 12.71 -35.78 19.98
C PHE C 265 12.40 -36.59 18.72
N LEU C 266 11.99 -37.85 18.92
CA LEU C 266 11.66 -38.74 17.81
C LEU C 266 10.28 -38.47 17.21
N ALA C 267 9.47 -37.68 17.92
CA ALA C 267 8.14 -37.30 17.45
C ALA C 267 8.20 -36.14 16.44
N LYS C 268 9.38 -35.54 16.31
CA LYS C 268 9.54 -34.31 15.52
C LYS C 268 9.43 -34.48 14.01
N SER C 269 9.41 -35.74 13.54
CA SER C 269 9.18 -36.02 12.12
C SER C 269 7.72 -35.75 11.73
N ASP C 270 6.84 -35.73 12.73
CA ASP C 270 5.45 -35.32 12.54
C ASP C 270 5.35 -33.83 12.23
N ASP C 271 6.21 -33.05 12.87
CA ASP C 271 6.30 -31.61 12.62
C ASP C 271 6.86 -31.35 11.22
N LEU C 272 7.75 -32.23 10.79
CA LEU C 272 8.32 -32.17 9.44
C LEU C 272 7.24 -32.43 8.40
N ASP C 273 6.38 -33.42 8.67
CA ASP C 273 5.28 -33.76 7.78
C ASP C 273 4.33 -32.59 7.61
N ASP C 274 3.98 -31.93 8.72
CA ASP C 274 3.13 -30.74 8.71
C ASP C 274 3.77 -29.59 7.94
N PHE C 275 5.08 -29.42 8.14
CA PHE C 275 5.88 -28.40 7.47
C PHE C 275 5.84 -28.57 5.96
N ILE C 276 6.07 -29.80 5.49
CA ILE C 276 6.03 -30.12 4.07
C ILE C 276 4.64 -29.83 3.47
N ARG C 277 3.59 -30.28 4.16
CA ARG C 277 2.22 -30.08 3.72
C ARG C 277 1.83 -28.61 3.61
N SER C 278 2.31 -27.81 4.57
CA SER C 278 2.07 -26.37 4.57
C SER C 278 2.65 -25.68 3.33
N VAL C 279 3.85 -26.12 2.94
CA VAL C 279 4.54 -25.58 1.77
C VAL C 279 3.86 -26.02 0.48
N ILE C 280 3.43 -27.28 0.42
CA ILE C 280 2.65 -27.79 -0.71
C ILE C 280 1.35 -27.01 -0.89
N ALA C 281 0.66 -26.77 0.23
CA ALA C 281 -0.59 -26.00 0.23
C ALA C 281 -0.36 -24.58 -0.28
N THR C 282 0.74 -23.97 0.15
CA THR C 282 1.12 -22.63 -0.30
C THR C 282 1.38 -22.60 -1.81
N CYS C 283 2.07 -23.62 -2.31
CA CYS C 283 2.34 -23.78 -3.73
C CYS C 283 1.06 -23.91 -4.56
N ASP C 284 0.16 -24.78 -4.08
CA ASP C 284 -1.11 -25.03 -4.76
C ASP C 284 -2.03 -23.81 -4.74
N TYR C 285 -1.94 -23.01 -3.69
CA TYR C 285 -2.70 -21.77 -3.57
C TYR C 285 -2.29 -20.77 -4.65
N ILE C 286 -0.98 -20.59 -4.82
CA ILE C 286 -0.44 -19.69 -5.85
C ILE C 286 -0.71 -20.24 -7.26
N LYS C 287 -0.65 -21.56 -7.39
CA LYS C 287 -0.99 -22.24 -8.65
C LYS C 287 -2.39 -21.86 -9.12
N ALA C 288 -3.35 -21.87 -8.21
CA ALA C 288 -4.74 -21.50 -8.51
C ALA C 288 -4.85 -20.01 -8.86
N LYS C 289 -4.06 -19.18 -8.18
CA LYS C 289 -4.03 -17.75 -8.41
C LYS C 289 -3.52 -17.43 -9.82
N LYS C 290 -2.55 -18.22 -10.28
CA LYS C 290 -1.94 -18.05 -11.59
C LYS C 290 -2.71 -18.75 -12.71
N ARG C 291 -3.60 -19.67 -12.33
CA ARG C 291 -4.27 -20.58 -13.28
C ARG C 291 -3.25 -21.34 -14.11
N SER C 292 -2.18 -21.78 -13.45
CA SER C 292 -1.08 -22.48 -14.10
C SER C 292 -1.31 -23.99 -14.10
N LYS C 293 -0.80 -24.65 -15.13
CA LYS C 293 -0.87 -26.10 -15.22
C LYS C 293 0.37 -26.74 -14.62
N LYS C 294 1.34 -25.89 -14.30
CA LYS C 294 2.61 -26.33 -13.72
C LYS C 294 2.52 -26.42 -12.20
N ASP C 295 3.08 -27.50 -11.65
CA ASP C 295 3.25 -27.64 -10.21
C ASP C 295 4.65 -27.20 -9.83
N ILE C 296 4.75 -26.38 -8.79
CA ILE C 296 6.04 -26.07 -8.18
C ILE C 296 6.41 -27.25 -7.30
N TYR C 297 7.64 -27.75 -7.47
CA TYR C 297 8.12 -28.87 -6.67
C TYR C 297 8.96 -28.39 -5.50
N LEU C 298 9.15 -29.28 -4.52
CA LEU C 298 9.84 -28.91 -3.28
C LEU C 298 11.29 -29.38 -3.29
N SER C 299 12.18 -28.44 -2.98
CA SER C 299 13.60 -28.76 -2.84
C SER C 299 13.98 -28.59 -1.37
N PHE C 300 14.03 -29.70 -0.65
CA PHE C 300 14.38 -29.67 0.77
C PHE C 300 15.90 -29.62 0.92
N ASP C 301 16.50 -28.50 0.48
CA ASP C 301 17.95 -28.42 0.32
C ASP C 301 18.73 -28.13 1.61
N GLU C 302 18.07 -28.27 2.75
CA GLU C 302 18.72 -28.23 4.06
C GLU C 302 17.90 -28.98 5.10
N TRP C 303 18.39 -30.15 5.50
CA TRP C 303 17.77 -30.93 6.57
C TRP C 303 18.81 -31.76 7.32
N ASN C 304 18.65 -31.84 8.64
CA ASN C 304 19.52 -32.64 9.50
C ASN C 304 19.20 -32.43 10.98
N VAL C 305 19.83 -33.23 11.83
CA VAL C 305 19.88 -32.96 13.26
C VAL C 305 21.07 -32.02 13.48
N TRP C 306 20.88 -31.01 14.33
CA TRP C 306 21.93 -30.02 14.62
C TRP C 306 21.67 -29.32 15.95
N TYR C 307 22.50 -29.64 16.95
CA TYR C 307 22.40 -29.02 18.29
C TYR C 307 23.62 -29.22 19.19
N HIS C 308 24.38 -30.30 18.96
CA HIS C 308 25.49 -30.68 19.84
C HIS C 308 26.59 -29.61 19.98
N SER C 309 27.01 -29.05 18.85
CA SER C 309 28.17 -28.15 18.82
C SER C 309 27.82 -26.67 19.06
N ASN C 310 26.59 -26.40 19.51
CA ASN C 310 26.12 -25.03 19.74
C ASN C 310 27.01 -24.20 20.65
N ASN C 311 27.25 -24.69 21.87
CA ASN C 311 28.06 -23.98 22.85
C ASN C 311 29.52 -23.81 22.41
N GLU C 312 30.09 -24.85 21.82
CA GLU C 312 31.47 -24.81 21.31
C GLU C 312 31.62 -23.79 20.17
N ASP C 313 30.58 -23.67 19.33
CA ASP C 313 30.58 -22.67 18.26
C ASP C 313 30.54 -21.24 18.80
N ALA C 314 29.88 -21.04 19.95
CA ALA C 314 29.73 -19.73 20.58
C ALA C 314 31.06 -19.25 21.17
N ASN C 315 31.79 -20.20 21.75
CA ASN C 315 33.21 -20.06 22.07
C ASN C 315 34.06 -19.58 20.90
N ILE C 316 34.00 -20.30 19.78
CA ILE C 316 34.95 -20.11 18.66
C ILE C 316 34.87 -18.74 17.97
N MET C 317 33.80 -18.00 18.27
CA MET C 317 33.49 -16.73 17.61
C MET C 317 32.92 -15.71 18.56
N GLN C 318 33.62 -14.59 18.55
CA GLN C 318 33.92 -13.74 19.69
C GLN C 318 34.97 -14.39 20.61
N ASN C 319 36.12 -14.82 20.08
CA ASN C 319 37.19 -15.38 20.93
C ASN C 319 38.45 -15.70 20.16
N GLU C 320 38.29 -15.61 18.83
CA GLU C 320 39.25 -16.03 17.85
C GLU C 320 38.97 -15.85 16.34
N PRO C 321 38.56 -14.65 15.87
CA PRO C 321 37.78 -14.61 14.65
C PRO C 321 38.89 -14.69 13.57
N TRP C 322 38.59 -15.13 12.37
CA TRP C 322 39.41 -14.83 11.19
C TRP C 322 40.65 -15.65 10.82
N ARG C 323 41.11 -16.61 11.63
CA ARG C 323 40.68 -18.01 11.45
C ARG C 323 40.35 -18.57 10.06
N ILE C 324 41.27 -19.39 9.55
CA ILE C 324 41.03 -20.23 8.37
C ILE C 324 40.58 -21.61 8.84
N ALA C 325 39.49 -22.08 8.25
CA ALA C 325 38.92 -23.41 8.55
C ALA C 325 38.83 -23.73 10.06
N PRO C 326 38.08 -22.92 10.82
CA PRO C 326 37.87 -23.23 12.24
C PRO C 326 36.93 -24.42 12.41
N PRO C 327 37.07 -25.18 13.51
CA PRO C 327 36.23 -26.37 13.71
C PRO C 327 34.77 -26.03 14.08
N LEU C 328 34.04 -25.48 13.11
CA LEU C 328 32.66 -25.05 13.32
C LEU C 328 31.63 -26.13 13.00
N LEU C 329 30.52 -26.11 13.73
CA LEU C 329 29.37 -26.99 13.49
C LEU C 329 29.68 -28.48 13.52
N GLU C 330 30.65 -28.87 14.34
CA GLU C 330 31.12 -30.25 14.40
C GLU C 330 30.31 -31.09 15.40
N ASP C 331 29.06 -31.33 15.07
CA ASP C 331 28.18 -32.20 15.85
C ASP C 331 28.69 -33.64 15.82
N ILE C 332 28.80 -34.25 17.00
CA ILE C 332 29.11 -35.67 17.10
C ILE C 332 27.80 -36.39 17.39
N TYR C 333 27.31 -37.12 16.39
CA TYR C 333 25.96 -37.69 16.43
C TYR C 333 25.81 -38.94 17.29
N THR C 334 24.71 -38.99 18.03
CA THR C 334 24.34 -40.12 18.87
C THR C 334 23.47 -41.10 18.09
N PHE C 335 23.13 -42.23 18.70
CA PHE C 335 22.26 -43.22 18.07
C PHE C 335 20.84 -42.69 17.86
N GLU C 336 20.31 -41.95 18.84
CA GLU C 336 18.98 -41.36 18.75
C GLU C 336 18.88 -40.35 17.59
N ASP C 337 20.00 -39.67 17.30
CA ASP C 337 20.07 -38.76 16.16
C ASP C 337 19.88 -39.52 14.85
N ALA C 338 20.51 -40.69 14.75
CA ALA C 338 20.40 -41.55 13.57
C ALA C 338 18.97 -42.02 13.35
N LEU C 339 18.24 -42.23 14.45
CA LEU C 339 16.84 -42.64 14.38
C LEU C 339 15.95 -41.54 13.80
N LEU C 340 16.18 -40.30 14.22
CA LEU C 340 15.39 -39.17 13.71
C LEU C 340 15.71 -38.89 12.26
N VAL C 341 17.00 -38.97 11.90
CA VAL C 341 17.43 -38.85 10.50
C VAL C 341 16.72 -39.90 9.65
N GLY C 342 16.61 -41.12 10.18
CA GLY C 342 15.86 -42.18 9.54
C GLY C 342 14.39 -41.85 9.39
N LEU C 343 13.79 -41.30 10.45
CA LEU C 343 12.40 -40.86 10.43
C LEU C 343 12.17 -39.73 9.42
N MET C 344 13.13 -38.80 9.35
CA MET C 344 13.07 -37.69 8.41
C MET C 344 13.13 -38.17 6.97
N LEU C 345 13.98 -39.16 6.70
CA LEU C 345 14.09 -39.78 5.37
C LEU C 345 12.80 -40.47 4.96
N ILE C 346 12.16 -41.13 5.92
CA ILE C 346 10.86 -41.77 5.73
C ILE C 346 9.82 -40.72 5.34
N THR C 347 9.80 -39.60 6.06
CA THR C 347 8.88 -38.49 5.79
C THR C 347 9.11 -37.90 4.41
N LEU C 348 10.38 -37.68 4.04
CA LEU C 348 10.74 -37.17 2.72
C LEU C 348 10.24 -38.10 1.61
N MET C 349 10.40 -39.40 1.83
CA MET C 349 9.97 -40.42 0.88
C MET C 349 8.45 -40.44 0.69
N LYS C 350 7.72 -40.18 1.77
CA LYS C 350 6.25 -40.11 1.73
C LYS C 350 5.75 -39.02 0.80
N HIS C 351 6.54 -37.97 0.66
CA HIS C 351 6.16 -36.81 -0.15
C HIS C 351 7.01 -36.70 -1.42
N ALA C 352 7.41 -37.85 -1.96
CA ALA C 352 8.25 -37.91 -3.16
C ALA C 352 7.51 -37.43 -4.42
N ASP C 353 6.19 -37.25 -4.32
CA ASP C 353 5.40 -36.70 -5.42
C ASP C 353 5.64 -35.21 -5.62
N ARG C 354 5.98 -34.52 -4.53
CA ARG C 354 6.26 -33.08 -4.59
C ARG C 354 7.71 -32.75 -4.28
N ILE C 355 8.32 -33.49 -3.35
CA ILE C 355 9.75 -33.32 -3.05
C ILE C 355 10.59 -34.08 -4.07
N LYS C 356 11.31 -33.34 -4.90
CA LYS C 356 12.11 -33.93 -5.97
C LYS C 356 13.61 -33.78 -5.71
N ILE C 357 13.96 -32.80 -4.90
CA ILE C 357 15.34 -32.61 -4.45
C ILE C 357 15.35 -32.45 -2.92
N ALA C 358 16.35 -33.07 -2.28
CA ALA C 358 16.58 -32.87 -0.84
C ALA C 358 18.07 -32.95 -0.57
N CYS C 359 18.55 -32.14 0.35
CA CYS C 359 19.97 -32.12 0.70
C CYS C 359 20.21 -32.26 2.19
N LEU C 360 20.91 -33.33 2.57
CA LEU C 360 21.38 -33.49 3.94
C LEU C 360 22.48 -32.46 4.17
N ALA C 361 22.25 -31.59 5.15
CA ALA C 361 23.21 -30.55 5.50
C ALA C 361 24.00 -30.97 6.74
N GLN C 362 25.30 -31.24 6.60
CA GLN C 362 26.03 -31.14 5.33
C GLN C 362 26.81 -32.45 5.06
N LEU C 363 27.82 -32.43 4.19
CA LEU C 363 28.42 -33.68 3.76
C LEU C 363 29.49 -34.42 4.61
N ILE C 364 30.15 -33.67 5.48
CA ILE C 364 31.59 -33.41 5.43
C ILE C 364 32.01 -32.48 6.53
N ASN C 365 32.38 -33.08 7.64
CA ASN C 365 32.76 -32.40 8.90
C ASN C 365 31.67 -31.52 9.55
N VAL C 366 31.10 -30.61 8.76
CA VAL C 366 30.07 -29.69 9.22
C VAL C 366 28.72 -30.42 9.30
N ILE C 367 28.18 -30.53 10.51
CA ILE C 367 26.96 -31.29 10.80
C ILE C 367 26.74 -32.46 9.81
N ALA C 368 27.66 -33.42 9.88
CA ALA C 368 27.91 -34.35 8.79
C ALA C 368 27.87 -35.83 9.18
N PRO C 369 27.55 -36.70 8.20
CA PRO C 369 27.72 -38.15 8.36
C PRO C 369 29.17 -38.60 8.16
N ILE C 370 30.00 -37.75 7.55
CA ILE C 370 31.40 -38.05 7.29
C ILE C 370 32.30 -37.04 8.00
N VAL C 371 33.22 -37.54 8.83
CA VAL C 371 34.13 -36.70 9.59
C VAL C 371 35.59 -37.12 9.36
N THR C 372 36.45 -36.16 9.05
CA THR C 372 37.89 -36.34 9.13
C THR C 372 38.36 -35.71 10.43
N GLU C 373 39.35 -36.32 11.09
CA GLU C 373 39.75 -35.89 12.43
C GLU C 373 40.10 -34.40 12.58
N ARG C 374 41.32 -34.04 12.15
CA ARG C 374 41.88 -32.69 12.28
C ARG C 374 43.41 -32.75 12.33
N ASN C 375 44.11 -31.64 12.11
CA ASN C 375 44.85 -31.48 10.89
C ASN C 375 45.50 -32.83 10.55
N GLY C 376 44.82 -33.63 9.72
CA GLY C 376 44.93 -35.07 9.86
C GLY C 376 44.77 -35.89 8.60
N GLY C 377 43.77 -36.76 8.63
CA GLY C 377 42.80 -36.71 9.68
C GLY C 377 42.70 -38.05 10.35
N ALA C 378 41.59 -38.75 10.09
CA ALA C 378 41.60 -40.15 9.67
C ALA C 378 40.42 -40.34 8.71
N ALA C 379 39.23 -40.06 9.24
CA ALA C 379 37.92 -40.18 8.59
C ALA C 379 37.23 -41.50 8.89
N TRP C 380 35.91 -41.36 9.03
CA TRP C 380 35.04 -42.24 9.78
C TRP C 380 33.59 -41.79 9.65
N ARG C 381 32.68 -42.74 9.82
CA ARG C 381 31.25 -42.54 9.63
C ARG C 381 30.57 -42.25 10.95
N GLN C 382 29.70 -41.23 10.96
CA GLN C 382 28.88 -40.94 12.12
C GLN C 382 27.68 -41.89 12.13
N THR C 383 26.90 -41.85 13.21
CA THR C 383 25.72 -42.71 13.34
C THR C 383 24.71 -42.45 12.23
N ILE C 384 24.57 -41.18 11.85
CA ILE C 384 23.58 -40.76 10.84
C ILE C 384 23.93 -41.17 9.41
N PHE C 385 25.16 -41.65 9.22
CA PHE C 385 25.63 -42.13 7.92
C PHE C 385 24.75 -43.26 7.37
N TYR C 386 24.45 -44.24 8.22
CA TYR C 386 23.83 -45.49 7.77
C TYR C 386 22.35 -45.43 7.38
N PRO C 387 21.51 -44.70 8.15
CA PRO C 387 20.12 -44.56 7.70
C PRO C 387 20.05 -43.90 6.33
N PHE C 388 20.92 -42.93 6.07
CA PHE C 388 21.01 -42.28 4.77
C PHE C 388 21.45 -43.26 3.70
N MET C 389 22.54 -43.99 3.99
CA MET C 389 23.09 -44.96 3.05
C MET C 389 22.04 -45.98 2.62
N HIS C 390 21.28 -46.49 3.58
CA HIS C 390 20.21 -47.45 3.32
C HIS C 390 19.12 -46.85 2.45
N ALA C 391 18.72 -45.62 2.79
CA ALA C 391 17.68 -44.90 2.04
C ALA C 391 18.10 -44.66 0.59
N SER C 392 19.32 -44.19 0.40
CA SER C 392 19.86 -43.89 -0.92
C SER C 392 20.05 -45.15 -1.77
N LYS C 393 20.44 -46.26 -1.14
CA LYS C 393 20.72 -47.50 -1.85
C LYS C 393 19.46 -48.28 -2.22
N TYR C 394 18.56 -48.45 -1.24
CA TYR C 394 17.37 -49.29 -1.44
C TYR C 394 16.09 -48.48 -1.71
N GLY C 395 16.21 -47.17 -1.67
CA GLY C 395 15.06 -46.28 -1.88
C GLY C 395 14.95 -45.71 -3.28
N ARG C 396 15.25 -46.54 -4.29
CA ARG C 396 15.08 -46.16 -5.69
C ARG C 396 13.92 -46.93 -6.29
N GLY C 397 12.90 -46.22 -6.75
CA GLY C 397 11.72 -46.84 -7.34
C GLY C 397 10.44 -46.06 -7.12
N ILE C 398 9.39 -46.75 -6.74
CA ILE C 398 8.06 -46.16 -6.58
C ILE C 398 7.57 -46.24 -5.14
N VAL C 399 7.24 -45.09 -4.56
CA VAL C 399 6.69 -45.01 -3.21
C VAL C 399 5.25 -45.48 -3.20
N LEU C 400 4.93 -46.37 -2.25
CA LEU C 400 3.58 -46.88 -2.08
C LEU C 400 2.89 -46.20 -0.90
N GLN C 401 1.58 -46.03 -1.01
CA GLN C 401 0.79 -45.42 0.07
C GLN C 401 0.93 -46.19 1.37
N PRO C 402 1.43 -45.53 2.43
CA PRO C 402 1.58 -46.19 3.71
C PRO C 402 0.25 -46.30 4.45
N VAL C 403 -0.56 -47.27 4.03
CA VAL C 403 -1.80 -47.59 4.73
C VAL C 403 -1.40 -48.34 5.98
N ILE C 404 -1.79 -47.80 7.11
CA ILE C 404 -1.10 -48.04 8.36
C ILE C 404 -2.05 -47.96 9.55
N ASN C 405 -1.91 -48.89 10.48
CA ASN C 405 -2.51 -48.75 11.79
C ASN C 405 -1.54 -49.19 12.89
N SER C 406 -0.95 -48.19 13.53
CA SER C 406 0.07 -48.40 14.54
C SER C 406 -0.48 -47.91 15.89
N PRO C 407 -0.05 -48.55 17.00
CA PRO C 407 -0.36 -48.02 18.32
C PRO C 407 0.14 -46.59 18.47
N LEU C 408 -0.54 -45.81 19.29
CA LEU C 408 -0.16 -44.44 19.51
C LEU C 408 0.58 -44.30 20.81
N HIS C 409 1.20 -43.14 20.99
CA HIS C 409 1.71 -42.71 22.28
C HIS C 409 1.82 -41.20 22.35
N ASP C 410 1.63 -40.65 23.54
CA ASP C 410 1.83 -39.22 23.78
C ASP C 410 3.23 -38.98 24.32
N THR C 411 3.83 -37.86 23.90
CA THR C 411 5.09 -37.41 24.48
C THR C 411 4.83 -36.10 25.22
N SER C 412 5.89 -35.49 25.75
CA SER C 412 5.77 -34.27 26.55
C SER C 412 5.16 -33.09 25.78
N LYS C 413 5.43 -33.00 24.48
CA LYS C 413 4.97 -31.88 23.66
C LYS C 413 4.21 -32.29 22.39
N HIS C 414 3.93 -33.58 22.26
CA HIS C 414 3.17 -34.09 21.11
C HIS C 414 2.08 -35.06 21.56
N GLU C 415 1.02 -35.14 20.75
CA GLU C 415 -0.10 -36.04 21.01
C GLU C 415 -0.27 -37.05 19.87
N ASP C 416 -0.76 -38.23 20.22
CA ASP C 416 -1.09 -39.30 19.25
C ASP C 416 0.01 -39.57 18.23
N VAL C 417 1.23 -39.74 18.71
CA VAL C 417 2.38 -40.05 17.88
C VAL C 417 2.40 -41.55 17.59
N THR C 418 2.43 -41.90 16.30
CA THR C 418 2.48 -43.30 15.88
C THR C 418 3.75 -43.97 16.37
N ASP C 419 3.62 -45.17 16.92
CA ASP C 419 4.77 -45.95 17.36
C ASP C 419 5.60 -46.39 16.17
N ILE C 420 4.92 -46.86 15.12
CA ILE C 420 5.57 -47.22 13.86
C ILE C 420 5.45 -46.13 12.81
N GLU C 421 6.58 -45.80 12.21
CA GLU C 421 6.61 -44.92 11.04
C GLU C 421 7.27 -45.71 9.92
N SER C 422 6.50 -45.95 8.85
CA SER C 422 6.93 -46.87 7.82
C SER C 422 6.53 -46.45 6.42
N VAL C 423 7.31 -46.91 5.45
CA VAL C 423 7.03 -46.68 4.05
C VAL C 423 7.67 -47.76 3.21
N ALA C 424 6.93 -48.26 2.23
CA ALA C 424 7.41 -49.29 1.32
C ALA C 424 7.61 -48.68 -0.05
N ILE C 425 8.78 -48.92 -0.64
CA ILE C 425 9.00 -48.53 -2.03
C ILE C 425 9.23 -49.76 -2.91
N TYR C 426 8.55 -49.78 -4.05
CA TYR C 426 8.58 -50.91 -4.96
C TYR C 426 9.49 -50.63 -6.16
N ASN C 427 10.57 -51.39 -6.26
CA ASN C 427 11.35 -51.46 -7.47
C ASN C 427 11.45 -52.89 -7.93
N GLU C 428 11.46 -53.11 -9.24
CA GLU C 428 10.32 -52.76 -10.07
C GLU C 428 10.52 -53.33 -11.46
N GLU C 429 11.62 -54.03 -11.65
CA GLU C 429 12.68 -53.53 -12.48
C GLU C 429 13.98 -54.27 -12.19
N LYS C 430 13.86 -55.35 -11.41
CA LYS C 430 14.63 -55.50 -10.19
C LYS C 430 13.79 -56.23 -9.17
N GLU C 431 12.49 -55.96 -9.19
CA GLU C 431 11.52 -56.91 -8.65
C GLU C 431 11.70 -57.05 -7.16
N GLU C 432 11.94 -55.93 -6.48
CA GLU C 432 12.19 -55.92 -5.06
C GLU C 432 11.24 -54.93 -4.40
N VAL C 433 10.83 -55.24 -3.17
CA VAL C 433 10.11 -54.29 -2.32
C VAL C 433 10.94 -54.08 -1.06
N THR C 434 11.10 -52.82 -0.66
CA THR C 434 11.85 -52.48 0.52
C THR C 434 11.01 -51.67 1.49
N ILE C 435 10.89 -52.18 2.73
CA ILE C 435 10.15 -51.49 3.78
C ILE C 435 11.11 -50.82 4.76
N PHE C 436 10.99 -49.51 4.88
CA PHE C 436 11.73 -48.76 5.88
C PHE C 436 10.80 -48.53 7.06
N ALA C 437 11.24 -48.91 8.25
CA ALA C 437 10.40 -48.80 9.45
C ALA C 437 11.18 -48.34 10.67
N VAL C 438 10.62 -47.42 11.43
CA VAL C 438 11.27 -46.99 12.64
C VAL C 438 10.30 -47.09 13.79
N ASN C 439 10.83 -47.28 14.99
CA ASN C 439 10.03 -47.65 16.11
C ASN C 439 10.56 -47.06 17.39
N ARG C 440 10.99 -45.82 17.34
CA ARG C 440 10.19 -44.70 17.79
C ARG C 440 9.52 -44.89 19.13
N ASN C 441 9.58 -46.10 19.67
CA ASN C 441 9.09 -46.37 21.02
C ASN C 441 9.76 -47.56 21.70
N ILE C 442 11.07 -47.55 21.85
CA ILE C 442 11.75 -46.63 22.80
C ILE C 442 11.65 -47.33 24.16
N HIS C 443 10.67 -48.22 24.28
CA HIS C 443 10.45 -48.96 25.51
C HIS C 443 10.07 -50.39 25.20
N GLU C 444 8.90 -50.57 24.60
CA GLU C 444 8.49 -51.85 24.04
C GLU C 444 8.77 -52.07 22.54
N ASP C 445 9.25 -53.27 22.22
CA ASP C 445 9.28 -53.93 20.93
C ASP C 445 7.86 -54.18 20.45
N ILE C 446 7.66 -54.03 19.14
CA ILE C 446 6.37 -54.32 18.53
C ILE C 446 6.53 -55.14 17.24
N VAL C 447 5.55 -56.02 17.00
CA VAL C 447 5.51 -56.84 15.81
C VAL C 447 4.70 -56.16 14.71
N LEU C 448 5.35 -55.93 13.56
CA LEU C 448 4.69 -55.31 12.41
C LEU C 448 4.24 -56.37 11.40
N VAL C 449 2.93 -56.57 11.32
CA VAL C 449 2.34 -57.48 10.34
C VAL C 449 2.11 -56.72 9.03
N SER C 450 3.00 -56.95 8.06
CA SER C 450 2.92 -56.31 6.76
C SER C 450 2.22 -57.21 5.74
N ASP C 451 0.99 -56.83 5.40
CA ASP C 451 0.20 -57.55 4.41
C ASP C 451 0.60 -57.11 3.01
N VAL C 452 1.57 -57.78 2.43
CA VAL C 452 1.87 -57.60 1.03
C VAL C 452 0.77 -58.19 0.16
N ARG C 453 0.06 -57.32 -0.56
CA ARG C 453 -1.11 -57.74 -1.29
C ARG C 453 -0.82 -57.90 -2.78
N GLY C 454 0.47 -57.96 -3.10
CA GLY C 454 1.00 -58.08 -4.44
C GLY C 454 1.36 -59.46 -4.98
N MET C 455 2.48 -60.01 -4.56
CA MET C 455 3.77 -59.38 -4.71
C MET C 455 4.76 -60.18 -3.89
N ARG C 459 9.30 -63.24 -1.58
CA ARG C 459 10.13 -63.86 -0.56
C ARG C 459 11.13 -62.92 0.12
N LEU C 460 11.52 -63.26 1.33
CA LEU C 460 12.47 -62.45 2.15
C LEU C 460 13.82 -62.85 1.55
N LEU C 461 14.42 -61.93 0.81
CA LEU C 461 15.81 -61.50 1.02
C LEU C 461 16.34 -61.35 2.44
N GLU C 462 16.32 -60.14 2.97
CA GLU C 462 17.03 -59.85 4.21
C GLU C 462 16.32 -58.79 5.06
N HIS C 463 16.75 -58.68 6.30
CA HIS C 463 16.23 -57.68 7.23
C HIS C 463 17.39 -56.97 7.93
N ILE C 464 17.76 -55.80 7.42
CA ILE C 464 18.84 -55.00 8.01
C ILE C 464 18.30 -54.14 9.15
N VAL C 465 19.05 -54.10 10.24
CA VAL C 465 18.61 -53.40 11.44
C VAL C 465 19.69 -52.45 11.97
N LEU C 466 19.27 -51.39 12.67
CA LEU C 466 20.18 -50.42 13.25
C LEU C 466 19.74 -50.06 14.66
N GLU C 467 20.46 -50.60 15.64
CA GLU C 467 20.06 -50.52 17.04
C GLU C 467 21.21 -50.28 18.01
N HIS C 468 20.86 -49.92 19.24
CA HIS C 468 21.78 -49.88 20.36
C HIS C 468 20.99 -49.85 21.66
N GLN C 469 21.61 -50.30 22.75
CA GLN C 469 20.98 -50.25 24.06
C GLN C 469 21.12 -48.87 24.68
N ASP C 470 21.99 -48.05 24.10
CA ASP C 470 22.28 -46.74 24.64
C ASP C 470 22.30 -45.54 23.70
N LEU C 471 21.35 -44.64 23.91
CA LEU C 471 20.60 -43.99 22.86
C LEU C 471 21.52 -42.87 22.54
N LYS C 472 22.36 -42.62 23.53
CA LYS C 472 23.35 -41.53 23.53
C LYS C 472 24.73 -41.95 23.02
N ILE C 473 24.86 -43.24 22.68
CA ILE C 473 26.15 -43.77 22.20
C ILE C 473 26.52 -43.14 20.87
N ARG C 474 27.82 -42.94 20.66
CA ARG C 474 28.32 -42.26 19.48
C ARG C 474 29.38 -43.07 18.75
N ASN C 475 29.70 -42.67 17.52
CA ASN C 475 30.84 -43.20 16.79
C ASN C 475 32.03 -42.26 16.94
N SER C 476 33.22 -42.79 16.65
CA SER C 476 34.44 -41.99 16.68
C SER C 476 35.46 -42.54 15.70
N VAL C 477 36.67 -41.99 15.76
CA VAL C 477 37.77 -42.41 14.88
C VAL C 477 38.22 -43.87 15.14
N ASN C 478 37.81 -44.40 16.28
CA ASN C 478 38.04 -45.79 16.65
C ASN C 478 36.79 -46.67 16.71
N GLY C 479 36.03 -46.76 15.61
CA GLY C 479 34.69 -47.38 15.62
C GLY C 479 33.68 -46.41 16.22
N GLU C 480 32.44 -46.33 15.73
CA GLU C 480 31.71 -47.25 14.82
C GLU C 480 31.01 -48.35 15.62
N GLU C 481 29.84 -47.99 16.12
CA GLU C 481 29.30 -48.52 17.36
C GLU C 481 27.81 -48.86 17.29
N VAL C 482 27.03 -47.91 16.80
CA VAL C 482 26.29 -47.96 15.52
C VAL C 482 26.95 -48.37 14.21
N TYR C 483 26.44 -49.45 13.64
CA TYR C 483 26.68 -49.94 12.27
C TYR C 483 25.58 -50.96 11.90
N PRO C 484 25.28 -51.12 10.59
CA PRO C 484 24.20 -52.02 10.20
C PRO C 484 24.47 -53.49 10.56
N LYS C 485 23.65 -54.03 11.46
CA LYS C 485 23.66 -55.46 11.76
C LYS C 485 22.66 -56.14 10.83
N ASN C 486 23.13 -57.18 10.15
CA ASN C 486 22.35 -57.89 9.13
C ASN C 486 21.66 -59.11 9.76
N SER C 487 20.53 -58.88 10.43
CA SER C 487 19.92 -59.93 11.27
C SER C 487 18.46 -60.32 11.12
N ASP C 488 18.00 -61.03 12.16
CA ASP C 488 16.59 -61.23 12.54
C ASP C 488 15.99 -62.54 11.97
N LYS C 489 14.66 -62.69 11.96
CA LYS C 489 13.77 -62.04 12.92
C LYS C 489 12.48 -61.55 12.25
N SER C 490 11.89 -62.37 11.39
CA SER C 490 11.02 -61.85 10.32
C SER C 490 11.47 -62.54 9.02
N SER C 491 10.64 -63.33 8.31
CA SER C 491 9.35 -63.88 8.71
C SER C 491 8.30 -63.64 7.61
N PHE C 492 8.21 -64.54 6.62
CA PHE C 492 7.40 -64.32 5.42
C PHE C 492 6.89 -65.69 4.96
N ASP C 493 5.98 -66.28 5.75
CA ASP C 493 5.60 -67.70 5.61
C ASP C 493 4.19 -68.00 6.16
N ASP C 494 3.22 -68.31 5.29
CA ASP C 494 3.38 -68.27 3.83
C ASP C 494 3.52 -66.83 3.34
N GLY C 495 3.09 -65.90 4.20
CA GLY C 495 3.38 -64.49 4.01
C GLY C 495 2.38 -63.75 3.14
N ILE C 496 1.93 -62.56 3.55
CA ILE C 496 2.16 -61.89 4.85
C ILE C 496 3.60 -61.84 5.39
N LEU C 497 4.05 -60.64 5.70
CA LEU C 497 5.34 -60.44 6.37
C LEU C 497 5.09 -60.04 7.83
N THR C 498 5.73 -60.75 8.76
CA THR C 498 5.66 -60.42 10.18
C THR C 498 7.04 -60.02 10.68
N SER C 499 7.14 -58.83 11.27
CA SER C 499 8.43 -58.29 11.69
C SER C 499 8.43 -57.74 13.11
N MET C 500 9.11 -58.48 13.99
CA MET C 500 9.53 -58.00 15.29
C MET C 500 10.52 -56.84 15.13
N LEU C 501 10.13 -55.69 15.68
CA LEU C 501 10.91 -54.47 15.55
C LEU C 501 11.29 -53.93 16.94
N ARG C 502 12.60 -53.84 17.16
CA ARG C 502 13.18 -53.53 18.47
C ARG C 502 12.82 -52.12 18.92
N ARG C 503 12.71 -51.94 20.23
CA ARG C 503 12.33 -50.64 20.82
C ARG C 503 13.36 -49.54 20.57
N ALA C 504 12.99 -48.70 19.61
CA ALA C 504 13.85 -47.84 18.83
C ALA C 504 14.85 -48.63 18.03
N SER C 505 14.56 -48.79 16.74
CA SER C 505 15.56 -49.10 15.75
C SER C 505 15.12 -48.70 14.36
N TRP C 506 16.11 -48.62 13.48
CA TRP C 506 15.92 -48.33 12.08
C TRP C 506 15.92 -49.68 11.36
N ASN C 507 14.85 -49.96 10.64
CA ASN C 507 14.68 -51.27 10.00
C ASN C 507 14.55 -51.19 8.48
N VAL C 508 15.31 -52.02 7.80
CA VAL C 508 15.25 -52.14 6.34
C VAL C 508 14.88 -53.59 5.99
N ILE C 509 13.63 -53.80 5.60
CA ILE C 509 13.13 -55.14 5.30
C ILE C 509 12.96 -55.31 3.80
N ARG C 510 13.62 -56.33 3.25
CA ARG C 510 13.71 -56.51 1.80
C ARG C 510 13.12 -57.84 1.32
N ILE C 511 12.23 -57.74 0.33
CA ILE C 511 11.57 -58.90 -0.28
C ILE C 511 11.86 -58.95 -1.77
N GLY C 512 11.97 -60.15 -2.33
CA GLY C 512 12.19 -60.35 -3.75
C GLY C 512 11.07 -61.11 -4.43
N ALA D 14 -14.72 14.19 -51.97
CA ALA D 14 -14.40 14.66 -50.64
C ALA D 14 -13.91 16.09 -50.65
N ARG D 15 -14.34 16.86 -49.66
CA ARG D 15 -13.85 18.21 -49.48
C ARG D 15 -12.95 18.28 -48.25
N MET D 16 -11.83 18.97 -48.40
CA MET D 16 -11.16 19.59 -47.27
C MET D 16 -10.72 20.99 -47.59
N THR D 17 -10.85 21.88 -46.63
CA THR D 17 -10.24 23.20 -46.71
C THR D 17 -8.99 23.23 -45.88
N VAL D 18 -8.36 24.39 -45.80
CA VAL D 18 -6.93 24.49 -45.99
C VAL D 18 -6.43 25.90 -45.80
N ASP D 19 -6.43 26.34 -44.54
CA ASP D 19 -6.30 27.75 -44.25
C ASP D 19 -5.03 28.09 -43.48
N LYS D 20 -4.16 28.88 -44.09
CA LYS D 20 -2.86 29.18 -43.49
C LYS D 20 -2.94 29.81 -42.10
N ASP D 21 -4.07 30.45 -41.80
CA ASP D 21 -4.35 30.99 -40.46
C ASP D 21 -4.68 29.85 -39.49
N TYR D 22 -4.56 28.61 -39.98
CA TYR D 22 -5.02 27.47 -39.21
C TYR D 22 -3.93 26.47 -38.86
N LYS D 23 -3.03 26.87 -37.97
CA LYS D 23 -1.90 26.03 -37.60
C LYS D 23 -2.28 25.01 -36.54
N ILE D 24 -1.61 23.85 -36.59
CA ILE D 24 -1.58 22.92 -35.48
C ILE D 24 -0.25 23.12 -34.78
N ALA D 25 0.84 23.07 -35.54
CA ALA D 25 2.19 23.29 -35.04
C ALA D 25 3.25 23.35 -36.13
N GLU D 26 4.43 23.81 -35.74
CA GLU D 26 5.64 23.70 -36.55
C GLU D 26 6.13 22.26 -36.44
N ILE D 27 6.49 21.65 -37.56
CA ILE D 27 7.07 20.31 -37.55
C ILE D 27 8.50 20.33 -37.02
N ASP D 28 8.77 19.46 -36.06
CA ASP D 28 10.12 19.18 -35.63
C ASP D 28 10.66 18.09 -36.54
N LYS D 29 11.75 18.39 -37.25
CA LYS D 29 12.32 17.46 -38.23
C LYS D 29 12.66 16.09 -37.64
N ARG D 30 12.80 16.02 -36.33
CA ARG D 30 13.13 14.78 -35.62
C ARG D 30 12.01 13.74 -35.63
N ILE D 31 10.83 14.12 -36.15
CA ILE D 31 9.74 13.15 -36.33
C ILE D 31 9.99 12.25 -37.54
N TYR D 32 11.02 12.59 -38.33
CA TYR D 32 11.46 11.76 -39.44
C TYR D 32 12.75 11.02 -39.07
N GLY D 33 12.88 10.71 -37.79
CA GLY D 33 14.03 9.95 -37.30
C GLY D 33 13.88 8.47 -37.54
N SER D 34 14.93 7.72 -37.25
CA SER D 34 14.91 6.27 -37.36
C SER D 34 15.66 5.64 -36.18
N PHE D 35 16.00 4.36 -36.31
CA PHE D 35 16.45 3.56 -35.17
C PHE D 35 17.29 2.38 -35.66
N VAL D 36 18.51 2.26 -35.14
CA VAL D 36 19.38 1.13 -35.43
C VAL D 36 19.72 0.38 -34.15
N GLU D 37 19.32 -0.89 -34.10
CA GLU D 37 19.62 -1.76 -32.97
C GLU D 37 20.66 -2.79 -33.38
N HIS D 38 21.50 -3.19 -32.42
CA HIS D 38 22.38 -4.34 -32.60
C HIS D 38 21.53 -5.60 -32.63
N LEU D 39 20.89 -5.83 -33.77
CA LEU D 39 19.89 -6.86 -33.96
C LEU D 39 20.06 -7.41 -35.36
N GLY D 40 20.13 -8.73 -35.47
CA GLY D 40 20.22 -9.39 -36.77
C GLY D 40 21.30 -8.81 -37.66
N ARG D 41 20.90 -8.41 -38.87
CA ARG D 41 21.85 -7.88 -39.85
C ARG D 41 21.77 -6.36 -40.01
N ALA D 42 21.31 -5.68 -38.96
CA ALA D 42 21.22 -4.22 -38.97
C ALA D 42 22.59 -3.56 -39.02
N VAL D 43 23.52 -4.07 -38.21
CA VAL D 43 24.88 -3.54 -38.18
C VAL D 43 25.82 -4.43 -39.00
N TYR D 44 26.03 -5.65 -38.53
CA TYR D 44 26.91 -6.61 -39.21
C TYR D 44 26.18 -7.26 -40.38
N ASP D 45 26.86 -7.30 -41.52
CA ASP D 45 26.24 -7.67 -42.80
C ASP D 45 25.07 -6.72 -43.13
N GLY D 46 25.21 -5.47 -42.72
CA GLY D 46 24.22 -4.43 -42.97
C GLY D 46 24.89 -3.12 -43.32
N LEU D 47 24.88 -2.19 -42.37
CA LEU D 47 25.55 -0.89 -42.56
C LEU D 47 27.06 -1.02 -42.46
N TYR D 48 27.52 -2.06 -41.75
CA TYR D 48 28.94 -2.28 -41.50
C TYR D 48 29.43 -3.60 -42.10
N GLN D 49 30.21 -3.49 -43.17
CA GLN D 49 30.75 -4.65 -43.88
C GLN D 49 32.21 -4.39 -44.29
N PRO D 50 33.17 -4.67 -43.38
CA PRO D 50 34.60 -4.36 -43.56
C PRO D 50 35.19 -4.68 -44.94
N GLY D 51 35.27 -5.97 -45.28
CA GLY D 51 36.00 -6.40 -46.49
C GLY D 51 35.33 -6.13 -47.84
N ASN D 52 34.18 -5.45 -47.81
CA ASN D 52 33.35 -5.26 -48.99
C ASN D 52 33.87 -4.21 -49.96
N SER D 53 33.68 -4.45 -51.26
CA SER D 53 34.06 -3.51 -52.31
C SER D 53 33.31 -2.18 -52.22
N LYS D 54 32.06 -2.25 -51.76
CA LYS D 54 31.16 -1.11 -51.72
C LYS D 54 31.39 -0.26 -50.46
N SER D 55 32.28 -0.73 -49.61
CA SER D 55 32.59 -0.06 -48.35
C SER D 55 33.72 0.96 -48.46
N ASP D 56 33.61 2.02 -47.66
CA ASP D 56 34.72 2.94 -47.38
C ASP D 56 35.77 2.31 -46.45
N GLU D 57 36.78 3.10 -46.07
CA GLU D 57 37.90 2.60 -45.27
C GLU D 57 37.54 2.31 -43.81
N ASP D 58 36.38 2.78 -43.37
CA ASP D 58 35.89 2.50 -42.02
C ASP D 58 35.06 1.22 -42.00
N GLY D 59 34.78 0.68 -43.18
CA GLY D 59 33.99 -0.54 -43.30
C GLY D 59 32.50 -0.31 -43.54
N PHE D 60 32.12 0.95 -43.70
CA PHE D 60 30.72 1.30 -43.93
C PHE D 60 30.36 1.20 -45.41
N ARG D 61 29.24 0.54 -45.69
CA ARG D 61 28.72 0.41 -47.05
C ARG D 61 28.28 1.79 -47.57
N LYS D 62 28.94 2.24 -48.64
CA LYS D 62 28.72 3.57 -49.20
C LYS D 62 27.36 3.73 -49.86
N ASP D 63 26.87 2.66 -50.48
CA ASP D 63 25.55 2.64 -51.09
C ASP D 63 24.44 2.76 -50.05
N VAL D 64 24.66 2.12 -48.91
CA VAL D 64 23.74 2.22 -47.77
C VAL D 64 23.69 3.66 -47.26
N ILE D 65 24.86 4.27 -47.11
CA ILE D 65 24.99 5.66 -46.67
C ILE D 65 24.20 6.61 -47.58
N GLU D 66 24.27 6.39 -48.89
CA GLU D 66 23.54 7.20 -49.86
C GLU D 66 22.02 7.04 -49.73
N LEU D 67 21.58 5.82 -49.43
CA LEU D 67 20.16 5.51 -49.27
C LEU D 67 19.57 6.11 -47.99
N VAL D 68 20.38 6.18 -46.94
CA VAL D 68 19.97 6.82 -45.69
C VAL D 68 19.86 8.34 -45.87
N LYS D 69 20.88 8.92 -46.51
CA LYS D 69 20.87 10.34 -46.87
C LYS D 69 19.68 10.69 -47.76
N GLU D 70 19.31 9.74 -48.61
CA GLU D 70 18.18 9.87 -49.52
C GLU D 70 16.87 9.95 -48.72
N LEU D 71 16.74 9.09 -47.70
CA LEU D 71 15.62 9.13 -46.78
C LEU D 71 15.62 10.43 -45.97
N ASN D 72 16.81 10.96 -45.72
CA ASN D 72 17.00 12.19 -44.96
C ASN D 72 16.50 12.00 -43.53
N VAL D 73 17.35 11.44 -42.68
CA VAL D 73 17.00 11.11 -41.31
C VAL D 73 17.86 11.94 -40.35
N PRO D 74 17.24 12.91 -39.65
CA PRO D 74 17.98 13.84 -38.78
C PRO D 74 18.49 13.22 -37.48
N ILE D 75 17.80 12.19 -36.99
CA ILE D 75 18.14 11.58 -35.70
C ILE D 75 17.96 10.05 -35.73
N ILE D 76 18.92 9.33 -35.15
CA ILE D 76 18.87 7.87 -35.10
C ILE D 76 19.01 7.34 -33.67
N ARG D 77 18.01 6.57 -33.25
CA ARG D 77 18.01 5.90 -31.95
C ARG D 77 18.99 4.73 -31.97
N TYR D 78 19.74 4.57 -30.88
CA TYR D 78 20.84 3.60 -30.80
C TYR D 78 21.25 3.36 -29.34
N PRO D 79 21.66 2.12 -28.99
CA PRO D 79 21.71 0.90 -29.79
C PRO D 79 20.53 -0.05 -29.53
N GLY D 80 19.46 0.46 -28.94
CA GLY D 80 18.29 -0.35 -28.64
C GLY D 80 17.17 0.41 -27.96
N GLY D 81 16.03 -0.25 -27.80
CA GLY D 81 15.86 -1.63 -28.23
C GLY D 81 16.21 -2.61 -27.12
N ASN D 82 15.83 -3.86 -27.30
CA ASN D 82 15.84 -4.80 -26.19
C ASN D 82 17.28 -5.16 -25.88
N PHE D 83 18.12 -4.97 -26.87
CA PHE D 83 19.56 -5.10 -26.75
C PHE D 83 20.21 -4.26 -25.64
N VAL D 84 19.75 -3.02 -25.46
CA VAL D 84 20.40 -2.11 -24.54
C VAL D 84 20.22 -2.51 -23.06
N SER D 85 19.19 -3.31 -22.78
CA SER D 85 18.84 -3.66 -21.40
C SER D 85 19.84 -4.58 -20.69
N ASN D 86 20.77 -5.17 -21.46
CA ASN D 86 21.86 -5.96 -20.89
C ASN D 86 23.17 -5.72 -21.63
N TYR D 87 23.32 -4.49 -22.15
CA TYR D 87 24.51 -4.08 -22.88
C TYR D 87 25.46 -3.32 -21.97
N PHE D 88 26.76 -3.58 -22.15
CA PHE D 88 27.79 -2.89 -21.40
C PHE D 88 28.64 -2.09 -22.37
N TRP D 89 28.38 -0.79 -22.43
CA TRP D 89 28.97 0.11 -23.44
C TRP D 89 30.49 0.07 -23.52
N GLU D 90 31.15 -0.23 -22.40
CA GLU D 90 32.62 -0.35 -22.37
C GLU D 90 33.13 -1.43 -23.32
N ASP D 91 32.31 -2.46 -23.53
CA ASP D 91 32.66 -3.56 -24.43
C ASP D 91 32.78 -3.13 -25.89
N GLY D 92 32.23 -1.97 -26.22
CA GLY D 92 32.23 -1.46 -27.60
C GLY D 92 33.16 -0.30 -27.87
N VAL D 93 34.03 0.02 -26.90
CA VAL D 93 35.02 1.09 -27.07
C VAL D 93 36.44 0.60 -26.82
N GLY D 94 37.41 1.42 -27.20
CA GLY D 94 38.82 1.09 -27.02
C GLY D 94 39.37 0.22 -28.14
N PRO D 95 40.62 -0.25 -27.99
CA PRO D 95 41.24 -1.13 -28.98
C PRO D 95 40.33 -2.32 -29.32
N VAL D 96 40.08 -2.48 -30.62
CA VAL D 96 39.15 -3.50 -31.12
C VAL D 96 39.54 -4.94 -30.71
N GLU D 97 40.84 -5.20 -30.59
CA GLU D 97 41.36 -6.52 -30.20
C GLU D 97 40.97 -6.88 -28.76
N ASP D 98 40.76 -5.86 -27.93
CA ASP D 98 40.46 -6.06 -26.50
C ASP D 98 38.97 -6.08 -26.19
N ARG D 99 38.14 -5.83 -27.21
CA ARG D 99 36.69 -5.86 -27.07
C ARG D 99 36.19 -7.30 -27.00
N PRO D 100 35.45 -7.65 -25.94
CA PRO D 100 34.98 -9.01 -25.77
C PRO D 100 33.71 -9.32 -26.56
N ARG D 101 33.52 -10.59 -26.90
CA ARG D 101 32.25 -11.05 -27.47
C ARG D 101 31.29 -11.34 -26.32
N ARG D 102 30.07 -10.84 -26.44
CA ARG D 102 29.07 -10.97 -25.37
C ARG D 102 27.82 -11.69 -25.84
N LEU D 103 27.14 -12.36 -24.90
CA LEU D 103 25.85 -12.96 -25.16
C LEU D 103 24.79 -11.87 -25.18
N ASP D 104 24.07 -11.76 -26.30
CA ASP D 104 22.90 -10.91 -26.37
C ASP D 104 21.68 -11.76 -26.03
N LEU D 105 21.16 -11.57 -24.82
CA LEU D 105 20.07 -12.40 -24.31
C LEU D 105 18.76 -12.07 -25.01
N ALA D 106 18.63 -10.81 -25.43
CA ALA D 106 17.43 -10.32 -26.10
C ALA D 106 17.13 -11.08 -27.39
N TRP D 107 18.16 -11.32 -28.20
CA TRP D 107 17.96 -11.93 -29.52
C TRP D 107 18.77 -13.21 -29.72
N LYS D 108 19.18 -13.84 -28.62
CA LYS D 108 19.92 -15.10 -28.62
C LYS D 108 21.07 -15.11 -29.65
N SER D 109 21.88 -14.05 -29.61
CA SER D 109 22.98 -13.88 -30.55
C SER D 109 24.30 -13.56 -29.84
N ILE D 110 25.40 -13.72 -30.56
CA ILE D 110 26.70 -13.28 -30.07
C ILE D 110 26.98 -11.89 -30.62
N GLU D 111 27.19 -10.94 -29.71
CA GLU D 111 27.56 -9.58 -30.10
C GLU D 111 29.09 -9.46 -30.07
N PRO D 112 29.71 -9.31 -31.26
CA PRO D 112 31.16 -9.24 -31.38
C PRO D 112 31.73 -7.87 -30.96
N ASN D 113 30.85 -6.88 -30.83
CA ASN D 113 31.20 -5.52 -30.39
C ASN D 113 32.23 -4.78 -31.26
N GLN D 114 32.35 -5.21 -32.52
CA GLN D 114 33.25 -4.56 -33.47
C GLN D 114 32.78 -3.14 -33.77
N VAL D 115 31.47 -2.94 -33.80
CA VAL D 115 30.88 -1.61 -33.88
C VAL D 115 30.35 -1.22 -32.50
N GLY D 116 30.73 -0.02 -32.08
CA GLY D 116 30.28 0.50 -30.80
C GLY D 116 30.49 1.99 -30.69
N ILE D 117 29.38 2.72 -30.56
CA ILE D 117 29.34 4.14 -30.16
C ILE D 117 30.27 5.10 -30.93
N ASN D 118 31.57 4.97 -30.75
CA ASN D 118 32.58 5.64 -31.58
C ASN D 118 32.43 5.33 -33.07
N GLU D 119 32.21 4.06 -33.42
CA GLU D 119 32.07 3.64 -34.81
C GLU D 119 30.74 4.09 -35.40
N PHE D 120 29.67 3.89 -34.63
CA PHE D 120 28.34 4.39 -34.97
C PHE D 120 28.27 5.93 -35.02
N ALA D 121 29.07 6.61 -34.22
CA ALA D 121 29.11 8.07 -34.22
C ALA D 121 29.59 8.64 -35.55
N LYS D 122 30.66 8.07 -36.10
CA LYS D 122 31.18 8.53 -37.39
C LYS D 122 30.35 8.03 -38.58
N TRP D 123 29.56 6.98 -38.37
CA TRP D 123 28.60 6.54 -39.38
C TRP D 123 27.45 7.54 -39.48
N CYS D 124 27.01 8.04 -38.31
CA CYS D 124 25.96 9.05 -38.25
C CYS D 124 26.39 10.38 -38.87
N LYS D 125 27.68 10.71 -38.72
CA LYS D 125 28.27 11.86 -39.37
C LYS D 125 28.15 11.76 -40.89
N LYS D 126 28.41 10.57 -41.41
CA LYS D 126 28.39 10.29 -42.83
C LYS D 126 26.97 10.28 -43.43
N VAL D 127 25.98 9.99 -42.59
CA VAL D 127 24.57 10.00 -43.03
C VAL D 127 23.84 11.27 -42.60
N ASN D 128 24.60 12.24 -42.08
CA ASN D 128 24.08 13.54 -41.62
C ASN D 128 22.99 13.43 -40.54
N ALA D 129 23.23 12.54 -39.58
CA ALA D 129 22.28 12.28 -38.51
C ALA D 129 22.90 12.46 -37.14
N GLU D 130 22.08 12.81 -36.16
CA GLU D 130 22.53 12.87 -34.77
C GLU D 130 22.08 11.64 -34.02
N ILE D 131 22.86 11.24 -33.02
CA ILE D 131 22.56 10.05 -32.23
C ILE D 131 21.55 10.37 -31.14
N MET D 132 20.57 9.47 -30.96
CA MET D 132 19.75 9.44 -29.77
C MET D 132 20.15 8.21 -28.98
N MET D 133 20.94 8.41 -27.93
CA MET D 133 21.57 7.32 -27.21
C MET D 133 20.69 6.73 -26.10
N ALA D 134 20.53 5.41 -26.13
CA ALA D 134 19.86 4.69 -25.06
C ALA D 134 20.87 4.14 -24.06
N VAL D 135 20.56 4.27 -22.78
CA VAL D 135 21.41 3.74 -21.71
C VAL D 135 20.82 2.45 -21.12
N ASN D 136 21.70 1.57 -20.64
CA ASN D 136 21.27 0.34 -19.96
C ASN D 136 20.69 0.63 -18.59
N LEU D 137 19.37 0.50 -18.46
CA LEU D 137 18.72 0.58 -17.16
C LEU D 137 18.02 -0.73 -16.81
N GLY D 138 18.40 -1.80 -17.50
CA GLY D 138 17.92 -3.14 -17.20
C GLY D 138 18.78 -3.79 -16.14
N THR D 139 20.05 -4.02 -16.47
CA THR D 139 21.01 -4.64 -15.54
C THR D 139 22.00 -3.63 -14.96
N ARG D 140 21.95 -2.39 -15.42
CA ARG D 140 22.82 -1.32 -14.93
C ARG D 140 22.00 -0.12 -14.44
N GLY D 141 22.68 0.85 -13.82
CA GLY D 141 21.99 1.97 -13.17
C GLY D 141 22.58 3.35 -13.38
N ILE D 142 22.48 4.18 -12.34
CA ILE D 142 22.77 5.61 -12.39
C ILE D 142 24.22 5.92 -12.81
N SER D 143 25.18 5.35 -12.09
CA SER D 143 26.60 5.67 -12.29
C SER D 143 27.11 5.28 -13.68
N ASP D 144 26.58 4.19 -14.23
CA ASP D 144 26.95 3.73 -15.56
C ASP D 144 26.42 4.67 -16.65
N ALA D 145 25.21 5.19 -16.44
CA ALA D 145 24.63 6.19 -17.33
C ALA D 145 25.42 7.48 -17.27
N CYS D 146 25.88 7.83 -16.07
CA CYS D 146 26.74 8.99 -15.87
C CYS D 146 28.08 8.83 -16.59
N ASN D 147 28.66 7.64 -16.49
CA ASN D 147 29.93 7.32 -17.15
C ASN D 147 29.85 7.49 -18.65
N LEU D 148 28.78 6.96 -19.25
CA LEU D 148 28.58 7.03 -20.69
C LEU D 148 28.33 8.46 -21.18
N LEU D 149 27.57 9.23 -20.39
CA LEU D 149 27.31 10.62 -20.70
C LEU D 149 28.59 11.46 -20.64
N GLU D 150 29.40 11.22 -19.60
CA GLU D 150 30.70 11.88 -19.46
C GLU D 150 31.61 11.53 -20.64
N TYR D 151 31.66 10.24 -20.98
CA TYR D 151 32.42 9.74 -22.12
C TYR D 151 32.06 10.48 -23.40
N CYS D 152 30.75 10.63 -23.64
CA CYS D 152 30.25 11.21 -24.88
C CYS D 152 30.24 12.74 -24.93
N ASN D 153 29.90 13.38 -23.82
CA ASN D 153 29.60 14.81 -23.84
C ASN D 153 30.61 15.76 -23.16
N HIS D 154 31.34 15.25 -22.17
CA HIS D 154 32.31 16.09 -21.47
C HIS D 154 33.58 16.28 -22.31
N PRO D 155 34.05 17.54 -22.43
CA PRO D 155 35.18 17.90 -23.30
C PRO D 155 36.45 17.10 -23.01
N GLY D 156 36.84 17.05 -21.74
CA GLY D 156 38.08 16.37 -21.32
C GLY D 156 38.48 16.75 -19.92
N GLY D 157 39.54 16.11 -19.43
CA GLY D 157 40.09 16.41 -18.11
C GLY D 157 39.47 15.62 -16.97
N SER D 158 38.78 14.52 -17.31
CA SER D 158 38.23 13.60 -16.32
C SER D 158 38.32 12.16 -16.83
N LYS D 159 38.07 11.20 -15.93
CA LYS D 159 38.29 9.77 -16.20
C LYS D 159 37.74 9.28 -17.54
N TYR D 160 36.45 9.50 -17.77
CA TYR D 160 35.78 8.94 -18.94
C TYR D 160 35.85 9.80 -20.20
N SER D 161 36.02 11.11 -20.02
CA SER D 161 36.19 12.02 -21.13
C SER D 161 37.58 11.86 -21.76
N ASP D 162 38.60 11.72 -20.91
CA ASP D 162 39.97 11.44 -21.36
C ASP D 162 40.06 10.08 -22.04
N MET D 163 39.22 9.16 -21.60
CA MET D 163 39.13 7.82 -22.16
C MET D 163 38.69 7.86 -23.62
N ARG D 164 37.72 8.73 -23.93
CA ARG D 164 37.26 8.96 -25.30
C ARG D 164 38.37 9.55 -26.16
N ILE D 165 39.10 10.53 -25.61
CA ILE D 165 40.22 11.17 -26.28
C ILE D 165 41.31 10.14 -26.62
N LYS D 166 41.59 9.26 -25.65
CA LYS D 166 42.56 8.17 -25.83
C LYS D 166 42.10 7.18 -26.89
N HIS D 167 40.78 6.98 -26.99
CA HIS D 167 40.21 6.04 -27.96
C HIS D 167 40.15 6.58 -29.39
N GLY D 168 40.57 7.83 -29.59
CA GLY D 168 40.70 8.41 -30.92
C GLY D 168 39.70 9.48 -31.29
N VAL D 169 38.82 9.83 -30.36
CA VAL D 169 37.83 10.88 -30.60
C VAL D 169 38.10 12.10 -29.70
N LYS D 170 38.73 13.11 -30.28
CA LYS D 170 39.15 14.30 -29.55
C LYS D 170 37.96 15.15 -29.10
N GLU D 171 37.08 15.47 -30.05
CA GLU D 171 35.89 16.26 -29.76
C GLU D 171 34.78 15.38 -29.19
N PRO D 172 34.05 15.88 -28.16
CA PRO D 172 32.91 15.14 -27.63
C PRO D 172 31.80 15.00 -28.68
N HIS D 173 31.08 13.88 -28.61
CA HIS D 173 29.99 13.59 -29.56
C HIS D 173 28.82 14.56 -29.40
N ASN D 174 28.66 15.11 -28.20
CA ASN D 174 27.56 16.03 -27.86
C ASN D 174 26.18 15.47 -28.23
N ILE D 175 25.88 14.28 -27.70
CA ILE D 175 24.58 13.67 -27.90
C ILE D 175 23.53 14.43 -27.09
N LYS D 176 22.53 14.93 -27.79
CA LYS D 176 21.55 15.85 -27.22
C LYS D 176 20.35 15.14 -26.58
N VAL D 177 19.92 14.03 -27.20
CA VAL D 177 18.76 13.29 -26.69
C VAL D 177 19.17 11.90 -26.20
N TRP D 178 18.77 11.56 -24.98
CA TRP D 178 19.11 10.27 -24.39
C TRP D 178 17.85 9.52 -23.95
N CYS D 179 17.86 8.20 -24.17
CA CYS D 179 16.75 7.34 -23.75
C CYS D 179 17.10 6.63 -22.44
N LEU D 180 16.25 6.83 -21.44
CA LEU D 180 16.45 6.22 -20.13
C LEU D 180 15.99 4.75 -20.16
N GLY D 181 16.85 3.90 -20.72
CA GLY D 181 16.52 2.49 -20.89
C GLY D 181 15.61 2.23 -22.08
N ASN D 182 15.19 0.98 -22.20
CA ASN D 182 14.19 0.58 -23.19
C ASN D 182 12.96 0.09 -22.44
N ALA D 183 11.80 0.06 -23.12
CA ALA D 183 10.56 -0.43 -22.50
C ALA D 183 10.82 -1.68 -21.65
N MET D 184 10.51 -1.59 -20.36
CA MET D 184 10.84 -2.65 -19.42
C MET D 184 9.65 -3.26 -18.68
N ASP D 185 8.46 -3.11 -19.26
CA ASP D 185 7.23 -3.68 -18.67
C ASP D 185 6.96 -5.09 -19.16
N GLY D 186 7.71 -5.53 -20.17
CA GLY D 186 7.50 -6.85 -20.77
C GLY D 186 8.19 -7.98 -20.03
N PRO D 187 7.50 -9.14 -19.89
CA PRO D 187 8.08 -10.34 -19.29
C PRO D 187 9.13 -11.04 -20.16
N TRP D 188 9.39 -10.50 -21.35
CA TRP D 188 10.38 -11.06 -22.27
C TRP D 188 11.71 -10.32 -22.18
N GLN D 189 11.75 -9.22 -21.44
CA GLN D 189 12.95 -8.41 -21.40
C GLN D 189 13.74 -8.57 -20.11
N VAL D 190 15.05 -8.72 -20.26
CA VAL D 190 15.97 -8.78 -19.13
C VAL D 190 15.99 -7.43 -18.41
N GLY D 191 15.92 -7.46 -17.09
CA GLY D 191 15.87 -6.25 -16.29
C GLY D 191 14.48 -5.63 -16.28
N HIS D 192 13.46 -6.48 -16.36
CA HIS D 192 12.07 -6.05 -16.29
C HIS D 192 11.80 -5.31 -14.98
N LYS D 193 11.14 -4.16 -15.08
CA LYS D 193 10.84 -3.32 -13.93
C LYS D 193 9.33 -3.15 -13.78
N THR D 194 8.89 -2.90 -12.54
CA THR D 194 7.53 -2.43 -12.30
C THR D 194 7.52 -0.93 -12.57
N MET D 195 6.34 -0.35 -12.76
CA MET D 195 6.21 1.08 -13.04
C MET D 195 6.83 1.97 -11.96
N ASP D 196 6.74 1.53 -10.71
CA ASP D 196 7.34 2.25 -9.58
C ASP D 196 8.86 2.08 -9.55
N GLU D 197 9.34 0.87 -9.85
CA GLU D 197 10.76 0.60 -9.92
C GLU D 197 11.43 1.43 -11.01
N TYR D 198 10.86 1.42 -12.21
CA TYR D 198 11.41 2.19 -13.32
C TYR D 198 11.26 3.69 -13.09
N GLY D 199 10.09 4.09 -12.60
CA GLY D 199 9.84 5.50 -12.28
C GLY D 199 10.93 6.10 -11.41
N ARG D 200 11.31 5.36 -10.37
CA ARG D 200 12.36 5.81 -9.45
C ARG D 200 13.74 5.84 -10.09
N ILE D 201 14.10 4.79 -10.82
CA ILE D 201 15.42 4.72 -11.46
C ILE D 201 15.55 5.74 -12.60
N ALA D 202 14.46 5.99 -13.32
CA ALA D 202 14.42 7.01 -14.38
C ALA D 202 14.60 8.40 -13.78
N GLU D 203 13.90 8.66 -12.67
CA GLU D 203 14.00 9.94 -11.96
C GLU D 203 15.42 10.24 -11.52
N GLU D 204 16.07 9.25 -10.90
CA GLU D 204 17.40 9.44 -10.34
C GLU D 204 18.50 9.49 -11.40
N THR D 205 18.36 8.65 -12.43
CA THR D 205 19.28 8.68 -13.57
C THR D 205 19.20 10.03 -14.28
N ALA D 206 17.98 10.49 -14.52
CA ALA D 206 17.73 11.78 -15.17
C ALA D 206 18.30 12.93 -14.36
N ARG D 207 18.08 12.89 -13.05
CA ARG D 207 18.56 13.92 -12.13
C ARG D 207 20.09 14.04 -12.18
N ALA D 208 20.76 12.88 -12.16
CA ALA D 208 22.23 12.84 -12.15
C ALA D 208 22.83 13.24 -13.49
N MET D 209 22.19 12.81 -14.59
CA MET D 209 22.66 13.11 -15.92
C MET D 209 22.64 14.61 -16.24
N LYS D 210 21.56 15.28 -15.85
CA LYS D 210 21.41 16.72 -16.10
C LYS D 210 22.33 17.57 -15.23
N MET D 211 22.98 16.95 -14.25
CA MET D 211 24.02 17.61 -13.46
C MET D 211 25.36 17.60 -14.19
N ILE D 212 25.55 16.58 -15.02
CA ILE D 212 26.75 16.49 -15.86
C ILE D 212 26.60 17.39 -17.10
N ASP D 213 25.44 17.30 -17.74
CA ASP D 213 25.15 18.09 -18.93
C ASP D 213 23.70 18.59 -18.87
N PRO D 214 23.51 19.86 -18.49
CA PRO D 214 22.15 20.45 -18.41
C PRO D 214 21.50 20.67 -19.78
N SER D 215 22.29 20.63 -20.85
CA SER D 215 21.78 20.91 -22.19
C SER D 215 21.04 19.74 -22.85
N ILE D 216 21.21 18.55 -22.28
CA ILE D 216 20.62 17.34 -22.86
C ILE D 216 19.11 17.24 -22.65
N GLU D 217 18.47 16.43 -23.50
CA GLU D 217 17.05 16.12 -23.36
C GLU D 217 16.90 14.64 -23.05
N LEU D 218 15.93 14.30 -22.22
CA LEU D 218 15.77 12.93 -21.74
C LEU D 218 14.40 12.33 -22.05
N VAL D 219 14.41 11.08 -22.49
CA VAL D 219 13.19 10.35 -22.82
C VAL D 219 12.92 9.27 -21.77
N ALA D 220 11.76 9.35 -21.13
CA ALA D 220 11.30 8.30 -20.23
C ALA D 220 10.51 7.28 -21.03
N CYS D 221 10.71 6.00 -20.72
CA CYS D 221 10.06 4.90 -21.42
C CYS D 221 8.58 4.79 -21.09
N GLY D 222 7.77 4.67 -22.13
CA GLY D 222 6.37 4.32 -21.99
C GLY D 222 6.24 2.81 -22.02
N SER D 223 5.01 2.34 -22.20
CA SER D 223 4.72 0.91 -22.31
C SER D 223 5.30 0.33 -23.61
N SER D 224 5.52 -0.97 -23.63
CA SER D 224 5.97 -1.68 -24.84
C SER D 224 4.94 -1.47 -25.94
N SER D 225 3.67 -1.64 -25.58
CA SER D 225 2.56 -1.42 -26.48
C SER D 225 1.37 -0.94 -25.65
N LYS D 226 0.34 -0.44 -26.32
CA LYS D 226 -0.89 -0.01 -25.67
C LYS D 226 -1.72 -1.20 -25.17
N ASP D 227 -1.35 -2.40 -25.60
CA ASP D 227 -2.06 -3.62 -25.23
C ASP D 227 -1.63 -4.18 -23.88
N MET D 228 -0.50 -3.70 -23.37
CA MET D 228 -0.05 -4.03 -22.02
C MET D 228 -1.08 -3.55 -21.01
N PRO D 229 -1.48 -4.42 -20.07
CA PRO D 229 -2.51 -4.05 -19.08
C PRO D 229 -2.12 -2.85 -18.21
N THR D 230 -0.82 -2.61 -18.10
CA THR D 230 -0.28 -1.52 -17.28
C THR D 230 -0.22 -0.18 -18.03
N PHE D 231 -0.64 -0.18 -19.28
CA PHE D 231 -0.84 1.06 -20.04
C PHE D 231 -2.21 1.64 -19.70
N PRO D 232 -2.29 2.98 -19.49
CA PRO D 232 -1.23 3.97 -19.52
C PRO D 232 -0.74 4.41 -18.14
N GLN D 233 -0.56 3.47 -17.22
CA GLN D 233 -0.41 3.81 -15.82
C GLN D 233 0.99 3.78 -15.17
N TRP D 234 1.85 2.83 -15.53
CA TRP D 234 2.96 3.16 -16.42
C TRP D 234 3.28 4.60 -16.78
N GLU D 235 2.71 5.11 -17.86
CA GLU D 235 3.02 6.47 -18.31
C GLU D 235 2.78 7.50 -17.21
N ALA D 236 1.65 7.39 -16.50
CA ALA D 236 1.32 8.29 -15.40
C ALA D 236 2.30 8.18 -14.23
N THR D 237 2.56 6.95 -13.79
CA THR D 237 3.47 6.68 -12.67
C THR D 237 4.89 7.20 -12.94
N VAL D 238 5.44 6.81 -14.10
CA VAL D 238 6.79 7.22 -14.49
C VAL D 238 6.93 8.74 -14.53
N LEU D 239 5.97 9.41 -15.15
CA LEU D 239 5.97 10.87 -15.23
C LEU D 239 5.74 11.52 -13.86
N ASP D 240 4.98 10.85 -13.00
CA ASP D 240 4.75 11.34 -11.64
C ASP D 240 6.05 11.41 -10.84
N TYR D 241 6.96 10.48 -11.12
CA TYR D 241 8.28 10.48 -10.47
C TYR D 241 9.24 11.45 -11.14
N ALA D 242 9.37 11.36 -12.46
CA ALA D 242 10.48 11.99 -13.18
C ALA D 242 10.16 13.30 -13.90
N TYR D 243 8.94 13.81 -13.73
CA TYR D 243 8.45 14.98 -14.49
C TYR D 243 9.46 16.11 -14.68
N ASP D 244 10.03 16.59 -13.58
CA ASP D 244 10.91 17.76 -13.60
C ASP D 244 12.26 17.53 -14.27
N TYR D 245 12.57 16.27 -14.59
CA TYR D 245 13.90 15.92 -15.09
C TYR D 245 13.89 15.29 -16.48
N VAL D 246 12.70 14.92 -16.96
CA VAL D 246 12.55 14.36 -18.30
C VAL D 246 11.83 15.33 -19.23
N ASP D 247 11.98 15.10 -20.54
CA ASP D 247 11.39 15.98 -21.54
C ASP D 247 10.39 15.24 -22.44
N TYR D 248 10.57 13.93 -22.57
CA TYR D 248 9.72 13.11 -23.43
C TYR D 248 9.23 11.83 -22.75
N ILE D 249 8.03 11.40 -23.15
CA ILE D 249 7.57 10.04 -22.90
C ILE D 249 7.54 9.34 -24.26
N SER D 250 7.85 8.05 -24.28
CA SER D 250 7.93 7.31 -25.55
C SER D 250 6.72 6.43 -25.83
N LEU D 251 6.41 6.26 -27.10
CA LEU D 251 5.34 5.39 -27.57
C LEU D 251 5.89 4.41 -28.58
N HIS D 252 5.39 3.18 -28.53
CA HIS D 252 5.81 2.13 -29.44
C HIS D 252 4.57 1.49 -30.07
N GLN D 253 4.57 1.36 -31.39
CA GLN D 253 3.44 0.76 -32.09
C GLN D 253 3.84 0.02 -33.37
N TYR D 254 3.39 -1.24 -33.46
CA TYR D 254 3.57 -2.04 -34.67
C TYR D 254 2.23 -2.58 -35.15
N TYR D 255 2.07 -2.66 -36.47
CA TYR D 255 0.86 -3.21 -37.06
C TYR D 255 1.15 -4.38 -38.00
N GLY D 256 0.19 -5.29 -38.13
CA GLY D 256 0.32 -6.47 -38.98
C GLY D 256 -0.97 -6.84 -39.70
N ASN D 257 -0.83 -7.60 -40.77
CA ASN D 257 -1.97 -8.04 -41.57
C ASN D 257 -2.04 -9.57 -41.70
N LYS D 258 -1.86 -10.26 -40.58
CA LYS D 258 -1.96 -11.72 -40.55
C LYS D 258 -3.37 -12.20 -40.88
N GLU D 259 -4.37 -11.38 -40.57
CA GLU D 259 -5.77 -11.65 -40.87
C GLU D 259 -6.06 -11.60 -42.36
N ASN D 260 -5.18 -10.93 -43.10
CA ASN D 260 -5.28 -10.77 -44.56
C ASN D 260 -6.49 -9.91 -44.95
N ASP D 261 -6.75 -8.88 -44.16
CA ASP D 261 -7.86 -7.95 -44.39
C ASP D 261 -7.32 -6.55 -44.63
N THR D 262 -7.04 -6.25 -45.91
CA THR D 262 -6.44 -4.97 -46.31
C THR D 262 -7.24 -3.75 -45.85
N ALA D 263 -8.57 -3.84 -45.95
CA ALA D 263 -9.46 -2.75 -45.54
C ALA D 263 -9.30 -2.44 -44.05
N ASP D 264 -9.35 -3.48 -43.22
CA ASP D 264 -9.19 -3.35 -41.77
C ASP D 264 -7.77 -2.97 -41.39
N PHE D 265 -6.82 -3.45 -42.17
CA PHE D 265 -5.40 -3.17 -41.99
C PHE D 265 -5.09 -1.69 -42.15
N LEU D 266 -5.71 -1.06 -43.16
CA LEU D 266 -5.50 0.36 -43.44
C LEU D 266 -6.27 1.28 -42.49
N ALA D 267 -7.20 0.71 -41.75
CA ALA D 267 -7.99 1.45 -40.76
C ALA D 267 -7.23 1.64 -39.45
N LYS D 268 -6.10 0.96 -39.32
CA LYS D 268 -5.36 0.90 -38.05
C LYS D 268 -4.63 2.20 -37.66
N SER D 269 -4.58 3.15 -38.58
CA SER D 269 -4.04 4.48 -38.27
C SER D 269 -4.99 5.28 -37.37
N ASP D 270 -6.27 4.88 -37.35
CA ASP D 270 -7.25 5.44 -36.42
C ASP D 270 -6.96 5.00 -34.99
N ASP D 271 -6.48 3.76 -34.84
CA ASP D 271 -6.06 3.23 -33.54
C ASP D 271 -4.79 3.93 -33.06
N LEU D 272 -3.94 4.31 -34.01
CA LEU D 272 -2.73 5.07 -33.72
C LEU D 272 -3.08 6.46 -33.20
N ASP D 273 -4.08 7.09 -33.82
CA ASP D 273 -4.56 8.41 -33.42
C ASP D 273 -5.09 8.38 -31.98
N ASP D 274 -5.88 7.37 -31.66
CA ASP D 274 -6.41 7.17 -30.31
C ASP D 274 -5.29 6.93 -29.29
N PHE D 275 -4.30 6.13 -29.71
CA PHE D 275 -3.13 5.82 -28.88
C PHE D 275 -2.36 7.09 -28.52
N ILE D 276 -2.09 7.93 -29.52
CA ILE D 276 -1.38 9.20 -29.30
C ILE D 276 -2.16 10.11 -28.34
N ARG D 277 -3.47 10.24 -28.57
CA ARG D 277 -4.33 11.08 -27.75
C ARG D 277 -4.38 10.61 -26.29
N SER D 278 -4.40 9.30 -26.09
CA SER D 278 -4.39 8.70 -24.75
C SER D 278 -3.14 9.08 -23.96
N VAL D 279 -1.99 9.09 -24.66
CA VAL D 279 -0.71 9.42 -24.06
C VAL D 279 -0.62 10.93 -23.76
N ILE D 280 -1.14 11.75 -24.67
CA ILE D 280 -1.21 13.20 -24.44
C ILE D 280 -2.08 13.51 -23.23
N ALA D 281 -3.23 12.84 -23.14
CA ALA D 281 -4.15 13.00 -22.00
C ALA D 281 -3.48 12.61 -20.68
N THR D 282 -2.72 11.53 -20.70
CA THR D 282 -1.97 11.06 -19.54
C THR D 282 -0.93 12.09 -19.11
N CYS D 283 -0.24 12.68 -20.08
CA CYS D 283 0.75 13.73 -19.84
C CYS D 283 0.12 14.97 -19.21
N ASP D 284 -1.00 15.41 -19.78
CA ASP D 284 -1.71 16.59 -19.30
C ASP D 284 -2.30 16.39 -17.92
N TYR D 285 -2.70 15.15 -17.61
CA TYR D 285 -3.21 14.80 -16.29
C TYR D 285 -2.15 14.98 -15.21
N ILE D 286 -0.95 14.44 -15.46
CA ILE D 286 0.19 14.59 -14.55
C ILE D 286 0.67 16.04 -14.46
N LYS D 287 0.60 16.75 -15.59
CA LYS D 287 0.91 18.18 -15.64
C LYS D 287 0.06 18.97 -14.63
N ALA D 288 -1.23 18.68 -14.59
CA ALA D 288 -2.15 19.32 -13.66
C ALA D 288 -1.85 18.93 -12.21
N LYS D 289 -1.46 17.68 -12.00
CA LYS D 289 -1.09 17.16 -10.69
C LYS D 289 0.14 17.87 -10.14
N LYS D 290 1.08 18.18 -11.03
CA LYS D 290 2.33 18.85 -10.67
C LYS D 290 2.21 20.37 -10.62
N ARG D 291 1.15 20.91 -11.22
CA ARG D 291 0.98 22.35 -11.44
C ARG D 291 2.17 22.92 -12.20
N SER D 292 2.63 22.17 -13.19
CA SER D 292 3.79 22.53 -13.99
C SER D 292 3.38 23.34 -15.22
N LYS D 293 4.28 24.24 -15.63
CA LYS D 293 4.06 25.04 -16.83
C LYS D 293 4.66 24.34 -18.06
N LYS D 294 5.41 23.28 -17.79
CA LYS D 294 6.08 22.49 -18.83
C LYS D 294 5.16 21.41 -19.38
N ASP D 295 5.16 21.28 -20.70
CA ASP D 295 4.49 20.16 -21.36
C ASP D 295 5.51 19.06 -21.64
N ILE D 296 5.15 17.83 -21.30
CA ILE D 296 5.91 16.65 -21.72
C ILE D 296 5.57 16.40 -23.17
N TYR D 297 6.59 16.23 -24.00
CA TYR D 297 6.39 15.94 -25.42
C TYR D 297 6.52 14.46 -25.71
N LEU D 298 6.01 14.05 -26.87
CA LEU D 298 5.95 12.63 -27.22
C LEU D 298 7.09 12.24 -28.15
N SER D 299 7.80 11.17 -27.78
CA SER D 299 8.83 10.61 -28.62
C SER D 299 8.37 9.24 -29.12
N PHE D 300 7.86 9.20 -30.34
CA PHE D 300 7.37 7.94 -30.91
C PHE D 300 8.55 7.16 -31.48
N ASP D 301 9.44 6.70 -30.59
CA ASP D 301 10.73 6.16 -31.00
C ASP D 301 10.72 4.70 -31.48
N GLU D 302 9.53 4.18 -31.73
CA GLU D 302 9.35 2.87 -32.37
C GLU D 302 8.00 2.79 -33.07
N TRP D 303 8.02 2.83 -34.39
CA TRP D 303 6.82 2.65 -35.20
C TRP D 303 7.14 2.03 -36.56
N ASN D 304 6.27 1.12 -37.01
CA ASN D 304 6.40 0.47 -38.31
C ASN D 304 5.36 -0.63 -38.49
N VAL D 305 5.29 -1.18 -39.70
CA VAL D 305 4.59 -2.43 -39.97
C VAL D 305 5.59 -3.55 -39.66
N TRP D 306 5.11 -4.61 -39.00
CA TRP D 306 5.96 -5.74 -38.63
C TRP D 306 5.12 -7.00 -38.37
N TYR D 307 5.20 -7.96 -39.29
CA TYR D 307 4.48 -9.24 -39.16
C TYR D 307 4.96 -10.36 -40.09
N HIS D 308 5.56 -9.99 -41.23
CA HIS D 308 5.94 -10.96 -42.26
C HIS D 308 6.92 -12.05 -41.79
N SER D 309 7.97 -11.63 -41.08
CA SER D 309 9.06 -12.53 -40.72
C SER D 309 8.87 -13.27 -39.39
N ASN D 310 7.64 -13.22 -38.85
CA ASN D 310 7.32 -13.85 -37.56
C ASN D 310 7.67 -15.33 -37.47
N ASN D 311 7.14 -16.13 -38.40
CA ASN D 311 7.38 -17.57 -38.41
C ASN D 311 8.84 -17.95 -38.65
N GLU D 312 9.48 -17.24 -39.57
CA GLU D 312 10.90 -17.45 -39.87
C GLU D 312 11.80 -17.12 -38.68
N ASP D 313 11.42 -16.09 -37.90
CA ASP D 313 12.14 -15.75 -36.68
C ASP D 313 12.02 -16.83 -35.61
N ALA D 314 10.88 -17.52 -35.58
CA ALA D 314 10.60 -18.57 -34.59
C ALA D 314 11.43 -19.82 -34.87
N ASN D 315 11.57 -20.12 -36.16
CA ASN D 315 12.58 -21.04 -36.67
C ASN D 315 13.99 -20.75 -36.18
N ILE D 316 14.47 -19.52 -36.39
CA ILE D 316 15.89 -19.19 -36.23
C ILE D 316 16.39 -19.25 -34.77
N MET D 317 15.46 -19.42 -33.83
CA MET D 317 15.66 -19.26 -32.39
C MET D 317 14.89 -20.32 -31.64
N GLN D 318 15.65 -21.13 -30.92
CA GLN D 318 15.45 -22.54 -30.67
C GLN D 318 15.71 -23.35 -31.95
N ASN D 319 16.89 -23.15 -32.55
CA ASN D 319 17.22 -23.71 -33.88
C ASN D 319 18.70 -24.06 -34.13
N GLU D 320 19.59 -23.39 -33.41
CA GLU D 320 20.28 -22.20 -33.95
C GLU D 320 20.46 -20.94 -33.08
N PRO D 321 20.93 -21.06 -31.84
CA PRO D 321 21.33 -19.86 -31.05
C PRO D 321 22.80 -19.60 -31.44
N TRP D 322 23.20 -18.34 -31.51
CA TRP D 322 24.38 -17.84 -30.83
C TRP D 322 25.53 -17.68 -31.81
N ARG D 323 25.32 -18.01 -33.08
CA ARG D 323 24.87 -17.06 -34.11
C ARG D 323 25.27 -15.58 -34.04
N ILE D 324 26.20 -15.20 -34.91
CA ILE D 324 26.53 -13.80 -35.16
C ILE D 324 25.71 -13.30 -36.34
N ALA D 325 25.04 -12.16 -36.15
CA ALA D 325 24.23 -11.52 -37.18
C ALA D 325 23.29 -12.47 -37.93
N PRO D 326 22.36 -13.13 -37.20
CA PRO D 326 21.38 -13.98 -37.87
C PRO D 326 20.33 -13.14 -38.61
N PRO D 327 19.74 -13.68 -39.69
CA PRO D 327 18.77 -12.90 -40.47
C PRO D 327 17.42 -12.72 -39.76
N LEU D 328 17.42 -11.93 -38.69
CA LEU D 328 16.22 -11.72 -37.88
C LEU D 328 15.40 -10.51 -38.32
N LEU D 329 14.09 -10.60 -38.14
CA LEU D 329 13.14 -9.51 -38.39
C LEU D 329 13.17 -8.95 -39.81
N GLU D 330 13.47 -9.81 -40.78
CA GLU D 330 13.61 -9.39 -42.16
C GLU D 330 12.29 -9.42 -42.93
N ASP D 331 11.40 -8.51 -42.56
CA ASP D 331 10.12 -8.32 -43.25
C ASP D 331 10.36 -7.83 -44.67
N ILE D 332 9.73 -8.49 -45.64
CA ILE D 332 9.72 -8.03 -47.02
C ILE D 332 8.38 -7.33 -47.26
N TYR D 333 8.41 -6.01 -47.37
CA TYR D 333 7.20 -5.21 -47.38
C TYR D 333 6.42 -5.18 -48.69
N THR D 334 5.10 -5.26 -48.57
CA THR D 334 4.18 -5.21 -49.70
C THR D 334 3.75 -3.77 -49.96
N PHE D 335 2.98 -3.56 -51.02
CA PHE D 335 2.46 -2.23 -51.35
C PHE D 335 1.48 -1.72 -50.29
N GLU D 336 0.62 -2.60 -49.79
CA GLU D 336 -0.34 -2.24 -48.74
C GLU D 336 0.34 -1.79 -47.45
N ASP D 337 1.52 -2.37 -47.18
CA ASP D 337 2.35 -1.96 -46.04
C ASP D 337 2.79 -0.51 -46.18
N ALA D 338 3.20 -0.15 -47.39
CA ALA D 338 3.64 1.22 -47.71
C ALA D 338 2.51 2.23 -47.52
N LEU D 339 1.28 1.79 -47.79
CA LEU D 339 0.10 2.64 -47.60
C LEU D 339 -0.16 2.95 -46.13
N LEU D 340 -0.05 1.93 -45.27
CA LEU D 340 -0.24 2.12 -43.84
C LEU D 340 0.87 2.97 -43.23
N VAL D 341 2.11 2.73 -43.66
CA VAL D 341 3.24 3.55 -43.25
C VAL D 341 2.97 5.02 -43.60
N GLY D 342 2.43 5.24 -44.80
CA GLY D 342 2.00 6.57 -45.23
C GLY D 342 0.92 7.15 -44.34
N LEU D 343 -0.07 6.33 -43.99
CA LEU D 343 -1.15 6.72 -43.09
C LEU D 343 -0.62 7.04 -41.70
N MET D 344 0.34 6.26 -41.23
CA MET D 344 0.96 6.46 -39.93
C MET D 344 1.73 7.78 -39.88
N LEU D 345 2.44 8.10 -40.97
CA LEU D 345 3.17 9.35 -41.10
C LEU D 345 2.23 10.56 -41.08
N ILE D 346 1.09 10.41 -41.75
CA ILE D 346 0.03 11.42 -41.74
C ILE D 346 -0.46 11.67 -40.32
N THR D 347 -0.72 10.58 -39.58
CA THR D 347 -1.17 10.66 -38.20
C THR D 347 -0.14 11.34 -37.31
N LEU D 348 1.13 10.97 -37.46
CA LEU D 348 2.23 11.59 -36.71
C LEU D 348 2.29 13.09 -36.96
N MET D 349 2.12 13.48 -38.23
CA MET D 349 2.13 14.88 -38.64
C MET D 349 0.98 15.69 -38.03
N LYS D 350 -0.18 15.05 -37.90
CA LYS D 350 -1.35 15.68 -37.28
C LYS D 350 -1.10 16.08 -35.83
N HIS D 351 -0.21 15.35 -35.17
CA HIS D 351 0.09 15.56 -33.75
C HIS D 351 1.49 16.13 -33.55
N ALA D 352 1.96 16.92 -34.51
CA ALA D 352 3.29 17.52 -34.46
C ALA D 352 3.46 18.56 -33.36
N ASP D 353 2.33 18.97 -32.75
CA ASP D 353 2.36 19.89 -31.62
C ASP D 353 2.88 19.23 -30.35
N ARG D 354 2.65 17.92 -30.24
CA ARG D 354 3.12 17.16 -29.07
C ARG D 354 4.20 16.14 -29.43
N ILE D 355 4.09 15.51 -30.60
CA ILE D 355 5.12 14.59 -31.08
C ILE D 355 6.26 15.39 -31.72
N LYS D 356 7.42 15.37 -31.07
CA LYS D 356 8.59 16.13 -31.53
C LYS D 356 9.70 15.22 -32.04
N ILE D 357 9.69 13.96 -31.59
CA ILE D 357 10.60 12.95 -32.10
C ILE D 357 9.80 11.70 -32.46
N ALA D 358 10.18 11.07 -33.57
CA ALA D 358 9.62 9.78 -33.96
C ALA D 358 10.69 8.97 -34.70
N CYS D 359 10.69 7.65 -34.47
CA CYS D 359 11.68 6.78 -35.09
C CYS D 359 11.04 5.60 -35.80
N LEU D 360 11.24 5.52 -37.11
CA LEU D 360 10.86 4.35 -37.87
C LEU D 360 11.78 3.20 -37.46
N ALA D 361 11.18 2.13 -36.96
CA ALA D 361 11.93 0.96 -36.54
C ALA D 361 11.85 -0.14 -37.60
N GLN D 362 12.96 -0.45 -38.26
CA GLN D 362 14.27 0.16 -38.05
C GLN D 362 14.88 0.66 -39.37
N LEU D 363 16.18 0.89 -39.43
CA LEU D 363 16.77 1.56 -40.58
C LEU D 363 17.09 0.82 -41.89
N ILE D 364 17.22 -0.50 -41.81
CA ILE D 364 18.44 -1.19 -42.13
C ILE D 364 18.37 -2.67 -41.82
N ASN D 365 17.96 -3.40 -42.84
CA ASN D 365 17.67 -4.84 -42.81
C ASN D 365 16.54 -5.29 -41.86
N VAL D 366 16.64 -4.87 -40.61
CA VAL D 366 15.68 -5.23 -39.57
C VAL D 366 14.42 -4.38 -39.72
N ILE D 367 13.29 -5.02 -40.02
CA ILE D 367 12.02 -4.35 -40.34
C ILE D 367 12.22 -2.95 -40.93
N ALA D 368 12.79 -2.94 -42.14
CA ALA D 368 13.46 -1.76 -42.67
C ALA D 368 13.01 -1.33 -44.06
N PRO D 369 13.15 -0.03 -44.39
CA PRO D 369 13.01 0.47 -45.74
C PRO D 369 14.24 0.21 -46.61
N ILE D 370 15.38 -0.07 -45.97
CA ILE D 370 16.64 -0.33 -46.67
C ILE D 370 17.14 -1.74 -46.36
N VAL D 371 17.36 -2.53 -47.41
CA VAL D 371 17.83 -3.90 -47.28
C VAL D 371 19.08 -4.16 -48.12
N THR D 372 20.10 -4.75 -47.49
CA THR D 372 21.23 -5.34 -48.20
C THR D 372 20.99 -6.84 -48.27
N GLU D 373 21.35 -7.48 -49.39
CA GLU D 373 20.99 -8.88 -49.62
C GLU D 373 21.40 -9.86 -48.50
N ARG D 374 22.66 -10.25 -48.54
CA ARG D 374 23.25 -11.07 -47.50
C ARG D 374 24.55 -11.63 -48.00
N ASN D 375 25.35 -12.14 -47.08
CA ASN D 375 26.81 -12.02 -47.21
C ASN D 375 27.24 -11.36 -48.51
N GLY D 376 27.00 -10.06 -48.62
CA GLY D 376 26.63 -9.44 -49.88
C GLY D 376 27.21 -8.06 -50.15
N GLY D 377 26.39 -7.20 -50.74
CA GLY D 377 24.96 -7.38 -50.58
C GLY D 377 24.14 -7.62 -51.83
N ALA D 378 23.23 -6.74 -52.25
CA ALA D 378 23.47 -5.51 -52.99
C ALA D 378 22.99 -4.20 -52.40
N ALA D 379 21.73 -4.21 -51.94
CA ALA D 379 21.00 -3.09 -51.36
C ALA D 379 20.07 -2.40 -52.34
N TRP D 380 18.93 -2.01 -51.78
CA TRP D 380 17.67 -1.80 -52.47
C TRP D 380 16.61 -1.29 -51.50
N ARG D 381 15.63 -0.58 -52.06
CA ARG D 381 14.60 0.07 -51.28
C ARG D 381 13.35 -0.79 -51.21
N GLN D 382 12.78 -0.90 -50.02
CA GLN D 382 11.50 -1.57 -49.85
C GLN D 382 10.37 -0.61 -50.21
N THR D 383 9.15 -1.14 -50.27
CA THR D 383 7.98 -0.33 -50.62
C THR D 383 7.79 0.84 -49.64
N ILE D 384 8.07 0.59 -48.36
CA ILE D 384 7.85 1.57 -47.30
C ILE D 384 8.88 2.72 -47.31
N PHE D 385 9.92 2.58 -48.12
CA PHE D 385 10.96 3.60 -48.27
C PHE D 385 10.38 4.94 -48.73
N TYR D 386 9.52 4.88 -49.76
CA TYR D 386 9.08 6.09 -50.46
C TYR D 386 8.08 6.99 -49.74
N PRO D 387 7.06 6.41 -49.05
CA PRO D 387 6.19 7.28 -48.26
C PRO D 387 6.97 8.06 -47.20
N PHE D 388 7.97 7.41 -46.60
CA PHE D 388 8.85 8.06 -45.63
C PHE D 388 9.66 9.16 -46.31
N MET D 389 10.29 8.83 -47.42
CA MET D 389 11.13 9.79 -48.15
C MET D 389 10.34 11.05 -48.51
N HIS D 390 9.12 10.87 -48.99
CA HIS D 390 8.24 11.98 -49.34
C HIS D 390 7.91 12.84 -48.11
N ALA D 391 7.57 12.16 -47.02
CA ALA D 391 7.22 12.83 -45.77
C ALA D 391 8.40 13.65 -45.22
N SER D 392 9.58 13.05 -45.21
CA SER D 392 10.78 13.70 -44.72
C SER D 392 11.23 14.88 -45.59
N LYS D 393 11.04 14.75 -46.90
CA LYS D 393 11.49 15.77 -47.84
C LYS D 393 10.54 16.96 -47.93
N TYR D 394 9.24 16.69 -48.08
CA TYR D 394 8.25 17.74 -48.30
C TYR D 394 7.46 18.10 -47.04
N GLY D 395 7.73 17.40 -45.94
CA GLY D 395 7.02 17.62 -44.69
C GLY D 395 7.77 18.48 -43.69
N ARG D 396 8.46 19.51 -44.18
CA ARG D 396 9.14 20.47 -43.31
C ARG D 396 8.41 21.80 -43.36
N GLY D 397 7.91 22.25 -42.20
CA GLY D 397 7.18 23.51 -42.11
C GLY D 397 6.11 23.50 -41.03
N ILE D 398 4.92 24.00 -41.37
CA ILE D 398 3.84 24.15 -40.41
C ILE D 398 2.62 23.30 -40.79
N VAL D 399 2.21 22.44 -39.86
CA VAL D 399 1.02 21.60 -40.04
C VAL D 399 -0.24 22.44 -39.93
N LEU D 400 -1.14 22.29 -40.89
CA LEU D 400 -2.44 22.98 -40.84
C LEU D 400 -3.54 22.03 -40.40
N GLN D 401 -4.55 22.58 -39.74
CA GLN D 401 -5.70 21.81 -39.28
C GLN D 401 -6.42 21.12 -40.44
N PRO D 402 -6.47 19.78 -40.41
CA PRO D 402 -7.14 19.05 -41.47
C PRO D 402 -8.65 19.10 -41.29
N VAL D 403 -9.24 20.24 -41.67
CA VAL D 403 -10.69 20.32 -41.69
C VAL D 403 -11.17 19.63 -42.96
N ILE D 404 -12.05 18.66 -42.74
CA ILE D 404 -12.17 17.52 -43.63
C ILE D 404 -13.59 16.97 -43.60
N ASN D 405 -14.12 16.64 -44.77
CA ASN D 405 -15.31 15.81 -44.86
C ASN D 405 -15.17 14.78 -45.96
N SER D 406 -14.90 13.55 -45.54
CA SER D 406 -14.64 12.43 -46.42
C SER D 406 -15.75 11.40 -46.25
N PRO D 407 -16.11 10.69 -47.33
CA PRO D 407 -17.01 9.54 -47.20
C PRO D 407 -16.47 8.53 -46.18
N LEU D 408 -17.35 7.82 -45.52
CA LEU D 408 -16.91 6.86 -44.52
C LEU D 408 -17.32 5.44 -44.86
N HIS D 409 -16.49 4.50 -44.44
CA HIS D 409 -16.73 3.07 -44.68
C HIS D 409 -16.44 2.26 -43.43
N ASP D 410 -17.18 1.15 -43.28
CA ASP D 410 -16.94 0.22 -42.19
C ASP D 410 -16.05 -0.92 -42.68
N THR D 411 -15.16 -1.39 -41.80
CA THR D 411 -14.37 -2.58 -42.06
C THR D 411 -14.80 -3.66 -41.08
N SER D 412 -14.13 -4.82 -41.13
CA SER D 412 -14.49 -5.97 -40.28
C SER D 412 -14.41 -5.68 -38.78
N LYS D 413 -13.46 -4.84 -38.38
CA LYS D 413 -13.23 -4.55 -36.96
C LYS D 413 -13.23 -3.06 -36.61
N HIS D 414 -13.56 -2.21 -37.59
CA HIS D 414 -13.64 -0.77 -37.36
C HIS D 414 -14.92 -0.19 -37.94
N GLU D 415 -15.36 0.93 -37.36
CA GLU D 415 -16.56 1.64 -37.81
C GLU D 415 -16.22 3.07 -38.24
N ASP D 416 -16.98 3.58 -39.20
CA ASP D 416 -16.88 4.98 -39.67
C ASP D 416 -15.45 5.43 -39.98
N VAL D 417 -14.73 4.59 -40.75
CA VAL D 417 -13.37 4.91 -41.16
C VAL D 417 -13.40 5.84 -42.37
N THR D 418 -12.73 6.98 -42.25
CA THR D 418 -12.66 7.95 -43.34
C THR D 418 -11.98 7.34 -44.56
N ASP D 419 -12.57 7.56 -45.73
CA ASP D 419 -11.96 7.10 -46.99
C ASP D 419 -10.69 7.87 -47.28
N ILE D 420 -10.74 9.19 -47.09
CA ILE D 420 -9.57 10.05 -47.22
C ILE D 420 -8.93 10.38 -45.87
N GLU D 421 -7.62 10.21 -45.81
CA GLU D 421 -6.84 10.67 -44.68
C GLU D 421 -5.79 11.63 -45.23
N SER D 422 -5.86 12.88 -44.80
CA SER D 422 -5.06 13.94 -45.40
C SER D 422 -4.56 14.99 -44.40
N VAL D 423 -3.40 15.54 -44.71
CA VAL D 423 -2.84 16.70 -44.02
C VAL D 423 -2.10 17.60 -44.99
N ALA D 424 -2.24 18.90 -44.78
CA ALA D 424 -1.48 19.89 -45.53
C ALA D 424 -0.47 20.54 -44.60
N ILE D 425 0.78 20.61 -45.05
CA ILE D 425 1.78 21.40 -44.34
C ILE D 425 2.28 22.56 -45.20
N TYR D 426 2.37 23.73 -44.59
CA TYR D 426 2.73 24.95 -45.30
C TYR D 426 4.18 25.34 -44.98
N ASN D 427 5.02 25.30 -46.00
CA ASN D 427 6.40 25.76 -45.89
C ASN D 427 6.51 27.21 -46.37
N GLU D 428 6.83 28.06 -45.40
CA GLU D 428 6.50 29.49 -45.44
C GLU D 428 7.68 30.35 -45.90
N GLU D 429 8.80 29.68 -46.12
CA GLU D 429 10.08 30.29 -46.41
C GLU D 429 10.55 29.80 -47.78
N LYS D 430 9.59 29.25 -48.51
CA LYS D 430 9.76 28.55 -49.77
C LYS D 430 8.49 28.76 -50.60
N GLU D 431 7.51 29.38 -49.95
CA GLU D 431 6.14 29.54 -50.44
C GLU D 431 5.58 28.29 -51.11
N GLU D 432 5.59 27.17 -50.40
CA GLU D 432 5.02 25.92 -50.90
C GLU D 432 4.02 25.32 -49.92
N VAL D 433 2.96 24.71 -50.44
CA VAL D 433 2.04 23.91 -49.65
C VAL D 433 2.06 22.49 -50.18
N THR D 434 2.15 21.52 -49.28
CA THR D 434 2.17 20.11 -49.67
C THR D 434 1.05 19.34 -48.98
N ILE D 435 0.21 18.69 -49.78
CA ILE D 435 -0.88 17.87 -49.26
C ILE D 435 -0.52 16.39 -49.37
N PHE D 436 -0.51 15.72 -48.23
CA PHE D 436 -0.33 14.27 -48.19
C PHE D 436 -1.71 13.65 -48.03
N ALA D 437 -2.06 12.74 -48.92
CA ALA D 437 -3.38 12.13 -48.92
C ALA D 437 -3.35 10.63 -49.22
N VAL D 438 -4.12 9.86 -48.45
CA VAL D 438 -4.26 8.42 -48.68
C VAL D 438 -5.74 8.02 -48.74
N ASN D 439 -6.04 7.00 -49.55
CA ASN D 439 -7.21 6.17 -49.33
C ASN D 439 -7.17 4.86 -50.11
N ARG D 440 -7.00 3.76 -49.38
CA ARG D 440 -7.78 3.51 -48.18
C ARG D 440 -9.16 2.97 -48.51
N ASN D 441 -9.72 3.41 -49.64
CA ASN D 441 -10.86 2.71 -50.22
C ASN D 441 -10.59 2.30 -51.64
N ILE D 442 -9.42 1.70 -51.88
CA ILE D 442 -9.32 0.25 -51.97
C ILE D 442 -10.32 -0.43 -52.91
N HIS D 443 -11.25 0.33 -53.47
CA HIS D 443 -12.32 -0.19 -54.31
C HIS D 443 -12.77 0.80 -55.36
N GLU D 444 -12.72 2.06 -54.95
CA GLU D 444 -13.32 3.21 -55.60
C GLU D 444 -12.42 4.44 -55.48
N ASP D 445 -12.05 4.95 -56.64
CA ASP D 445 -11.37 6.22 -56.78
C ASP D 445 -12.29 7.33 -56.30
N ILE D 446 -11.70 8.35 -55.66
CA ILE D 446 -12.47 9.52 -55.23
C ILE D 446 -11.77 10.82 -55.56
N VAL D 447 -12.56 11.84 -55.88
CA VAL D 447 -12.05 13.18 -56.18
C VAL D 447 -12.01 14.04 -54.92
N LEU D 448 -10.83 14.52 -54.58
CA LEU D 448 -10.65 15.40 -53.43
C LEU D 448 -10.61 16.87 -53.84
N VAL D 449 -11.67 17.59 -53.50
CA VAL D 449 -11.76 19.03 -53.74
C VAL D 449 -11.13 19.76 -52.57
N SER D 450 -9.89 20.24 -52.78
CA SER D 450 -9.15 20.97 -51.76
C SER D 450 -9.31 22.48 -51.93
N ASP D 451 -10.09 23.09 -51.03
CA ASP D 451 -10.32 24.52 -51.02
C ASP D 451 -9.17 25.23 -50.31
N VAL D 452 -8.13 25.57 -51.07
CA VAL D 452 -7.03 26.36 -50.56
C VAL D 452 -7.54 27.81 -50.40
N ARG D 453 -7.62 28.27 -49.16
CA ARG D 453 -8.26 29.54 -48.82
C ARG D 453 -7.24 30.65 -48.56
N GLY D 454 -5.98 30.37 -48.91
CA GLY D 454 -4.89 31.30 -48.76
C GLY D 454 -4.61 32.09 -50.02
N MET D 455 -4.37 31.33 -51.08
CA MET D 455 -3.98 31.81 -52.38
C MET D 455 -5.04 31.35 -53.39
N LYS D 456 -5.16 32.02 -54.55
CA LYS D 456 -4.25 33.07 -54.98
C LYS D 456 -3.46 32.58 -56.19
N ASP D 457 -2.81 31.42 -56.02
CA ASP D 457 -2.01 30.79 -57.07
C ASP D 457 -0.73 31.60 -57.32
N TYR D 458 0.43 31.15 -56.85
CA TYR D 458 0.70 29.84 -56.20
C TYR D 458 0.92 28.62 -57.12
N ARG D 459 -0.12 28.12 -57.79
CA ARG D 459 0.11 27.27 -58.97
C ARG D 459 0.57 25.84 -58.63
N LEU D 460 -0.09 24.86 -59.24
CA LEU D 460 0.30 23.46 -59.11
C LEU D 460 1.71 23.24 -59.64
N LEU D 461 2.61 22.88 -58.74
CA LEU D 461 3.95 22.41 -59.08
C LEU D 461 3.91 20.98 -59.62
N GLU D 462 3.45 20.02 -58.81
CA GLU D 462 3.38 18.61 -59.21
C GLU D 462 2.47 17.75 -58.31
N HIS D 463 2.16 16.55 -58.79
CA HIS D 463 1.37 15.58 -58.03
C HIS D 463 2.04 14.20 -58.08
N ILE D 464 2.80 13.88 -57.03
CA ILE D 464 3.47 12.59 -56.95
C ILE D 464 2.53 11.54 -56.38
N VAL D 465 2.55 10.36 -56.98
CA VAL D 465 1.63 9.28 -56.60
C VAL D 465 2.37 7.96 -56.36
N LEU D 466 1.78 7.11 -55.52
CA LEU D 466 2.37 5.80 -55.21
C LEU D 466 1.28 4.73 -55.21
N GLU D 467 1.26 3.94 -56.27
CA GLU D 467 0.17 2.99 -56.51
C GLU D 467 0.62 1.63 -57.05
N HIS D 468 -0.29 0.67 -57.02
CA HIS D 468 -0.14 -0.61 -57.70
C HIS D 468 -1.51 -1.28 -57.81
N GLN D 469 -1.64 -2.17 -58.79
CA GLN D 469 -2.87 -2.94 -58.96
C GLN D 469 -2.90 -4.15 -58.02
N ASP D 470 -1.73 -4.51 -57.50
CA ASP D 470 -1.58 -5.68 -56.64
C ASP D 470 -1.03 -5.28 -55.28
N LEU D 471 -1.90 -5.28 -54.28
CA LEU D 471 -1.62 -4.75 -52.94
C LEU D 471 -0.50 -5.54 -52.26
N LYS D 472 -0.35 -6.79 -52.68
CA LYS D 472 0.61 -7.73 -52.11
C LYS D 472 1.96 -7.70 -52.82
N ILE D 473 2.09 -6.89 -53.87
CA ILE D 473 3.32 -6.80 -54.65
C ILE D 473 4.46 -6.24 -53.79
N ARG D 474 5.66 -6.73 -54.03
CA ARG D 474 6.83 -6.36 -53.23
C ARG D 474 7.98 -5.86 -54.10
N ASN D 475 8.96 -5.26 -53.44
CA ASN D 475 10.24 -4.92 -54.08
C ASN D 475 11.27 -5.99 -53.77
N SER D 476 12.33 -6.03 -54.57
CA SER D 476 13.43 -6.96 -54.34
C SER D 476 14.75 -6.37 -54.86
N VAL D 477 15.79 -7.20 -54.86
CA VAL D 477 17.11 -6.80 -55.34
C VAL D 477 17.13 -6.48 -56.85
N ASN D 478 16.09 -6.94 -57.53
CA ASN D 478 15.86 -6.67 -58.93
C ASN D 478 14.63 -5.80 -59.15
N GLY D 479 14.66 -4.53 -58.70
CA GLY D 479 13.46 -3.68 -58.74
C GLY D 479 12.44 -4.17 -57.72
N GLU D 480 11.69 -3.30 -57.04
CA GLU D 480 11.45 -1.85 -57.28
C GLU D 480 10.27 -1.68 -58.25
N GLU D 481 9.11 -2.05 -57.72
CA GLU D 481 7.88 -2.28 -58.47
C GLU D 481 6.87 -1.25 -58.01
N VAL D 482 6.82 -1.03 -56.70
CA VAL D 482 6.46 0.27 -56.14
C VAL D 482 7.66 1.24 -56.21
N TYR D 483 7.40 2.40 -56.84
CA TYR D 483 8.31 3.56 -56.87
C TYR D 483 7.47 4.79 -57.22
N PRO D 484 7.92 6.00 -56.83
CA PRO D 484 7.11 7.19 -57.08
C PRO D 484 6.93 7.51 -58.56
N LYS D 485 5.69 7.41 -59.03
CA LYS D 485 5.33 7.87 -60.37
C LYS D 485 4.91 9.34 -60.28
N ASN D 486 5.52 10.15 -61.13
CA ASN D 486 5.35 11.60 -61.12
C ASN D 486 4.27 12.01 -62.13
N SER D 487 3.01 11.93 -61.71
CA SER D 487 1.90 11.92 -62.68
C SER D 487 0.76 12.91 -62.46
N ASP D 488 -0.26 12.67 -63.28
CA ASP D 488 -1.64 13.04 -63.02
C ASP D 488 -2.21 14.25 -63.74
N LYS D 489 -3.19 14.81 -63.04
CA LYS D 489 -4.60 14.53 -63.16
C LYS D 489 -5.07 15.14 -61.84
N SER D 490 -5.24 16.44 -61.87
CA SER D 490 -5.10 17.25 -60.69
C SER D 490 -4.48 18.52 -61.21
N SER D 491 -5.02 19.62 -60.72
CA SER D 491 -5.69 20.60 -61.53
C SER D 491 -6.14 21.61 -60.48
N PHE D 492 -5.88 22.86 -60.84
CA PHE D 492 -5.86 23.93 -59.87
C PHE D 492 -6.24 25.28 -60.50
N ASP D 493 -7.47 25.71 -60.21
CA ASP D 493 -7.93 27.05 -60.56
C ASP D 493 -7.54 28.01 -59.42
N ASP D 494 -8.42 28.98 -59.12
CA ASP D 494 -8.18 29.87 -58.00
C ASP D 494 -9.46 30.15 -57.19
N GLY D 495 -9.46 29.75 -55.92
CA GLY D 495 -8.36 29.02 -55.32
C GLY D 495 -8.77 27.62 -54.90
N ILE D 496 -9.08 26.79 -55.89
CA ILE D 496 -9.54 25.42 -55.66
C ILE D 496 -8.64 24.39 -56.33
N LEU D 497 -8.26 23.37 -55.58
CA LEU D 497 -7.54 22.22 -56.10
C LEU D 497 -8.49 21.01 -56.14
N THR D 498 -8.57 20.37 -57.30
CA THR D 498 -9.35 19.15 -57.46
C THR D 498 -8.44 17.98 -57.81
N SER D 499 -8.50 16.92 -57.00
CA SER D 499 -7.60 15.79 -57.15
C SER D 499 -8.29 14.44 -57.15
N MET D 500 -8.32 13.83 -58.33
CA MET D 500 -8.62 12.41 -58.49
C MET D 500 -7.56 11.55 -57.81
N LEU D 501 -8.01 10.75 -56.85
CA LEU D 501 -7.11 9.92 -56.05
C LEU D 501 -7.48 8.45 -56.19
N ARG D 502 -6.52 7.67 -56.65
CA ARG D 502 -6.73 6.28 -57.04
C ARG D 502 -7.06 5.41 -55.84
N ARG D 503 -7.83 4.35 -56.08
CA ARG D 503 -8.30 3.46 -55.01
C ARG D 503 -7.16 2.68 -54.35
N ALA D 504 -6.82 3.18 -53.17
CA ALA D 504 -5.55 3.00 -52.47
C ALA D 504 -4.40 3.56 -53.27
N SER D 505 -3.96 4.74 -52.86
CA SER D 505 -2.63 5.22 -53.18
C SER D 505 -2.17 6.28 -52.21
N TRP D 506 -0.86 6.49 -52.21
CA TRP D 506 -0.22 7.52 -51.43
C TRP D 506 -0.01 8.71 -52.35
N ASN D 507 -0.53 9.86 -51.96
CA ASN D 507 -0.51 11.05 -52.81
C ASN D 507 0.21 12.23 -52.19
N VAL D 508 1.10 12.84 -52.98
CA VAL D 508 1.82 14.04 -52.57
C VAL D 508 1.52 15.15 -53.58
N ILE D 509 0.67 16.09 -53.16
CA ILE D 509 0.22 17.17 -54.04
C ILE D 509 0.89 18.48 -53.63
N ARG D 510 1.58 19.11 -54.58
CA ARG D 510 2.43 20.27 -54.28
C ARG D 510 2.02 21.52 -55.04
N ILE D 511 1.84 22.62 -54.30
CA ILE D 511 1.46 23.91 -54.87
C ILE D 511 2.55 24.93 -54.52
N GLY D 512 2.85 25.83 -55.46
CA GLY D 512 3.96 26.78 -55.28
C GLY D 512 3.53 28.18 -54.85
N LYS E 13 17.24 42.60 36.11
CA LYS E 13 18.41 41.67 36.21
C LYS E 13 18.00 40.21 36.01
N ALA E 14 18.98 39.32 36.00
CA ALA E 14 18.73 37.89 35.85
C ALA E 14 19.45 37.06 36.89
N ARG E 15 18.63 36.19 37.47
CA ARG E 15 18.94 35.17 38.42
C ARG E 15 19.10 33.80 37.77
N MET E 16 20.12 33.11 38.25
CA MET E 16 20.44 31.75 37.88
C MET E 16 21.16 31.10 39.04
N THR E 17 20.85 29.83 39.21
CA THR E 17 21.15 29.01 40.35
C THR E 17 21.96 27.81 39.87
N VAL E 18 23.13 27.60 40.45
CA VAL E 18 24.00 26.53 39.98
C VAL E 18 24.41 25.51 41.04
N ASP E 19 23.96 24.28 40.82
CA ASP E 19 23.89 23.22 41.82
C ASP E 19 24.54 21.95 41.27
N LYS E 20 25.58 21.49 41.95
CA LYS E 20 26.36 20.33 41.49
C LYS E 20 25.60 19.00 41.60
N ASP E 21 24.61 18.96 42.48
CA ASP E 21 23.72 17.80 42.60
C ASP E 21 22.74 17.75 41.42
N TYR E 22 22.91 18.68 40.48
CA TYR E 22 21.93 18.87 39.41
C TYR E 22 22.50 18.64 38.02
N LYS E 23 22.79 17.37 37.72
CA LYS E 23 23.37 17.01 36.43
C LYS E 23 22.32 16.87 35.33
N ILE E 24 22.73 17.20 34.11
CA ILE E 24 22.00 16.81 32.92
C ILE E 24 22.72 15.60 32.33
N ALA E 25 24.03 15.75 32.13
CA ALA E 25 24.87 14.67 31.61
C ALA E 25 26.36 15.01 31.64
N GLU E 26 27.18 13.99 31.44
CA GLU E 26 28.59 14.15 31.15
C GLU E 26 28.72 14.55 29.68
N ILE E 27 29.55 15.55 29.40
CA ILE E 27 29.81 15.96 28.03
C ILE E 27 30.70 14.94 27.31
N ASP E 28 30.25 14.53 26.13
CA ASP E 28 31.07 13.74 25.23
C ASP E 28 31.85 14.74 24.39
N LYS E 29 33.19 14.67 24.47
CA LYS E 29 34.06 15.62 23.78
C LYS E 29 33.81 15.72 22.27
N ARG E 30 33.18 14.69 21.72
CA ARG E 30 32.88 14.63 20.29
C ARG E 30 31.79 15.61 19.84
N ILE E 31 31.20 16.34 20.78
CA ILE E 31 30.26 17.41 20.44
C ILE E 31 31.01 18.67 19.99
N TYR E 32 32.33 18.65 20.15
CA TYR E 32 33.20 19.71 19.64
C TYR E 32 33.92 19.26 18.38
N GLY E 33 33.27 18.37 17.63
CA GLY E 33 33.82 17.88 16.37
C GLY E 33 33.60 18.87 15.24
N SER E 34 34.20 18.56 14.10
CA SER E 34 34.02 19.37 12.89
C SER E 34 33.89 18.47 11.67
N PHE E 35 34.05 19.06 10.49
CA PHE E 35 33.67 18.41 9.24
C PHE E 35 34.45 19.00 8.06
N VAL E 36 35.14 18.14 7.31
CA VAL E 36 35.84 18.53 6.10
C VAL E 36 35.28 17.79 4.89
N GLU E 37 34.75 18.55 3.94
CA GLU E 37 34.24 17.99 2.70
C GLU E 37 35.16 18.36 1.55
N HIS E 38 35.24 17.48 0.55
CA HIS E 38 35.90 17.81 -0.71
C HIS E 38 35.04 18.82 -1.46
N LEU E 39 35.11 20.06 -1.00
CA LEU E 39 34.25 21.14 -1.46
C LEU E 39 35.09 22.39 -1.51
N GLY E 40 35.02 23.10 -2.64
CA GLY E 40 35.72 24.38 -2.79
C GLY E 40 37.19 24.30 -2.41
N ARG E 41 37.59 25.19 -1.51
CA ARG E 41 38.99 25.27 -1.08
C ARG E 41 39.23 24.66 0.30
N ALA E 42 38.38 23.73 0.71
CA ALA E 42 38.54 23.06 2.01
C ALA E 42 39.78 22.18 2.05
N VAL E 43 40.01 21.43 0.98
CA VAL E 43 41.18 20.56 0.89
C VAL E 43 42.27 21.22 0.05
N TYR E 44 42.00 21.38 -1.24
CA TYR E 44 42.95 21.97 -2.17
C TYR E 44 42.92 23.49 -2.05
N ASP E 45 44.10 24.09 -1.96
CA ASP E 45 44.27 25.50 -1.60
C ASP E 45 43.63 25.79 -0.23
N GLY E 46 43.70 24.80 0.65
CA GLY E 46 43.19 24.91 2.01
C GLY E 46 44.12 24.22 2.98
N LEU E 47 43.72 23.05 3.47
CA LEU E 47 44.55 22.28 4.39
C LEU E 47 45.73 21.63 3.65
N TYR E 48 45.56 21.39 2.36
CA TYR E 48 46.54 20.70 1.54
C TYR E 48 47.07 21.60 0.41
N GLN E 49 48.32 22.02 0.56
CA GLN E 49 48.99 22.90 -0.41
C GLN E 49 50.45 22.47 -0.61
N PRO E 50 50.68 21.50 -1.52
CA PRO E 50 51.99 20.87 -1.75
C PRO E 50 53.20 21.81 -1.80
N GLY E 51 53.27 22.66 -2.81
CA GLY E 51 54.47 23.49 -3.05
C GLY E 51 54.71 24.66 -2.11
N ASN E 52 53.86 24.79 -1.09
CA ASN E 52 53.88 25.95 -0.21
C ASN E 52 55.01 25.94 0.82
N SER E 53 55.53 27.12 1.13
CA SER E 53 56.57 27.29 2.14
C SER E 53 56.10 26.88 3.55
N LYS E 54 54.81 27.12 3.82
CA LYS E 54 54.23 26.90 5.14
C LYS E 54 53.83 25.44 5.35
N SER E 55 54.01 24.64 4.30
CA SER E 55 53.65 23.22 4.33
C SER E 55 54.79 22.33 4.82
N ASP E 56 54.40 21.25 5.50
CA ASP E 56 55.29 20.11 5.77
C ASP E 56 55.52 19.27 4.52
N GLU E 57 56.14 18.12 4.74
CA GLU E 57 56.64 17.29 3.65
C GLU E 57 55.52 16.52 2.95
N ASP E 58 54.39 16.40 3.63
CA ASP E 58 53.19 15.74 3.11
C ASP E 58 52.31 16.72 2.32
N GLY E 59 52.67 18.01 2.38
CA GLY E 59 51.93 19.05 1.67
C GLY E 59 50.88 19.75 2.52
N PHE E 60 50.84 19.42 3.82
CA PHE E 60 49.87 20.02 4.73
C PHE E 60 50.39 21.34 5.29
N ARG E 61 49.53 22.35 5.24
CA ARG E 61 49.84 23.67 5.81
C ARG E 61 49.99 23.57 7.33
N LYS E 62 51.19 23.88 7.81
CA LYS E 62 51.53 23.73 9.24
C LYS E 62 50.81 24.74 10.13
N ASP E 63 50.60 25.95 9.61
CA ASP E 63 49.86 26.99 10.31
C ASP E 63 48.38 26.62 10.49
N VAL E 64 47.82 25.98 9.46
CA VAL E 64 46.46 25.46 9.52
C VAL E 64 46.35 24.38 10.61
N ILE E 65 47.32 23.47 10.62
CA ILE E 65 47.39 22.40 11.62
C ILE E 65 47.38 22.95 13.05
N GLU E 66 48.13 24.03 13.27
CA GLU E 66 48.20 24.68 14.58
C GLU E 66 46.87 25.32 14.99
N LEU E 67 46.17 25.88 14.01
CA LEU E 67 44.86 26.52 14.24
C LEU E 67 43.76 25.50 14.56
N VAL E 68 43.85 24.31 13.95
CA VAL E 68 42.89 23.24 14.23
C VAL E 68 43.14 22.67 15.62
N LYS E 69 44.42 22.43 15.95
CA LYS E 69 44.82 22.00 17.29
C LYS E 69 44.40 23.02 18.35
N GLU E 70 44.43 24.29 17.97
CA GLU E 70 44.02 25.40 18.83
C GLU E 70 42.53 25.32 19.13
N LEU E 71 41.73 25.03 18.10
CA LEU E 71 40.30 24.78 18.27
C LEU E 71 40.04 23.53 19.11
N ASN E 72 40.96 22.57 19.01
CA ASN E 72 40.87 21.30 19.73
C ASN E 72 39.62 20.53 19.27
N VAL E 73 39.77 19.81 18.17
CA VAL E 73 38.67 19.07 17.56
C VAL E 73 38.95 17.57 17.63
N PRO E 74 38.20 16.83 18.46
CA PRO E 74 38.46 15.40 18.67
C PRO E 74 38.05 14.50 17.50
N ILE E 75 37.05 14.93 16.72
CA ILE E 75 36.52 14.12 15.64
C ILE E 75 36.16 14.97 14.40
N ILE E 76 36.52 14.47 13.21
CA ILE E 76 36.23 15.17 11.96
C ILE E 76 35.48 14.30 10.97
N ARG E 77 34.31 14.79 10.55
CA ARG E 77 33.48 14.14 9.54
C ARG E 77 34.12 14.30 8.16
N TYR E 78 34.09 13.25 7.36
CA TYR E 78 34.81 13.19 6.08
C TYR E 78 34.29 12.03 5.23
N PRO E 79 34.25 12.19 3.89
CA PRO E 79 34.56 13.37 3.09
C PRO E 79 33.32 14.16 2.65
N GLY E 80 32.20 13.93 3.31
CA GLY E 80 30.95 14.61 2.96
C GLY E 80 29.76 14.20 3.81
N GLY E 81 28.63 14.89 3.64
CA GLY E 81 28.53 15.96 2.64
C GLY E 81 28.01 15.45 1.31
N ASN E 82 27.65 16.40 0.43
CA ASN E 82 26.95 16.07 -0.82
C ASN E 82 27.78 15.31 -1.84
N PHE E 83 29.05 15.65 -1.83
CA PHE E 83 30.19 14.95 -2.37
C PHE E 83 30.20 13.43 -2.24
N VAL E 84 29.95 12.90 -1.04
CA VAL E 84 30.10 11.46 -0.78
C VAL E 84 29.08 10.61 -1.55
N SER E 85 27.96 11.22 -1.93
CA SER E 85 26.85 10.51 -2.56
C SER E 85 27.14 9.99 -3.97
N ASN E 86 28.23 10.47 -4.58
CA ASN E 86 28.69 9.97 -5.87
C ASN E 86 30.22 9.85 -5.91
N TYR E 87 30.80 9.57 -4.75
CA TYR E 87 32.24 9.41 -4.60
C TYR E 87 32.62 7.94 -4.63
N PHE E 88 33.73 7.65 -5.31
CA PHE E 88 34.27 6.29 -5.37
C PHE E 88 35.62 6.27 -4.68
N TRP E 89 35.64 5.77 -3.44
CA TRP E 89 36.80 5.85 -2.55
C TRP E 89 38.09 5.28 -3.14
N GLU E 90 37.97 4.30 -4.04
CA GLU E 90 39.12 3.70 -4.71
C GLU E 90 39.91 4.72 -5.52
N ASP E 91 39.21 5.75 -6.03
CA ASP E 91 39.83 6.83 -6.79
C ASP E 91 40.81 7.67 -5.98
N GLY E 92 40.71 7.58 -4.65
CA GLY E 92 41.56 8.37 -3.76
C GLY E 92 42.65 7.60 -3.03
N VAL E 93 42.86 6.34 -3.41
CA VAL E 93 43.92 5.52 -2.82
C VAL E 93 44.88 4.97 -3.89
N GLY E 94 46.00 4.43 -3.43
CA GLY E 94 47.00 3.85 -4.31
C GLY E 94 47.93 4.89 -4.90
N PRO E 95 48.82 4.47 -5.83
CA PRO E 95 49.74 5.38 -6.50
C PRO E 95 49.02 6.62 -7.04
N VAL E 96 49.52 7.79 -6.66
CA VAL E 96 48.88 9.07 -7.00
C VAL E 96 48.76 9.31 -8.52
N GLU E 97 49.71 8.78 -9.28
CA GLU E 97 49.71 8.91 -10.75
C GLU E 97 48.55 8.18 -11.40
N ASP E 98 48.06 7.14 -10.73
CA ASP E 98 46.99 6.28 -11.26
C ASP E 98 45.60 6.70 -10.80
N ARG E 99 45.53 7.70 -9.93
CA ARG E 99 44.26 8.22 -9.43
C ARG E 99 43.61 9.09 -10.50
N PRO E 100 42.35 8.78 -10.86
CA PRO E 100 41.67 9.53 -11.91
C PRO E 100 41.03 10.82 -11.41
N ARG E 101 40.87 11.79 -12.31
CA ARG E 101 40.10 12.99 -12.03
C ARG E 101 38.63 12.68 -12.29
N ARG E 102 37.76 13.06 -11.35
CA ARG E 102 36.34 12.74 -11.44
C ARG E 102 35.47 13.98 -11.42
N LEU E 103 34.30 13.89 -12.05
CA LEU E 103 33.30 14.94 -11.96
C LEU E 103 32.61 14.87 -10.61
N ASP E 104 32.67 15.97 -9.86
CA ASP E 104 31.87 16.10 -8.66
C ASP E 104 30.57 16.78 -9.03
N LEU E 105 29.49 16.00 -9.09
CA LEU E 105 28.19 16.50 -9.53
C LEU E 105 27.55 17.42 -8.51
N ALA E 106 27.87 17.17 -7.23
CA ALA E 106 27.34 17.95 -6.12
C ALA E 106 27.70 19.43 -6.22
N TRP E 107 28.96 19.72 -6.55
CA TRP E 107 29.45 21.10 -6.55
C TRP E 107 30.03 21.54 -7.90
N LYS E 108 29.66 20.84 -8.96
CA LYS E 108 30.08 21.15 -10.33
C LYS E 108 31.58 21.44 -10.45
N SER E 109 32.39 20.55 -9.86
CA SER E 109 33.83 20.70 -9.82
C SER E 109 34.55 19.44 -10.29
N ILE E 110 35.83 19.58 -10.61
CA ILE E 110 36.68 18.44 -10.91
C ILE E 110 37.43 18.05 -9.64
N GLU E 111 37.23 16.81 -9.21
CA GLU E 111 37.95 16.26 -8.07
C GLU E 111 39.21 15.54 -8.55
N PRO E 112 40.40 16.10 -8.27
CA PRO E 112 41.65 15.52 -8.73
C PRO E 112 42.09 14.29 -7.92
N ASN E 113 41.45 14.08 -6.77
CA ASN E 113 41.69 12.92 -5.90
C ASN E 113 43.11 12.78 -5.36
N GLN E 114 43.86 13.89 -5.35
CA GLN E 114 45.22 13.91 -4.82
C GLN E 114 45.22 13.63 -3.31
N VAL E 115 44.19 14.11 -2.63
CA VAL E 115 43.96 13.78 -1.24
C VAL E 115 42.81 12.78 -1.16
N GLY E 116 43.05 11.70 -0.41
CA GLY E 116 42.05 10.67 -0.23
C GLY E 116 42.38 9.75 0.92
N ILE E 117 41.50 9.77 1.92
CA ILE E 117 41.46 8.77 3.02
C ILE E 117 42.79 8.50 3.76
N ASN E 118 43.73 7.86 3.08
CA ASN E 118 45.12 7.73 3.54
C ASN E 118 45.79 9.08 3.84
N GLU E 119 45.61 10.05 2.95
CA GLU E 119 46.21 11.38 3.12
C GLU E 119 45.53 12.17 4.22
N PHE E 120 44.19 12.15 4.20
CA PHE E 120 43.38 12.73 5.26
C PHE E 120 43.58 12.05 6.63
N ALA E 121 43.89 10.75 6.63
CA ALA E 121 44.13 10.02 7.87
C ALA E 121 45.35 10.54 8.62
N LYS E 122 46.44 10.77 7.90
CA LYS E 122 47.66 11.31 8.53
C LYS E 122 47.58 12.80 8.82
N TRP E 123 46.66 13.51 8.15
CA TRP E 123 46.37 14.90 8.50
C TRP E 123 45.63 14.98 9.84
N CYS E 124 44.71 14.04 10.04
CA CYS E 124 43.96 13.94 11.29
C CYS E 124 44.85 13.57 12.47
N LYS E 125 45.86 12.74 12.20
CA LYS E 125 46.89 12.40 13.19
C LYS E 125 47.60 13.65 13.66
N LYS E 126 47.93 14.53 12.70
CA LYS E 126 48.68 15.76 12.97
C LYS E 126 47.85 16.81 13.70
N VAL E 127 46.54 16.75 13.56
CA VAL E 127 45.64 17.68 14.26
C VAL E 127 44.99 17.04 15.49
N ASN E 128 45.47 15.84 15.86
CA ASN E 128 44.97 15.08 17.02
C ASN E 128 43.46 14.79 16.96
N ALA E 129 42.99 14.39 15.79
CA ALA E 129 41.58 14.13 15.58
C ALA E 129 41.34 12.72 15.04
N GLU E 130 40.16 12.18 15.36
CA GLU E 130 39.68 10.92 14.79
C GLU E 130 38.87 11.21 13.53
N ILE E 131 38.82 10.25 12.61
CA ILE E 131 37.97 10.36 11.44
C ILE E 131 36.57 9.80 11.72
N MET E 132 35.56 10.53 11.29
CA MET E 132 34.21 9.99 11.17
C MET E 132 33.90 9.83 9.67
N MET E 133 33.99 8.59 9.20
CA MET E 133 33.94 8.32 7.76
C MET E 133 32.53 8.15 7.22
N ALA E 134 32.22 8.89 6.17
CA ALA E 134 30.95 8.72 5.46
C ALA E 134 31.15 7.80 4.26
N VAL E 135 30.19 6.90 4.04
CA VAL E 135 30.22 6.00 2.90
C VAL E 135 29.22 6.43 1.82
N ASN E 136 29.53 6.11 0.56
CA ASN E 136 28.62 6.41 -0.55
C ASN E 136 27.42 5.47 -0.54
N LEU E 137 26.26 6.00 -0.17
CA LEU E 137 25.00 5.26 -0.30
C LEU E 137 24.05 5.94 -1.28
N GLY E 138 24.59 6.83 -2.10
CA GLY E 138 23.84 7.47 -3.17
C GLY E 138 23.85 6.61 -4.42
N THR E 139 25.03 6.43 -5.00
CA THR E 139 25.20 5.63 -6.21
C THR E 139 25.84 4.26 -5.94
N ARG E 140 26.24 4.03 -4.69
CA ARG E 140 26.82 2.75 -4.28
C ARG E 140 26.06 2.14 -3.11
N GLY E 141 26.41 0.89 -2.75
CA GLY E 141 25.65 0.15 -1.75
C GLY E 141 26.45 -0.62 -0.71
N ILE E 142 25.90 -1.78 -0.33
CA ILE E 142 26.40 -2.57 0.82
C ILE E 142 27.86 -3.02 0.66
N SER E 143 28.17 -3.70 -0.44
CA SER E 143 29.47 -4.32 -0.64
C SER E 143 30.61 -3.29 -0.71
N ASP E 144 30.32 -2.11 -1.24
CA ASP E 144 31.30 -1.03 -1.33
C ASP E 144 31.61 -0.45 0.04
N ALA E 145 30.58 -0.36 0.89
CA ALA E 145 30.76 0.09 2.26
C ALA E 145 31.56 -0.94 3.06
N CYS E 146 31.33 -2.21 2.78
CA CYS E 146 32.07 -3.31 3.36
C CYS E 146 33.55 -3.27 2.94
N ASN E 147 33.79 -2.99 1.66
CA ASN E 147 35.14 -2.89 1.12
C ASN E 147 35.95 -1.79 1.82
N LEU E 148 35.33 -0.63 1.97
CA LEU E 148 35.99 0.53 2.59
C LEU E 148 36.26 0.29 4.08
N LEU E 149 35.31 -0.35 4.77
CA LEU E 149 35.48 -0.70 6.18
C LEU E 149 36.61 -1.72 6.37
N GLU E 150 36.66 -2.72 5.50
CA GLU E 150 37.73 -3.71 5.52
C GLU E 150 39.08 -3.05 5.27
N TYR E 151 39.13 -2.18 4.25
CA TYR E 151 40.32 -1.39 3.92
C TYR E 151 40.84 -0.62 5.13
N CYS E 152 39.93 0.04 5.85
CA CYS E 152 40.30 0.92 6.95
C CYS E 152 40.55 0.20 8.29
N ASN E 153 39.74 -0.81 8.59
CA ASN E 153 39.72 -1.38 9.94
C ASN E 153 40.30 -2.78 10.12
N HIS E 154 40.28 -3.60 9.07
CA HIS E 154 40.80 -4.96 9.16
C HIS E 154 42.34 -4.96 9.14
N PRO E 155 42.97 -5.68 10.09
CA PRO E 155 44.44 -5.69 10.24
C PRO E 155 45.20 -6.07 8.97
N GLY E 156 44.81 -7.18 8.34
CA GLY E 156 45.48 -7.69 7.15
C GLY E 156 45.07 -9.12 6.83
N GLY E 157 45.57 -9.62 5.70
CA GLY E 157 45.31 -11.00 5.30
C GLY E 157 44.05 -11.20 4.48
N SER E 158 43.53 -10.11 3.93
CA SER E 158 42.38 -10.15 3.01
C SER E 158 42.52 -9.11 1.91
N LYS E 159 41.67 -9.21 0.88
CA LYS E 159 41.80 -8.39 -0.34
C LYS E 159 42.03 -6.90 -0.08
N TYR E 160 41.13 -6.28 0.67
CA TYR E 160 41.14 -4.83 0.85
C TYR E 160 42.03 -4.34 1.99
N SER E 161 42.27 -5.20 2.99
CA SER E 161 43.18 -4.87 4.08
C SER E 161 44.64 -4.92 3.61
N ASP E 162 44.98 -5.93 2.81
CA ASP E 162 46.31 -6.04 2.19
C ASP E 162 46.56 -4.89 1.22
N MET E 163 45.48 -4.41 0.62
CA MET E 163 45.53 -3.29 -0.32
C MET E 163 45.99 -2.01 0.39
N ARG E 164 45.50 -1.79 1.61
CA ARG E 164 45.93 -0.67 2.43
C ARG E 164 47.41 -0.79 2.82
N ILE E 165 47.82 -2.00 3.18
CA ILE E 165 49.22 -2.29 3.53
C ILE E 165 50.13 -2.00 2.33
N LYS E 166 49.70 -2.42 1.15
CA LYS E 166 50.43 -2.16 -0.10
C LYS E 166 50.50 -0.66 -0.41
N HIS E 167 49.46 0.08 -0.04
CA HIS E 167 49.39 1.52 -0.30
C HIS E 167 50.22 2.37 0.68
N GLY E 168 50.84 1.70 1.65
CA GLY E 168 51.79 2.37 2.54
C GLY E 168 51.34 2.55 3.99
N VAL E 169 50.15 2.05 4.31
CA VAL E 169 49.63 2.16 5.67
C VAL E 169 49.53 0.75 6.30
N LYS E 170 50.52 0.43 7.13
CA LYS E 170 50.63 -0.90 7.74
C LYS E 170 49.54 -1.15 8.78
N GLU E 171 49.40 -0.22 9.72
CA GLU E 171 48.37 -0.31 10.75
C GLU E 171 47.02 0.17 10.24
N PRO E 172 45.94 -0.53 10.60
CA PRO E 172 44.59 -0.09 10.22
C PRO E 172 44.25 1.25 10.87
N HIS E 173 43.46 2.07 10.17
CA HIS E 173 43.06 3.38 10.68
C HIS E 173 42.16 3.29 11.91
N ASN E 174 41.44 2.18 12.04
CA ASN E 174 40.48 1.96 13.14
C ASN E 174 39.49 3.10 13.32
N ILE E 175 38.77 3.41 12.25
CA ILE E 175 37.73 4.42 12.28
C ILE E 175 36.53 3.88 13.07
N LYS E 176 36.17 4.59 14.13
CA LYS E 176 35.19 4.14 15.10
C LYS E 176 33.76 4.51 14.74
N VAL E 177 33.58 5.70 14.16
CA VAL E 177 32.24 6.18 13.80
C VAL E 177 32.11 6.32 12.29
N TRP E 178 31.05 5.74 11.75
CA TRP E 178 30.80 5.78 10.30
C TRP E 178 29.41 6.37 10.00
N CYS E 179 29.34 7.18 8.95
CA CYS E 179 28.08 7.75 8.49
C CYS E 179 27.53 6.97 7.31
N LEU E 180 26.31 6.47 7.46
CA LEU E 180 25.65 5.71 6.41
C LEU E 180 25.08 6.64 5.35
N GLY E 181 25.97 7.13 4.48
CA GLY E 181 25.59 8.09 3.45
C GLY E 181 25.47 9.50 3.97
N ASN E 182 25.01 10.40 3.11
CA ASN E 182 24.69 11.77 3.48
C ASN E 182 23.19 11.98 3.28
N ALA E 183 22.61 13.00 3.94
CA ALA E 183 21.18 13.30 3.80
C ALA E 183 20.75 13.17 2.34
N MET E 184 19.78 12.29 2.09
CA MET E 184 19.37 11.95 0.74
C MET E 184 17.90 12.20 0.44
N ASP E 185 17.27 13.07 1.22
CA ASP E 185 15.86 13.42 1.01
C ASP E 185 15.69 14.61 0.06
N GLY E 186 16.79 15.27 -0.27
CA GLY E 186 16.77 16.46 -1.11
C GLY E 186 16.75 16.17 -2.60
N PRO E 187 15.94 16.93 -3.37
CA PRO E 187 15.91 16.81 -4.83
C PRO E 187 17.14 17.37 -5.54
N TRP E 188 18.10 17.89 -4.77
CA TRP E 188 19.34 18.45 -5.32
C TRP E 188 20.49 17.45 -5.26
N GLN E 189 20.26 16.32 -4.56
CA GLN E 189 21.34 15.38 -4.35
C GLN E 189 21.23 14.14 -5.24
N VAL E 190 22.37 13.76 -5.82
CA VAL E 190 22.48 12.53 -6.61
C VAL E 190 22.30 11.33 -5.70
N GLY E 191 21.50 10.36 -6.15
CA GLY E 191 21.19 9.19 -5.35
C GLY E 191 20.14 9.48 -4.29
N HIS E 192 19.22 10.39 -4.60
CA HIS E 192 18.11 10.72 -3.71
C HIS E 192 17.27 9.48 -3.42
N LYS E 193 16.97 9.27 -2.14
CA LYS E 193 16.19 8.12 -1.69
C LYS E 193 14.90 8.57 -1.02
N THR E 194 13.89 7.70 -1.05
CA THR E 194 12.71 7.87 -0.20
C THR E 194 13.08 7.33 1.18
N MET E 195 12.31 7.71 2.20
CA MET E 195 12.57 7.27 3.57
C MET E 195 12.61 5.74 3.73
N ASP E 196 11.77 5.06 2.96
CA ASP E 196 11.73 3.59 2.96
C ASP E 196 12.93 2.99 2.23
N GLU E 197 13.30 3.61 1.11
CA GLU E 197 14.48 3.18 0.34
C GLU E 197 15.75 3.30 1.16
N TYR E 198 15.95 4.47 1.77
CA TYR E 198 17.14 4.69 2.60
C TYR E 198 17.11 3.85 3.86
N GLY E 199 15.94 3.78 4.51
CA GLY E 199 15.75 2.95 5.70
C GLY E 199 16.26 1.54 5.50
N ARG E 200 15.88 0.94 4.37
CA ARG E 200 16.29 -0.42 4.02
C ARG E 200 17.78 -0.55 3.74
N ILE E 201 18.32 0.37 2.95
CA ILE E 201 19.75 0.33 2.59
C ILE E 201 20.64 0.63 3.80
N ALA E 202 20.18 1.52 4.68
CA ALA E 202 20.89 1.83 5.92
C ALA E 202 20.91 0.61 6.84
N GLU E 203 19.76 -0.06 6.96
CA GLU E 203 19.64 -1.26 7.78
C GLU E 203 20.61 -2.35 7.33
N GLU E 204 20.63 -2.63 6.03
CA GLU E 204 21.44 -3.71 5.48
C GLU E 204 22.93 -3.39 5.46
N THR E 205 23.27 -2.14 5.15
CA THR E 205 24.66 -1.69 5.20
C THR E 205 25.19 -1.77 6.62
N ALA E 206 24.39 -1.29 7.58
CA ALA E 206 24.75 -1.34 9.00
C ALA E 206 24.93 -2.77 9.49
N ARG E 207 24.01 -3.65 9.10
CA ARG E 207 24.04 -5.06 9.48
C ARG E 207 25.33 -5.73 9.01
N ALA E 208 25.70 -5.47 7.75
CA ALA E 208 26.88 -6.08 7.14
C ALA E 208 28.18 -5.53 7.71
N MET E 209 28.20 -4.22 7.97
CA MET E 209 29.39 -3.55 8.49
C MET E 209 29.76 -4.03 9.90
N LYS E 210 28.77 -4.20 10.76
CA LYS E 210 29.00 -4.65 12.13
C LYS E 210 29.39 -6.14 12.21
N MET E 211 29.27 -6.85 11.09
CA MET E 211 29.78 -8.22 10.99
C MET E 211 31.27 -8.23 10.70
N ILE E 212 31.75 -7.18 10.04
CA ILE E 212 33.18 -7.01 9.78
C ILE E 212 33.88 -6.46 11.02
N ASP E 213 33.29 -5.43 11.61
CA ASP E 213 33.83 -4.80 12.80
C ASP E 213 32.70 -4.45 13.77
N PRO E 214 32.51 -5.29 14.82
CA PRO E 214 31.45 -5.07 15.81
C PRO E 214 31.71 -3.87 16.73
N SER E 215 32.95 -3.37 16.75
CA SER E 215 33.33 -2.28 17.65
C SER E 215 32.91 -0.89 17.14
N ILE E 216 32.55 -0.80 15.86
CA ILE E 216 32.22 0.49 15.26
C ILE E 216 30.85 1.04 15.68
N GLU E 217 30.68 2.34 15.53
CA GLU E 217 29.40 3.01 15.76
C GLU E 217 28.89 3.58 14.45
N LEU E 218 27.58 3.53 14.26
CA LEU E 218 26.99 3.91 12.98
C LEU E 218 25.95 5.02 13.10
N VAL E 219 26.03 5.97 12.17
CA VAL E 219 25.10 7.09 12.13
C VAL E 219 24.14 6.95 10.95
N ALA E 220 22.85 6.93 11.26
CA ALA E 220 21.81 6.95 10.23
C ALA E 220 21.45 8.41 9.93
N CYS E 221 21.26 8.71 8.64
CA CYS E 221 20.97 10.07 8.19
C CYS E 221 19.56 10.51 8.56
N GLY E 222 19.47 11.70 9.13
CA GLY E 222 18.19 12.36 9.32
C GLY E 222 17.87 13.20 8.09
N SER E 223 16.90 14.10 8.22
CA SER E 223 16.51 14.99 7.14
C SER E 223 17.62 16.01 6.86
N SER E 224 17.63 16.58 5.65
CA SER E 224 18.56 17.66 5.30
C SER E 224 18.37 18.84 6.25
N SER E 225 17.11 19.18 6.47
CA SER E 225 16.73 20.23 7.40
C SER E 225 15.36 19.89 7.98
N LYS E 226 14.99 20.58 9.05
CA LYS E 226 13.67 20.40 9.67
C LYS E 226 12.55 20.97 8.81
N ASP E 227 12.91 21.72 7.77
CA ASP E 227 11.95 22.36 6.88
C ASP E 227 11.47 21.44 5.76
N MET E 228 12.17 20.32 5.58
CA MET E 228 11.73 19.27 4.66
C MET E 228 10.40 18.70 5.13
N PRO E 229 9.41 18.59 4.22
CA PRO E 229 8.07 18.11 4.60
C PRO E 229 8.09 16.70 5.18
N THR E 230 9.12 15.92 4.84
CA THR E 230 9.26 14.54 5.29
C THR E 230 9.92 14.42 6.67
N PHE E 231 10.28 15.55 7.27
CA PHE E 231 10.72 15.59 8.65
C PHE E 231 9.51 15.64 9.57
N PRO E 232 9.51 14.87 10.68
CA PRO E 232 10.53 13.93 11.13
C PRO E 232 10.21 12.46 10.85
N GLN E 233 9.54 12.18 9.74
CA GLN E 233 8.97 10.85 9.50
C GLN E 233 9.89 9.91 8.73
N TRP E 234 10.71 10.51 7.87
CA TRP E 234 12.09 10.14 7.68
C TRP E 234 12.77 9.57 8.94
N GLU E 235 12.99 10.40 9.96
CA GLU E 235 13.69 9.96 11.18
C GLU E 235 13.05 8.72 11.79
N ALA E 236 11.72 8.72 11.91
CA ALA E 236 10.96 7.59 12.44
C ALA E 236 11.09 6.34 11.58
N THR E 237 10.88 6.50 10.26
CA THR E 237 10.95 5.39 9.31
C THR E 237 12.33 4.74 9.30
N VAL E 238 13.37 5.56 9.14
CA VAL E 238 14.76 5.08 9.09
C VAL E 238 15.13 4.31 10.36
N LEU E 239 14.79 4.86 11.52
CA LEU E 239 15.05 4.19 12.80
C LEU E 239 14.20 2.95 12.99
N ASP E 240 12.99 2.94 12.41
CA ASP E 240 12.11 1.77 12.46
C ASP E 240 12.74 0.58 11.74
N TYR E 241 13.51 0.85 10.69
CA TYR E 241 14.21 -0.20 9.96
C TYR E 241 15.52 -0.60 10.64
N ALA E 242 16.35 0.39 10.96
CA ALA E 242 17.76 0.16 11.32
C ALA E 242 18.09 0.18 12.81
N TYR E 243 17.07 0.33 13.67
CA TYR E 243 17.26 0.54 15.10
C TYR E 243 18.36 -0.30 15.76
N ASP E 244 18.29 -1.61 15.56
CA ASP E 244 19.19 -2.56 16.23
C ASP E 244 20.63 -2.51 15.75
N TYR E 245 20.88 -1.79 14.65
CA TYR E 245 22.19 -1.80 14.01
C TYR E 245 22.86 -0.43 13.93
N VAL E 246 22.11 0.61 14.25
CA VAL E 246 22.64 1.98 14.27
C VAL E 246 22.72 2.51 15.70
N ASP E 247 23.54 3.54 15.89
CA ASP E 247 23.75 4.13 17.21
C ASP E 247 23.32 5.59 17.27
N TYR E 248 23.35 6.27 16.12
CA TYR E 248 23.01 7.68 16.05
C TYR E 248 22.06 8.01 14.91
N ILE E 249 21.24 9.03 15.13
CA ILE E 249 20.52 9.72 14.08
C ILE E 249 21.15 11.11 13.94
N SER E 250 21.22 11.63 12.72
CA SER E 250 21.90 12.91 12.49
C SER E 250 20.93 14.08 12.31
N LEU E 251 21.38 15.26 12.71
CA LEU E 251 20.62 16.50 12.53
C LEU E 251 21.49 17.52 11.82
N HIS E 252 20.87 18.29 10.93
CA HIS E 252 21.56 19.33 10.17
C HIS E 252 20.81 20.65 10.33
N GLN E 253 21.53 21.71 10.66
CA GLN E 253 20.92 23.04 10.83
C GLN E 253 21.84 24.19 10.46
N TYR E 254 21.35 25.07 9.59
CA TYR E 254 22.05 26.31 9.25
C TYR E 254 21.14 27.51 9.47
N TYR E 255 21.74 28.62 9.91
CA TYR E 255 21.00 29.86 10.11
C TYR E 255 21.60 31.02 9.32
N GLY E 256 20.74 31.98 8.95
CA GLY E 256 21.14 33.14 8.18
C GLY E 256 20.45 34.42 8.60
N ASN E 257 21.05 35.56 8.26
CA ASN E 257 20.50 36.87 8.60
C ASN E 257 20.29 37.75 7.37
N LYS E 258 19.71 37.17 6.32
CA LYS E 258 19.38 37.90 5.09
C LYS E 258 18.36 39.00 5.34
N GLU E 259 17.49 38.78 6.33
CA GLU E 259 16.47 39.75 6.73
C GLU E 259 17.08 40.98 7.39
N ASN E 260 18.32 40.82 7.88
CA ASN E 260 19.07 41.89 8.55
C ASN E 260 18.44 42.29 9.89
N ASP E 261 17.93 41.29 10.61
CA ASP E 261 17.29 41.48 11.91
C ASP E 261 18.08 40.75 12.99
N THR E 262 19.05 41.44 13.58
CA THR E 262 19.96 40.86 14.57
C THR E 262 19.23 40.25 15.77
N ALA E 263 18.20 40.94 16.26
CA ALA E 263 17.39 40.48 17.38
C ALA E 263 16.74 39.13 17.09
N ASP E 264 16.09 39.03 15.93
CA ASP E 264 15.41 37.80 15.49
C ASP E 264 16.41 36.71 15.13
N PHE E 265 17.57 37.14 14.62
CA PHE E 265 18.67 36.25 14.24
C PHE E 265 19.23 35.51 15.46
N LEU E 266 19.37 36.23 16.57
CA LEU E 266 19.91 35.65 17.80
C LEU E 266 18.88 34.81 18.56
N ALA E 267 17.62 34.93 18.18
CA ALA E 267 16.54 34.17 18.80
C ALA E 267 16.45 32.75 18.22
N LYS E 268 17.19 32.49 17.14
CA LYS E 268 17.08 31.24 16.39
C LYS E 268 17.65 30.00 17.08
N SER E 269 18.35 30.20 18.20
CA SER E 269 18.82 29.08 19.02
C SER E 269 17.66 28.40 19.76
N ASP E 270 16.55 29.14 19.90
CA ASP E 270 15.30 28.59 20.44
C ASP E 270 14.68 27.60 19.47
N ASP E 271 14.80 27.89 18.17
CA ASP E 271 14.34 26.99 17.12
C ASP E 271 15.21 25.73 17.08
N LEU E 272 16.49 25.90 17.38
CA LEU E 272 17.43 24.78 17.48
C LEU E 272 17.06 23.85 18.62
N ASP E 273 16.68 24.44 19.76
CA ASP E 273 16.26 23.69 20.94
C ASP E 273 15.03 22.84 20.63
N ASP E 274 14.04 23.44 19.96
CA ASP E 274 12.83 22.74 19.54
C ASP E 274 13.15 21.61 18.56
N PHE E 275 14.06 21.89 17.63
CA PHE E 275 14.51 20.93 16.63
C PHE E 275 15.12 19.69 17.29
N ILE E 276 16.02 19.90 18.25
CA ILE E 276 16.66 18.83 18.99
C ILE E 276 15.64 17.97 19.74
N ARG E 277 14.71 18.65 20.43
CA ARG E 277 13.66 17.98 21.21
C ARG E 277 12.74 17.13 20.34
N SER E 278 12.43 17.62 19.14
CA SER E 278 11.60 16.91 18.19
C SER E 278 12.23 15.59 17.76
N VAL E 279 13.55 15.63 17.55
CA VAL E 279 14.31 14.45 17.14
C VAL E 279 14.42 13.45 18.29
N ILE E 280 14.64 13.94 19.50
CA ILE E 280 14.68 13.11 20.71
C ILE E 280 13.34 12.40 20.90
N ALA E 281 12.25 13.15 20.74
CA ALA E 281 10.89 12.62 20.85
C ALA E 281 10.62 11.52 19.81
N THR E 282 11.10 11.74 18.59
CA THR E 282 11.00 10.77 17.51
C THR E 282 11.76 9.49 17.85
N CYS E 283 12.96 9.64 18.40
CA CYS E 283 13.78 8.52 18.84
C CYS E 283 13.09 7.70 19.94
N ASP E 284 12.56 8.40 20.93
CA ASP E 284 11.90 7.76 22.06
C ASP E 284 10.60 7.07 21.65
N TYR E 285 9.93 7.61 20.63
CA TYR E 285 8.72 7.00 20.08
C TYR E 285 9.02 5.64 19.45
N ILE E 286 10.06 5.58 18.63
CA ILE E 286 10.49 4.33 18.00
C ILE E 286 11.04 3.35 19.03
N LYS E 287 11.72 3.87 20.06
CA LYS E 287 12.22 3.07 21.18
C LYS E 287 11.09 2.28 21.83
N ALA E 288 9.97 2.94 22.07
CA ALA E 288 8.78 2.32 22.66
C ALA E 288 8.16 1.29 21.71
N LYS E 289 8.19 1.59 20.42
CA LYS E 289 7.68 0.69 19.39
C LYS E 289 8.48 -0.61 19.34
N LYS E 290 9.79 -0.49 19.55
CA LYS E 290 10.71 -1.63 19.50
C LYS E 290 10.80 -2.37 20.84
N ARG E 291 10.34 -1.73 21.91
CA ARG E 291 10.55 -2.19 23.29
C ARG E 291 12.04 -2.41 23.58
N SER E 292 12.85 -1.47 23.08
CA SER E 292 14.30 -1.55 23.23
C SER E 292 14.77 -0.85 24.50
N LYS E 293 15.86 -1.37 25.06
CA LYS E 293 16.48 -0.76 26.23
C LYS E 293 17.54 0.24 25.80
N LYS E 294 17.85 0.25 24.50
CA LYS E 294 18.86 1.13 23.94
C LYS E 294 18.26 2.49 23.56
N ASP E 295 18.97 3.56 23.88
CA ASP E 295 18.65 4.89 23.41
C ASP E 295 19.46 5.20 22.16
N ILE E 296 18.78 5.72 21.14
CA ILE E 296 19.47 6.28 19.98
C ILE E 296 19.98 7.67 20.38
N TYR E 297 21.25 7.93 20.11
CA TYR E 297 21.84 9.22 20.43
C TYR E 297 21.88 10.12 19.20
N LEU E 298 22.06 11.41 19.45
CA LEU E 298 22.01 12.41 18.38
C LEU E 298 23.39 12.82 17.92
N SER E 299 23.60 12.77 16.61
CA SER E 299 24.83 13.23 16.00
C SER E 299 24.52 14.48 15.18
N PHE E 300 24.78 15.65 15.76
CA PHE E 300 24.53 16.91 15.07
C PHE E 300 25.70 17.22 14.13
N ASP E 301 25.86 16.38 13.10
CA ASP E 301 27.05 16.40 12.27
C ASP E 301 27.10 17.49 11.18
N GLU E 302 26.19 18.45 11.28
CA GLU E 302 26.21 19.66 10.45
C GLU E 302 25.48 20.80 11.14
N TRP E 303 26.25 21.78 11.61
CA TRP E 303 25.68 23.00 12.19
C TRP E 303 26.61 24.19 11.99
N ASN E 304 26.02 25.36 11.71
CA ASN E 304 26.76 26.61 11.54
C ASN E 304 25.84 27.74 11.06
N VAL E 305 26.39 28.95 11.03
CA VAL E 305 25.79 30.07 10.32
C VAL E 305 26.26 29.95 8.87
N TRP E 306 25.35 30.18 7.93
CA TRP E 306 25.66 30.10 6.49
C TRP E 306 24.65 30.88 5.65
N TYR E 307 25.10 32.02 5.10
CA TYR E 307 24.24 32.86 4.25
C TYR E 307 24.99 33.91 3.41
N HIS E 308 26.16 34.34 3.89
CA HIS E 308 26.91 35.43 3.26
C HIS E 308 27.29 35.20 1.79
N SER E 309 27.81 34.00 1.50
CA SER E 309 28.36 33.70 0.18
C SER E 309 27.34 33.15 -0.83
N ASN E 310 26.05 33.24 -0.49
CA ASN E 310 24.98 32.71 -1.34
C ASN E 310 24.99 33.22 -2.79
N ASN E 311 24.97 34.54 -2.95
CA ASN E 311 24.95 35.17 -4.26
C ASN E 311 26.22 34.90 -5.07
N GLU E 312 27.38 34.97 -4.40
CA GLU E 312 28.67 34.70 -5.03
C GLU E 312 28.77 33.24 -5.50
N ASP E 313 28.18 32.32 -4.74
CA ASP E 313 28.13 30.91 -5.14
C ASP E 313 27.27 30.69 -6.38
N ALA E 314 26.22 31.49 -6.53
CA ALA E 314 25.29 31.38 -7.66
C ALA E 314 25.93 31.84 -8.96
N ASN E 315 26.73 32.90 -8.85
CA ASN E 315 27.72 33.31 -9.85
C ASN E 315 28.64 32.18 -10.31
N ILE E 316 29.33 31.54 -9.35
CA ILE E 316 30.42 30.61 -9.65
C ILE E 316 30.02 29.36 -10.43
N MET E 317 28.71 29.14 -10.55
CA MET E 317 28.12 27.89 -10.99
C MET E 317 26.88 28.17 -11.82
N GLN E 318 26.98 27.70 -13.06
CA GLN E 318 26.45 28.29 -14.27
C GLN E 318 27.23 29.56 -14.66
N ASN E 319 28.56 29.47 -14.80
CA ASN E 319 29.38 30.61 -15.25
C ASN E 319 30.85 30.29 -15.50
N GLU E 320 31.21 29.07 -15.10
CA GLU E 320 32.56 28.54 -14.98
C GLU E 320 32.55 27.17 -14.25
N PRO E 321 31.87 26.15 -14.81
CA PRO E 321 31.90 24.85 -14.13
C PRO E 321 33.22 24.14 -14.36
N TRP E 322 33.55 23.22 -13.44
CA TRP E 322 34.48 22.10 -13.66
C TRP E 322 35.94 22.52 -13.66
N ARG E 323 36.11 23.74 -13.19
CA ARG E 323 37.01 24.19 -12.15
C ARG E 323 37.44 23.20 -11.05
N ILE E 324 38.74 23.27 -10.73
CA ILE E 324 39.32 22.62 -9.56
C ILE E 324 39.38 23.62 -8.42
N ALA E 325 38.90 23.19 -7.24
CA ALA E 325 38.91 24.01 -6.02
C ALA E 325 38.42 25.46 -6.23
N PRO E 326 37.16 25.63 -6.67
CA PRO E 326 36.60 26.98 -6.80
C PRO E 326 36.29 27.56 -5.42
N PRO E 327 36.33 28.91 -5.29
CA PRO E 327 36.08 29.53 -3.98
C PRO E 327 34.62 29.48 -3.54
N LEU E 328 34.12 28.28 -3.24
CA LEU E 328 32.72 28.07 -2.86
C LEU E 328 32.50 28.17 -1.36
N LEU E 329 31.30 28.64 -0.99
CA LEU E 329 30.83 28.70 0.41
C LEU E 329 31.74 29.49 1.36
N GLU E 330 32.39 30.51 0.82
CA GLU E 330 33.35 31.30 1.60
C GLU E 330 32.69 32.45 2.34
N ASP E 331 31.89 32.11 3.35
CA ASP E 331 31.27 33.09 4.23
C ASP E 331 32.32 33.82 5.05
N ILE E 332 32.25 35.15 5.06
CA ILE E 332 33.08 35.97 5.93
C ILE E 332 32.23 36.37 7.12
N TYR E 333 32.51 35.79 8.28
CA TYR E 333 31.65 35.92 9.44
C TYR E 333 31.76 37.24 10.20
N THR E 334 30.60 37.75 10.61
CA THR E 334 30.48 38.99 11.39
C THR E 334 30.49 38.65 12.88
N PHE E 335 30.49 39.68 13.72
CA PHE E 335 30.44 39.49 15.18
C PHE E 335 29.13 38.86 15.64
N GLU E 336 28.01 39.29 15.04
CA GLU E 336 26.70 38.73 15.37
C GLU E 336 26.60 37.23 15.05
N ASP E 337 27.33 36.80 14.01
CA ASP E 337 27.42 35.38 13.65
C ASP E 337 28.07 34.59 14.77
N ALA E 338 29.15 35.16 15.34
CA ALA E 338 29.87 34.53 16.44
C ALA E 338 28.99 34.37 17.68
N LEU E 339 28.08 35.31 17.88
CA LEU E 339 27.14 35.27 19.00
C LEU E 339 26.15 34.12 18.86
N LEU E 340 25.62 33.92 17.65
CA LEU E 340 24.68 32.83 17.40
C LEU E 340 25.37 31.46 17.50
N VAL E 341 26.58 31.37 16.95
CA VAL E 341 27.41 30.17 17.09
C VAL E 341 27.60 29.84 18.56
N GLY E 342 27.86 30.87 19.36
CA GLY E 342 27.95 30.73 20.81
C GLY E 342 26.66 30.23 21.44
N LEU E 343 25.54 30.79 21.00
CA LEU E 343 24.20 30.38 21.45
C LEU E 343 23.89 28.93 21.06
N MET E 344 24.30 28.56 19.84
CA MET E 344 24.12 27.20 19.34
C MET E 344 24.91 26.18 20.16
N LEU E 345 26.15 26.55 20.52
CA LEU E 345 27.01 25.72 21.37
C LEU E 345 26.41 25.52 22.75
N ILE E 346 25.82 26.58 23.29
CA ILE E 346 25.11 26.54 24.56
C ILE E 346 23.94 25.56 24.49
N THR E 347 23.17 25.64 23.40
CA THR E 347 22.03 24.74 23.17
C THR E 347 22.47 23.28 23.05
N LEU E 348 23.55 23.05 22.29
CA LEU E 348 24.11 21.71 22.14
C LEU E 348 24.52 21.12 23.50
N MET E 349 25.15 21.96 24.32
CA MET E 349 25.61 21.57 25.66
C MET E 349 24.44 21.21 26.59
N LYS E 350 23.32 21.92 26.44
CA LYS E 350 22.11 21.65 27.23
C LYS E 350 21.56 20.24 26.99
N HIS E 351 21.81 19.72 25.79
CA HIS E 351 21.29 18.42 25.39
C HIS E 351 22.41 17.37 25.26
N ALA E 352 23.44 17.52 26.09
CA ALA E 352 24.59 16.62 26.07
C ALA E 352 24.27 15.21 26.52
N ASP E 353 23.07 15.02 27.09
CA ASP E 353 22.60 13.70 27.48
C ASP E 353 22.21 12.84 26.28
N ARG E 354 21.78 13.50 25.21
CA ARG E 354 21.40 12.79 23.99
C ARG E 354 22.32 13.10 22.81
N ILE E 355 22.79 14.34 22.73
CA ILE E 355 23.77 14.72 21.70
C ILE E 355 25.18 14.32 22.15
N LYS E 356 25.75 13.34 21.47
CA LYS E 356 27.07 12.81 21.81
C LYS E 356 28.14 13.17 20.77
N ILE E 357 27.68 13.45 19.56
CA ILE E 357 28.56 13.95 18.49
C ILE E 357 27.93 15.18 17.86
N ALA E 358 28.76 16.17 17.55
CA ALA E 358 28.34 17.35 16.80
C ALA E 358 29.49 17.84 15.94
N CYS E 359 29.17 18.31 14.73
CA CYS E 359 30.20 18.79 13.82
C CYS E 359 29.89 20.18 13.29
N LEU E 360 30.78 21.13 13.59
CA LEU E 360 30.73 22.45 12.99
C LEU E 360 31.09 22.31 11.51
N ALA E 361 30.16 22.71 10.65
CA ALA E 361 30.36 22.64 9.21
C ALA E 361 30.72 24.03 8.67
N GLN E 362 31.95 24.21 8.19
CA GLN E 362 32.99 23.18 8.13
C GLN E 362 34.27 23.70 8.79
N LEU E 363 35.39 23.00 8.62
CA LEU E 363 36.61 23.33 9.38
C LEU E 363 37.40 24.55 8.90
N ILE E 364 37.37 24.73 7.57
CA ILE E 364 38.51 25.08 6.73
C ILE E 364 38.00 25.68 5.43
N ASN E 365 38.16 27.01 5.29
CA ASN E 365 37.69 27.80 4.15
C ASN E 365 36.18 27.78 3.87
N VAL E 366 35.62 26.59 3.77
CA VAL E 366 34.19 26.39 3.49
C VAL E 366 33.38 26.63 4.76
N ILE E 367 32.53 27.66 4.74
CA ILE E 367 31.76 28.11 5.91
C ILE E 367 32.47 27.79 7.24
N ALA E 368 33.61 28.45 7.44
CA ALA E 368 34.62 27.97 8.37
C ALA E 368 35.10 29.01 9.38
N PRO E 369 35.59 28.54 10.56
CA PRO E 369 36.31 29.40 11.50
C PRO E 369 37.77 29.65 11.09
N ILE E 370 38.29 28.83 10.20
CA ILE E 370 39.68 28.94 9.72
C ILE E 370 39.69 29.19 8.21
N VAL E 371 40.36 30.27 7.81
CA VAL E 371 40.45 30.66 6.40
C VAL E 371 41.91 30.86 5.98
N THR E 372 42.30 30.24 4.87
CA THR E 372 43.54 30.59 4.16
C THR E 372 43.15 31.48 3.00
N GLU E 373 43.98 32.48 2.69
CA GLU E 373 43.60 33.51 1.70
C GLU E 373 43.17 32.99 0.34
N ARG E 374 44.14 32.64 -0.50
CA ARG E 374 43.88 32.29 -1.89
C ARG E 374 45.19 32.25 -2.68
N ASN E 375 45.25 31.35 -3.65
CA ASN E 375 46.49 30.71 -4.02
C ASN E 375 47.68 31.14 -3.22
N GLY E 376 47.61 30.93 -1.91
CA GLY E 376 48.43 31.70 -1.02
C GLY E 376 49.08 30.92 0.08
N GLY E 377 48.70 31.27 1.29
CA GLY E 377 47.53 32.10 1.45
C GLY E 377 47.75 33.25 2.39
N ALA E 378 47.25 33.11 3.60
CA ALA E 378 48.03 33.41 4.81
C ALA E 378 47.52 32.51 5.93
N ALA E 379 46.22 32.66 6.21
CA ALA E 379 45.45 31.98 7.25
C ALA E 379 45.34 32.77 8.54
N TRP E 380 44.15 32.66 9.12
CA TRP E 380 43.55 33.61 10.03
C TRP E 380 42.22 33.08 10.55
N ARG E 381 41.83 33.57 11.72
CA ARG E 381 40.65 33.10 12.42
C ARG E 381 39.46 34.01 12.14
N GLN E 382 38.31 33.40 11.87
CA GLN E 382 37.07 34.15 11.73
C GLN E 382 36.50 34.45 13.11
N THR E 383 35.45 35.27 13.15
CA THR E 383 34.81 35.63 14.41
C THR E 383 34.29 34.41 15.16
N ILE E 384 33.76 33.44 14.41
CA ILE E 384 33.15 32.24 14.96
C ILE E 384 34.14 31.24 15.57
N PHE E 385 35.43 31.48 15.32
CA PHE E 385 36.52 30.64 15.84
C PHE E 385 36.49 30.59 17.37
N TYR E 386 36.37 31.75 17.99
CA TYR E 386 36.57 31.88 19.43
C TYR E 386 35.49 31.31 20.35
N PRO E 387 34.19 31.52 20.01
CA PRO E 387 33.16 30.86 20.83
C PRO E 387 33.32 29.35 20.84
N PHE E 388 33.70 28.78 19.70
CA PHE E 388 33.97 27.35 19.58
C PHE E 388 35.18 26.96 20.43
N MET E 389 36.28 27.70 20.29
CA MET E 389 37.50 27.43 21.03
C MET E 389 37.26 27.41 22.54
N HIS E 390 36.50 28.40 23.03
CA HIS E 390 36.14 28.48 24.44
C HIS E 390 35.31 27.28 24.88
N ALA E 391 34.32 26.92 24.07
CA ALA E 391 33.43 25.79 24.34
C ALA E 391 34.21 24.48 24.41
N SER E 392 35.08 24.26 23.43
CA SER E 392 35.88 23.05 23.35
C SER E 392 36.91 22.94 24.48
N LYS E 393 37.47 24.07 24.88
CA LYS E 393 38.52 24.09 25.91
C LYS E 393 37.95 23.97 27.33
N TYR E 394 36.95 24.78 27.65
CA TYR E 394 36.41 24.84 29.01
C TYR E 394 35.12 24.06 29.20
N GLY E 395 34.62 23.46 28.12
CA GLY E 395 33.38 22.71 28.16
C GLY E 395 33.56 21.20 28.27
N ARG E 396 34.55 20.78 29.05
CA ARG E 396 34.77 19.36 29.32
C ARG E 396 34.38 19.04 30.77
N GLY E 397 33.39 18.15 30.94
CA GLY E 397 32.92 17.79 32.27
C GLY E 397 31.46 17.42 32.32
N ILE E 398 30.76 17.95 33.32
CA ILE E 398 29.36 17.61 33.56
C ILE E 398 28.45 18.83 33.41
N VAL E 399 27.45 18.73 32.52
CA VAL E 399 26.47 19.79 32.32
C VAL E 399 25.50 19.82 33.50
N LEU E 400 25.27 21.02 34.02
CA LEU E 400 24.33 21.23 35.12
C LEU E 400 23.02 21.83 34.60
N GLN E 401 21.91 21.48 35.23
CA GLN E 401 20.61 22.00 34.86
C GLN E 401 20.56 23.53 34.94
N PRO E 402 20.28 24.19 33.80
CA PRO E 402 20.22 25.63 33.79
C PRO E 402 18.90 26.13 34.38
N VAL E 403 18.82 26.11 35.71
CA VAL E 403 17.70 26.71 36.44
C VAL E 403 17.90 28.22 36.34
N ILE E 404 16.90 28.89 35.77
CA ILE E 404 17.11 30.18 35.14
C ILE E 404 15.85 31.04 35.22
N ASN E 405 16.03 32.32 35.55
CA ASN E 405 14.98 33.31 35.32
C ASN E 405 15.56 34.60 34.76
N SER E 406 15.36 34.75 33.46
CA SER E 406 15.90 35.87 32.71
C SER E 406 14.75 36.73 32.20
N PRO E 407 14.96 38.05 32.08
CA PRO E 407 13.98 38.90 31.41
C PRO E 407 13.70 38.41 29.99
N LEU E 408 12.51 38.63 29.49
CA LEU E 408 12.20 38.19 28.15
C LEU E 408 12.04 39.36 27.23
N HIS E 409 12.10 39.08 25.95
CA HIS E 409 11.84 40.06 24.90
C HIS E 409 11.25 39.40 23.67
N ASP E 410 10.41 40.15 22.96
CA ASP E 410 9.86 39.69 21.69
C ASP E 410 10.69 40.23 20.54
N THR E 411 10.85 39.43 19.50
CA THR E 411 11.46 39.87 18.25
C THR E 411 10.40 39.85 17.15
N SER E 412 10.80 40.16 15.93
CA SER E 412 9.87 40.25 14.80
C SER E 412 9.14 38.94 14.49
N LYS E 413 9.82 37.81 14.72
CA LYS E 413 9.25 36.49 14.39
C LYS E 413 9.29 35.48 15.55
N HIS E 414 9.68 35.95 16.73
CA HIS E 414 9.70 35.11 17.93
C HIS E 414 9.07 35.81 19.12
N GLU E 415 8.54 35.00 20.06
CA GLU E 415 7.93 35.51 21.28
C GLU E 415 8.65 34.98 22.51
N ASP E 416 8.65 35.79 23.57
CA ASP E 416 9.20 35.40 24.89
C ASP E 416 10.61 34.80 24.82
N VAL E 417 11.49 35.48 24.10
CA VAL E 417 12.89 35.06 23.98
C VAL E 417 13.67 35.53 25.20
N THR E 418 14.32 34.59 25.87
CA THR E 418 15.13 34.90 27.05
C THR E 418 16.28 35.83 26.67
N ASP E 419 16.50 36.86 27.48
CA ASP E 419 17.62 37.79 27.28
C ASP E 419 18.94 37.07 27.55
N ILE E 420 18.98 36.30 28.63
CA ILE E 420 20.14 35.48 28.97
C ILE E 420 19.95 34.02 28.55
N GLU E 421 20.96 33.49 27.87
CA GLU E 421 21.03 32.07 27.58
C GLU E 421 22.33 31.56 28.17
N SER E 422 22.22 30.64 29.14
CA SER E 422 23.36 30.25 29.94
C SER E 422 23.38 28.76 30.30
N VAL E 423 24.58 28.22 30.44
CA VAL E 423 24.82 26.88 30.97
C VAL E 423 26.10 26.85 31.79
N ALA E 424 26.06 26.11 32.89
CA ALA E 424 27.25 25.87 33.69
C ALA E 424 27.65 24.42 33.55
N ILE E 425 28.93 24.17 33.29
CA ILE E 425 29.46 22.82 33.32
C ILE E 425 30.53 22.67 34.41
C TYR E 426 32.35 20.33 36.00
N ASN E 427 33.61 20.78 35.94
CA ASN E 427 34.75 19.87 35.79
C ASN E 427 35.31 19.47 37.15
N GLU E 428 35.16 18.17 37.43
CA GLU E 428 35.13 17.64 38.79
C GLU E 428 36.45 17.04 39.23
N GLU E 429 37.40 17.07 38.29
CA GLU E 429 38.71 16.45 38.42
C GLU E 429 39.77 17.52 38.28
N LYS E 430 39.32 18.76 38.42
CA LYS E 430 40.06 19.98 38.19
C LYS E 430 39.53 21.05 39.14
N GLU E 431 38.45 20.68 39.85
CA GLU E 431 37.63 21.55 40.67
C GLU E 431 37.37 22.93 40.05
N GLU E 432 36.80 22.93 38.84
CA GLU E 432 36.45 24.17 38.15
C GLU E 432 34.99 24.14 37.70
N VAL E 433 34.33 25.31 37.77
CA VAL E 433 33.02 25.48 37.17
C VAL E 433 33.12 26.60 36.12
N THR E 434 32.55 26.35 34.95
CA THR E 434 32.57 27.32 33.87
C THR E 434 31.16 27.66 33.40
N ILE E 435 30.82 28.95 33.44
CA ILE E 435 29.52 29.43 33.00
C ILE E 435 29.65 30.09 31.62
N PHE E 436 28.93 29.53 30.65
CA PHE E 436 28.83 30.15 29.33
C PHE E 436 27.53 30.93 29.28
N ALA E 437 27.60 32.20 28.92
CA ALA E 437 26.39 32.99 28.78
C ALA E 437 26.44 34.03 27.69
N VAL E 438 25.28 34.35 27.16
CA VAL E 438 25.16 35.22 26.01
C VAL E 438 23.94 36.09 26.21
N ASN E 439 23.99 37.30 25.68
CA ASN E 439 23.06 38.33 26.07
C ASN E 439 22.64 39.19 24.90
N ARG E 440 22.44 38.58 23.75
CA ARG E 440 21.12 38.39 23.19
C ARG E 440 20.21 39.59 23.41
N ASN E 441 20.69 40.58 24.17
CA ASN E 441 20.90 41.92 23.62
C ASN E 441 22.16 42.58 24.16
N ILE E 442 22.50 43.74 23.62
CA ILE E 442 22.17 44.08 22.23
C ILE E 442 21.40 45.38 22.21
N HIS E 443 20.82 45.72 23.37
CA HIS E 443 20.35 47.08 23.64
C HIS E 443 20.70 47.58 25.03
N GLU E 444 20.72 46.62 25.95
CA GLU E 444 20.71 46.77 27.40
C GLU E 444 21.60 45.72 28.05
N ASP E 445 22.62 46.19 28.75
CA ASP E 445 23.45 45.37 29.62
C ASP E 445 22.60 44.84 30.77
N ILE E 446 22.85 43.62 31.20
CA ILE E 446 22.16 43.04 32.35
C ILE E 446 23.13 42.34 33.31
N VAL E 447 22.80 42.42 34.60
CA VAL E 447 23.59 41.78 35.64
C VAL E 447 23.04 40.39 35.94
N LEU E 448 23.89 39.37 35.79
CA LEU E 448 23.51 37.99 36.07
C LEU E 448 23.99 37.57 37.46
N VAL E 449 23.04 37.42 38.38
CA VAL E 449 23.33 36.91 39.72
C VAL E 449 23.29 35.38 39.72
N SER E 450 24.49 34.79 39.71
CA SER E 450 24.63 33.34 39.70
C SER E 450 24.82 32.79 41.12
N ASP E 451 23.78 32.15 41.63
CA ASP E 451 23.79 31.52 42.95
C ASP E 451 24.44 30.15 42.87
N VAL E 452 25.76 30.12 43.01
CA VAL E 452 26.49 28.86 43.09
C VAL E 452 26.23 28.25 44.47
N ARG E 453 25.65 27.06 44.49
CA ARG E 453 25.13 26.47 45.71
C ARG E 453 25.75 25.14 46.21
N GLY E 454 26.81 24.66 45.56
CA GLY E 454 28.05 25.40 45.47
C GLY E 454 28.88 25.30 46.74
N ARG E 459 36.10 31.00 44.27
CA ARG E 459 37.29 31.79 43.94
C ARG E 459 37.38 32.08 42.46
N LEU E 460 36.78 33.19 42.05
CA LEU E 460 36.82 33.62 40.66
C LEU E 460 38.24 33.53 40.10
N LEU E 461 38.38 32.75 39.04
CA LEU E 461 39.64 32.60 38.33
C LEU E 461 39.78 33.56 37.14
N GLU E 462 38.71 33.72 36.38
CA GLU E 462 38.67 34.76 35.35
C GLU E 462 37.29 34.90 34.67
N HIS E 463 37.13 35.98 33.91
CA HIS E 463 35.92 36.23 33.13
C HIS E 463 36.29 36.66 31.71
N ILE E 464 36.27 35.70 30.79
CA ILE E 464 36.59 35.98 29.38
C ILE E 464 35.34 36.48 28.66
N VAL E 465 35.52 37.50 27.83
CA VAL E 465 34.40 38.16 27.15
C VAL E 465 34.67 38.30 25.64
N LEU E 466 33.60 38.33 24.85
CA LEU E 466 33.70 38.49 23.41
C LEU E 466 32.67 39.49 22.90
N GLU E 467 33.13 40.70 22.60
CA GLU E 467 32.24 41.81 22.28
C GLU E 467 32.71 42.70 21.13
N HIS E 468 31.80 43.54 20.65
CA HIS E 468 32.11 44.62 19.73
C HIS E 468 30.96 45.62 19.72
N GLN E 469 31.27 46.86 19.34
CA GLN E 469 30.26 47.91 19.21
C GLN E 469 29.52 47.79 17.87
N ASP E 470 30.12 47.06 16.93
CA ASP E 470 29.59 46.93 15.58
C ASP E 470 29.34 45.47 15.24
N LEU E 471 28.06 45.09 15.24
CA LEU E 471 27.63 43.70 15.13
C LEU E 471 28.04 43.09 13.79
N LYS E 472 28.22 43.96 12.81
CA LYS E 472 28.54 43.58 11.44
C LYS E 472 30.05 43.52 11.18
N ILE E 473 30.86 43.86 12.18
CA ILE E 473 32.31 43.87 12.04
C ILE E 473 32.84 42.46 11.79
N ARG E 474 33.88 42.36 10.99
CA ARG E 474 34.44 41.08 10.58
C ARG E 474 35.95 40.99 10.85
N ASN E 475 36.47 39.78 10.76
CA ASN E 475 37.91 39.56 10.78
C ASN E 475 38.42 39.40 9.35
N SER E 476 39.74 39.57 9.18
CA SER E 476 40.37 39.39 7.87
C SER E 476 41.82 38.93 8.04
N VAL E 477 42.55 38.89 6.93
CA VAL E 477 43.95 38.48 6.93
C VAL E 477 44.86 39.46 7.70
N ASN E 478 44.35 40.68 7.87
CA ASN E 478 44.92 41.66 8.76
C ASN E 478 44.03 41.84 9.97
N GLY E 479 44.16 40.97 10.96
CA GLY E 479 43.34 41.09 12.18
C GLY E 479 41.86 41.00 11.81
N GLU E 480 41.00 40.37 12.61
CA GLU E 480 41.15 39.93 14.03
C GLU E 480 40.77 41.09 14.96
N GLU E 481 39.47 41.29 15.07
CA GLU E 481 38.87 42.54 15.47
C GLU E 481 37.80 42.25 16.48
N VAL E 482 37.16 41.09 16.32
CA VAL E 482 36.76 40.18 17.39
C VAL E 482 37.92 39.24 17.78
N TYR E 483 38.23 39.25 19.09
CA TYR E 483 39.15 38.31 19.74
C TYR E 483 38.86 38.33 21.24
N PRO E 484 39.17 37.24 21.96
CA PRO E 484 38.83 37.19 23.39
C PRO E 484 39.56 38.23 24.23
N LYS E 485 38.79 39.16 24.79
CA LYS E 485 39.31 40.11 25.77
C LYS E 485 39.15 39.50 27.16
N ASN E 486 40.24 39.47 27.92
CA ASN E 486 40.30 38.83 29.23
C ASN E 486 40.05 39.85 30.34
N SER E 487 38.78 40.12 30.63
CA SER E 487 38.39 41.34 31.38
C SER E 487 37.47 41.20 32.59
N ASP E 488 37.01 42.37 33.03
CA ASP E 488 35.80 42.59 33.85
C ASP E 488 36.09 42.63 35.37
N LYS E 489 35.10 42.72 36.29
CA LYS E 489 33.69 43.17 36.19
C LYS E 489 32.72 42.03 36.51
N SER E 490 32.88 41.49 37.73
CA SER E 490 32.34 40.20 38.18
C SER E 490 33.49 39.47 38.87
N SER E 491 33.22 38.97 40.08
CA SER E 491 34.13 38.99 41.20
C SER E 491 33.77 37.85 42.14
N ILE E 496 28.37 32.99 45.92
CA ILE E 496 27.60 33.69 44.91
C ILE E 496 28.48 34.22 43.78
N LEU E 497 27.84 34.66 42.70
CA LEU E 497 28.55 35.32 41.61
C LEU E 497 27.64 36.36 40.96
N THR E 498 28.12 37.59 40.84
CA THR E 498 27.37 38.65 40.16
C THR E 498 28.14 39.07 38.91
N SER E 499 27.48 39.02 37.76
CA SER E 499 28.14 39.31 36.48
C SER E 499 27.37 40.27 35.60
N MET E 500 27.92 41.48 35.48
CA MET E 500 27.56 42.43 34.44
C MET E 500 27.92 41.89 33.06
N LEU E 501 26.90 41.74 32.22
CA LEU E 501 27.06 41.16 30.89
C LEU E 501 26.62 42.15 29.83
N ARG E 502 27.55 42.48 28.93
CA ARG E 502 27.39 43.56 27.96
C ARG E 502 26.31 43.21 26.94
N ARG E 503 25.66 44.24 26.41
CA ARG E 503 24.54 44.08 25.45
C ARG E 503 25.01 43.47 24.13
N ALA E 504 24.70 42.19 24.02
CA ALA E 504 25.31 41.21 23.14
C ALA E 504 26.78 41.04 23.45
N SER E 505 27.08 39.96 24.16
CA SER E 505 28.42 39.40 24.16
C SER E 505 28.40 37.93 24.56
N TRP E 506 29.50 37.26 24.24
CA TRP E 506 29.74 35.90 24.60
C TRP E 506 30.61 35.91 25.85
N ASN E 507 30.13 35.28 26.92
CA ASN E 507 30.80 35.33 28.21
C ASN E 507 31.22 33.96 28.73
N VAL E 508 32.47 33.88 29.18
CA VAL E 508 33.01 32.66 29.78
C VAL E 508 33.48 33.00 31.19
N ILE E 509 32.70 32.60 32.19
CA ILE E 509 32.98 32.92 33.58
C ILE E 509 33.50 31.68 34.31
N ARG E 510 34.68 31.79 34.89
CA ARG E 510 35.38 30.62 35.46
C ARG E 510 35.66 30.77 36.96
N ILE E 511 35.26 29.74 37.71
CA ILE E 511 35.45 29.69 39.17
C ILE E 511 36.28 28.46 39.54
N GLY E 512 37.10 28.59 40.57
CA GLY E 512 37.91 27.48 41.09
C GLY E 512 38.29 27.66 42.54
N LYS F 13 16.82 8.06 55.25
CA LYS F 13 18.08 8.05 54.45
C LYS F 13 17.90 8.79 53.10
N ALA F 14 16.82 9.55 53.00
CA ALA F 14 16.76 10.68 52.07
C ALA F 14 15.89 11.80 52.63
N ARG F 15 15.67 12.84 51.83
CA ARG F 15 16.68 13.30 50.89
C ARG F 15 16.03 14.07 49.75
N MET F 16 15.38 15.18 50.09
CA MET F 16 14.44 15.84 49.20
C MET F 16 14.50 17.35 49.33
N THR F 17 14.26 18.05 48.22
CA THR F 17 14.41 19.49 48.18
C THR F 17 13.15 20.09 47.52
N VAL F 18 12.50 21.00 48.24
CA VAL F 18 11.21 21.56 47.82
C VAL F 18 11.34 23.06 47.58
N ASP F 19 11.09 23.47 46.33
CA ASP F 19 11.39 24.82 45.86
C ASP F 19 10.19 25.36 45.07
N LYS F 20 9.62 26.47 45.54
CA LYS F 20 8.43 27.06 44.93
C LYS F 20 8.68 27.69 43.55
N ASP F 21 9.93 28.07 43.29
CA ASP F 21 10.34 28.57 41.98
C ASP F 21 10.44 27.41 40.98
N TYR F 22 10.06 26.22 41.42
CA TYR F 22 10.28 25.01 40.64
C TYR F 22 8.99 24.28 40.26
N LYS F 23 8.23 24.88 39.36
CA LYS F 23 6.95 24.32 38.94
C LYS F 23 7.13 23.26 37.86
N ILE F 24 6.23 22.28 37.88
CA ILE F 24 6.02 21.39 36.75
C ILE F 24 4.78 21.88 36.02
N ALA F 25 3.69 22.06 36.78
CA ALA F 25 2.42 22.57 36.25
C ALA F 25 1.39 22.84 37.33
N GLU F 26 0.33 23.55 36.93
CA GLU F 26 -0.88 23.68 37.72
C GLU F 26 -1.67 22.38 37.55
N ILE F 27 -2.18 21.84 38.66
CA ILE F 27 -3.03 20.65 38.61
C ILE F 27 -4.41 20.99 38.06
N ASP F 28 -4.84 20.22 37.07
CA ASP F 28 -6.22 20.25 36.60
C ASP F 28 -7.00 19.29 37.48
N LYS F 29 -8.01 19.80 38.17
CA LYS F 29 -8.79 19.00 39.12
C LYS F 29 -9.40 17.73 38.51
N ARG F 30 -9.51 17.73 37.18
CA ARG F 30 -10.09 16.60 36.44
C ARG F 30 -9.20 15.35 36.43
N ILE F 31 -8.01 15.45 36.99
CA ILE F 31 -7.14 14.27 37.16
C ILE F 31 -7.62 13.42 38.35
N TYR F 32 -8.55 13.96 39.12
CA TYR F 32 -9.19 13.22 40.21
C TYR F 32 -10.60 12.78 39.80
N GLY F 33 -10.77 12.53 38.50
CA GLY F 33 -12.04 12.05 37.97
C GLY F 33 -12.20 10.56 38.17
N SER F 34 -13.40 10.07 37.88
CA SER F 34 -13.70 8.65 37.94
C SER F 34 -14.54 8.21 36.73
N PHE F 35 -15.14 7.04 36.83
CA PHE F 35 -15.73 6.38 35.68
C PHE F 35 -16.82 5.39 36.12
N VAL F 36 -18.02 5.55 35.56
CA VAL F 36 -19.12 4.63 35.82
C VAL F 36 -19.57 3.99 34.50
N GLU F 37 -19.46 2.66 34.44
CA GLU F 37 -19.92 1.90 33.28
C GLU F 37 -21.17 1.11 33.64
N HIS F 38 -22.05 0.92 32.66
CA HIS F 38 -23.17 -0.01 32.80
C HIS F 38 -22.61 -1.43 32.80
N LEU F 39 -22.05 -1.81 33.96
CA LEU F 39 -21.30 -3.04 34.14
C LEU F 39 -21.62 -3.57 35.52
N GLY F 40 -21.97 -4.85 35.60
CA GLY F 40 -22.23 -5.50 36.88
C GLY F 40 -23.18 -4.72 37.77
N ARG F 41 -22.75 -4.44 38.99
CA ARG F 41 -23.56 -3.73 39.97
C ARG F 41 -23.16 -2.27 40.16
N ALA F 42 -22.56 -1.67 39.13
CA ALA F 42 -22.15 -0.27 39.19
C ALA F 42 -23.36 0.66 39.23
N VAL F 43 -24.35 0.38 38.40
CA VAL F 43 -25.56 1.20 38.35
C VAL F 43 -26.68 0.52 39.14
N TYR F 44 -27.14 -0.63 38.65
CA TYR F 44 -28.22 -1.38 39.27
C TYR F 44 -27.67 -2.19 40.42
N ASP F 45 -28.37 -2.12 41.56
CA ASP F 45 -27.88 -2.63 42.85
C ASP F 45 -26.53 -1.98 43.22
N GLY F 46 -26.40 -0.71 42.84
CA GLY F 46 -25.21 0.08 43.13
C GLY F 46 -25.60 1.50 43.49
N LEU F 47 -25.36 2.44 42.57
CA LEU F 47 -25.73 3.83 42.78
C LEU F 47 -27.24 4.03 42.65
N TYR F 48 -27.89 3.15 41.91
CA TYR F 48 -29.32 3.24 41.64
C TYR F 48 -30.10 2.04 42.20
N GLN F 49 -30.86 2.29 43.25
CA GLN F 49 -31.66 1.25 43.92
C GLN F 49 -33.03 1.81 44.31
N PRO F 50 -34.01 1.77 43.38
CA PRO F 50 -35.34 2.37 43.54
C PRO F 50 -36.02 2.16 44.91
N GLY F 51 -36.39 0.92 45.22
CA GLY F 51 -37.20 0.63 46.40
C GLY F 51 -36.52 0.71 47.76
N ASN F 52 -35.26 1.14 47.76
CA ASN F 52 -34.44 1.12 48.97
C ASN F 52 -34.75 2.24 49.95
N SER F 53 -34.64 1.94 51.25
CA SER F 53 -34.83 2.91 52.31
C SER F 53 -33.82 4.05 52.26
N LYS F 54 -32.60 3.73 51.83
CA LYS F 54 -31.47 4.66 51.84
C LYS F 54 -31.48 5.55 50.60
N SER F 55 -32.44 5.31 49.71
CA SER F 55 -32.56 6.04 48.46
C SER F 55 -33.45 7.29 48.58
N ASP F 56 -33.09 8.31 47.80
CA ASP F 56 -33.97 9.45 47.53
C ASP F 56 -35.11 9.09 46.56
N GLU F 57 -35.92 10.08 46.18
CA GLU F 57 -37.11 9.85 45.35
C GLU F 57 -36.79 9.51 43.89
N ASP F 58 -35.54 9.74 43.49
CA ASP F 58 -35.09 9.38 42.14
C ASP F 58 -34.55 7.95 42.10
N GLY F 59 -34.41 7.34 43.28
CA GLY F 59 -33.92 5.98 43.40
C GLY F 59 -32.43 5.88 43.66
N PHE F 60 -31.79 7.03 43.87
CA PHE F 60 -30.34 7.07 44.12
C PHE F 60 -30.05 6.86 45.60
N ARG F 61 -29.11 5.95 45.88
CA ARG F 61 -28.65 5.70 47.24
C ARG F 61 -27.95 6.94 47.81
N LYS F 62 -28.51 7.50 48.87
CA LYS F 62 -28.02 8.75 49.47
C LYS F 62 -26.67 8.60 50.16
N ASP F 63 -26.44 7.44 50.77
CA ASP F 63 -25.17 7.12 51.40
C ASP F 63 -24.03 7.01 50.38
N VAL F 64 -24.36 6.46 49.21
CA VAL F 64 -23.42 6.38 48.09
C VAL F 64 -23.05 7.79 47.61
N ILE F 65 -24.06 8.64 47.46
CA ILE F 65 -23.89 10.04 47.06
C ILE F 65 -22.92 10.77 48.01
N GLU F 66 -23.07 10.54 49.31
CA GLU F 66 -22.19 11.15 50.31
C GLU F 66 -20.75 10.67 50.21
N LEU F 67 -20.58 9.38 49.88
CA LEU F 67 -19.25 8.80 49.74
C LEU F 67 -18.52 9.28 48.48
N VAL F 68 -19.27 9.55 47.42
CA VAL F 68 -18.70 10.10 46.19
C VAL F 68 -18.28 11.56 46.42
N LYS F 69 -19.15 12.33 47.05
CA LYS F 69 -18.86 13.71 47.44
C LYS F 69 -17.64 13.77 48.36
N GLU F 70 -17.51 12.75 49.20
CA GLU F 70 -16.37 12.61 50.12
C GLU F 70 -15.07 12.43 49.36
N LEU F 71 -15.11 11.59 48.31
CA LEU F 71 -13.98 11.41 47.41
C LEU F 71 -13.69 12.69 46.64
N ASN F 72 -14.74 13.47 46.38
CA ASN F 72 -14.64 14.73 45.64
C ASN F 72 -14.15 14.46 44.21
N VAL F 73 -15.09 14.10 43.35
CA VAL F 73 -14.79 13.74 41.96
C VAL F 73 -15.42 14.76 41.01
N PRO F 74 -14.59 15.58 40.35
CA PRO F 74 -15.11 16.66 39.50
C PRO F 74 -15.71 16.19 38.17
N ILE F 75 -15.23 15.06 37.66
CA ILE F 75 -15.67 14.55 36.36
C ILE F 75 -15.83 13.03 36.35
N ILE F 76 -16.91 12.54 35.73
CA ILE F 76 -17.17 11.10 35.65
C ILE F 76 -17.38 10.64 34.21
N ARG F 77 -16.57 9.68 33.79
CA ARG F 77 -16.68 9.05 32.47
C ARG F 77 -17.90 8.12 32.44
N TYR F 78 -18.63 8.15 31.33
CA TYR F 78 -19.92 7.45 31.21
C TYR F 78 -20.33 7.32 29.74
N PRO F 79 -20.99 6.21 29.35
CA PRO F 79 -21.32 5.02 30.12
C PRO F 79 -20.37 3.84 29.87
N GLY F 80 -19.19 4.13 29.32
CA GLY F 80 -18.22 3.08 29.02
C GLY F 80 -16.94 3.59 28.37
N GLY F 81 -15.97 2.70 28.21
CA GLY F 81 -16.11 1.30 28.60
C GLY F 81 -16.62 0.43 27.45
N ASN F 82 -16.53 -0.88 27.63
CA ASN F 82 -16.77 -1.84 26.55
C ASN F 82 -18.22 -1.90 26.06
N PHE F 83 -19.10 -1.70 27.03
CA PHE F 83 -20.49 -1.34 26.92
C PHE F 83 -20.88 -0.34 25.83
N VAL F 84 -20.16 0.79 25.75
CA VAL F 84 -20.57 1.87 24.83
C VAL F 84 -20.45 1.48 23.35
N SER F 85 -19.60 0.51 23.06
CA SER F 85 -19.31 0.10 21.68
C SER F 85 -20.47 -0.56 20.94
N ASN F 86 -21.52 -0.96 21.67
CA ASN F 86 -22.74 -1.48 21.07
C ASN F 86 -23.99 -0.97 21.80
N TYR F 87 -23.88 0.25 22.33
CA TYR F 87 -24.96 0.89 23.06
C TYR F 87 -25.71 1.86 22.15
N PHE F 88 -27.03 1.87 22.29
CA PHE F 88 -27.89 2.78 21.54
C PHE F 88 -28.56 3.73 22.52
N TRP F 89 -28.03 4.94 22.61
CA TRP F 89 -28.43 5.93 23.63
C TRP F 89 -29.93 6.22 23.70
N GLU F 90 -30.61 6.09 22.56
CA GLU F 90 -32.07 6.29 22.49
C GLU F 90 -32.82 5.33 23.41
N ASP F 91 -32.24 4.14 23.61
CA ASP F 91 -32.84 3.13 24.48
C ASP F 91 -32.90 3.54 25.95
N GLY F 92 -32.12 4.55 26.32
CA GLY F 92 -32.04 5.02 27.70
C GLY F 92 -32.71 6.35 27.99
N VAL F 93 -33.47 6.86 27.00
CA VAL F 93 -34.21 8.13 27.18
C VAL F 93 -35.70 7.95 26.90
N GLY F 94 -36.49 8.96 27.28
CA GLY F 94 -37.93 8.94 27.07
C GLY F 94 -38.67 8.18 28.15
N PRO F 95 -39.99 8.00 27.98
CA PRO F 95 -40.81 7.25 28.93
C PRO F 95 -40.19 5.89 29.26
N VAL F 96 -40.01 5.64 30.56
CA VAL F 96 -39.33 4.44 31.05
C VAL F 96 -40.01 3.13 30.60
N GLU F 97 -41.33 3.16 30.45
CA GLU F 97 -42.10 1.99 30.02
C GLU F 97 -41.77 1.58 28.57
N ASP F 98 -41.33 2.54 27.76
CA ASP F 98 -41.05 2.32 26.35
C ASP F 98 -39.59 1.98 26.07
N ARG F 99 -38.76 2.03 27.11
CA ARG F 99 -37.34 1.69 26.98
C ARG F 99 -37.17 0.18 26.89
N PRO F 100 -36.48 -0.29 25.84
CA PRO F 100 -36.32 -1.73 25.64
C PRO F 100 -35.16 -2.31 26.44
N ARG F 101 -35.25 -3.61 26.76
CA ARG F 101 -34.13 -4.34 27.34
C ARG F 101 -33.22 -4.80 26.20
N ARG F 102 -31.92 -4.58 26.35
CA ARG F 102 -30.96 -4.91 25.30
C ARG F 102 -29.90 -5.89 25.77
N LEU F 103 -29.37 -6.66 24.83
CA LEU F 103 -28.24 -7.54 25.10
C LEU F 103 -26.96 -6.70 25.16
N ASP F 104 -26.27 -6.76 26.29
CA ASP F 104 -24.94 -6.19 26.40
C ASP F 104 -23.93 -7.28 26.06
N LEU F 105 -23.36 -7.19 24.86
CA LEU F 105 -22.45 -8.22 24.36
C LEU F 105 -21.10 -8.19 25.08
N ALA F 106 -20.73 -6.99 25.55
CA ALA F 106 -19.47 -6.78 26.24
C ALA F 106 -19.36 -7.62 27.52
N TRP F 107 -20.44 -7.65 28.30
CA TRP F 107 -20.41 -8.31 29.61
C TRP F 107 -21.48 -9.40 29.77
N LYS F 108 -21.99 -9.89 28.64
CA LYS F 108 -22.99 -10.97 28.62
C LYS F 108 -24.14 -10.76 29.60
N SER F 109 -24.69 -9.55 29.59
CA SER F 109 -25.75 -9.16 30.51
C SER F 109 -26.94 -8.56 29.79
N ILE F 110 -28.08 -8.49 30.47
CA ILE F 110 -29.25 -7.77 29.98
C ILE F 110 -29.23 -6.35 30.55
N GLU F 111 -29.20 -5.36 29.67
CA GLU F 111 -29.30 -3.96 30.07
C GLU F 111 -30.77 -3.52 30.04
N PRO F 112 -31.35 -3.27 31.22
CA PRO F 112 -32.77 -2.88 31.30
C PRO F 112 -33.01 -1.42 30.91
N ASN F 113 -31.94 -0.63 30.82
CA ASN F 113 -31.98 0.77 30.40
C ASN F 113 -32.85 1.69 31.27
N GLN F 114 -33.08 1.28 32.52
CA GLN F 114 -33.84 2.09 33.48
C GLN F 114 -33.09 3.37 33.82
N VAL F 115 -31.76 3.28 33.87
CA VAL F 115 -30.90 4.45 34.01
C VAL F 115 -30.28 4.75 32.64
N GLY F 116 -30.37 6.01 32.24
CA GLY F 116 -29.79 6.45 30.98
C GLY F 116 -29.68 7.96 30.90
N ILE F 117 -28.44 8.43 30.79
CA ILE F 117 -28.09 9.81 30.44
C ILE F 117 -28.79 10.93 31.21
N ASN F 118 -30.10 11.09 31.00
CA ASN F 118 -30.95 11.94 31.84
C ASN F 118 -30.91 11.58 33.33
N GLU F 119 -30.97 10.28 33.63
CA GLU F 119 -30.96 9.82 35.03
C GLU F 119 -29.57 9.95 35.65
N PHE F 120 -28.56 9.55 34.90
CA PHE F 120 -27.16 9.75 35.27
C PHE F 120 -26.76 11.22 35.38
N ALA F 121 -27.38 12.09 34.56
CA ALA F 121 -27.09 13.52 34.61
C ALA F 121 -27.48 14.15 35.94
N LYS F 122 -28.66 13.81 36.46
CA LYS F 122 -29.10 14.34 37.74
C LYS F 122 -28.42 13.66 38.93
N TRP F 123 -27.87 12.46 38.71
CA TRP F 123 -27.05 11.81 39.72
C TRP F 123 -25.71 12.54 39.86
N CYS F 124 -25.15 12.96 38.73
CA CYS F 124 -23.91 13.72 38.71
C CYS F 124 -24.06 15.10 39.35
N LYS F 125 -25.23 15.70 39.18
CA LYS F 125 -25.59 16.94 39.85
C LYS F 125 -25.51 16.78 41.37
N LYS F 126 -26.04 15.65 41.85
CA LYS F 126 -26.10 15.36 43.28
C LYS F 126 -24.74 15.02 43.89
N VAL F 127 -23.82 14.54 43.07
CA VAL F 127 -22.46 14.25 43.52
C VAL F 127 -21.45 15.35 43.14
N ASN F 128 -21.98 16.47 42.63
CA ASN F 128 -21.18 17.64 42.22
C ASN F 128 -20.12 17.30 41.16
N ALA F 129 -20.53 16.51 40.17
CA ALA F 129 -19.62 16.07 39.11
C ALA F 129 -20.15 16.41 37.73
N GLU F 130 -19.21 16.58 36.79
CA GLU F 130 -19.51 16.77 35.37
C GLU F 130 -19.50 15.42 34.67
N ILE F 131 -20.27 15.29 33.60
CA ILE F 131 -20.24 14.08 32.78
C ILE F 131 -19.15 14.20 31.70
N MET F 132 -18.39 13.12 31.53
CA MET F 132 -17.56 12.95 30.35
C MET F 132 -18.21 11.83 29.52
N MET F 133 -18.90 12.22 28.45
CA MET F 133 -19.75 11.30 27.70
C MET F 133 -19.00 10.56 26.60
N ALA F 134 -19.12 9.23 26.59
CA ALA F 134 -18.58 8.42 25.52
C ALA F 134 -19.67 8.12 24.49
N VAL F 135 -19.32 8.19 23.22
CA VAL F 135 -20.25 7.87 22.13
C VAL F 135 -19.93 6.52 21.52
N ASN F 136 -20.96 5.85 20.99
CA ASN F 136 -20.79 4.57 20.30
C ASN F 136 -20.14 4.75 18.94
N LEU F 137 -18.87 4.35 18.83
CA LEU F 137 -18.18 4.31 17.54
C LEU F 137 -17.78 2.88 17.17
N GLY F 138 -18.40 1.91 17.84
CA GLY F 138 -18.21 0.50 17.52
C GLY F 138 -19.16 0.07 16.42
N THR F 139 -20.46 0.11 16.72
CA THR F 139 -21.50 -0.26 15.76
C THR F 139 -22.25 0.95 15.19
N ARG F 140 -21.93 2.14 15.68
CA ARG F 140 -22.55 3.38 15.19
C ARG F 140 -21.49 4.38 14.74
N GLY F 141 -21.93 5.48 14.13
CA GLY F 141 -21.00 6.44 13.52
C GLY F 141 -21.27 7.91 13.76
N ILE F 142 -20.98 8.72 12.74
CA ILE F 142 -20.96 10.18 12.83
C ILE F 142 -22.32 10.79 13.24
N SER F 143 -23.36 10.45 12.49
CA SER F 143 -24.67 11.07 12.67
C SER F 143 -25.29 10.78 14.04
N ASP F 144 -25.02 9.59 14.57
CA ASP F 144 -25.51 9.19 15.89
C ASP F 144 -24.81 9.97 17.00
N ALA F 145 -23.52 10.23 16.82
CA ALA F 145 -22.75 11.05 17.75
C ALA F 145 -23.24 12.49 17.71
N CYS F 146 -23.60 12.95 16.52
CA CYS F 146 -24.18 14.27 16.32
C CYS F 146 -25.54 14.39 17.01
N ASN F 147 -26.36 13.35 16.88
CA ASN F 147 -27.68 13.31 17.51
C ASN F 147 -27.60 13.43 19.02
N LEU F 148 -26.69 12.66 19.62
CA LEU F 148 -26.51 12.66 21.07
C LEU F 148 -25.97 13.99 21.59
N LEU F 149 -25.05 14.59 20.82
CA LEU F 149 -24.50 15.90 21.17
C LEU F 149 -25.57 16.99 21.11
N GLU F 150 -26.39 16.95 20.06
CA GLU F 150 -27.50 17.87 19.91
C GLU F 150 -28.50 17.71 21.06
N TYR F 151 -28.83 16.45 21.37
CA TYR F 151 -29.71 16.10 22.48
C TYR F 151 -29.22 16.72 23.79
N CYS F 152 -27.92 16.59 24.04
CA CYS F 152 -27.34 17.01 25.33
C CYS F 152 -26.99 18.50 25.41
N ASN F 153 -26.49 19.08 24.32
CA ASN F 153 -25.90 20.41 24.37
C ASN F 153 -26.66 21.56 23.70
N HIS F 154 -27.47 21.25 22.68
CA HIS F 154 -28.23 22.28 21.99
C HIS F 154 -29.43 22.73 22.82
N PRO F 155 -29.63 24.06 22.97
CA PRO F 155 -30.68 24.63 23.83
C PRO F 155 -32.09 24.15 23.49
N GLY F 156 -32.45 24.20 22.21
CA GLY F 156 -33.79 23.83 21.76
C GLY F 156 -34.08 24.30 20.35
N GLY F 157 -35.24 23.91 19.83
CA GLY F 157 -35.68 24.35 18.50
C GLY F 157 -35.22 23.45 17.37
N SER F 158 -34.79 22.24 17.69
CA SER F 158 -34.42 21.24 16.69
C SER F 158 -34.84 19.83 17.15
N LYS F 159 -34.78 18.87 16.23
CA LYS F 159 -35.30 17.51 16.47
C LYS F 159 -34.90 16.90 17.81
N TYR F 160 -33.59 16.82 18.06
CA TYR F 160 -33.07 16.10 19.23
C TYR F 160 -33.00 16.94 20.50
N SER F 161 -32.88 18.25 20.35
CA SER F 161 -32.88 19.16 21.49
C SER F 161 -34.28 19.30 22.10
N ASP F 162 -35.30 19.39 21.22
CA ASP F 162 -36.71 19.41 21.65
C ASP F 162 -37.10 18.08 22.28
N MET F 163 -36.46 17.02 21.83
CA MET F 163 -36.67 15.67 22.35
C MET F 163 -36.27 15.59 23.83
N ARG F 164 -35.14 16.22 24.17
CA ARG F 164 -34.68 16.32 25.56
C ARG F 164 -35.66 17.12 26.41
N ILE F 165 -36.12 18.24 25.87
CA ILE F 165 -37.11 19.10 26.54
C ILE F 165 -38.41 18.32 26.83
N LYS F 166 -38.85 17.54 25.84
CA LYS F 166 -40.02 16.68 25.98
C LYS F 166 -39.81 15.59 27.03
N HIS F 167 -38.57 15.11 27.15
CA HIS F 167 -38.24 14.05 28.10
C HIS F 167 -38.09 14.53 29.55
N GLY F 168 -38.23 15.84 29.75
CA GLY F 168 -38.28 16.41 31.11
C GLY F 168 -37.07 17.23 31.52
N VAL F 169 -36.12 17.42 30.62
CA VAL F 169 -34.93 18.21 30.90
C VAL F 169 -34.91 19.47 30.02
N LYS F 170 -35.32 20.59 30.62
CA LYS F 170 -35.46 21.87 29.90
C LYS F 170 -34.10 22.45 29.50
N GLU F 171 -33.19 22.54 30.47
CA GLU F 171 -31.85 23.07 30.21
C GLU F 171 -30.95 21.98 29.65
N PRO F 172 -30.12 22.33 28.64
CA PRO F 172 -29.14 21.38 28.12
C PRO F 172 -28.13 20.97 29.17
N HIS F 173 -27.65 19.72 29.11
CA HIS F 173 -26.67 19.20 30.05
C HIS F 173 -25.32 19.89 29.95
N ASN F 174 -25.01 20.42 28.75
CA ASN F 174 -23.74 21.08 28.47
C ASN F 174 -22.52 20.23 28.85
N ILE F 175 -22.47 19.02 28.30
CA ILE F 175 -21.33 18.13 28.49
C ILE F 175 -20.13 18.66 27.72
N LYS F 176 -19.06 18.93 28.46
CA LYS F 176 -17.89 19.62 27.92
C LYS F 176 -16.86 18.68 27.30
N VAL F 177 -16.68 17.50 27.88
CA VAL F 177 -15.71 16.54 27.37
C VAL F 177 -16.41 15.29 26.85
N TRP F 178 -16.05 14.89 25.63
CA TRP F 178 -16.64 13.71 24.99
C TRP F 178 -15.57 12.72 24.57
N CYS F 179 -15.86 11.43 24.75
CA CYS F 179 -14.96 10.35 24.33
C CYS F 179 -15.42 9.77 23.00
N LEU F 180 -14.53 9.79 22.01
CA LEU F 180 -14.82 9.26 20.69
C LEU F 180 -14.70 7.73 20.69
N GLY F 181 -15.72 7.08 21.23
CA GLY F 181 -15.72 5.63 21.36
C GLY F 181 -14.91 5.15 22.56
N ASN F 182 -14.77 3.84 22.66
CA ASN F 182 -13.90 3.20 23.66
C ASN F 182 -12.79 2.46 22.93
N ALA F 183 -11.69 2.17 23.61
CA ALA F 183 -10.56 1.45 23.00
C ALA F 183 -11.05 0.32 22.13
N MET F 184 -10.71 0.36 20.84
CA MET F 184 -11.24 -0.59 19.87
C MET F 184 -10.19 -1.42 19.14
N ASP F 185 -9.00 -1.53 19.72
CA ASP F 185 -7.92 -2.34 19.15
C ASP F 185 -7.97 -3.80 19.61
N GLY F 186 -8.81 -4.09 20.60
CA GLY F 186 -8.91 -5.43 21.17
C GLY F 186 -9.80 -6.37 20.38
N PRO F 187 -9.38 -7.65 20.23
CA PRO F 187 -10.20 -8.68 19.59
C PRO F 187 -11.40 -9.16 20.42
N TRP F 188 -11.55 -8.60 21.63
CA TRP F 188 -12.65 -8.95 22.52
C TRP F 188 -13.80 -7.95 22.43
N GLN F 189 -13.59 -6.86 21.70
CA GLN F 189 -14.58 -5.79 21.66
C GLN F 189 -15.36 -5.75 20.36
N VAL F 190 -16.67 -5.62 20.48
CA VAL F 190 -17.57 -5.46 19.33
C VAL F 190 -17.27 -4.12 18.65
N GLY F 191 -17.18 -4.14 17.33
CA GLY F 191 -16.84 -2.95 16.56
C GLY F 191 -15.36 -2.64 16.60
N HIS F 192 -14.55 -3.70 16.66
CA HIS F 192 -13.09 -3.58 16.63
C HIS F 192 -12.65 -2.89 15.34
N LYS F 193 -11.76 -1.91 15.49
CA LYS F 193 -11.25 -1.14 14.35
C LYS F 193 -9.74 -1.30 14.23
N THR F 194 -9.24 -1.12 13.02
CA THR F 194 -7.80 -0.95 12.81
C THR F 194 -7.47 0.52 13.12
N MET F 195 -6.20 0.82 13.34
CA MET F 195 -5.77 2.18 13.66
C MET F 195 -6.16 3.21 12.59
N ASP F 196 -6.14 2.78 11.33
CA ASP F 196 -6.55 3.64 10.21
C ASP F 196 -8.07 3.80 10.14
N GLU F 197 -8.80 2.73 10.41
CA GLU F 197 -10.26 2.77 10.45
C GLU F 197 -10.76 3.71 11.55
N TYR F 198 -10.23 3.53 12.76
CA TYR F 198 -10.62 4.38 13.87
C TYR F 198 -10.14 5.82 13.68
N GLY F 199 -8.91 5.97 13.22
CA GLY F 199 -8.34 7.30 12.94
C GLY F 199 -9.26 8.14 12.08
N ARG F 200 -9.78 7.52 11.01
CA ARG F 200 -10.68 8.19 10.07
C ARG F 200 -12.04 8.51 10.69
N ILE F 201 -12.64 7.55 11.40
CA ILE F 201 -13.95 7.76 12.01
C ILE F 201 -13.88 8.76 13.17
N ALA F 202 -12.78 8.74 13.92
CA ALA F 202 -12.55 9.72 14.99
C ALA F 202 -12.40 11.12 14.43
N GLU F 203 -11.65 11.25 13.34
CA GLU F 203 -11.44 12.53 12.66
C GLU F 203 -12.78 13.14 12.21
N GLU F 204 -13.59 12.33 11.54
CA GLU F 204 -14.85 12.81 10.96
C GLU F 204 -15.93 13.08 12.01
N THR F 205 -15.98 12.22 13.03
CA THR F 205 -16.91 12.40 14.14
C THR F 205 -16.56 13.69 14.89
N ALA F 206 -15.28 13.87 15.17
CA ALA F 206 -14.78 15.07 15.85
C ALA F 206 -15.06 16.34 15.06
N ARG F 207 -14.83 16.27 13.74
CA ARG F 207 -15.07 17.40 12.84
C ARG F 207 -16.53 17.84 12.87
N ALA F 208 -17.44 16.86 12.81
CA ALA F 208 -18.87 17.13 12.77
C ALA F 208 -19.39 17.62 14.12
N MET F 209 -18.88 17.05 15.21
CA MET F 209 -19.32 17.42 16.54
C MET F 209 -18.97 18.86 16.90
N LYS F 210 -17.76 19.30 16.54
CA LYS F 210 -17.32 20.66 16.83
C LYS F 210 -18.02 21.72 15.96
N MET F 211 -18.76 21.27 14.96
CA MET F 211 -19.61 22.15 14.16
C MET F 211 -20.94 22.41 14.87
N ILE F 212 -21.38 21.45 15.68
CA ILE F 212 -22.58 21.59 16.49
C ILE F 212 -22.28 22.41 17.75
N ASP F 213 -21.17 22.06 18.41
CA ASP F 213 -20.75 22.75 19.62
C ASP F 213 -19.23 22.93 19.61
N PRO F 214 -18.75 24.14 19.27
CA PRO F 214 -17.31 24.41 19.22
C PRO F 214 -16.65 24.46 20.59
N SER F 215 -17.45 24.57 21.65
CA SER F 215 -16.92 24.72 23.01
C SER F 215 -16.46 23.40 23.65
N ILE F 216 -16.87 22.28 23.05
CA ILE F 216 -16.57 20.96 23.61
C ILE F 216 -15.11 20.54 23.44
N GLU F 217 -14.68 19.61 24.26
CA GLU F 217 -13.36 18.99 24.16
C GLU F 217 -13.52 17.51 23.82
N LEU F 218 -12.62 16.99 22.99
CA LEU F 218 -12.76 15.64 22.48
C LEU F 218 -11.56 14.75 22.79
N VAL F 219 -11.85 13.52 23.21
CA VAL F 219 -10.81 12.55 23.53
C VAL F 219 -10.77 11.45 22.47
N ALA F 220 -9.60 11.29 21.85
CA ALA F 220 -9.34 10.19 20.93
C ALA F 220 -8.81 8.99 21.71
N CYS F 221 -9.28 7.80 21.36
CA CYS F 221 -8.90 6.58 22.05
C CYS F 221 -7.48 6.16 21.75
N GLY F 222 -6.73 5.86 22.81
CA GLY F 222 -5.43 5.21 22.68
C GLY F 222 -5.63 3.71 22.68
N SER F 223 -4.53 2.98 22.87
CA SER F 223 -4.57 1.52 22.94
C SER F 223 -5.28 1.06 24.21
N SER F 224 -5.78 -0.19 24.20
CA SER F 224 -6.39 -0.79 25.39
C SER F 224 -5.36 -0.84 26.52
N SER F 225 -4.16 -1.27 26.17
CA SER F 225 -3.04 -1.32 27.10
C SER F 225 -1.76 -1.09 26.29
N LYS F 226 -0.66 -0.83 27.01
CA LYS F 226 0.64 -0.66 26.38
C LYS F 226 1.21 -1.99 25.86
N ASP F 227 0.58 -3.08 26.26
CA ASP F 227 1.03 -4.43 25.88
C ASP F 227 0.51 -4.86 24.51
N MET F 228 -0.46 -4.13 23.98
CA MET F 228 -0.96 -4.32 22.62
C MET F 228 0.17 -4.06 21.64
N PRO F 229 0.41 -4.98 20.68
CA PRO F 229 1.51 -4.82 19.73
C PRO F 229 1.41 -3.56 18.88
N THR F 230 0.18 -3.03 18.74
CA THR F 230 -0.09 -1.84 17.94
C THR F 230 0.13 -0.53 18.71
N PHE F 231 0.51 -0.64 19.98
CA PHE F 231 0.96 0.51 20.77
C PHE F 231 2.43 0.78 20.47
N PRO F 232 2.80 2.07 20.30
CA PRO F 232 1.98 3.27 20.32
C PRO F 232 1.64 3.84 18.94
N GLN F 233 1.46 2.97 17.95
CA GLN F 233 1.38 3.40 16.55
C GLN F 233 -0.04 3.65 16.06
N TRP F 234 -0.97 2.91 16.65
CA TRP F 234 -2.27 3.42 17.06
C TRP F 234 -2.26 4.91 17.47
N GLU F 235 -1.61 5.25 18.58
CA GLU F 235 -1.61 6.63 19.08
C GLU F 235 -1.14 7.63 18.03
N ALA F 236 -0.04 7.29 17.34
CA ALA F 236 0.50 8.11 16.28
C ALA F 236 -0.45 8.24 15.09
N THR F 237 -0.97 7.10 14.61
CA THR F 237 -1.88 7.08 13.47
C THR F 237 -3.16 7.88 13.74
N VAL F 238 -3.81 7.60 14.87
CA VAL F 238 -5.05 8.27 15.24
C VAL F 238 -4.87 9.79 15.31
N LEU F 239 -3.80 10.23 15.99
CA LEU F 239 -3.48 11.65 16.09
C LEU F 239 -3.09 12.26 14.75
N ASP F 240 -2.47 11.47 13.88
CA ASP F 240 -2.11 11.91 12.53
C ASP F 240 -3.35 12.28 11.72
N TYR F 241 -4.45 11.56 11.95
CA TYR F 241 -5.71 11.85 11.28
C TYR F 241 -6.47 13.00 11.95
N ALA F 242 -6.63 12.92 13.27
CA ALA F 242 -7.60 13.75 14.00
C ALA F 242 -7.03 14.96 14.74
N TYR F 243 -5.71 15.20 14.61
CA TYR F 243 -5.00 16.21 15.41
C TYR F 243 -5.74 17.53 15.60
N ASP F 244 -6.19 18.13 14.51
CA ASP F 244 -6.79 19.47 14.54
C ASP F 244 -8.18 19.52 15.18
N TYR F 245 -8.76 18.35 15.45
CA TYR F 245 -10.15 18.29 15.93
C TYR F 245 -10.31 17.62 17.30
N VAL F 246 -9.24 17.01 17.79
CA VAL F 246 -9.23 16.40 19.12
C VAL F 246 -8.35 17.18 20.09
N ASP F 247 -8.57 16.96 21.39
CA ASP F 247 -7.82 17.67 22.43
C ASP F 247 -7.03 16.72 23.32
N TYR F 248 -7.49 15.47 23.42
CA TYR F 248 -6.84 14.48 24.27
C TYR F 248 -6.63 13.14 23.56
N ILE F 249 -5.56 12.46 23.97
CA ILE F 249 -5.39 11.03 23.71
C ILE F 249 -5.54 10.32 25.05
N SER F 250 -6.13 9.11 25.03
CA SER F 250 -6.40 8.39 26.28
C SER F 250 -5.40 7.27 26.56
N LEU F 251 -5.18 7.01 27.84
CA LEU F 251 -4.32 5.91 28.29
C LEU F 251 -5.08 5.06 29.28
N HIS F 252 -4.87 3.75 29.19
CA HIS F 252 -5.52 2.79 30.08
C HIS F 252 -4.46 1.89 30.72
N GLN F 253 -4.53 1.73 32.04
CA GLN F 253 -3.55 0.89 32.75
C GLN F 253 -4.14 0.23 33.98
N TYR F 254 -3.98 -1.10 34.06
CA TYR F 254 -4.35 -1.87 35.25
C TYR F 254 -3.16 -2.68 35.74
N TYR F 255 -3.05 -2.83 37.05
CA TYR F 255 -2.00 -3.64 37.66
C TYR F 255 -2.56 -4.73 38.57
N GLY F 256 -1.82 -5.83 38.68
CA GLY F 256 -2.21 -6.96 39.50
C GLY F 256 -1.05 -7.61 40.23
N ASN F 257 -1.38 -8.36 41.29
CA ASN F 257 -0.38 -9.05 42.10
C ASN F 257 -0.64 -10.55 42.20
N LYS F 258 -0.95 -11.17 41.06
CA LYS F 258 -1.16 -12.62 40.98
C LYS F 258 0.11 -13.40 41.33
N GLU F 259 1.26 -12.79 41.06
CA GLU F 259 2.57 -13.38 41.38
C GLU F 259 2.83 -13.43 42.88
N ASN F 260 2.10 -12.59 43.63
CA ASN F 260 2.20 -12.48 45.07
C ASN F 260 3.56 -11.91 45.52
N ASP F 261 4.05 -10.94 44.76
CA ASP F 261 5.33 -10.29 45.02
C ASP F 261 5.09 -8.80 45.30
N THR F 262 4.86 -8.47 46.56
CA THR F 262 4.54 -7.10 46.99
C THR F 262 5.60 -6.08 46.57
N ALA F 263 6.87 -6.44 46.71
CA ALA F 263 7.98 -5.58 46.32
C ALA F 263 7.94 -5.20 44.84
N ASP F 264 7.76 -6.21 43.99
CA ASP F 264 7.69 -6.02 42.54
C ASP F 264 6.38 -5.34 42.14
N PHE F 265 5.33 -5.62 42.91
CA PHE F 265 4.00 -5.03 42.70
C PHE F 265 4.01 -3.52 42.90
N LEU F 266 4.74 -3.07 43.92
CA LEU F 266 4.83 -1.63 44.23
C LEU F 266 5.80 -0.89 43.32
N ALA F 267 6.61 -1.64 42.58
CA ALA F 267 7.55 -1.06 41.63
C ALA F 267 6.89 -0.69 40.31
N LYS F 268 5.64 -1.10 40.13
CA LYS F 268 4.94 -0.97 38.85
C LYS F 268 4.51 0.46 38.48
N SER F 269 4.65 1.38 39.43
CA SER F 269 4.41 2.80 39.14
C SER F 269 5.53 3.39 38.28
N ASP F 270 6.68 2.73 38.26
CA ASP F 270 7.78 3.07 37.37
C ASP F 270 7.44 2.74 35.92
N ASP F 271 6.71 1.64 35.73
CA ASP F 271 6.21 1.23 34.42
C ASP F 271 5.14 2.21 33.94
N LEU F 272 4.37 2.73 34.87
CA LEU F 272 3.35 3.75 34.58
C LEU F 272 4.00 5.04 34.10
N ASP F 273 5.10 5.43 34.75
CA ASP F 273 5.86 6.62 34.39
C ASP F 273 6.39 6.50 32.96
N ASP F 274 6.97 5.35 32.63
CA ASP F 274 7.47 5.07 31.28
C ASP F 274 6.35 5.11 30.25
N PHE F 275 5.20 4.53 30.62
CA PHE F 275 4.01 4.49 29.78
C PHE F 275 3.54 5.90 29.42
N ILE F 276 3.44 6.76 30.43
CA ILE F 276 3.03 8.15 30.24
C ILE F 276 4.00 8.89 29.32
N ARG F 277 5.29 8.74 29.57
CA ARG F 277 6.35 9.38 28.77
C ARG F 277 6.33 8.95 27.31
N SER F 278 6.06 7.67 27.08
CA SER F 278 5.96 7.11 25.72
C SER F 278 4.83 7.77 24.93
N VAL F 279 3.70 8.00 25.60
CA VAL F 279 2.53 8.62 24.98
C VAL F 279 2.78 10.10 24.71
N ILE F 280 3.43 10.79 25.66
CA ILE F 280 3.83 12.19 25.49
C ILE F 280 4.77 12.35 24.29
N ALA F 281 5.75 11.44 24.20
CA ALA F 281 6.70 11.42 23.08
C ALA F 281 6.01 11.21 21.73
N THR F 282 5.03 10.31 21.72
CA THR F 282 4.22 10.04 20.53
C THR F 282 3.44 11.29 20.12
N CYS F 283 2.86 11.99 21.09
CA CYS F 283 2.13 13.23 20.86
C CYS F 283 3.03 14.31 20.27
N ASP F 284 4.20 14.48 20.87
CA ASP F 284 5.16 15.49 20.43
C ASP F 284 5.73 15.20 19.05
N TYR F 285 5.85 13.91 18.72
CA TYR F 285 6.30 13.49 17.39
C TYR F 285 5.32 13.91 16.30
N ILE F 286 4.03 13.66 16.54
CA ILE F 286 2.98 14.05 15.60
C ILE F 286 2.83 15.57 15.54
N LYS F 287 3.02 16.23 16.68
CA LYS F 287 3.02 17.70 16.75
C LYS F 287 4.04 18.31 15.79
N ALA F 288 5.24 17.74 15.76
CA ALA F 288 6.30 18.18 14.86
C ALA F 288 5.95 17.90 13.39
N LYS F 289 5.31 16.75 13.17
CA LYS F 289 4.87 16.35 11.83
C LYS F 289 3.83 17.33 11.27
N LYS F 290 2.96 17.82 12.15
CA LYS F 290 1.88 18.74 11.78
C LYS F 290 2.32 20.21 11.76
N ARG F 291 3.47 20.49 12.40
CA ARG F 291 3.93 21.86 12.66
C ARG F 291 2.87 22.66 13.42
N SER F 292 2.24 22.00 14.39
CA SER F 292 1.18 22.60 15.17
C SER F 292 1.73 23.27 16.42
N LYS F 293 1.04 24.33 16.84
CA LYS F 293 1.39 25.04 18.06
C LYS F 293 0.63 24.46 19.25
N LYS F 294 -0.33 23.58 18.95
CA LYS F 294 -1.17 22.95 19.96
C LYS F 294 -0.52 21.68 20.50
N ASP F 295 -0.58 21.52 21.82
CA ASP F 295 -0.18 20.27 22.47
C ASP F 295 -1.42 19.41 22.70
N ILE F 296 -1.31 18.13 22.34
CA ILE F 296 -2.33 17.15 22.72
C ILE F 296 -2.08 16.79 24.17
N TYR F 297 -3.14 16.83 24.97
CA TYR F 297 -3.04 16.49 26.38
C TYR F 297 -3.48 15.05 26.64
N LEU F 298 -3.10 14.52 27.79
CA LEU F 298 -3.36 13.12 28.11
C LEU F 298 -4.58 12.98 29.01
N SER F 299 -5.48 12.09 28.62
CA SER F 299 -6.64 11.75 29.42
C SER F 299 -6.48 10.30 29.89
N PHE F 300 -6.02 10.13 31.13
CA PHE F 300 -5.84 8.79 31.67
C PHE F 300 -7.17 8.26 32.20
N ASP F 301 -8.11 8.03 31.29
CA ASP F 301 -9.50 7.77 31.66
C ASP F 301 -9.81 6.33 32.10
N GLU F 302 -8.77 5.55 32.37
CA GLU F 302 -8.89 4.22 32.97
C GLU F 302 -7.60 3.83 33.69
N TRP F 303 -7.64 3.86 35.01
CA TRP F 303 -6.52 3.40 35.84
C TRP F 303 -7.01 2.85 37.17
N ASN F 304 -6.36 1.77 37.61
CA ASN F 304 -6.65 1.12 38.90
C ASN F 304 -5.88 -0.18 39.07
N VAL F 305 -5.95 -0.75 40.28
CA VAL F 305 -5.55 -2.13 40.52
C VAL F 305 -6.75 -3.00 40.17
N TRP F 306 -6.50 -4.12 39.49
CA TRP F 306 -7.56 -5.04 39.08
C TRP F 306 -7.01 -6.43 38.81
N TYR F 307 -7.32 -7.38 39.70
CA TYR F 307 -6.89 -8.78 39.55
C TYR F 307 -7.62 -9.78 40.44
N HIS F 308 -8.14 -9.32 41.58
CA HIS F 308 -8.76 -10.21 42.58
C HIS F 308 -9.93 -11.05 42.06
N SER F 309 -10.85 -10.40 41.35
CA SER F 309 -12.10 -11.04 40.95
C SER F 309 -12.03 -11.78 39.61
N ASN F 310 -10.82 -11.98 39.10
CA ASN F 310 -10.61 -12.63 37.80
C ASN F 310 -11.26 -14.01 37.66
N ASN F 311 -10.94 -14.92 38.58
CA ASN F 311 -11.48 -16.28 38.55
C ASN F 311 -12.98 -16.33 38.75
N GLU F 312 -13.49 -15.52 39.68
CA GLU F 312 -14.93 -15.42 39.96
C GLU F 312 -15.70 -14.90 38.74
N ASP F 313 -15.10 -13.96 38.00
CA ASP F 313 -15.70 -13.44 36.78
C ASP F 313 -15.79 -14.51 35.68
N ALA F 314 -14.82 -15.42 35.65
CA ALA F 314 -14.75 -16.48 34.65
C ALA F 314 -15.84 -17.53 34.88
N ASN F 315 -16.08 -17.83 36.15
CA ASN F 315 -17.28 -18.52 36.62
C ASN F 315 -18.59 -17.90 36.12
N ILE F 316 -18.78 -16.61 36.35
CA ILE F 316 -20.10 -15.95 36.16
C ILE F 316 -20.60 -15.93 34.70
N MET F 317 -19.74 -16.32 33.77
CA MET F 317 -20.06 -16.32 32.33
C MET F 317 -19.10 -17.21 31.51
N GLN F 318 -19.51 -18.12 30.63
CA GLN F 318 -20.64 -19.02 30.60
C GLN F 318 -20.82 -19.94 31.80
N ASN F 319 -21.93 -19.67 32.47
CA ASN F 319 -22.38 -20.46 33.60
C ASN F 319 -23.74 -19.98 34.04
N GLU F 320 -24.15 -18.85 33.44
CA GLU F 320 -25.29 -18.03 33.81
C GLU F 320 -25.29 -16.68 33.06
N PRO F 321 -25.39 -16.71 31.71
CA PRO F 321 -25.42 -15.44 31.00
C PRO F 321 -26.78 -14.76 31.10
N TRP F 322 -26.80 -13.45 30.92
CA TRP F 322 -27.97 -12.66 30.51
C TRP F 322 -28.99 -12.46 31.62
N ARG F 323 -28.51 -12.77 32.80
CA ARG F 323 -28.48 -11.98 34.02
C ARG F 323 -28.50 -10.44 33.91
N ILE F 324 -29.30 -9.84 34.80
CA ILE F 324 -29.31 -8.40 35.04
C ILE F 324 -28.42 -8.12 36.26
N ALA F 325 -27.52 -7.15 36.11
CA ALA F 325 -26.61 -6.71 37.18
C ALA F 325 -25.91 -7.86 37.91
N PRO F 326 -25.13 -8.70 37.19
CA PRO F 326 -24.37 -9.75 37.85
C PRO F 326 -23.19 -9.16 38.63
N PRO F 327 -22.75 -9.84 39.71
CA PRO F 327 -21.64 -9.31 40.52
C PRO F 327 -20.27 -9.41 39.85
N LEU F 328 -20.08 -8.62 38.79
CA LEU F 328 -18.85 -8.65 38.00
C LEU F 328 -17.81 -7.65 38.49
N LEU F 329 -16.54 -8.02 38.32
CA LEU F 329 -15.37 -7.17 38.62
C LEU F 329 -15.32 -6.65 40.06
N GLU F 330 -15.81 -7.44 41.00
CA GLU F 330 -15.90 -7.02 42.40
C GLU F 330 -14.63 -7.36 43.17
N ASP F 331 -13.55 -6.65 42.85
CA ASP F 331 -12.29 -6.75 43.57
C ASP F 331 -12.44 -6.25 44.99
N ILE F 332 -11.98 -7.05 45.95
CA ILE F 332 -11.91 -6.63 47.35
C ILE F 332 -10.45 -6.24 47.62
N TYR F 333 -10.21 -4.94 47.76
CA TYR F 333 -8.85 -4.42 47.81
C TYR F 333 -8.13 -4.59 49.14
N THR F 334 -6.85 -4.95 49.04
CA THR F 334 -5.96 -5.13 50.19
C THR F 334 -5.23 -3.82 50.49
N PHE F 335 -4.45 -3.80 51.56
CA PHE F 335 -3.67 -2.62 51.93
C PHE F 335 -2.59 -2.30 50.90
N GLU F 336 -1.93 -3.34 50.40
CA GLU F 336 -0.88 -3.18 49.38
C GLU F 336 -1.43 -2.56 48.09
N ASP F 337 -2.69 -2.86 47.78
CA ASP F 337 -3.38 -2.27 46.63
C ASP F 337 -3.51 -0.76 46.81
N ALA F 338 -3.86 -0.34 48.03
CA ALA F 338 -4.00 1.08 48.35
C ALA F 338 -2.68 1.83 48.21
N LEU F 339 -1.57 1.13 48.49
CA LEU F 339 -0.24 1.70 48.35
C LEU F 339 0.12 1.98 46.89
N LEU F 340 -0.20 1.03 46.01
CA LEU F 340 0.06 1.20 44.59
C LEU F 340 -0.82 2.28 43.97
N VAL F 341 -2.09 2.30 44.37
CA VAL F 341 -3.02 3.36 43.96
C VAL F 341 -2.45 4.73 44.35
N GLY F 342 -1.90 4.81 45.56
CA GLY F 342 -1.20 6.00 46.04
C GLY F 342 -0.01 6.35 45.19
N LEU F 343 0.79 5.35 44.84
CA LEU F 343 1.95 5.51 43.96
C LEU F 343 1.55 5.98 42.56
N MET F 344 0.44 5.42 42.06
CA MET F 344 -0.10 5.78 40.75
C MET F 344 -0.56 7.24 40.73
N LEU F 345 -1.21 7.67 41.81
CA LEU F 345 -1.65 9.05 41.96
C LEU F 345 -0.48 10.03 41.98
N ILE F 346 0.59 9.63 42.67
CA ILE F 346 1.84 10.38 42.72
C ILE F 346 2.42 10.55 41.30
N THR F 347 2.44 9.45 40.55
CA THR F 347 2.93 9.45 39.17
C THR F 347 2.08 10.36 38.27
N LEU F 348 0.76 10.25 38.39
CA LEU F 348 -0.16 11.12 37.64
C LEU F 348 0.10 12.59 37.93
N MET F 349 0.32 12.91 39.20
CA MET F 349 0.60 14.28 39.64
C MET F 349 1.91 14.82 39.08
N LYS F 350 2.91 13.95 38.95
CA LYS F 350 4.20 14.33 38.37
C LYS F 350 4.08 14.81 36.92
N HIS F 351 3.08 14.29 36.23
CA HIS F 351 2.86 14.60 34.82
C HIS F 351 1.61 15.45 34.60
N ALA F 352 1.30 16.31 35.58
CA ALA F 352 0.13 17.18 35.52
C ALA F 352 0.23 18.27 34.44
N ASP F 353 1.41 18.43 33.86
CA ASP F 353 1.62 19.36 32.74
C ASP F 353 0.99 18.83 31.45
N ARG F 354 0.94 17.52 31.31
CA ARG F 354 0.34 16.90 30.12
C ARG F 354 -0.95 16.12 30.43
N ILE F 355 -1.00 15.48 31.59
CA ILE F 355 -2.21 14.79 32.03
C ILE F 355 -3.17 15.79 32.67
N LYS F 356 -4.29 16.04 32.00
CA LYS F 356 -5.27 17.02 32.45
C LYS F 356 -6.57 16.37 32.93
N ILE F 357 -6.81 15.14 32.45
CA ILE F 357 -7.94 14.33 32.91
C ILE F 357 -7.44 12.93 33.26
N ALA F 358 -7.96 12.38 34.35
CA ALA F 358 -7.70 11.00 34.72
C ALA F 358 -8.92 10.42 35.41
N CYS F 359 -9.21 9.14 35.16
CA CYS F 359 -10.37 8.49 35.74
C CYS F 359 -10.01 7.17 36.43
N LEU F 360 -10.26 7.13 37.73
CA LEU F 360 -10.16 5.89 38.48
C LEU F 360 -11.30 4.98 38.03
N ALA F 361 -10.93 3.81 37.51
CA ALA F 361 -11.91 2.84 37.03
C ALA F 361 -12.08 1.72 38.07
N GLN F 362 -13.24 1.63 38.71
CA GLN F 362 -14.39 2.51 38.48
C GLN F 362 -14.88 3.11 39.82
N LEU F 363 -16.06 3.73 39.84
CA LEU F 363 -16.48 4.49 41.04
C LEU F 363 -17.00 3.66 42.20
N ILE F 364 -17.66 2.55 41.84
CA ILE F 364 -18.91 2.07 42.43
C ILE F 364 -19.05 0.58 42.12
N ASN F 365 -18.86 -0.25 43.15
CA ASN F 365 -18.90 -1.73 43.07
C ASN F 365 -17.88 -2.38 42.13
N VAL F 366 -17.85 -1.92 40.89
CA VAL F 366 -16.96 -2.46 39.87
C VAL F 366 -15.55 -1.90 40.05
N ILE F 367 -14.59 -2.78 40.35
CA ILE F 367 -13.21 -2.41 40.70
C ILE F 367 -13.13 -1.01 41.33
N ALA F 368 -13.71 -0.91 42.53
CA ALA F 368 -14.13 0.38 43.08
C ALA F 368 -13.63 0.68 44.49
N PRO F 369 -13.48 1.98 44.83
CA PRO F 369 -13.27 2.41 46.21
C PRO F 369 -14.55 2.41 47.05
N ILE F 370 -15.70 2.38 46.39
CA ILE F 370 -17.01 2.38 47.06
C ILE F 370 -17.79 1.12 46.71
N VAL F 371 -18.20 0.38 47.74
CA VAL F 371 -18.94 -0.87 47.57
C VAL F 371 -20.25 -0.86 48.37
N THR F 372 -21.35 -1.19 47.71
CA THR F 372 -22.60 -1.54 48.39
C THR F 372 -22.68 -3.07 48.42
N GLU F 373 -23.21 -3.62 49.52
CA GLU F 373 -23.17 -5.07 49.72
C GLU F 373 -23.74 -5.93 48.59
N ARG F 374 -25.05 -6.04 48.54
CA ARG F 374 -25.73 -6.83 47.54
C ARG F 374 -27.14 -7.15 48.01
N ASN F 375 -28.07 -7.21 47.07
CA ASN F 375 -29.36 -6.59 47.23
C ASN F 375 -29.57 -5.94 48.57
N GLY F 376 -28.97 -4.77 48.78
CA GLY F 376 -29.73 -3.58 49.09
C GLY F 376 -29.13 -2.65 50.14
N GLY F 377 -28.09 -3.10 50.82
CA GLY F 377 -26.76 -2.64 50.64
C GLY F 377 -26.10 -2.96 51.94
N ALA F 378 -24.99 -2.27 52.15
CA ALA F 378 -24.89 -1.32 53.25
C ALA F 378 -24.13 -0.12 52.67
N ALA F 379 -22.93 -0.40 52.17
CA ALA F 379 -21.96 0.54 51.61
C ALA F 379 -20.93 1.00 52.61
N TRP F 380 -19.72 1.14 52.08
CA TRP F 380 -18.46 1.06 52.81
C TRP F 380 -17.30 1.35 51.86
N ARG F 381 -16.20 1.82 52.45
CA ARG F 381 -15.03 2.25 51.71
C ARG F 381 -13.99 1.14 51.64
N GLN F 382 -13.43 0.94 50.46
CA GLN F 382 -12.33 0.00 50.30
C GLN F 382 -11.03 0.69 50.71
N THR F 383 -9.94 -0.09 50.76
CA THR F 383 -8.64 0.44 51.15
C THR F 383 -8.18 1.57 50.22
N ILE F 384 -8.48 1.40 48.92
CA ILE F 384 -8.04 2.34 47.89
C ILE F 384 -8.79 3.69 47.90
N PHE F 385 -9.86 3.75 48.69
CA PHE F 385 -10.65 4.98 48.86
C PHE F 385 -9.80 6.13 49.36
N TYR F 386 -9.01 5.88 50.40
CA TYR F 386 -8.33 6.94 51.13
C TYR F 386 -7.14 7.63 50.45
N PRO F 387 -6.27 6.86 49.76
CA PRO F 387 -5.21 7.54 49.01
C PRO F 387 -5.77 8.48 47.95
N PHE F 388 -6.87 8.08 47.32
CA PHE F 388 -7.57 8.93 46.36
C PHE F 388 -8.15 10.16 47.04
N MET F 389 -8.86 9.95 48.15
CA MET F 389 -9.48 11.05 48.89
C MET F 389 -8.46 12.11 49.28
N HIS F 390 -7.31 11.66 49.78
CA HIS F 390 -6.23 12.55 50.17
C HIS F 390 -5.69 13.33 48.97
N ALA F 391 -5.47 12.62 47.86
CA ALA F 391 -4.97 13.23 46.64
C ALA F 391 -5.92 14.28 46.10
N SER F 392 -7.21 13.95 46.05
CA SER F 392 -8.23 14.86 45.54
C SER F 392 -8.44 16.09 46.44
N LYS F 393 -8.32 15.90 47.75
CA LYS F 393 -8.55 16.98 48.70
C LYS F 393 -7.37 17.93 48.83
N TYR F 394 -6.17 17.39 49.01
CA TYR F 394 -4.97 18.19 49.26
C TYR F 394 -4.10 18.40 48.03
N GLY F 395 -4.48 17.78 46.91
CA GLY F 395 -3.72 17.88 45.67
C GLY F 395 -4.25 18.90 44.68
N ARG F 396 -4.69 20.05 45.19
CA ARG F 396 -5.15 21.14 44.34
C ARG F 396 -4.14 22.30 44.42
N GLY F 397 -3.54 22.64 43.29
CA GLY F 397 -2.55 23.71 43.23
C GLY F 397 -1.49 23.51 42.17
N ILE F 398 -0.23 23.73 42.55
CA ILE F 398 0.90 23.67 41.62
C ILE F 398 1.88 22.56 41.99
N VAL F 399 2.12 21.65 41.05
CA VAL F 399 3.10 20.58 41.23
C VAL F 399 4.51 21.13 41.15
N LEU F 400 5.34 20.75 42.12
CA LEU F 400 6.74 21.15 42.16
C LEU F 400 7.63 20.01 41.71
N GLN F 401 8.75 20.34 41.06
CA GLN F 401 9.72 19.35 40.61
C GLN F 401 10.24 18.50 41.76
N PRO F 402 10.02 17.18 41.69
CA PRO F 402 10.50 16.29 42.74
C PRO F 402 11.99 16.03 42.61
N VAL F 403 12.80 17.00 43.03
CA VAL F 403 14.24 16.83 43.11
C VAL F 403 14.49 15.95 44.33
N ILE F 404 15.14 14.83 44.08
CA ILE F 404 15.02 13.67 44.94
C ILE F 404 16.29 12.83 44.93
N ASN F 405 16.71 12.37 46.11
CA ASN F 405 17.69 11.30 46.19
C ASN F 405 17.30 10.29 47.26
N SER F 406 16.79 9.17 46.79
CA SER F 406 16.28 8.12 47.65
C SER F 406 17.15 6.88 47.48
N PRO F 407 17.31 6.07 48.56
CA PRO F 407 17.95 4.77 48.41
C PRO F 407 17.23 3.93 47.36
N LEU F 408 17.97 3.05 46.70
CA LEU F 408 17.41 2.20 45.68
C LEU F 408 17.19 0.81 46.25
N HIS F 409 16.43 0.00 45.52
CA HIS F 409 16.35 -1.43 45.74
C HIS F 409 15.92 -2.14 44.46
N ASP F 410 16.41 -3.37 44.29
CA ASP F 410 15.99 -4.22 43.18
C ASP F 410 14.87 -5.15 43.63
N THR F 411 13.94 -5.39 42.72
CA THR F 411 12.89 -6.40 42.94
C THR F 411 13.11 -7.53 41.94
N SER F 412 12.21 -8.52 41.95
CA SER F 412 12.33 -9.69 41.09
C SER F 412 12.34 -9.37 39.59
N LYS F 413 11.60 -8.33 39.20
CA LYS F 413 11.47 -7.97 37.78
C LYS F 413 11.79 -6.51 37.45
N HIS F 414 12.27 -5.77 38.46
CA HIS F 414 12.68 -4.38 38.27
C HIS F 414 14.04 -4.09 38.89
N GLU F 415 14.72 -3.08 38.34
CA GLU F 415 16.03 -2.66 38.84
C GLU F 415 16.00 -1.20 39.28
N ASP F 416 16.83 -0.87 40.27
CA ASP F 416 17.01 0.49 40.78
C ASP F 416 15.70 1.23 41.07
N VAL F 417 14.81 0.56 41.80
CA VAL F 417 13.54 1.15 42.20
C VAL F 417 13.75 2.02 43.43
N THR F 418 13.34 3.29 43.34
CA THR F 418 13.45 4.24 44.45
C THR F 418 12.63 3.76 45.63
N ASP F 419 13.21 3.82 46.82
CA ASP F 419 12.50 3.47 48.06
C ASP F 419 11.41 4.50 48.35
N ILE F 420 11.76 5.78 48.18
CA ILE F 420 10.80 6.87 48.32
C ILE F 420 10.28 7.36 46.97
N GLU F 421 8.96 7.48 46.88
CA GLU F 421 8.33 8.12 45.74
C GLU F 421 7.50 9.27 46.29
N SER F 422 7.85 10.48 45.89
CA SER F 422 7.28 11.68 46.51
C SER F 422 7.03 12.82 45.53
N VAL F 423 6.01 13.62 45.84
CA VAL F 423 5.73 14.87 45.16
C VAL F 423 5.18 15.90 46.14
N ALA F 424 5.60 17.15 45.96
CA ALA F 424 5.06 18.25 46.73
C ALA F 424 4.23 19.12 45.80
N ILE F 425 3.02 19.46 46.23
CA ILE F 425 2.22 20.45 45.51
C ILE F 425 1.95 21.68 46.39
N TYR F 426 2.14 22.85 45.80
CA TYR F 426 2.03 24.12 46.51
C TYR F 426 0.70 24.80 46.19
N ASN F 427 -0.15 24.92 47.21
CA ASN F 427 -1.39 25.67 47.09
C ASN F 427 -1.19 27.09 47.60
N GLU F 428 -1.31 28.02 46.66
CA GLU F 428 -0.68 29.34 46.72
C GLU F 428 -1.64 30.42 47.17
N GLU F 429 -2.89 30.00 47.39
CA GLU F 429 -4.05 30.84 47.62
C GLU F 429 -4.62 30.47 48.99
N LYS F 430 -3.81 29.70 49.73
CA LYS F 430 -4.15 29.03 50.97
C LYS F 430 -2.90 28.95 51.82
N GLU F 431 -1.79 29.36 51.20
CA GLU F 431 -0.42 29.21 51.71
C GLU F 431 -0.15 27.86 52.38
N GLU F 432 -0.39 26.78 51.64
CA GLU F 432 -0.12 25.42 52.12
C GLU F 432 0.76 24.66 51.15
N VAL F 433 1.64 23.82 51.67
CA VAL F 433 2.39 22.85 50.87
C VAL F 433 2.05 21.45 51.38
N THR F 434 1.77 20.55 50.45
CA THR F 434 1.45 19.18 50.80
C THR F 434 2.38 18.19 50.10
N ILE F 435 3.04 17.36 50.91
CA ILE F 435 3.95 16.34 50.39
C ILE F 435 3.28 14.96 50.47
N PHE F 436 3.14 14.34 49.29
CA PHE F 436 2.66 12.96 49.22
C PHE F 436 3.89 12.06 49.07
N ALA F 437 4.01 11.08 49.94
CA ALA F 437 5.17 10.19 49.96
C ALA F 437 4.80 8.74 50.22
N VAL F 438 5.40 7.84 49.43
CA VAL F 438 5.22 6.40 49.63
C VAL F 438 6.56 5.70 49.74
N ASN F 439 6.58 4.68 50.60
CA ASN F 439 7.75 3.86 50.82
C ASN F 439 7.36 2.40 50.91
N ARG F 440 6.99 1.89 49.74
CA ARG F 440 7.60 0.75 49.10
C ARG F 440 9.03 0.44 49.43
N ASN F 441 9.39 0.44 50.70
CA ASN F 441 10.46 -0.43 51.14
C ASN F 441 10.26 -1.16 52.44
N ILE F 442 9.02 -1.30 52.86
CA ILE F 442 8.44 -2.63 52.92
C ILE F 442 9.24 -3.58 53.79
N HIS F 443 10.23 -3.05 54.51
CA HIS F 443 11.21 -3.89 55.17
C HIS F 443 11.99 -3.07 56.16
N GLU F 444 12.02 -1.77 55.91
CA GLU F 444 12.79 -0.79 56.63
C GLU F 444 12.20 0.62 56.49
N ASP F 445 11.93 1.18 57.66
CA ASP F 445 11.52 2.57 57.81
C ASP F 445 12.67 3.46 57.37
N ILE F 446 12.34 4.59 56.75
CA ILE F 446 13.34 5.57 56.36
C ILE F 446 12.92 6.99 56.71
N VAL F 447 13.91 7.80 57.06
CA VAL F 447 13.68 9.21 57.39
C VAL F 447 13.88 10.09 56.16
N LEU F 448 12.82 10.83 55.81
CA LEU F 448 12.86 11.74 54.67
C LEU F 448 13.13 13.18 55.11
N VAL F 449 14.33 13.66 54.80
CA VAL F 449 14.72 15.03 55.09
C VAL F 449 14.29 15.92 53.92
N SER F 450 13.18 16.64 54.12
CA SER F 450 12.63 17.54 53.11
C SER F 450 13.11 18.97 53.31
N ASP F 451 14.02 19.41 52.45
CA ASP F 451 14.56 20.77 52.47
C ASP F 451 13.59 21.71 51.77
N VAL F 452 12.64 22.25 52.52
CA VAL F 452 11.75 23.28 51.99
C VAL F 452 12.56 24.58 51.89
N ARG F 453 12.76 25.04 50.66
CA ARG F 453 13.67 26.15 50.35
C ARG F 453 12.91 27.45 50.10
N GLY F 454 11.63 27.45 50.47
CA GLY F 454 10.75 28.58 50.31
C GLY F 454 10.51 29.41 51.54
N MET F 455 9.74 28.83 52.47
CA MET F 455 9.26 29.47 53.69
C MET F 455 10.36 29.49 54.76
N LYS F 456 10.38 30.53 55.58
CA LYS F 456 9.15 31.09 56.15
C LYS F 456 8.67 30.29 57.37
N ARG F 459 5.43 25.96 58.98
CA ARG F 459 4.82 25.49 60.21
C ARG F 459 3.96 24.25 60.02
N LEU F 460 4.44 23.13 60.52
CA LEU F 460 3.78 21.85 60.36
C LEU F 460 2.34 21.93 60.86
N LEU F 461 1.40 21.80 59.93
CA LEU F 461 -0.01 21.61 60.23
C LEU F 461 -0.29 20.20 60.74
N GLU F 462 -0.04 19.17 59.90
CA GLU F 462 -0.27 17.77 60.28
C GLU F 462 0.45 16.76 59.37
N HIS F 463 0.48 15.51 59.82
CA HIS F 463 1.07 14.42 59.06
C HIS F 463 0.12 13.21 59.06
N ILE F 464 -0.67 13.07 58.00
CA ILE F 464 -1.61 11.97 57.86
C ILE F 464 -0.90 10.75 57.29
N VAL F 465 -1.19 9.58 57.86
CA VAL F 465 -0.51 8.34 57.48
C VAL F 465 -1.51 7.21 57.19
N LEU F 466 -1.10 6.27 56.35
CA LEU F 466 -1.94 5.14 55.99
C LEU F 466 -1.12 3.85 55.98
N GLU F 467 -1.29 3.05 57.03
CA GLU F 467 -0.43 1.89 57.26
C GLU F 467 -1.18 0.65 57.77
N HIS F 468 -0.49 -0.49 57.72
CA HIS F 468 -0.93 -1.72 58.37
C HIS F 468 0.25 -2.67 58.49
N GLN F 469 0.17 -3.59 59.44
CA GLN F 469 1.20 -4.61 59.62
C GLN F 469 1.00 -5.78 58.65
N ASP F 470 -0.21 -5.86 58.09
CA ASP F 470 -0.59 -6.95 57.21
C ASP F 470 -1.02 -6.41 55.85
N LEU F 471 -0.13 -6.59 54.88
CA LEU F 471 -0.26 -5.99 53.55
C LEU F 471 -1.51 -6.50 52.83
N LYS F 472 -1.94 -7.70 53.22
CA LYS F 472 -3.06 -8.39 52.60
C LYS F 472 -4.40 -8.09 53.28
N ILE F 473 -4.37 -7.29 54.34
CA ILE F 473 -5.57 -6.95 55.11
C ILE F 473 -6.54 -6.14 54.25
N ARG F 474 -7.83 -6.37 54.45
CA ARG F 474 -8.87 -5.74 53.64
C ARG F 474 -9.91 -5.03 54.50
N ASN F 475 -10.72 -4.21 53.85
CA ASN F 475 -11.90 -3.62 54.47
C ASN F 475 -13.15 -4.43 54.10
N SER F 476 -14.20 -4.27 54.89
CA SER F 476 -15.47 -4.94 54.62
C SER F 476 -16.63 -4.09 55.14
N VAL F 477 -17.83 -4.67 55.09
CA VAL F 477 -19.05 -4.01 55.56
C VAL F 477 -19.03 -3.72 57.07
N ASN F 478 -18.15 -4.42 57.77
CA ASN F 478 -17.87 -4.19 59.17
C ASN F 478 -16.47 -3.64 59.38
N GLY F 479 -16.24 -2.38 59.02
CA GLY F 479 -14.89 -1.81 59.10
C GLY F 479 -13.98 -2.48 58.09
N GLU F 480 -13.03 -1.78 57.44
CA GLU F 480 -12.50 -0.42 57.72
C GLU F 480 -11.34 -0.52 58.72
N GLU F 481 -10.23 -0.95 58.18
CA GLU F 481 -9.19 -1.61 58.92
C GLU F 481 -7.87 -0.96 58.51
N VAL F 482 -7.80 -0.63 57.23
CA VAL F 482 -7.16 0.59 56.72
C VAL F 482 -8.11 1.80 56.80
N TYR F 483 -7.62 2.86 57.45
CA TYR F 483 -8.27 4.18 57.49
C TYR F 483 -7.19 5.20 57.90
N PRO F 484 -7.36 6.48 57.51
CA PRO F 484 -6.32 7.47 57.81
C PRO F 484 -6.10 7.71 59.30
N LYS F 485 -4.92 7.34 59.79
CA LYS F 485 -4.51 7.68 61.15
C LYS F 485 -3.78 9.03 61.11
N ASN F 486 -4.22 9.94 61.97
CA ASN F 486 -3.74 11.32 61.99
C ASN F 486 -2.62 11.47 63.03
N SER F 487 -1.40 11.11 62.64
CA SER F 487 -0.37 10.73 63.60
C SER F 487 0.88 11.60 63.45
N ASP F 488 1.84 11.40 64.35
CA ASP F 488 3.20 11.04 63.93
C ASP F 488 4.20 12.10 64.38
N LYS F 489 5.48 11.81 64.15
CA LYS F 489 5.95 11.36 62.85
C LYS F 489 7.06 12.26 62.31
N SER F 491 7.89 17.13 62.34
CA SER F 491 9.18 17.73 62.66
C SER F 491 9.61 18.78 61.63
N PHE F 492 9.45 20.04 61.98
CA PHE F 492 9.80 21.13 61.09
C PHE F 492 10.48 22.25 61.86
N ASP F 493 11.80 22.36 61.74
CA ASP F 493 12.48 23.52 62.33
C ASP F 493 13.22 24.40 61.31
N ASP F 494 13.05 25.70 61.45
CA ASP F 494 13.69 26.77 60.65
C ASP F 494 13.44 26.77 59.13
N GLY F 495 13.60 25.61 58.48
CA GLY F 495 13.41 25.50 57.03
C GLY F 495 13.64 24.10 56.51
N ILE F 496 13.72 23.14 57.43
CA ILE F 496 13.89 21.72 57.11
C ILE F 496 12.77 20.89 57.75
N LEU F 497 12.20 19.98 56.97
CA LEU F 497 11.23 19.03 57.50
C LEU F 497 11.83 17.62 57.57
N THR F 498 11.84 17.06 58.77
CA THR F 498 10.74 16.22 59.24
C THR F 498 11.13 14.74 59.22
N SER F 499 10.52 13.99 58.30
CA SER F 499 9.47 13.05 58.66
C SER F 499 9.94 11.61 58.51
N MET F 500 9.60 10.78 59.48
CA MET F 500 10.00 9.38 59.46
C MET F 500 8.87 8.57 58.88
N LEU F 501 9.21 7.71 57.93
CA LEU F 501 8.19 7.10 57.09
C LEU F 501 8.23 5.58 57.20
N ARG F 502 7.09 5.02 57.63
CA ARG F 502 7.00 3.61 57.99
C ARG F 502 7.14 2.73 56.75
N ARG F 503 7.71 1.56 56.90
CA ARG F 503 7.90 0.68 55.77
C ARG F 503 6.56 0.47 55.14
N ALA F 504 6.49 0.57 53.82
CA ALA F 504 5.21 0.50 53.15
C ALA F 504 4.18 1.38 53.83
N SER F 505 4.10 2.65 53.43
CA SER F 505 3.02 3.51 53.89
C SER F 505 2.68 4.63 52.92
N TRP F 506 1.45 5.12 53.02
CA TRP F 506 1.03 6.33 52.32
C TRP F 506 1.05 7.49 53.29
N ASN F 507 1.57 8.62 52.83
CA ASN F 507 2.02 9.67 53.73
C ASN F 507 1.71 11.07 53.22
N VAL F 508 0.86 11.77 53.95
CA VAL F 508 0.41 13.11 53.56
C VAL F 508 0.93 14.11 54.59
N ILE F 509 1.97 14.85 54.23
CA ILE F 509 2.62 15.80 55.12
C ILE F 509 2.25 17.23 54.74
N ARG F 510 1.69 17.96 55.68
CA ARG F 510 1.12 19.29 55.41
C ARG F 510 1.78 20.40 56.21
N ILE F 511 2.20 21.45 55.50
CA ILE F 511 2.85 22.62 56.10
C ILE F 511 2.03 23.87 55.78
#